data_8HSL
#
_entry.id   8HSL
#
_cell.length_a   1.00
_cell.length_b   1.00
_cell.length_c   1.00
_cell.angle_alpha   90.00
_cell.angle_beta   90.00
_cell.angle_gamma   90.00
#
_symmetry.space_group_name_H-M   'P 1'
#
loop_
_entity.id
_entity.type
_entity.pdbx_description
1 polymer 'DNA-directed RNA polymerase subunit alpha'
2 polymer 'DNA-directed RNA polymerase subunit beta'
3 polymer "DNA-directed RNA polymerase subunit beta'"
4 polymer 'DNA-directed RNA polymerase subunit omega'
5 polymer 'Transcription termination factor Rho'
6 non-polymer 'ZINC ION'
7 non-polymer 'MAGNESIUM ION'
8 non-polymer "ADENOSINE-5'-DIPHOSPHATE"
9 non-polymer 'BERYLLIUM TRIFLUORIDE ION'
#
loop_
_entity_poly.entity_id
_entity_poly.type
_entity_poly.pdbx_seq_one_letter_code
_entity_poly.pdbx_strand_id
1 'polypeptide(L)'
;MLDSKLKAPVFTVRTQGREYGEFVLEPLERGFGVTLGNPLRRILLSSIPGTAVTSVYIEDVLHEFSTIPGVKEDVVEIIL
NLKELVVRFLNPSLQTVTLLLKAEGPKEVKARDFLPVADVEIMNPDLHIATLEEGGRLNMEVRVDRGVGYVPAEKHGIKD
RINAIPVDAVFSPVRRVAFQVEDTRLGQRTDLDKLTLRIWTDGSVTPLEALNQAVEILREHLTYFSNPQAAAVAAPEEAK
EPEAPPEQEEELDLPLEELGLSTRVLHSLKEEGIESVRALLALNLKDLKNIPGIGERSLEEIKEALEKKGFTLKE
;
G,H
2 'polypeptide(L)'
;MEIKRFGRIREVIPLPPLTEIQVESYRRALQADVPPEKRENVGIQAAFRETFPIEEEDKGKGGLVLDFLEYRLGEPPFPQ
DECREKDLTYQAPLYARLQLIHKDTGLIKEDEVFLGHIPLMTEDGSFIINGADRVIVSQIHRSPGVYFTPDPARPGRYIA
SIIPLPKRGPWIDLEVEPNGVVSMKVNKRKFPLVLLLRVLGYDQETLARELGAYGELVQGLMDESVFAMRPEEALIRLFT
LLRPGDPPKRDKAVAYVYGLIADPRRYDLGEAGRYKAEEKLGIRLSGRTLARFEDGEFKDEVFLPTLRYLFALTAGVPGH
EVDDIDHLGNRRIRTVGELMTDQFRVGLARLARGVRERMLMGSEDSLTPAKLVNSRPLEAAIREFFSRSQLSQFKDETNP
LSSLRHKRRISALGPGGLTRERAGFDVRDVHRTHYGRICPVETPEGANIGLITSLAAYARVDELGFIRTPYRRVVGGVVT
DEVVYMTATEEDRYTIAQANTPLEGNRIAAERVVARRKGEPVIVSPEEVEFMDVSPKQVFSVNTNLIPFLEHDDANRALM
GSNMQTQAVPLIRAQAPVVMTGLEERVVRDSLAALYAEEDGEVAKVDGNRIVVRYEDGRLVEYPLRRFYRSNQGTALDQR
PRVVVGQRVRKGDLLADGPASENGFLALGQNVLVAIMPFDGYNFEDAIVISEELLKRDFYTSIHIERYEIEARDTKLGPE
RITRDIPHLSEAALRDLDEEGVVRIGAEVKPGDILVGRTSFKGESEPTPEERLLRSIFGEKARDVKDTSLRVPPGEGGIV
VRTVRLRRGDPGVELKPGVREVVRVYVAQKRKLQVGDKLANRHGNKGVVAKILPVEDMPHLPDGTPVDVILNPLGVPSRM
NLGQILETHLGLAGYFLGQRYISPIFDGAKEPEIKELLAQAFEVYFGKRKGEGFGVDKREVEVLRRAEKLGLVTPGKTPE
EQLKELFLQGKVVLYDGRTGEPIEGPIVVGQMFIMKLYHMVEDKMHARSTGPYSLITQQPLGGKAQFGGQRFGEMEVWAL
EAYGAAHTLQEMLTLKSDDIEGRNAAYEAIIKGEDVPEPSVPESFRVLVKELQALALDVQTLDEKDNPVDIFEGLASKR
;
I
3 'polypeptide(L)'
;MKKEVRKVRIALASPEKIRSWSYGEVEKPETINYRTLKPERDGLFDERIFGPIKDYECACGKYKRQRFEGKVCERCGVEV
TKSIVRRYRMGHIELATPAAHIWFVKDVPSKIGTLLDLSATELEQVLYFSKYIVLDPKGAILNGVPVEKRQLLTDEEYRE
LRYGKQETYPLPPGVDALVKDGEEVVKGQELAPGVVSRLDGVALYRFPRRVRVEYVKKERAGLRLPLAAWVEKEAYKPGE
ILAELPEPYLFRAEEEGVVELKELEEGAFLVLRREDEPVATYFLPVGMTPLVVHGEIVEKGQPLAEAKGLLRMPRQVRAA
QVEAEEEGETVYLTLFLEWTEPKDYRVQPHMNVVVPEGARVEAGDKIVAAIDPEEEVIAEAEGVVHLHEPASILVVKARV
YPFEDDVEVSTGDRVAPGDVLADGGKVKSDVYGRVEVDLVRNVVRVVESYDIDARMGAEAIQQLLKELDLEALEKELLEE
MKHPSRARRAKARKRLEVVRAFLDSGNRPEWMILEAVPVLPPDLRPMVQVDGGRFATSDLNDLYRRLINRNNRLKKLLAQ
GAPEIIIRNEKRMLQEAVDALLDNGRRGAPVTNPGSDRPLRSLTDILSGKQGRFRQNLLGKRVDYSGRSVIVVGPQLKLH
QCGLPKRMALELFKPFLLKKMEEKGIAPNVKAARRMLERQRDIKDEVWDALEEVIHGKVVLLNRAPTLHRLGIQAFQPVL
VEGQSIQLHPLVCEAFNADFDGDQMAVHVPLSSFAQAEARIQMLSAHNLLSPASGEPLAKPSRDIILGLYYITQVRKEKK
GAGLEFATPEEALAAHERGEVALNAPIKVAGRETSVGRLKYVFANPDEALLAVAHGIVDLQDVVTVRYMGKRLETSPGRI
LFARIVAEAVEDEKVAWELIQLDVPQEKNSLKDLVYQAFLRLGMEKTARLLDALKYYGFTFSTTSGITIGIDDAVIPEEK
KQYLEEADRKLLQIEQAYEMGFLTDRERYDQILQLWTETTEKVTQAVFKNFEENYPFNPLYVMAQSGARGNPQQIRQLCG
LRGLMQKPSGETFEVPVRSSFREGLTVLEYFISSHGARKGGADTALRTADSGYLTRKLVDVTHEIVVREADCGTTNYISV
PLFQPDEVTRSLRLRKRADIEAGLYGRVLAREVEVLGVRLEEGRYLSMDDVHLLIKAAEAGEIQEVPVRSPLTCQTRYGV
CQKCYGYDLSMARPVSIGEAVGIVAAQSIGEPGTQLTMRTFHTGGVAGAADITQGLPRVIELFEARRPKAKAVISEIDGV
VRIEETEEKLSVFVESEGFSKEYKLPKEARLLVKDGDYVEAGQPLTRGAIDPHQLLEAKGPEAVERYLVEEIQKVYRAQG
VKLHDKHIEIVVRQMMKYVEVTDPGDSRLLEGQVLEKWDVEALNERLIAEGKTPVAWKPLLMGVTKSALSTKSWLSAASF
QNTTHVLTEAAIAGKKDELIGLKENVILGRLIPAGTGSDFVRFTQVVDQKTLKAIEEARKEAVEAKERPAARRGVKREQP
GKQADYKDDDDK
;
J
4 'polypeptide(L)'
;MAEPGIDKLFGMVDSKYRLTVVVAKRAQQLLRHGFKNTVLEPEERPKMQTLEGLFDDPNAVTWAMKELLTGRLVFGENLV
PEDRLQKEMERLYPVEREE
;
K
5 'polypeptide(L)'
;GPMRRKETLQETPLTYQELASKILPELHLLAQEAGIEGYKRMKKDQLIMALLERQTQGEGLRLVKGYLEISQDGYGFLTE
NLHNLESRVAIVSAGLIKQYALRAGDYVVGQARPPRENERYATLLKVEAVNNLDPEAAKNRPRFDELTPQFPDRQIRLET
TPDELSTRVIDLLAPIGRGQRGLIVAPPKAGKTTLLKKIANAVLKNEPDIKVIVLLIDERPEEVTDFRESVQGAEVIAST
FDEPPQNHIRVAEFVHERAKRIVEEGGHVMILLDSITRLARANNLVTPPTGRTLSGGLDSAALYFPKRFLGAARNIRGGG
SLTILATALVETGSRMDDVIFEEFKGTGNMELHLSRRLEERRIFPAIDILKSGTRREELLLGEEVTHKMWLLRKVLADMD
PAEAMEMLLARLARTKNNKEFLASLAAR
;
A,B,C,D,E,F
#
# COMPACT_ATOMS: atom_id res chain seq x y z
N MET A 1 -29.57 16.88 -86.01
CA MET A 1 -29.24 15.62 -85.36
C MET A 1 -30.16 14.50 -85.84
N LEU A 2 -29.71 13.76 -86.86
CA LEU A 2 -30.47 12.66 -87.41
C LEU A 2 -29.71 11.33 -87.42
N ASP A 3 -28.42 11.36 -87.78
CA ASP A 3 -27.66 10.12 -87.88
C ASP A 3 -27.11 9.67 -86.52
N SER A 4 -26.29 10.51 -85.90
CA SER A 4 -25.62 10.16 -84.66
C SER A 4 -26.21 10.82 -83.43
N LYS A 5 -26.42 12.14 -83.46
CA LYS A 5 -27.05 12.80 -82.33
C LYS A 5 -28.49 12.33 -82.14
N LEU A 6 -29.26 12.21 -83.22
CA LEU A 6 -30.55 11.55 -83.13
C LEU A 6 -30.38 10.12 -82.66
N LYS A 7 -29.28 9.48 -83.04
CA LYS A 7 -28.90 8.17 -82.52
C LYS A 7 -28.32 8.34 -81.13
N ALA A 8 -29.11 8.89 -80.21
CA ALA A 8 -28.69 9.15 -78.84
C ALA A 8 -29.69 8.54 -77.87
N PRO A 9 -29.25 8.22 -76.66
CA PRO A 9 -30.16 7.61 -75.68
C PRO A 9 -31.46 8.38 -75.53
N VAL A 10 -32.57 7.70 -75.79
CA VAL A 10 -33.89 8.28 -75.59
C VAL A 10 -34.21 8.17 -74.10
N PHE A 11 -33.98 9.23 -73.35
CA PHE A 11 -34.27 9.21 -71.93
C PHE A 11 -35.76 9.03 -71.75
N THR A 12 -36.17 7.81 -71.42
CA THR A 12 -37.56 7.47 -71.18
C THR A 12 -37.74 7.14 -69.70
N VAL A 13 -38.90 7.52 -69.17
CA VAL A 13 -39.14 7.41 -67.74
C VAL A 13 -40.44 6.66 -67.51
N ARG A 14 -40.43 5.74 -66.55
CA ARG A 14 -41.62 4.99 -66.15
C ARG A 14 -41.51 4.78 -64.65
N THR A 15 -42.27 5.55 -63.89
CA THR A 15 -42.13 5.61 -62.44
C THR A 15 -43.42 5.17 -61.77
N GLN A 16 -43.31 4.20 -60.87
CA GLN A 16 -44.42 3.82 -60.00
C GLN A 16 -44.29 4.68 -58.74
N GLY A 17 -45.26 5.57 -58.57
CA GLY A 17 -45.25 6.58 -57.54
C GLY A 17 -44.01 7.43 -57.63
N ARG A 18 -43.76 8.17 -56.55
CA ARG A 18 -42.52 8.90 -56.37
C ARG A 18 -41.46 8.06 -55.69
N GLU A 19 -41.75 6.79 -55.43
CA GLU A 19 -40.84 5.88 -54.75
C GLU A 19 -39.99 5.08 -55.73
N TYR A 20 -40.61 4.37 -56.67
CA TYR A 20 -39.87 3.53 -57.59
C TYR A 20 -39.91 4.13 -58.99
N GLY A 21 -38.80 4.02 -59.71
CA GLY A 21 -38.73 4.57 -61.04
C GLY A 21 -37.69 3.92 -61.92
N GLU A 22 -38.02 3.69 -63.18
CA GLU A 22 -37.10 3.15 -64.15
C GLU A 22 -36.88 4.16 -65.27
N PHE A 23 -35.65 4.21 -65.77
CA PHE A 23 -35.32 5.12 -66.86
C PHE A 23 -34.50 4.35 -67.88
N VAL A 24 -34.97 4.37 -69.12
CA VAL A 24 -34.37 3.62 -70.21
C VAL A 24 -33.74 4.61 -71.18
N LEU A 25 -32.46 4.39 -71.48
CA LEU A 25 -31.73 5.26 -72.39
C LEU A 25 -31.00 4.37 -73.38
N GLU A 26 -31.31 4.56 -74.67
CA GLU A 26 -30.68 3.82 -75.75
C GLU A 26 -31.02 4.51 -77.07
N PRO A 27 -30.32 4.18 -78.16
CA PRO A 27 -29.25 3.19 -78.13
C PRO A 27 -27.96 3.77 -77.57
N LEU A 28 -27.07 2.91 -77.06
CA LEU A 28 -25.82 3.35 -76.45
C LEU A 28 -24.66 2.74 -77.21
N GLU A 29 -23.61 3.52 -77.39
CA GLU A 29 -22.44 3.04 -78.09
C GLU A 29 -21.68 2.08 -77.18
N ARG A 30 -20.50 1.65 -77.62
CA ARG A 30 -19.81 0.56 -76.95
C ARG A 30 -19.55 0.88 -75.48
N GLY A 31 -19.93 -0.05 -74.60
CA GLY A 31 -19.56 0.00 -73.20
C GLY A 31 -20.03 1.19 -72.40
N PHE A 32 -20.85 2.06 -73.01
CA PHE A 32 -21.32 3.23 -72.28
C PHE A 32 -22.35 2.85 -71.23
N GLY A 33 -23.15 1.82 -71.48
CA GLY A 33 -24.18 1.42 -70.56
C GLY A 33 -23.68 1.31 -69.14
N VAL A 34 -22.82 0.33 -68.87
CA VAL A 34 -22.26 0.21 -67.54
C VAL A 34 -21.36 1.39 -67.22
N THR A 35 -20.54 1.80 -68.21
CA THR A 35 -19.64 2.93 -68.02
C THR A 35 -20.31 4.09 -67.30
N LEU A 36 -21.59 4.27 -67.53
CA LEU A 36 -22.35 5.36 -66.93
C LEU A 36 -23.24 4.91 -65.78
N GLY A 37 -23.91 3.77 -65.92
CA GLY A 37 -24.79 3.31 -64.86
C GLY A 37 -24.05 3.09 -63.56
N ASN A 38 -22.81 2.62 -63.63
CA ASN A 38 -22.04 2.38 -62.40
C ASN A 38 -21.93 3.64 -61.57
N PRO A 39 -21.18 4.67 -61.99
CA PRO A 39 -21.04 5.85 -61.14
C PRO A 39 -22.37 6.50 -60.83
N LEU A 40 -23.33 6.39 -61.75
CA LEU A 40 -24.67 6.90 -61.46
C LEU A 40 -25.25 6.21 -60.23
N ARG A 41 -25.18 4.88 -60.20
CA ARG A 41 -25.64 4.14 -59.03
C ARG A 41 -24.85 4.54 -57.79
N ARG A 42 -23.53 4.68 -57.94
CA ARG A 42 -22.69 5.01 -56.79
C ARG A 42 -23.13 6.33 -56.18
N ILE A 43 -23.28 7.36 -57.01
CA ILE A 43 -23.69 8.68 -56.52
C ILE A 43 -25.10 8.62 -55.96
N LEU A 44 -25.98 7.87 -56.61
CA LEU A 44 -27.33 7.73 -56.10
C LEU A 44 -27.32 7.21 -54.66
N LEU A 45 -26.51 6.19 -54.42
CA LEU A 45 -26.47 5.59 -53.09
C LEU A 45 -25.62 6.39 -52.10
N SER A 46 -24.75 7.28 -52.58
CA SER A 46 -23.80 7.93 -51.68
C SER A 46 -24.06 9.42 -51.50
N SER A 47 -24.11 10.20 -52.58
CA SER A 47 -24.10 11.64 -52.48
C SER A 47 -25.47 12.25 -52.21
N ILE A 48 -26.55 11.50 -52.44
CA ILE A 48 -27.89 12.07 -52.32
C ILE A 48 -28.18 12.44 -50.87
N PRO A 49 -28.30 13.73 -50.56
CA PRO A 49 -28.69 14.12 -49.20
C PRO A 49 -30.13 13.74 -48.91
N GLY A 50 -30.42 13.61 -47.63
CA GLY A 50 -31.75 13.25 -47.21
C GLY A 50 -32.06 13.78 -45.83
N THR A 51 -32.99 13.12 -45.16
CA THR A 51 -33.41 13.51 -43.83
C THR A 51 -33.41 12.30 -42.92
N ALA A 52 -33.20 12.55 -41.64
CA ALA A 52 -33.17 11.48 -40.63
C ALA A 52 -33.45 12.10 -39.28
N VAL A 53 -33.76 11.23 -38.31
CA VAL A 53 -34.00 11.66 -36.94
C VAL A 53 -32.69 12.18 -36.37
N THR A 54 -32.60 13.49 -36.17
CA THR A 54 -31.34 14.12 -35.76
C THR A 54 -31.00 13.81 -34.30
N SER A 55 -31.91 14.16 -33.40
CA SER A 55 -31.75 13.89 -31.98
C SER A 55 -33.13 13.66 -31.38
N VAL A 56 -33.15 12.99 -30.23
CA VAL A 56 -34.40 12.57 -29.61
C VAL A 56 -34.39 13.00 -28.15
N TYR A 57 -35.55 13.42 -27.66
CA TYR A 57 -35.73 13.74 -26.26
C TYR A 57 -37.06 13.16 -25.79
N ILE A 58 -37.00 12.25 -24.83
CA ILE A 58 -38.19 11.83 -24.11
C ILE A 58 -38.32 12.71 -22.87
N GLU A 59 -39.49 13.32 -22.73
CA GLU A 59 -39.75 14.11 -21.54
C GLU A 59 -39.66 13.25 -20.28
N ASP A 60 -39.97 11.96 -20.42
CA ASP A 60 -40.16 11.09 -19.26
C ASP A 60 -38.87 10.46 -18.76
N VAL A 61 -37.94 10.10 -19.64
CA VAL A 61 -36.76 9.34 -19.26
C VAL A 61 -35.53 10.19 -19.54
N LEU A 62 -34.48 9.97 -18.74
CA LEU A 62 -33.21 10.65 -18.91
C LEU A 62 -32.23 9.87 -19.77
N HIS A 63 -32.17 8.55 -19.59
CA HIS A 63 -31.19 7.71 -20.26
C HIS A 63 -31.88 6.73 -21.20
N GLU A 64 -31.25 6.51 -22.35
CA GLU A 64 -31.82 5.67 -23.40
C GLU A 64 -32.05 4.23 -22.95
N PHE A 65 -31.39 3.80 -21.88
CA PHE A 65 -31.40 2.40 -21.47
C PHE A 65 -32.55 2.11 -20.51
N SER A 66 -33.50 3.02 -20.43
CA SER A 66 -34.60 2.92 -19.48
C SER A 66 -35.81 2.28 -20.15
N THR A 67 -36.89 2.14 -19.37
CA THR A 67 -38.18 1.72 -19.87
C THR A 67 -39.25 2.63 -19.30
N ILE A 68 -40.25 2.93 -20.11
CA ILE A 68 -41.36 3.78 -19.72
C ILE A 68 -42.54 2.90 -19.32
N PRO A 69 -43.27 3.23 -18.25
CA PRO A 69 -44.39 2.38 -17.83
C PRO A 69 -45.47 2.31 -18.89
N GLY A 70 -46.15 1.17 -18.92
CA GLY A 70 -47.22 0.98 -19.89
C GLY A 70 -46.67 1.04 -21.30
N VAL A 71 -45.38 0.78 -21.45
CA VAL A 71 -44.68 0.90 -22.71
C VAL A 71 -44.00 -0.44 -22.98
N LYS A 72 -44.64 -1.26 -23.80
CA LYS A 72 -44.07 -2.58 -24.13
C LYS A 72 -42.70 -2.42 -24.76
N GLU A 73 -42.58 -1.54 -25.75
CA GLU A 73 -41.29 -1.22 -26.36
C GLU A 73 -40.40 -0.50 -25.36
N ASP A 74 -39.09 -0.63 -25.55
CA ASP A 74 -38.13 0.07 -24.70
C ASP A 74 -37.56 1.29 -25.42
N VAL A 75 -36.85 2.12 -24.65
CA VAL A 75 -36.43 3.43 -25.13
C VAL A 75 -35.66 3.30 -26.44
N VAL A 76 -34.68 2.40 -26.46
CA VAL A 76 -33.87 2.22 -27.66
C VAL A 76 -34.74 1.71 -28.81
N GLU A 77 -35.63 0.76 -28.50
CA GLU A 77 -36.58 0.29 -29.51
C GLU A 77 -37.36 1.45 -30.09
N ILE A 78 -37.79 2.37 -29.23
CA ILE A 78 -38.63 3.48 -29.68
C ILE A 78 -37.83 4.42 -30.56
N ILE A 79 -36.59 4.74 -30.16
CA ILE A 79 -35.77 5.60 -30.99
C ILE A 79 -35.49 4.94 -32.33
N LEU A 80 -35.36 3.62 -32.33
CA LEU A 80 -35.18 2.90 -33.57
C LEU A 80 -36.40 3.08 -34.47
N ASN A 81 -37.59 2.90 -33.89
CA ASN A 81 -38.84 3.12 -34.61
C ASN A 81 -38.92 4.54 -35.12
N LEU A 82 -38.32 5.48 -34.40
CA LEU A 82 -38.28 6.86 -34.86
C LEU A 82 -37.38 6.98 -36.08
N LYS A 83 -36.18 6.43 -35.99
CA LYS A 83 -35.24 6.48 -37.11
C LYS A 83 -35.86 5.86 -38.35
N GLU A 84 -36.61 4.79 -38.18
CA GLU A 84 -37.29 4.14 -39.29
C GLU A 84 -38.38 5.03 -39.88
N LEU A 85 -38.79 6.08 -39.16
CA LEU A 85 -39.74 7.01 -39.73
C LEU A 85 -39.12 7.74 -40.91
N VAL A 86 -39.91 7.91 -41.97
CA VAL A 86 -39.48 8.61 -43.16
C VAL A 86 -40.31 9.88 -43.29
N VAL A 87 -39.63 11.02 -43.28
CA VAL A 87 -40.27 12.30 -43.40
C VAL A 87 -39.91 12.91 -44.74
N ARG A 88 -40.53 14.03 -45.06
CA ARG A 88 -40.35 14.71 -46.34
C ARG A 88 -40.35 16.21 -46.11
N PHE A 89 -39.26 16.87 -46.47
CA PHE A 89 -39.21 18.31 -46.39
C PHE A 89 -39.78 18.94 -47.66
N LEU A 90 -40.47 20.06 -47.48
CA LEU A 90 -41.09 20.78 -48.57
C LEU A 90 -40.45 22.12 -48.85
N ASN A 91 -39.22 22.34 -48.39
CA ASN A 91 -38.56 23.63 -48.52
C ASN A 91 -37.10 23.50 -48.17
N PRO A 92 -36.20 24.13 -48.92
CA PRO A 92 -34.81 24.23 -48.45
C PRO A 92 -34.74 24.89 -47.07
N SER A 93 -35.61 25.86 -46.82
CA SER A 93 -35.73 26.41 -45.47
C SER A 93 -36.10 25.33 -44.47
N LEU A 94 -36.44 24.15 -44.94
CA LEU A 94 -36.77 23.03 -44.06
C LEU A 94 -35.52 22.19 -43.85
N GLN A 95 -34.77 22.50 -42.81
CA GLN A 95 -33.60 21.70 -42.44
C GLN A 95 -33.76 21.07 -41.07
N THR A 96 -34.18 21.86 -40.08
CA THR A 96 -34.31 21.39 -38.70
C THR A 96 -35.76 21.54 -38.30
N VAL A 97 -36.36 20.45 -37.83
CA VAL A 97 -37.74 20.45 -37.37
C VAL A 97 -37.87 19.50 -36.19
N THR A 98 -38.40 19.99 -35.09
CA THR A 98 -38.59 19.17 -33.89
C THR A 98 -40.04 18.71 -33.84
N LEU A 99 -40.30 17.53 -34.38
CA LEU A 99 -41.61 16.92 -34.22
C LEU A 99 -41.86 16.60 -32.75
N LEU A 100 -43.12 16.70 -32.34
CA LEU A 100 -43.50 16.29 -31.00
C LEU A 100 -44.69 15.34 -31.09
N LEU A 101 -44.71 14.38 -30.18
CA LEU A 101 -45.86 13.49 -30.09
C LEU A 101 -46.16 13.20 -28.63
N LYS A 102 -47.46 13.18 -28.32
CA LYS A 102 -47.96 12.85 -26.99
C LYS A 102 -49.14 11.90 -27.12
N ALA A 103 -49.01 10.73 -26.50
CA ALA A 103 -50.02 9.69 -26.51
C ALA A 103 -50.18 9.14 -25.11
N GLU A 104 -51.33 8.52 -24.86
CA GLU A 104 -51.67 8.06 -23.53
C GLU A 104 -52.53 6.82 -23.61
N GLY A 105 -52.62 6.11 -22.49
CA GLY A 105 -53.54 5.01 -22.33
C GLY A 105 -53.27 3.83 -23.23
N PRO A 106 -54.29 2.98 -23.42
CA PRO A 106 -54.20 1.80 -24.27
C PRO A 106 -54.24 2.11 -25.77
N LYS A 107 -53.30 2.94 -26.21
CA LYS A 107 -53.26 3.40 -27.59
C LYS A 107 -51.94 3.00 -28.25
N GLU A 108 -52.02 2.68 -29.54
CA GLU A 108 -50.84 2.34 -30.32
C GLU A 108 -50.37 3.58 -31.07
N VAL A 109 -49.16 4.03 -30.78
CA VAL A 109 -48.62 5.26 -31.37
C VAL A 109 -48.13 4.95 -32.77
N LYS A 110 -48.72 5.60 -33.75
CA LYS A 110 -48.37 5.47 -35.15
C LYS A 110 -47.55 6.69 -35.56
N ALA A 111 -46.88 6.58 -36.71
CA ALA A 111 -46.08 7.71 -37.19
C ALA A 111 -46.97 8.82 -37.75
N ARG A 112 -48.18 8.47 -38.20
CA ARG A 112 -49.16 9.51 -38.51
C ARG A 112 -49.61 10.26 -37.27
N ASP A 113 -49.34 9.71 -36.08
CA ASP A 113 -49.89 10.22 -34.83
C ASP A 113 -49.16 11.45 -34.31
N PHE A 114 -48.06 11.85 -34.94
CA PHE A 114 -47.34 13.06 -34.52
C PHE A 114 -48.15 14.30 -34.83
N LEU A 115 -47.75 15.40 -34.21
CA LEU A 115 -48.35 16.69 -34.53
C LEU A 115 -48.07 17.06 -35.97
N PRO A 116 -49.09 17.31 -36.79
CA PRO A 116 -48.84 17.78 -38.15
C PRO A 116 -48.14 19.13 -38.13
N VAL A 117 -47.22 19.31 -39.06
CA VAL A 117 -46.50 20.56 -39.22
C VAL A 117 -46.67 21.04 -40.65
N ALA A 118 -46.53 22.36 -40.84
CA ALA A 118 -46.88 22.98 -42.10
C ALA A 118 -46.08 22.42 -43.27
N ASP A 119 -44.76 22.63 -43.26
CA ASP A 119 -43.93 22.40 -44.43
C ASP A 119 -43.39 20.98 -44.51
N VAL A 120 -43.77 20.11 -43.59
CA VAL A 120 -43.25 18.76 -43.56
C VAL A 120 -44.35 17.79 -44.00
N GLU A 121 -43.92 16.60 -44.38
CA GLU A 121 -44.82 15.51 -44.71
C GLU A 121 -44.34 14.25 -44.00
N ILE A 122 -45.30 13.44 -43.56
CA ILE A 122 -44.94 12.17 -42.94
C ILE A 122 -44.87 11.13 -44.02
N MET A 123 -43.68 10.89 -44.56
CA MET A 123 -43.54 9.84 -45.56
C MET A 123 -43.85 8.49 -44.97
N ASN A 124 -43.89 8.37 -43.65
CA ASN A 124 -44.12 7.14 -42.94
C ASN A 124 -45.35 7.26 -42.06
N PRO A 125 -46.49 7.69 -42.61
CA PRO A 125 -47.64 7.98 -41.74
C PRO A 125 -48.09 6.80 -40.90
N ASP A 126 -48.04 5.60 -41.45
CA ASP A 126 -48.49 4.42 -40.72
C ASP A 126 -47.40 3.78 -39.87
N LEU A 127 -46.20 4.34 -39.86
CA LEU A 127 -45.11 3.73 -39.11
C LEU A 127 -45.51 3.53 -37.66
N HIS A 128 -45.66 2.28 -37.26
CA HIS A 128 -45.86 1.98 -35.85
C HIS A 128 -44.67 2.50 -35.06
N ILE A 129 -44.94 3.41 -34.13
CA ILE A 129 -43.91 4.04 -33.33
C ILE A 129 -43.83 3.42 -31.95
N ALA A 130 -44.98 3.05 -31.39
CA ALA A 130 -45.03 2.55 -30.02
C ALA A 130 -46.40 1.95 -29.77
N THR A 131 -46.61 1.46 -28.55
CA THR A 131 -47.91 0.98 -28.11
C THR A 131 -48.01 1.19 -26.60
N LEU A 132 -48.89 2.10 -26.18
CA LEU A 132 -49.07 2.42 -24.78
C LEU A 132 -50.17 1.54 -24.19
N GLU A 133 -49.89 0.92 -23.04
CA GLU A 133 -50.82 -0.05 -22.47
C GLU A 133 -51.98 0.62 -21.75
N GLU A 134 -51.67 1.42 -20.73
CA GLU A 134 -52.70 2.05 -19.92
C GLU A 134 -52.13 3.33 -19.33
N GLY A 135 -52.75 4.46 -19.68
CA GLY A 135 -52.27 5.74 -19.22
C GLY A 135 -50.82 5.96 -19.62
N GLY A 136 -50.38 5.31 -20.68
CA GLY A 136 -49.00 5.42 -21.10
C GLY A 136 -48.69 6.84 -21.50
N ARG A 137 -47.86 7.51 -20.70
CA ARG A 137 -47.55 8.92 -20.96
C ARG A 137 -46.33 8.94 -21.87
N LEU A 138 -46.58 9.02 -23.18
CA LEU A 138 -45.50 9.12 -24.14
C LEU A 138 -45.56 10.49 -24.79
N ASN A 139 -44.86 11.46 -24.21
CA ASN A 139 -44.73 12.78 -24.81
C ASN A 139 -43.25 13.09 -24.98
N MET A 140 -42.86 13.39 -26.21
CA MET A 140 -41.44 13.58 -26.53
C MET A 140 -41.30 14.32 -27.84
N GLU A 141 -40.06 14.68 -28.15
CA GLU A 141 -39.73 15.54 -29.28
C GLU A 141 -38.47 15.06 -29.96
N VAL A 142 -38.53 14.93 -31.28
CA VAL A 142 -37.38 14.54 -32.09
C VAL A 142 -37.02 15.70 -33.00
N ARG A 143 -35.80 16.21 -32.83
CA ARG A 143 -35.21 17.06 -33.85
C ARG A 143 -34.81 16.20 -35.04
N VAL A 144 -35.21 16.64 -36.23
CA VAL A 144 -34.90 15.95 -37.47
C VAL A 144 -34.28 16.97 -38.42
N ASP A 145 -33.17 16.61 -39.04
CA ASP A 145 -32.43 17.54 -39.86
C ASP A 145 -32.27 16.98 -41.27
N ARG A 146 -31.93 17.88 -42.19
CA ARG A 146 -31.81 17.56 -43.61
C ARG A 146 -30.33 17.49 -43.94
N GLY A 147 -29.80 16.27 -43.98
CA GLY A 147 -28.37 16.10 -44.16
C GLY A 147 -28.01 15.29 -45.38
N VAL A 148 -26.76 14.83 -45.43
CA VAL A 148 -26.26 14.04 -46.54
C VAL A 148 -25.71 12.73 -45.99
N GLY A 149 -26.26 11.62 -46.45
CA GLY A 149 -25.72 10.33 -46.06
C GLY A 149 -25.81 10.08 -44.57
N TYR A 150 -24.69 9.63 -44.01
CA TYR A 150 -24.64 9.08 -42.65
C TYR A 150 -23.67 9.87 -41.79
N VAL A 151 -24.02 10.01 -40.51
CA VAL A 151 -23.08 10.46 -39.49
C VAL A 151 -23.46 9.83 -38.15
N PRO A 152 -22.48 9.37 -37.38
CA PRO A 152 -22.79 8.82 -36.06
C PRO A 152 -23.37 9.87 -35.14
N ALA A 153 -24.18 9.40 -34.18
CA ALA A 153 -24.77 10.29 -33.19
C ALA A 153 -23.70 11.09 -32.48
N GLU A 154 -22.50 10.51 -32.37
CA GLU A 154 -21.44 11.10 -31.57
C GLU A 154 -20.85 12.36 -32.19
N LYS A 155 -20.62 12.38 -33.50
CA LYS A 155 -19.89 13.51 -34.07
C LYS A 155 -20.69 14.80 -33.99
N HIS A 156 -21.96 14.77 -34.40
CA HIS A 156 -22.75 15.99 -34.36
C HIS A 156 -23.05 16.42 -32.93
N GLY A 157 -23.39 15.46 -32.06
CA GLY A 157 -23.72 15.76 -30.70
C GLY A 157 -24.73 16.88 -30.56
N ILE A 158 -25.94 16.65 -31.05
CA ILE A 158 -26.99 17.68 -31.05
C ILE A 158 -27.78 17.56 -29.76
N LYS A 159 -27.85 18.65 -29.01
CA LYS A 159 -28.52 18.67 -27.70
C LYS A 159 -29.45 19.87 -27.63
N ASP A 160 -30.66 19.71 -28.19
CA ASP A 160 -31.75 20.58 -27.79
C ASP A 160 -32.08 20.36 -26.32
N ARG A 161 -32.05 19.11 -25.89
CA ARG A 161 -32.13 18.72 -24.48
C ARG A 161 -30.91 17.89 -24.10
N ILE A 162 -30.39 18.14 -22.90
CA ILE A 162 -29.38 17.25 -22.36
C ILE A 162 -29.97 15.87 -22.12
N ASN A 163 -31.23 15.81 -21.71
CA ASN A 163 -31.99 14.57 -21.69
C ASN A 163 -32.32 14.09 -23.09
N ALA A 164 -32.34 14.99 -24.07
CA ALA A 164 -32.43 14.61 -25.46
C ALA A 164 -31.11 13.98 -25.91
N ILE A 165 -31.21 13.10 -26.90
CA ILE A 165 -30.06 12.28 -27.28
C ILE A 165 -29.83 12.36 -28.79
N PRO A 166 -28.57 12.29 -29.24
CA PRO A 166 -28.30 12.12 -30.67
C PRO A 166 -28.44 10.66 -31.08
N VAL A 167 -28.50 10.46 -32.39
CA VAL A 167 -28.54 9.13 -32.97
C VAL A 167 -27.86 9.20 -34.34
N ASP A 168 -27.33 8.06 -34.79
CA ASP A 168 -26.59 8.04 -36.04
C ASP A 168 -27.48 8.50 -37.19
N ALA A 169 -26.87 9.22 -38.12
CA ALA A 169 -27.60 9.97 -39.15
C ALA A 169 -27.65 9.16 -40.44
N VAL A 170 -28.82 9.18 -41.10
CA VAL A 170 -29.03 8.48 -42.36
C VAL A 170 -29.78 9.43 -43.30
N PHE A 171 -29.09 9.94 -44.31
CA PHE A 171 -29.65 10.94 -45.20
C PHE A 171 -29.67 10.50 -46.66
N SER A 172 -29.68 9.20 -46.92
CA SER A 172 -29.86 8.75 -48.29
C SER A 172 -31.31 8.32 -48.50
N PRO A 173 -32.06 9.04 -49.33
CA PRO A 173 -33.45 8.65 -49.61
C PRO A 173 -33.60 7.52 -50.61
N VAL A 174 -32.52 6.83 -50.97
CA VAL A 174 -32.55 5.80 -51.99
C VAL A 174 -32.63 4.43 -51.32
N ARG A 175 -33.66 3.66 -51.67
CA ARG A 175 -33.76 2.28 -51.23
C ARG A 175 -32.72 1.40 -51.94
N ARG A 176 -32.66 1.50 -53.26
CA ARG A 176 -31.69 0.71 -54.02
C ARG A 176 -31.66 1.17 -55.46
N VAL A 177 -30.47 1.18 -56.04
CA VAL A 177 -30.24 1.63 -57.40
C VAL A 177 -29.53 0.53 -58.18
N ALA A 178 -30.03 0.23 -59.37
CA ALA A 178 -29.40 -0.74 -60.25
C ALA A 178 -29.65 -0.30 -61.68
N PHE A 179 -28.95 -0.93 -62.61
CA PHE A 179 -29.09 -0.58 -64.02
C PHE A 179 -28.74 -1.78 -64.89
N GLN A 180 -29.70 -2.25 -65.67
CA GLN A 180 -29.50 -3.32 -66.62
C GLN A 180 -29.06 -2.73 -67.95
N VAL A 181 -27.81 -2.99 -68.32
CA VAL A 181 -27.29 -2.51 -69.60
C VAL A 181 -27.40 -3.64 -70.60
N GLU A 182 -28.55 -3.73 -71.26
CA GLU A 182 -28.85 -4.85 -72.14
C GLU A 182 -28.60 -4.46 -73.59
N ASP A 183 -28.27 -5.46 -74.41
CA ASP A 183 -27.97 -5.20 -75.80
C ASP A 183 -29.19 -4.62 -76.51
N THR A 184 -29.06 -3.38 -76.95
CA THR A 184 -30.03 -2.77 -77.84
C THR A 184 -29.54 -2.92 -79.28
N ARG A 185 -30.48 -3.24 -80.16
CA ARG A 185 -30.20 -3.59 -81.54
C ARG A 185 -30.54 -2.41 -82.43
N LEU A 186 -29.52 -1.81 -83.03
CA LEU A 186 -29.71 -0.71 -83.96
C LEU A 186 -29.54 -1.20 -85.39
N GLY A 187 -30.25 -0.56 -86.31
CA GLY A 187 -30.20 -0.93 -87.70
C GLY A 187 -28.80 -1.26 -88.18
N GLN A 188 -27.88 -0.31 -88.07
CA GLN A 188 -26.50 -0.59 -88.44
C GLN A 188 -25.80 -1.44 -87.39
N ARG A 189 -26.04 -1.15 -86.11
CA ARG A 189 -25.33 -1.80 -85.02
C ARG A 189 -26.33 -2.42 -84.06
N THR A 190 -26.48 -3.75 -84.13
CA THR A 190 -27.14 -4.47 -83.06
C THR A 190 -26.31 -4.41 -81.78
N ASP A 191 -25.00 -4.18 -81.91
CA ASP A 191 -24.09 -4.15 -80.77
C ASP A 191 -24.17 -2.79 -80.09
N LEU A 192 -25.39 -2.40 -79.75
CA LEU A 192 -25.55 -1.12 -79.08
C LEU A 192 -25.97 -1.40 -77.64
N ASP A 193 -25.82 -0.40 -76.80
CA ASP A 193 -26.15 -0.54 -75.39
C ASP A 193 -27.48 0.16 -75.12
N LYS A 194 -28.29 -0.44 -74.24
CA LYS A 194 -29.53 0.15 -73.78
C LYS A 194 -29.60 -0.03 -72.29
N LEU A 195 -29.48 1.06 -71.54
CA LEU A 195 -29.42 0.97 -70.09
C LEU A 195 -30.77 1.34 -69.51
N THR A 196 -31.37 0.40 -68.80
CA THR A 196 -32.61 0.61 -68.06
C THR A 196 -32.22 0.58 -66.58
N LEU A 197 -32.15 1.75 -65.96
CA LEU A 197 -31.77 1.85 -64.56
C LEU A 197 -33.03 1.93 -63.72
N ARG A 198 -33.15 1.00 -62.77
CA ARG A 198 -34.26 0.91 -61.85
C ARG A 198 -33.83 1.43 -60.49
N ILE A 199 -34.73 2.11 -59.78
CA ILE A 199 -34.41 2.62 -58.46
C ILE A 199 -35.65 2.58 -57.58
N TRP A 200 -35.55 1.93 -56.43
CA TRP A 200 -36.51 2.10 -55.35
C TRP A 200 -36.03 3.23 -54.46
N THR A 201 -36.90 4.18 -54.19
CA THR A 201 -36.60 5.31 -53.33
C THR A 201 -37.53 5.30 -52.12
N ASP A 202 -37.10 5.98 -51.06
CA ASP A 202 -37.94 6.10 -49.88
C ASP A 202 -39.30 6.69 -50.22
N GLY A 203 -39.35 7.53 -51.25
CA GLY A 203 -40.54 8.30 -51.59
C GLY A 203 -40.47 9.74 -51.16
N SER A 204 -39.63 10.08 -50.19
CA SER A 204 -39.43 11.48 -49.83
C SER A 204 -39.10 12.29 -51.08
N VAL A 205 -38.30 11.72 -51.97
CA VAL A 205 -38.06 12.29 -53.28
C VAL A 205 -38.55 11.29 -54.33
N THR A 206 -38.82 11.79 -55.49
CA THR A 206 -39.09 10.94 -56.62
C THR A 206 -37.79 10.48 -57.25
N PRO A 207 -37.76 9.25 -57.78
CA PRO A 207 -36.51 8.75 -58.36
C PRO A 207 -35.78 9.74 -59.24
N LEU A 208 -36.47 10.32 -60.23
CA LEU A 208 -35.80 11.23 -61.15
C LEU A 208 -35.23 12.44 -60.42
N GLU A 209 -35.82 12.81 -59.29
CA GLU A 209 -35.33 13.93 -58.52
C GLU A 209 -33.90 13.68 -58.09
N ALA A 210 -33.69 12.65 -57.27
CA ALA A 210 -32.33 12.30 -56.89
C ALA A 210 -31.48 12.01 -58.12
N LEU A 211 -32.11 11.49 -59.18
CA LEU A 211 -31.39 11.22 -60.41
C LEU A 211 -30.67 12.47 -60.92
N ASN A 212 -31.46 13.47 -61.29
CA ASN A 212 -30.87 14.68 -61.85
C ASN A 212 -30.03 15.40 -60.81
N GLN A 213 -30.36 15.25 -59.52
CA GLN A 213 -29.50 15.81 -58.50
C GLN A 213 -28.10 15.24 -58.58
N ALA A 214 -28.01 13.91 -58.66
CA ALA A 214 -26.70 13.27 -58.76
C ALA A 214 -26.00 13.61 -60.06
N VAL A 215 -26.77 13.73 -61.14
CA VAL A 215 -26.17 14.09 -62.43
C VAL A 215 -25.54 15.47 -62.33
N GLU A 216 -26.28 16.41 -61.77
CA GLU A 216 -25.74 17.72 -61.41
C GLU A 216 -24.44 17.58 -60.64
N ILE A 217 -24.48 16.85 -59.53
CA ILE A 217 -23.31 16.73 -58.65
C ILE A 217 -22.12 16.22 -59.44
N LEU A 218 -22.33 15.14 -60.17
CA LEU A 218 -21.25 14.54 -60.93
C LEU A 218 -20.68 15.53 -61.93
N ARG A 219 -21.55 16.31 -62.57
CA ARG A 219 -21.02 17.24 -63.55
C ARG A 219 -20.11 18.26 -62.87
N GLU A 220 -20.47 18.73 -61.68
CA GLU A 220 -19.48 19.57 -61.00
C GLU A 220 -18.21 18.78 -60.76
N HIS A 221 -18.34 17.56 -60.27
CA HIS A 221 -17.14 16.82 -59.96
C HIS A 221 -16.24 16.71 -61.17
N LEU A 222 -16.83 16.62 -62.35
CA LEU A 222 -16.07 16.73 -63.59
C LEU A 222 -15.44 18.11 -63.73
N THR A 223 -16.20 19.17 -63.45
CA THR A 223 -15.68 20.50 -63.69
C THR A 223 -14.45 20.82 -62.86
N TYR A 224 -13.99 19.87 -62.05
CA TYR A 224 -12.81 20.07 -61.24
C TYR A 224 -11.54 20.17 -62.06
N PHE A 225 -11.65 20.05 -63.39
CA PHE A 225 -10.50 19.96 -64.27
C PHE A 225 -10.36 21.14 -65.22
N SER A 226 -11.37 21.98 -65.35
CA SER A 226 -11.17 23.21 -66.10
C SER A 226 -9.91 23.91 -65.61
N ASN A 227 -9.56 23.69 -64.35
CA ASN A 227 -8.30 24.16 -63.80
C ASN A 227 -7.17 23.20 -64.15
N PRO A 228 -6.18 23.62 -64.94
CA PRO A 228 -5.00 22.78 -65.14
C PRO A 228 -3.94 23.04 -64.07
N GLN A 229 -3.31 21.95 -63.64
CA GLN A 229 -2.22 22.03 -62.67
C GLN A 229 -1.21 20.90 -62.90
N MET B 1 -12.16 29.58 -51.67
CA MET B 1 -12.55 29.17 -50.33
C MET B 1 -11.38 28.44 -49.66
N LEU B 2 -11.52 28.16 -48.36
CA LEU B 2 -10.44 27.59 -47.57
C LEU B 2 -10.78 26.21 -47.03
N ASP B 3 -11.98 26.03 -46.50
CA ASP B 3 -12.33 24.78 -45.82
C ASP B 3 -12.60 23.64 -46.81
N SER B 4 -13.67 23.77 -47.60
CA SER B 4 -14.12 22.68 -48.45
C SER B 4 -13.93 22.95 -49.93
N LYS B 5 -13.89 24.21 -50.35
CA LYS B 5 -13.56 24.50 -51.75
C LYS B 5 -12.05 24.57 -51.95
N LEU B 6 -11.31 25.13 -50.99
CA LEU B 6 -9.90 24.79 -50.89
C LEU B 6 -9.72 23.30 -50.65
N LYS B 7 -10.74 22.66 -50.07
CA LYS B 7 -10.85 21.21 -50.10
C LYS B 7 -11.29 20.81 -51.50
N ALA B 8 -10.46 21.11 -52.49
CA ALA B 8 -10.75 20.80 -53.88
C ALA B 8 -9.59 19.97 -54.41
N PRO B 9 -9.85 18.90 -55.16
CA PRO B 9 -8.77 18.02 -55.60
C PRO B 9 -7.77 18.77 -56.46
N VAL B 10 -6.49 18.60 -56.12
CA VAL B 10 -5.44 19.30 -56.85
C VAL B 10 -5.24 18.58 -58.19
N PHE B 11 -5.58 19.27 -59.28
CA PHE B 11 -5.44 18.78 -60.64
C PHE B 11 -3.97 18.81 -61.05
N THR B 12 -3.17 17.97 -60.42
CA THR B 12 -1.73 17.93 -60.62
C THR B 12 -1.39 17.10 -61.85
N VAL B 13 -0.37 17.54 -62.60
CA VAL B 13 0.02 16.90 -63.85
C VAL B 13 1.54 16.96 -64.02
N ARG B 14 2.09 15.92 -64.63
CA ARG B 14 3.50 15.88 -65.04
C ARG B 14 3.60 14.92 -66.23
N THR B 15 3.82 15.46 -67.42
CA THR B 15 3.81 14.67 -68.64
C THR B 15 5.24 14.24 -68.99
N GLN B 16 5.45 12.93 -69.06
CA GLN B 16 6.69 12.36 -69.58
C GLN B 16 6.46 12.12 -71.06
N GLY B 17 7.04 13.00 -71.88
CA GLY B 17 6.76 13.03 -73.29
C GLY B 17 5.27 13.27 -73.52
N ARG B 18 4.91 13.33 -74.80
CA ARG B 18 3.51 13.40 -75.19
C ARG B 18 2.84 12.04 -75.12
N GLU B 19 3.60 10.98 -74.88
CA GLU B 19 3.07 9.63 -74.83
C GLU B 19 2.67 9.25 -73.41
N TYR B 20 3.48 9.58 -72.43
CA TYR B 20 3.24 9.19 -71.05
C TYR B 20 2.97 10.41 -70.18
N GLY B 21 2.22 10.19 -69.11
CA GLY B 21 1.95 11.26 -68.17
C GLY B 21 1.31 10.83 -66.85
N GLU B 22 1.79 11.39 -65.75
CA GLU B 22 1.16 11.25 -64.45
C GLU B 22 0.19 12.40 -64.24
N PHE B 23 -0.95 12.10 -63.61
CA PHE B 23 -1.98 13.10 -63.36
C PHE B 23 -2.64 12.73 -62.03
N VAL B 24 -2.32 13.48 -60.98
CA VAL B 24 -2.81 13.19 -59.65
C VAL B 24 -3.77 14.28 -59.22
N LEU B 25 -5.00 13.89 -58.93
CA LEU B 25 -6.02 14.82 -58.47
C LEU B 25 -6.33 14.48 -57.02
N GLU B 26 -6.28 15.47 -56.15
CA GLU B 26 -6.42 15.16 -54.73
C GLU B 26 -6.69 16.41 -53.91
N PRO B 27 -7.44 16.29 -52.80
CA PRO B 27 -8.03 15.01 -52.40
C PRO B 27 -9.45 14.84 -52.93
N LEU B 28 -10.05 13.69 -52.65
CA LEU B 28 -11.39 13.38 -53.11
C LEU B 28 -12.20 12.82 -51.94
N GLU B 29 -13.52 12.95 -52.07
CA GLU B 29 -14.44 12.47 -51.05
C GLU B 29 -14.63 10.96 -51.21
N ARG B 30 -15.39 10.35 -50.31
CA ARG B 30 -15.56 8.91 -50.33
C ARG B 30 -16.16 8.46 -51.66
N GLY B 31 -15.57 7.41 -52.24
CA GLY B 31 -16.08 6.83 -53.47
C GLY B 31 -16.11 7.78 -54.64
N PHE B 32 -15.04 8.53 -54.86
CA PHE B 32 -15.01 9.49 -55.97
C PHE B 32 -13.88 9.21 -56.94
N GLY B 33 -12.66 8.97 -56.44
CA GLY B 33 -11.55 8.71 -57.33
C GLY B 33 -11.83 7.55 -58.27
N VAL B 34 -12.35 6.44 -57.74
CA VAL B 34 -12.79 5.36 -58.60
C VAL B 34 -13.99 5.80 -59.42
N THR B 35 -14.96 6.44 -58.77
CA THR B 35 -16.15 6.92 -59.46
C THR B 35 -15.79 7.73 -60.70
N LEU B 36 -14.57 8.25 -60.75
CA LEU B 36 -14.12 9.10 -61.83
C LEU B 36 -13.23 8.35 -62.81
N GLY B 37 -12.19 7.70 -62.31
CA GLY B 37 -11.30 6.93 -63.16
C GLY B 37 -12.02 5.85 -63.94
N ASN B 38 -12.78 5.01 -63.24
CA ASN B 38 -13.45 3.90 -63.91
C ASN B 38 -14.24 4.34 -65.13
N PRO B 39 -15.15 5.30 -65.04
CA PRO B 39 -15.86 5.74 -66.23
C PRO B 39 -14.90 6.40 -67.20
N LEU B 40 -14.06 7.29 -66.68
CA LEU B 40 -13.09 7.96 -67.52
C LEU B 40 -12.10 6.98 -68.12
N ARG B 41 -11.63 6.01 -67.33
CA ARG B 41 -10.70 5.03 -67.86
C ARG B 41 -11.35 4.23 -68.99
N ARG B 42 -12.61 3.85 -68.81
CA ARG B 42 -13.34 3.18 -69.87
C ARG B 42 -13.43 4.05 -71.11
N ILE B 43 -13.69 5.34 -70.92
CA ILE B 43 -13.88 6.25 -72.04
C ILE B 43 -12.57 6.39 -72.83
N LEU B 44 -11.47 6.64 -72.12
CA LEU B 44 -10.19 6.92 -72.76
C LEU B 44 -9.74 5.77 -73.63
N LEU B 45 -10.20 4.56 -73.35
CA LEU B 45 -9.75 3.37 -74.06
C LEU B 45 -10.56 3.08 -75.31
N SER B 46 -11.70 3.72 -75.47
CA SER B 46 -12.51 3.56 -76.66
C SER B 46 -12.96 4.89 -77.25
N SER B 47 -13.20 5.89 -76.39
CA SER B 47 -13.72 7.17 -76.87
C SER B 47 -12.76 7.81 -77.87
N ILE B 48 -11.48 7.83 -77.52
CA ILE B 48 -10.51 8.64 -78.21
C ILE B 48 -10.48 8.25 -79.69
N PRO B 49 -10.73 9.18 -80.60
CA PRO B 49 -10.48 8.92 -82.01
C PRO B 49 -8.99 8.93 -82.30
N GLY B 50 -8.62 8.28 -83.40
CA GLY B 50 -7.22 8.21 -83.75
C GLY B 50 -7.02 7.69 -85.15
N THR B 51 -5.75 7.48 -85.50
CA THR B 51 -5.36 7.01 -86.82
C THR B 51 -4.97 5.54 -86.73
N ALA B 52 -5.60 4.71 -87.55
CA ALA B 52 -5.30 3.29 -87.59
C ALA B 52 -5.39 2.82 -89.04
N VAL B 53 -4.46 1.95 -89.43
CA VAL B 53 -4.43 1.43 -90.79
C VAL B 53 -5.59 0.47 -90.98
N THR B 54 -6.56 0.87 -91.80
CA THR B 54 -7.73 0.01 -92.04
C THR B 54 -7.33 -1.24 -92.81
N SER B 55 -6.59 -1.07 -93.90
CA SER B 55 -6.24 -2.21 -94.73
C SER B 55 -4.89 -1.97 -95.38
N VAL B 56 -4.31 -3.04 -95.93
CA VAL B 56 -3.05 -2.97 -96.62
C VAL B 56 -3.06 -3.97 -97.76
N TYR B 57 -2.31 -3.67 -98.81
CA TYR B 57 -2.18 -4.59 -99.93
C TYR B 57 -0.78 -4.50 -100.50
N ILE B 58 -0.15 -5.66 -100.64
CA ILE B 58 1.05 -5.82 -101.46
C ILE B 58 0.61 -6.24 -102.85
N GLU B 59 1.21 -5.63 -103.87
CA GLU B 59 0.85 -6.00 -105.23
C GLU B 59 1.04 -7.50 -105.45
N ASP B 60 2.21 -8.03 -105.08
CA ASP B 60 2.49 -9.44 -105.27
C ASP B 60 1.85 -10.32 -104.20
N VAL B 61 1.58 -9.78 -103.01
CA VAL B 61 1.09 -10.58 -101.90
C VAL B 61 -0.38 -10.90 -102.10
N LEU B 62 -0.73 -12.18 -102.01
CA LEU B 62 -2.10 -12.63 -102.15
C LEU B 62 -2.58 -13.54 -101.03
N HIS B 63 -1.67 -14.11 -100.24
CA HIS B 63 -2.00 -14.67 -98.93
C HIS B 63 -1.12 -14.05 -97.86
N GLU B 64 -1.72 -13.78 -96.70
CA GLU B 64 -1.01 -13.31 -95.52
C GLU B 64 -0.09 -14.39 -94.95
N PHE B 65 -0.22 -15.62 -95.43
CA PHE B 65 0.61 -16.73 -95.01
C PHE B 65 1.79 -16.88 -95.96
N SER B 66 1.93 -15.92 -96.85
CA SER B 66 2.96 -15.89 -97.89
C SER B 66 4.09 -14.95 -97.46
N THR B 67 5.25 -15.15 -98.09
CA THR B 67 6.41 -14.33 -97.84
C THR B 67 7.00 -13.87 -99.16
N ILE B 68 7.47 -12.62 -99.19
CA ILE B 68 8.01 -12.03 -100.41
C ILE B 68 9.50 -12.33 -100.53
N PRO B 69 9.94 -12.90 -101.65
CA PRO B 69 11.38 -13.07 -101.85
C PRO B 69 12.09 -11.73 -101.82
N GLY B 70 13.32 -11.75 -101.31
CA GLY B 70 14.07 -10.54 -101.12
C GLY B 70 13.57 -9.80 -99.90
N VAL B 71 12.55 -10.37 -99.27
CA VAL B 71 12.01 -9.88 -98.01
C VAL B 71 11.80 -11.09 -97.13
N LYS B 72 12.68 -11.25 -96.14
CA LYS B 72 12.65 -12.43 -95.28
C LYS B 72 11.34 -12.54 -94.52
N GLU B 73 10.90 -11.46 -93.87
CA GLU B 73 9.75 -11.53 -92.99
C GLU B 73 8.48 -11.83 -93.80
N ASP B 74 7.60 -12.63 -93.20
CA ASP B 74 6.34 -13.01 -93.82
C ASP B 74 5.32 -11.89 -93.64
N VAL B 75 4.15 -12.08 -94.23
CA VAL B 75 3.08 -11.09 -94.17
C VAL B 75 2.78 -10.79 -92.71
N VAL B 76 2.83 -11.81 -91.86
CA VAL B 76 2.50 -11.62 -90.45
C VAL B 76 3.38 -10.54 -89.85
N GLU B 77 4.70 -10.67 -90.05
CA GLU B 77 5.62 -9.74 -89.41
C GLU B 77 5.46 -8.33 -89.96
N ILE B 78 5.30 -8.20 -91.28
CA ILE B 78 5.16 -6.87 -91.86
C ILE B 78 3.90 -6.19 -91.34
N ILE B 79 2.80 -6.95 -91.30
CA ILE B 79 1.55 -6.38 -90.80
C ILE B 79 1.70 -5.93 -89.36
N LEU B 80 2.32 -6.77 -88.52
CA LEU B 80 2.50 -6.36 -87.13
C LEU B 80 3.38 -5.12 -87.03
N ASN B 81 4.52 -5.13 -87.72
CA ASN B 81 5.44 -4.01 -87.66
C ASN B 81 4.79 -2.74 -88.19
N LEU B 82 3.73 -2.88 -88.97
CA LEU B 82 2.96 -1.71 -89.38
C LEU B 82 1.84 -1.36 -88.39
N LYS B 83 1.39 -2.32 -87.59
CA LYS B 83 0.31 -2.04 -86.64
C LYS B 83 0.64 -0.85 -85.76
N GLU B 84 1.83 -0.84 -85.16
CA GLU B 84 2.18 0.22 -84.22
C GLU B 84 2.36 1.55 -84.93
N LEU B 85 2.62 1.53 -86.24
CA LEU B 85 2.81 2.77 -86.99
C LEU B 85 1.69 3.74 -86.70
N VAL B 86 2.02 4.84 -86.03
CA VAL B 86 1.07 5.85 -85.60
C VAL B 86 1.23 7.08 -86.48
N VAL B 87 0.13 7.55 -87.04
CA VAL B 87 0.14 8.71 -87.92
C VAL B 87 -0.78 9.78 -87.33
N ARG B 88 -0.72 10.96 -87.91
CA ARG B 88 -1.46 12.12 -87.42
C ARG B 88 -2.06 12.85 -88.61
N PHE B 89 -3.38 13.00 -88.62
CA PHE B 89 -4.04 13.73 -89.68
C PHE B 89 -3.97 15.23 -89.45
N LEU B 90 -3.96 15.98 -90.54
CA LEU B 90 -3.92 17.44 -90.48
C LEU B 90 -5.29 18.07 -90.39
N ASN B 91 -6.35 17.32 -90.67
CA ASN B 91 -7.70 17.84 -90.65
C ASN B 91 -8.67 16.68 -90.64
N PRO B 92 -9.89 16.86 -90.11
CA PRO B 92 -10.82 15.74 -90.03
C PRO B 92 -11.15 15.15 -91.38
N SER B 93 -10.98 15.92 -92.47
CA SER B 93 -11.23 15.38 -93.79
C SER B 93 -10.32 14.21 -94.11
N LEU B 94 -9.24 14.03 -93.36
CA LEU B 94 -8.36 12.88 -93.52
C LEU B 94 -9.04 11.66 -92.90
N GLN B 95 -10.25 11.39 -93.38
CA GLN B 95 -11.00 10.23 -92.92
C GLN B 95 -10.37 8.94 -93.43
N THR B 96 -9.83 8.97 -94.65
CA THR B 96 -9.13 7.83 -95.22
C THR B 96 -7.99 8.34 -96.07
N VAL B 97 -6.78 7.86 -95.80
CA VAL B 97 -5.60 8.15 -96.60
C VAL B 97 -4.93 6.82 -96.93
N THR B 98 -4.74 6.56 -98.22
CA THR B 98 -4.06 5.36 -98.68
C THR B 98 -2.69 5.77 -99.20
N LEU B 99 -1.66 5.43 -98.44
CA LEU B 99 -0.30 5.77 -98.81
C LEU B 99 0.40 4.53 -99.36
N LEU B 100 1.07 4.70 -100.50
CA LEU B 100 1.76 3.61 -101.16
C LEU B 100 3.25 3.74 -100.94
N LEU B 101 3.94 2.62 -101.14
CA LEU B 101 5.39 2.55 -100.97
C LEU B 101 5.95 1.55 -101.97
N LYS B 102 7.02 1.96 -102.64
CA LYS B 102 7.70 1.16 -103.65
C LYS B 102 9.14 0.99 -103.21
N ALA B 103 9.67 -0.22 -103.34
CA ALA B 103 11.04 -0.45 -102.92
C ALA B 103 11.54 -1.76 -103.52
N GLU B 104 12.80 -1.74 -103.92
CA GLU B 104 13.56 -2.92 -104.36
C GLU B 104 14.99 -2.78 -103.85
N GLY B 105 15.78 -3.81 -104.11
CA GLY B 105 17.18 -3.82 -103.73
C GLY B 105 17.42 -4.49 -102.39
N PRO B 106 18.66 -4.46 -101.93
CA PRO B 106 18.97 -4.93 -100.58
C PRO B 106 18.91 -3.80 -99.56
N LYS B 107 17.70 -3.34 -99.25
CA LYS B 107 17.51 -2.14 -98.44
C LYS B 107 16.46 -2.40 -97.38
N GLU B 108 16.49 -1.59 -96.33
CA GLU B 108 15.50 -1.63 -95.26
C GLU B 108 14.47 -0.54 -95.47
N VAL B 109 13.20 -0.92 -95.40
CA VAL B 109 12.08 -0.01 -95.64
C VAL B 109 11.48 0.38 -94.29
N LYS B 110 11.55 1.67 -93.98
CA LYS B 110 10.91 2.28 -92.83
C LYS B 110 9.79 3.21 -93.31
N ALA B 111 9.21 3.96 -92.37
CA ALA B 111 8.06 4.79 -92.70
C ALA B 111 8.41 5.93 -93.64
N ARG B 112 9.68 6.34 -93.71
CA ARG B 112 10.04 7.52 -94.48
C ARG B 112 9.94 7.31 -95.99
N ASP B 113 10.13 6.08 -96.47
CA ASP B 113 10.05 5.86 -97.91
C ASP B 113 8.65 6.04 -98.47
N PHE B 114 7.63 6.07 -97.62
CA PHE B 114 6.28 6.31 -98.08
C PHE B 114 6.19 7.65 -98.80
N LEU B 115 5.38 7.69 -99.84
CA LEU B 115 5.07 8.94 -100.52
C LEU B 115 4.44 9.90 -99.52
N PRO B 116 4.99 11.10 -99.34
CA PRO B 116 4.45 12.03 -98.33
C PRO B 116 3.05 12.49 -98.68
N VAL B 117 2.16 12.45 -97.69
CA VAL B 117 0.81 12.98 -97.82
C VAL B 117 0.76 14.34 -97.12
N ALA B 118 0.26 15.35 -97.83
CA ALA B 118 0.25 16.72 -97.30
C ALA B 118 -0.35 16.81 -95.90
N ASP B 119 -1.61 16.39 -95.76
CA ASP B 119 -2.30 16.52 -94.49
C ASP B 119 -1.96 15.41 -93.49
N VAL B 120 -1.25 14.38 -93.92
CA VAL B 120 -0.91 13.27 -93.03
C VAL B 120 0.57 13.33 -92.73
N GLU B 121 0.90 13.25 -91.44
CA GLU B 121 2.29 13.28 -90.99
C GLU B 121 2.54 12.10 -90.05
N ILE B 122 3.76 11.56 -90.12
CA ILE B 122 4.14 10.39 -89.36
C ILE B 122 5.08 10.85 -88.25
N MET B 123 4.66 10.69 -87.00
CA MET B 123 5.54 10.91 -85.87
C MET B 123 6.50 9.74 -85.66
N ASN B 124 6.36 8.67 -86.44
CA ASN B 124 7.24 7.51 -86.36
C ASN B 124 7.95 7.29 -87.70
N PRO B 125 8.69 8.30 -88.18
CA PRO B 125 9.48 8.10 -89.40
C PRO B 125 10.56 7.04 -89.23
N ASP B 126 10.94 6.74 -88.00
CA ASP B 126 11.95 5.74 -87.71
C ASP B 126 11.41 4.31 -87.74
N LEU B 127 10.10 4.13 -87.80
CA LEU B 127 9.54 2.77 -87.76
C LEU B 127 10.01 1.97 -88.97
N HIS B 128 10.92 1.05 -88.75
CA HIS B 128 11.42 0.20 -89.82
C HIS B 128 10.47 -0.99 -89.97
N ILE B 129 9.81 -1.08 -91.11
CA ILE B 129 8.83 -2.14 -91.33
C ILE B 129 9.49 -3.41 -91.86
N ALA B 130 10.40 -3.30 -92.83
CA ALA B 130 10.88 -4.48 -93.52
C ALA B 130 12.33 -4.27 -93.96
N THR B 131 12.90 -5.29 -94.59
CA THR B 131 14.23 -5.19 -95.20
C THR B 131 14.18 -5.84 -96.58
N LEU B 132 14.34 -5.03 -97.62
CA LEU B 132 14.55 -5.56 -98.97
C LEU B 132 15.88 -6.28 -99.01
N GLU B 133 15.86 -7.54 -99.46
CA GLU B 133 17.04 -8.38 -99.34
C GLU B 133 17.93 -8.26 -100.58
N GLU B 134 17.35 -8.48 -101.76
CA GLU B 134 18.09 -8.32 -103.01
C GLU B 134 17.09 -7.98 -104.11
N GLY B 135 17.04 -6.72 -104.50
CA GLY B 135 16.08 -6.31 -105.51
C GLY B 135 14.67 -6.70 -105.12
N GLY B 136 14.39 -6.68 -103.82
CA GLY B 136 13.10 -7.13 -103.31
C GLY B 136 11.94 -6.33 -103.85
N ARG B 137 11.11 -6.97 -104.67
CA ARG B 137 9.97 -6.30 -105.27
C ARG B 137 8.90 -6.07 -104.22
N LEU B 138 8.80 -4.83 -103.73
CA LEU B 138 7.72 -4.48 -102.82
C LEU B 138 6.97 -3.29 -103.41
N ASN B 139 5.69 -3.51 -103.70
CA ASN B 139 4.74 -2.43 -103.94
C ASN B 139 3.59 -2.63 -102.98
N MET B 140 3.34 -1.63 -102.14
CA MET B 140 2.35 -1.79 -101.10
C MET B 140 1.58 -0.50 -100.97
N GLU B 141 0.37 -0.60 -100.42
CA GLU B 141 -0.42 0.58 -100.10
C GLU B 141 -1.28 0.29 -98.89
N VAL B 142 -1.27 1.22 -97.94
CA VAL B 142 -1.99 1.09 -96.68
C VAL B 142 -3.06 2.17 -96.64
N ARG B 143 -4.31 1.75 -96.52
CA ARG B 143 -5.42 2.62 -96.22
C ARG B 143 -5.56 2.75 -94.70
N VAL B 144 -5.56 3.99 -94.22
CA VAL B 144 -5.69 4.33 -92.80
C VAL B 144 -6.85 5.29 -92.65
N ASP B 145 -7.73 5.02 -91.67
CA ASP B 145 -8.90 5.84 -91.43
C ASP B 145 -8.80 6.49 -90.06
N ARG B 146 -9.47 7.63 -89.92
CA ARG B 146 -9.59 8.30 -88.63
C ARG B 146 -10.77 7.69 -87.89
N GLY B 147 -10.47 6.98 -86.80
CA GLY B 147 -11.49 6.33 -86.01
C GLY B 147 -11.19 6.50 -84.53
N VAL B 148 -11.89 5.76 -83.69
CA VAL B 148 -11.71 5.87 -82.24
C VAL B 148 -11.37 4.49 -81.69
N GLY B 149 -10.40 4.45 -80.79
CA GLY B 149 -10.11 3.22 -80.08
C GLY B 149 -9.71 2.10 -81.01
N TYR B 150 -10.31 0.94 -80.79
CA TYR B 150 -9.91 -0.30 -81.43
C TYR B 150 -10.99 -0.80 -82.38
N VAL B 151 -10.56 -1.35 -83.51
CA VAL B 151 -11.47 -1.93 -84.50
C VAL B 151 -10.84 -3.16 -85.14
N PRO B 152 -11.41 -4.35 -84.95
CA PRO B 152 -10.83 -5.56 -85.53
C PRO B 152 -10.88 -5.56 -87.05
N ALA B 153 -9.94 -6.28 -87.66
CA ALA B 153 -9.84 -6.28 -89.12
C ALA B 153 -11.08 -6.88 -89.78
N GLU B 154 -11.57 -8.00 -89.27
CA GLU B 154 -12.66 -8.70 -89.95
C GLU B 154 -13.92 -7.86 -90.03
N LYS B 155 -14.29 -7.17 -88.94
CA LYS B 155 -15.55 -6.45 -88.93
C LYS B 155 -15.57 -5.31 -89.95
N HIS B 156 -14.44 -4.63 -90.15
CA HIS B 156 -14.45 -3.70 -91.27
C HIS B 156 -14.20 -4.42 -92.57
N GLY B 157 -13.18 -5.28 -92.61
CA GLY B 157 -12.84 -6.01 -93.81
C GLY B 157 -12.61 -5.07 -94.97
N ILE B 158 -11.88 -3.98 -94.73
CA ILE B 158 -11.67 -2.99 -95.77
C ILE B 158 -10.86 -3.61 -96.89
N LYS B 159 -11.41 -3.55 -98.10
CA LYS B 159 -10.77 -4.05 -99.32
C LYS B 159 -10.78 -2.92 -100.34
N ASP B 160 -9.78 -2.05 -100.26
CA ASP B 160 -9.50 -1.17 -101.40
C ASP B 160 -9.03 -1.99 -102.59
N ARG B 161 -8.41 -3.13 -102.30
CA ARG B 161 -7.98 -4.10 -103.30
C ARG B 161 -8.58 -5.45 -102.93
N ILE B 162 -9.08 -6.18 -103.93
CA ILE B 162 -9.69 -7.48 -103.63
C ILE B 162 -8.69 -8.40 -102.97
N ASN B 163 -7.42 -8.31 -103.34
CA ASN B 163 -6.35 -9.01 -102.65
C ASN B 163 -5.72 -8.16 -101.55
N ALA B 164 -6.17 -6.90 -101.40
CA ALA B 164 -5.77 -6.13 -100.24
C ALA B 164 -6.29 -6.82 -98.97
N ILE B 165 -5.72 -6.42 -97.84
CA ILE B 165 -5.89 -7.12 -96.58
C ILE B 165 -6.57 -6.18 -95.59
N PRO B 166 -7.64 -6.60 -94.93
CA PRO B 166 -8.17 -5.81 -93.82
C PRO B 166 -7.18 -5.80 -92.67
N VAL B 167 -7.21 -4.72 -91.91
CA VAL B 167 -6.26 -4.51 -90.82
C VAL B 167 -7.04 -4.20 -89.55
N ASP B 168 -6.68 -4.86 -88.46
CA ASP B 168 -7.26 -4.54 -87.16
C ASP B 168 -6.95 -3.10 -86.80
N ALA B 169 -7.97 -2.34 -86.42
CA ALA B 169 -7.86 -0.91 -86.20
C ALA B 169 -7.71 -0.61 -84.73
N VAL B 170 -6.74 0.24 -84.40
CA VAL B 170 -6.51 0.73 -83.05
C VAL B 170 -6.27 2.23 -83.17
N PHE B 171 -7.31 3.03 -82.94
CA PHE B 171 -7.22 4.46 -83.16
C PHE B 171 -6.79 5.22 -81.92
N SER B 172 -7.19 4.77 -80.74
CA SER B 172 -6.92 5.52 -79.52
C SER B 172 -5.44 5.78 -79.39
N PRO B 173 -4.97 7.02 -79.62
CA PRO B 173 -3.53 7.29 -79.51
C PRO B 173 -2.95 7.00 -78.14
N VAL B 174 -3.76 7.00 -77.10
CA VAL B 174 -3.29 6.59 -75.78
C VAL B 174 -3.03 5.10 -75.80
N ARG B 175 -1.80 4.72 -75.48
CA ARG B 175 -1.46 3.31 -75.40
C ARG B 175 -2.33 2.61 -74.36
N ARG B 176 -2.48 3.23 -73.20
CA ARG B 176 -3.26 2.63 -72.12
C ARG B 176 -3.23 3.59 -70.94
N VAL B 177 -3.95 3.24 -69.89
CA VAL B 177 -4.00 4.08 -68.71
C VAL B 177 -4.04 3.22 -67.46
N ALA B 178 -3.57 3.78 -66.35
CA ALA B 178 -3.64 3.13 -65.05
C ALA B 178 -3.99 4.18 -64.02
N PHE B 179 -5.13 4.00 -63.37
CA PHE B 179 -5.61 4.90 -62.33
C PHE B 179 -5.73 4.12 -61.02
N GLN B 180 -5.37 4.77 -59.93
CA GLN B 180 -5.66 4.23 -58.61
C GLN B 180 -5.98 5.36 -57.65
N VAL B 181 -6.84 5.05 -56.68
CA VAL B 181 -7.22 6.02 -55.68
C VAL B 181 -6.54 5.66 -54.38
N GLU B 182 -5.53 6.44 -54.01
CA GLU B 182 -4.79 6.23 -52.78
C GLU B 182 -5.43 7.04 -51.66
N ASP B 183 -5.47 6.46 -50.46
CA ASP B 183 -6.08 7.14 -49.33
C ASP B 183 -5.14 8.21 -48.80
N THR B 184 -5.67 9.42 -48.64
CA THR B 184 -4.94 10.57 -48.15
C THR B 184 -5.61 11.14 -46.92
N ARG B 185 -4.80 11.65 -46.01
CA ARG B 185 -5.26 12.13 -44.70
C ARG B 185 -5.28 13.65 -44.68
N LEU B 186 -6.40 14.21 -44.21
CA LEU B 186 -6.47 15.62 -43.87
C LEU B 186 -6.45 15.75 -42.35
N GLY B 187 -6.00 16.90 -41.87
CA GLY B 187 -5.84 17.12 -40.45
C GLY B 187 -6.96 16.49 -39.63
N GLN B 188 -8.21 16.69 -40.08
CA GLN B 188 -9.35 16.13 -39.38
C GLN B 188 -9.56 14.67 -39.72
N ARG B 189 -9.79 14.37 -41.00
CA ARG B 189 -10.09 13.02 -41.45
C ARG B 189 -8.92 12.47 -42.25
N THR B 190 -8.66 11.17 -42.06
CA THR B 190 -7.64 10.48 -42.84
C THR B 190 -8.21 9.77 -44.06
N ASP B 191 -9.50 9.45 -44.05
CA ASP B 191 -10.14 8.70 -45.14
C ASP B 191 -10.51 9.65 -46.28
N LEU B 192 -9.50 10.00 -47.07
CA LEU B 192 -9.66 10.90 -48.20
C LEU B 192 -9.13 10.22 -49.45
N ASP B 193 -9.48 10.77 -50.62
CA ASP B 193 -9.18 10.13 -51.90
C ASP B 193 -8.23 10.96 -52.72
N LYS B 194 -7.26 10.29 -53.35
CA LYS B 194 -6.35 10.92 -54.30
C LYS B 194 -6.25 10.01 -55.52
N LEU B 195 -6.83 10.42 -56.64
CA LEU B 195 -6.83 9.59 -57.83
C LEU B 195 -5.66 9.96 -58.72
N THR B 196 -4.78 9.00 -58.97
CA THR B 196 -3.59 9.19 -59.78
C THR B 196 -3.75 8.34 -61.03
N LEU B 197 -3.58 8.98 -62.19
CA LEU B 197 -3.73 8.32 -63.48
C LEU B 197 -2.46 8.57 -64.28
N ARG B 198 -1.73 7.51 -64.58
CA ARG B 198 -0.60 7.60 -65.49
C ARG B 198 -0.98 6.89 -66.78
N ILE B 199 -0.70 7.56 -67.88
CA ILE B 199 -1.25 7.19 -69.17
C ILE B 199 -0.14 7.12 -70.20
N TRP B 200 -0.34 6.28 -71.20
CA TRP B 200 0.59 6.05 -72.29
C TRP B 200 -0.14 6.35 -73.58
N THR B 201 0.45 7.20 -74.42
CA THR B 201 -0.14 7.58 -75.69
C THR B 201 0.81 7.25 -76.82
N ASP B 202 0.25 7.02 -78.00
CA ASP B 202 1.06 6.69 -79.17
C ASP B 202 1.97 7.85 -79.57
N GLY B 203 1.73 9.04 -79.03
CA GLY B 203 2.43 10.24 -79.43
C GLY B 203 1.60 11.19 -80.27
N SER B 204 0.44 10.76 -80.76
CA SER B 204 -0.42 11.64 -81.54
C SER B 204 -0.70 12.93 -80.77
N VAL B 205 -0.88 12.81 -79.46
CA VAL B 205 -1.06 13.97 -78.60
C VAL B 205 -0.32 13.71 -77.28
N THR B 206 -0.27 14.72 -76.43
CA THR B 206 0.24 14.49 -75.10
C THR B 206 -0.86 13.91 -74.21
N PRO B 207 -0.51 13.14 -73.17
CA PRO B 207 -1.56 12.55 -72.32
C PRO B 207 -2.50 13.60 -71.76
N LEU B 208 -1.97 14.78 -71.44
CA LEU B 208 -2.83 15.85 -70.94
C LEU B 208 -3.91 16.20 -71.95
N GLU B 209 -3.54 16.28 -73.23
CA GLU B 209 -4.50 16.61 -74.27
C GLU B 209 -5.61 15.56 -74.34
N ALA B 210 -5.24 14.29 -74.27
CA ALA B 210 -6.23 13.22 -74.30
C ALA B 210 -7.15 13.28 -73.09
N LEU B 211 -6.59 13.63 -71.93
CA LEU B 211 -7.43 13.81 -70.75
C LEU B 211 -8.43 14.93 -70.99
N ASN B 212 -7.97 16.03 -71.58
CA ASN B 212 -8.88 17.14 -71.90
C ASN B 212 -10.03 16.65 -72.74
N GLN B 213 -9.71 15.97 -73.84
CA GLN B 213 -10.75 15.34 -74.66
C GLN B 213 -11.71 14.54 -73.80
N ALA B 214 -11.21 13.45 -73.22
CA ALA B 214 -12.09 12.50 -72.54
C ALA B 214 -13.00 13.21 -71.56
N VAL B 215 -12.44 14.13 -70.76
CA VAL B 215 -13.25 14.81 -69.77
C VAL B 215 -14.34 15.63 -70.43
N GLU B 216 -13.99 16.38 -71.48
CA GLU B 216 -14.99 17.20 -72.15
C GLU B 216 -16.11 16.35 -72.72
N ILE B 217 -15.75 15.28 -73.41
CA ILE B 217 -16.76 14.43 -74.05
C ILE B 217 -17.62 13.74 -73.00
N LEU B 218 -17.03 13.37 -71.86
CA LEU B 218 -17.83 12.79 -70.79
C LEU B 218 -18.85 13.79 -70.26
N ARG B 219 -18.42 15.03 -70.03
CA ARG B 219 -19.38 16.05 -69.61
C ARG B 219 -20.48 16.19 -70.65
N GLU B 220 -20.11 16.13 -71.93
CA GLU B 220 -21.11 16.20 -72.98
C GLU B 220 -22.11 15.05 -72.87
N HIS B 221 -21.62 13.84 -72.63
CA HIS B 221 -22.53 12.73 -72.36
C HIS B 221 -23.45 13.04 -71.19
N LEU B 222 -22.95 13.77 -70.20
CA LEU B 222 -23.82 14.21 -69.12
C LEU B 222 -24.89 15.17 -69.60
N THR B 223 -24.78 15.66 -70.83
CA THR B 223 -25.78 16.54 -71.41
C THR B 223 -26.95 15.79 -72.02
N TYR B 224 -26.95 14.46 -71.98
CA TYR B 224 -27.98 13.65 -72.59
C TYR B 224 -29.19 13.43 -71.71
N PHE B 225 -29.39 14.27 -70.70
CA PHE B 225 -30.48 14.11 -69.76
C PHE B 225 -31.30 15.37 -69.60
N SER B 226 -30.89 16.48 -70.21
CA SER B 226 -31.60 17.74 -70.03
C SER B 226 -33.03 17.66 -70.52
N ASN B 227 -33.24 17.04 -71.68
CA ASN B 227 -34.60 16.86 -72.18
C ASN B 227 -35.31 15.75 -71.42
N PRO B 228 -36.45 16.05 -70.80
CA PRO B 228 -37.19 15.03 -70.05
C PRO B 228 -38.15 14.27 -70.95
N GLN B 229 -38.21 12.96 -70.73
CA GLN B 229 -39.09 12.11 -71.53
C GLN B 229 -39.04 10.66 -71.06
N MET C 1 -43.09 -17.37 -43.57
CA MET C 1 -41.94 -18.23 -43.34
C MET C 1 -42.35 -19.59 -42.82
N GLU C 2 -42.95 -20.41 -43.68
CA GLU C 2 -43.32 -21.74 -43.26
C GLU C 2 -42.07 -22.57 -42.97
N ILE C 3 -42.21 -23.51 -42.05
CA ILE C 3 -41.10 -24.32 -41.57
C ILE C 3 -41.12 -25.64 -42.32
N LYS C 4 -40.10 -25.87 -43.14
CA LYS C 4 -39.97 -27.11 -43.89
C LYS C 4 -38.97 -27.99 -43.16
N ARG C 5 -39.48 -28.92 -42.35
CA ARG C 5 -38.62 -29.89 -41.68
C ARG C 5 -38.45 -31.11 -42.57
N PHE C 6 -37.20 -31.51 -42.78
CA PHE C 6 -36.87 -32.55 -43.73
C PHE C 6 -36.65 -33.92 -43.07
N GLY C 7 -35.96 -33.94 -41.94
CA GLY C 7 -35.74 -35.18 -41.24
C GLY C 7 -37.03 -35.88 -40.87
N ARG C 8 -37.15 -37.15 -41.21
CA ARG C 8 -38.35 -37.93 -40.92
C ARG C 8 -37.94 -39.10 -40.03
N ILE C 9 -37.88 -38.84 -38.73
CA ILE C 9 -37.60 -39.86 -37.74
C ILE C 9 -38.59 -39.71 -36.59
N ARG C 10 -39.29 -40.78 -36.25
CA ARG C 10 -40.34 -40.75 -35.23
C ARG C 10 -39.68 -40.77 -33.86
N GLU C 11 -39.46 -39.60 -33.29
CA GLU C 11 -38.88 -39.51 -31.95
C GLU C 11 -39.89 -40.04 -30.95
N VAL C 12 -39.70 -41.27 -30.51
CA VAL C 12 -40.66 -41.90 -29.61
C VAL C 12 -40.81 -41.10 -28.32
N ILE C 13 -39.76 -40.41 -27.89
CA ILE C 13 -39.82 -39.63 -26.66
C ILE C 13 -39.18 -38.27 -26.86
N PRO C 14 -39.60 -37.25 -26.12
CA PRO C 14 -38.98 -35.93 -26.24
C PRO C 14 -37.76 -35.79 -25.35
N LEU C 15 -37.13 -34.62 -25.39
CA LEU C 15 -35.97 -34.36 -24.54
C LEU C 15 -36.41 -34.15 -23.10
N PRO C 16 -35.73 -34.78 -22.14
CA PRO C 16 -36.06 -34.56 -20.73
C PRO C 16 -35.48 -33.27 -20.21
N PRO C 17 -35.93 -32.80 -19.05
CA PRO C 17 -35.36 -31.57 -18.46
C PRO C 17 -33.87 -31.70 -18.19
N LEU C 18 -33.14 -30.62 -18.46
CA LEU C 18 -31.68 -30.62 -18.41
C LEU C 18 -31.06 -30.68 -17.02
N THR C 19 -31.27 -29.64 -16.21
CA THR C 19 -30.40 -29.34 -15.07
C THR C 19 -30.79 -30.07 -13.74
N GLU C 20 -31.80 -30.95 -13.71
CA GLU C 20 -32.19 -31.60 -12.46
C GLU C 20 -30.98 -32.10 -11.68
N ILE C 21 -29.90 -32.43 -12.39
CA ILE C 21 -28.68 -32.95 -11.80
C ILE C 21 -28.30 -32.14 -10.57
N GLN C 22 -28.19 -30.82 -10.75
CA GLN C 22 -27.79 -29.97 -9.64
C GLN C 22 -28.92 -29.76 -8.65
N VAL C 23 -30.17 -29.80 -9.11
CA VAL C 23 -31.31 -29.68 -8.20
C VAL C 23 -31.36 -30.90 -7.30
N GLU C 24 -31.58 -32.07 -7.91
CA GLU C 24 -31.82 -33.28 -7.13
C GLU C 24 -30.66 -33.54 -6.17
N SER C 25 -29.43 -33.44 -6.68
CA SER C 25 -28.25 -33.56 -5.83
C SER C 25 -28.43 -32.76 -4.54
N TYR C 26 -28.68 -31.46 -4.67
CA TYR C 26 -29.05 -30.67 -3.50
C TYR C 26 -30.42 -31.06 -3.01
N ARG C 27 -31.40 -31.14 -3.91
CA ARG C 27 -32.76 -31.47 -3.51
C ARG C 27 -32.80 -32.79 -2.78
N ARG C 28 -32.19 -33.82 -3.36
CA ARG C 28 -32.10 -35.11 -2.69
C ARG C 28 -31.17 -35.06 -1.49
N ALA C 29 -30.19 -34.15 -1.50
CA ALA C 29 -29.29 -34.02 -0.36
C ALA C 29 -30.06 -33.65 0.90
N LEU C 30 -31.03 -32.75 0.76
CA LEU C 30 -31.82 -32.27 1.89
C LEU C 30 -33.19 -32.94 1.84
N GLN C 31 -33.39 -33.91 2.72
CA GLN C 31 -34.75 -34.44 2.89
C GLN C 31 -35.62 -33.51 3.72
N ALA C 32 -35.03 -32.47 4.32
CA ALA C 32 -35.81 -31.55 5.14
C ALA C 32 -36.95 -30.93 4.33
N ASP C 33 -36.81 -30.89 3.01
CA ASP C 33 -37.89 -30.39 2.17
C ASP C 33 -39.18 -31.14 2.43
N VAL C 34 -39.08 -32.42 2.80
CA VAL C 34 -40.23 -33.22 3.22
C VAL C 34 -40.08 -33.49 4.70
N PRO C 35 -41.08 -34.09 5.36
CA PRO C 35 -40.96 -34.36 6.79
C PRO C 35 -39.66 -35.08 7.09
N PRO C 36 -38.94 -34.68 8.13
CA PRO C 36 -37.70 -35.40 8.47
C PRO C 36 -37.94 -36.90 8.58
N GLU C 37 -39.17 -37.30 8.95
CA GLU C 37 -39.53 -38.71 8.93
C GLU C 37 -39.58 -39.28 7.51
N LYS C 38 -39.54 -38.42 6.50
CA LYS C 38 -39.41 -38.93 5.14
C LYS C 38 -38.12 -39.72 4.98
N ARG C 39 -38.20 -40.79 4.18
CA ARG C 39 -37.12 -41.76 4.16
C ARG C 39 -35.81 -41.16 3.68
N GLU C 40 -35.87 -40.12 2.85
CA GLU C 40 -34.63 -39.51 2.36
C GLU C 40 -33.73 -39.16 3.54
N ASN C 41 -32.60 -39.85 3.62
CA ASN C 41 -31.64 -39.63 4.67
C ASN C 41 -30.28 -39.18 4.15
N VAL C 42 -30.07 -39.24 2.84
CA VAL C 42 -28.82 -38.80 2.26
C VAL C 42 -28.58 -37.33 2.60
N GLY C 43 -27.32 -36.96 2.67
CA GLY C 43 -27.01 -35.60 3.07
C GLY C 43 -27.13 -35.44 4.58
N ILE C 44 -28.22 -34.82 5.01
CA ILE C 44 -28.38 -34.42 6.40
C ILE C 44 -28.39 -35.64 7.32
N GLN C 45 -29.40 -36.49 7.16
CA GLN C 45 -29.63 -37.56 8.14
C GLN C 45 -28.50 -38.56 8.19
N ALA C 46 -27.91 -38.87 7.02
CA ALA C 46 -26.78 -39.78 7.00
C ALA C 46 -25.65 -39.25 7.87
N ALA C 47 -25.33 -37.96 7.71
CA ALA C 47 -24.29 -37.34 8.53
C ALA C 47 -24.68 -37.33 10.01
N PHE C 48 -25.93 -37.03 10.34
CA PHE C 48 -26.37 -37.17 11.73
C PHE C 48 -26.02 -38.54 12.27
N ARG C 49 -26.60 -39.58 11.67
CA ARG C 49 -26.42 -40.94 12.18
C ARG C 49 -24.96 -41.35 12.22
N GLU C 50 -24.14 -40.83 11.30
CA GLU C 50 -22.73 -41.19 11.28
C GLU C 50 -21.96 -40.51 12.41
N THR C 51 -22.23 -39.22 12.65
CA THR C 51 -21.44 -38.42 13.56
C THR C 51 -22.22 -37.87 14.75
N PHE C 52 -23.55 -37.84 14.69
CA PHE C 52 -24.33 -37.39 15.84
C PHE C 52 -24.10 -38.25 17.06
N PRO C 53 -24.13 -39.59 16.97
CA PRO C 53 -24.06 -40.42 18.19
C PRO C 53 -22.72 -40.35 18.89
N ILE C 54 -22.49 -39.26 19.62
CA ILE C 54 -21.29 -39.12 20.44
C ILE C 54 -21.52 -39.81 21.78
N GLU C 55 -20.73 -40.83 22.08
CA GLU C 55 -20.83 -41.58 23.32
C GLU C 55 -19.53 -41.49 24.11
N GLU C 56 -19.64 -41.00 25.35
CA GLU C 56 -18.66 -41.30 26.38
C GLU C 56 -19.38 -42.17 27.40
N GLU C 57 -19.13 -43.48 27.36
CA GLU C 57 -19.79 -44.44 28.21
C GLU C 57 -19.03 -44.71 29.50
N ASP C 58 -17.73 -45.02 29.40
CA ASP C 58 -16.91 -45.32 30.57
C ASP C 58 -15.62 -44.50 30.49
N LYS C 59 -15.71 -43.25 30.97
CA LYS C 59 -14.54 -42.39 31.16
C LYS C 59 -14.88 -41.45 32.32
N GLY C 60 -14.50 -41.85 33.53
CA GLY C 60 -14.94 -41.12 34.71
C GLY C 60 -16.38 -41.46 35.00
N LYS C 61 -17.28 -40.51 34.71
CA LYS C 61 -18.70 -40.79 34.63
C LYS C 61 -19.13 -40.64 33.18
N GLY C 62 -19.77 -41.68 32.64
CA GLY C 62 -20.08 -41.71 31.23
C GLY C 62 -21.56 -41.76 30.97
N GLY C 63 -21.97 -42.65 30.06
CA GLY C 63 -23.37 -42.72 29.70
C GLY C 63 -23.86 -41.57 28.86
N LEU C 64 -22.94 -40.76 28.34
CA LEU C 64 -23.32 -39.66 27.46
C LEU C 64 -23.90 -40.20 26.17
N VAL C 65 -25.23 -40.13 26.02
CA VAL C 65 -25.91 -40.63 24.83
C VAL C 65 -26.70 -39.45 24.28
N LEU C 66 -26.10 -38.71 23.35
CA LEU C 66 -26.76 -37.58 22.73
C LEU C 66 -27.28 -38.05 21.38
N ASP C 67 -28.59 -38.23 21.28
CA ASP C 67 -29.21 -38.89 20.15
C ASP C 67 -30.05 -37.90 19.36
N PHE C 68 -29.90 -37.94 18.03
CA PHE C 68 -30.66 -37.08 17.15
C PHE C 68 -32.03 -37.66 16.88
N LEU C 69 -33.03 -36.78 16.80
CA LEU C 69 -34.40 -37.17 16.54
C LEU C 69 -34.94 -36.55 15.26
N GLU C 70 -34.88 -35.22 15.13
CA GLU C 70 -35.52 -34.54 14.01
C GLU C 70 -34.75 -33.27 13.67
N TYR C 71 -34.49 -33.07 12.39
CA TYR C 71 -33.83 -31.88 11.89
C TYR C 71 -34.79 -31.08 11.01
N ARG C 72 -34.54 -29.79 10.89
CA ARG C 72 -35.27 -29.08 9.86
C ARG C 72 -34.75 -27.65 9.74
N LEU C 73 -34.69 -27.17 8.50
CA LEU C 73 -34.47 -25.76 8.19
C LEU C 73 -35.42 -25.39 7.08
N GLY C 74 -36.17 -24.31 7.27
CA GLY C 74 -37.19 -23.97 6.30
C GLY C 74 -37.27 -22.51 5.96
N GLU C 75 -36.28 -21.72 6.35
CA GLU C 75 -36.33 -20.28 6.17
C GLU C 75 -35.09 -19.74 5.46
N PRO C 76 -35.24 -19.12 4.30
CA PRO C 76 -34.22 -18.20 3.81
C PRO C 76 -34.29 -16.90 4.61
N PRO C 77 -33.25 -16.59 5.39
CA PRO C 77 -33.33 -15.43 6.29
C PRO C 77 -33.62 -14.13 5.56
N PHE C 78 -33.08 -13.94 4.37
CA PHE C 78 -33.38 -12.78 3.56
C PHE C 78 -33.67 -13.19 2.13
N PRO C 79 -34.39 -12.37 1.37
CA PRO C 79 -34.70 -12.74 0.00
C PRO C 79 -33.45 -12.73 -0.88
N GLN C 80 -33.46 -13.64 -1.86
CA GLN C 80 -32.36 -13.71 -2.82
C GLN C 80 -32.08 -12.35 -3.44
N ASP C 81 -33.13 -11.60 -3.74
CA ASP C 81 -32.94 -10.25 -4.27
C ASP C 81 -32.19 -9.39 -3.28
N GLU C 82 -32.61 -9.43 -2.02
CA GLU C 82 -31.85 -8.76 -0.97
C GLU C 82 -30.48 -9.40 -0.80
N CYS C 83 -30.42 -10.73 -0.91
CA CYS C 83 -29.15 -11.42 -0.79
C CYS C 83 -28.16 -10.98 -1.85
N ARG C 84 -28.65 -10.34 -2.92
CA ARG C 84 -27.79 -9.65 -3.87
C ARG C 84 -27.57 -8.18 -3.51
N GLU C 85 -28.66 -7.45 -3.29
CA GLU C 85 -28.55 -6.03 -2.93
C GLU C 85 -27.58 -5.85 -1.77
N LYS C 86 -27.90 -6.46 -0.62
CA LYS C 86 -26.86 -6.77 0.34
C LYS C 86 -26.22 -8.09 -0.04
N ASP C 87 -24.91 -8.21 0.19
CA ASP C 87 -24.21 -9.46 -0.14
C ASP C 87 -24.46 -10.49 0.96
N LEU C 88 -25.74 -10.83 1.09
CA LEU C 88 -26.18 -11.86 2.01
C LEU C 88 -26.37 -13.17 1.25
N THR C 89 -26.22 -14.28 1.97
CA THR C 89 -26.27 -15.60 1.37
C THR C 89 -27.63 -16.24 1.66
N TYR C 90 -28.27 -16.73 0.60
CA TYR C 90 -29.57 -17.40 0.71
C TYR C 90 -29.39 -18.72 1.43
N GLN C 91 -29.92 -18.82 2.64
CA GLN C 91 -29.77 -20.02 3.45
C GLN C 91 -31.05 -20.34 4.20
N ALA C 92 -31.02 -21.48 4.88
CA ALA C 92 -32.04 -21.86 5.83
C ALA C 92 -31.37 -22.28 7.14
N PRO C 93 -31.90 -21.86 8.29
CA PRO C 93 -31.36 -22.33 9.58
C PRO C 93 -31.87 -23.73 9.89
N LEU C 94 -30.95 -24.68 10.00
CA LEU C 94 -31.31 -26.07 10.24
C LEU C 94 -31.21 -26.37 11.73
N TYR C 95 -32.31 -26.86 12.30
CA TYR C 95 -32.36 -27.24 13.70
C TYR C 95 -32.32 -28.75 13.81
N ALA C 96 -31.41 -29.25 14.63
CA ALA C 96 -31.28 -30.67 14.89
C ALA C 96 -31.78 -30.97 16.29
N ARG C 97 -32.86 -31.74 16.37
CA ARG C 97 -33.40 -32.13 17.65
C ARG C 97 -32.54 -33.21 18.28
N LEU C 98 -32.20 -33.03 19.54
CA LEU C 98 -31.26 -33.92 20.21
C LEU C 98 -31.67 -34.11 21.67
N GLN C 99 -31.54 -35.33 22.14
CA GLN C 99 -31.86 -35.68 23.52
C GLN C 99 -30.66 -36.36 24.18
N LEU C 100 -30.36 -35.96 25.42
CA LEU C 100 -29.24 -36.49 26.16
C LEU C 100 -29.71 -37.47 27.20
N ILE C 101 -29.09 -38.64 27.21
CA ILE C 101 -29.31 -39.66 28.23
C ILE C 101 -27.97 -39.91 28.91
N HIS C 102 -28.04 -40.39 30.14
CA HIS C 102 -26.86 -40.76 30.88
C HIS C 102 -27.15 -42.06 31.62
N LYS C 103 -26.08 -42.68 32.14
CA LYS C 103 -26.28 -43.90 32.92
C LYS C 103 -27.17 -43.65 34.12
N ASP C 104 -27.30 -42.40 34.56
CA ASP C 104 -28.19 -42.03 35.63
C ASP C 104 -29.61 -41.84 35.11
N THR C 105 -30.58 -42.01 36.00
CA THR C 105 -31.97 -41.73 35.65
C THR C 105 -32.13 -40.25 35.37
N GLY C 106 -32.75 -39.93 34.24
CA GLY C 106 -32.86 -38.55 33.81
C GLY C 106 -32.36 -38.38 32.40
N LEU C 107 -33.18 -37.77 31.53
CA LEU C 107 -32.89 -37.68 30.11
C LEU C 107 -33.03 -36.23 29.67
N ILE C 108 -31.95 -35.46 29.79
CA ILE C 108 -31.93 -34.09 29.31
C ILE C 108 -31.99 -34.10 27.79
N LYS C 109 -32.95 -33.37 27.23
CA LYS C 109 -33.19 -33.38 25.80
C LYS C 109 -33.29 -31.94 25.29
N GLU C 110 -32.17 -31.40 24.82
CA GLU C 110 -32.15 -30.08 24.21
C GLU C 110 -32.54 -30.24 22.75
N ASP C 111 -33.76 -29.84 22.41
CA ASP C 111 -34.31 -30.23 21.12
C ASP C 111 -33.69 -29.48 19.96
N GLU C 112 -33.90 -28.19 19.86
CA GLU C 112 -33.65 -27.47 18.63
C GLU C 112 -32.44 -26.56 18.77
N VAL C 113 -31.52 -26.67 17.82
CA VAL C 113 -30.39 -25.77 17.71
C VAL C 113 -30.25 -25.39 16.24
N PHE C 114 -30.13 -24.10 15.96
CA PHE C 114 -29.97 -23.65 14.57
C PHE C 114 -28.54 -23.95 14.15
N LEU C 115 -28.22 -25.24 14.12
CA LEU C 115 -26.89 -25.71 13.77
C LEU C 115 -26.85 -25.84 12.26
N GLY C 116 -26.16 -24.92 11.61
CA GLY C 116 -26.14 -24.88 10.16
C GLY C 116 -27.11 -23.87 9.61
N HIS C 117 -26.58 -22.78 9.07
CA HIS C 117 -27.36 -21.83 8.29
C HIS C 117 -26.93 -22.13 6.86
N ILE C 118 -27.51 -23.18 6.29
CA ILE C 118 -26.93 -23.74 5.07
C ILE C 118 -27.55 -23.03 3.88
N PRO C 119 -26.76 -22.58 2.92
CA PRO C 119 -27.32 -21.85 1.79
C PRO C 119 -28.35 -22.69 1.07
N LEU C 120 -29.41 -22.04 0.61
CA LEU C 120 -30.50 -22.70 -0.08
C LEU C 120 -30.29 -22.61 -1.58
N MET C 121 -30.52 -23.73 -2.26
CA MET C 121 -30.28 -23.80 -3.69
C MET C 121 -31.26 -22.92 -4.44
N THR C 122 -30.72 -22.05 -5.30
CA THR C 122 -31.57 -21.23 -6.14
C THR C 122 -32.34 -22.11 -7.12
N GLU C 123 -33.47 -21.58 -7.60
CA GLU C 123 -34.25 -22.31 -8.60
C GLU C 123 -33.37 -22.77 -9.75
N ASP C 124 -32.48 -21.90 -10.23
CA ASP C 124 -31.52 -22.31 -11.25
C ASP C 124 -30.61 -23.41 -10.72
N GLY C 125 -30.20 -23.29 -9.46
CA GLY C 125 -29.31 -24.26 -8.85
C GLY C 125 -28.15 -23.59 -8.14
N SER C 126 -27.85 -22.37 -8.55
CA SER C 126 -26.77 -21.63 -7.93
C SER C 126 -27.17 -21.26 -6.50
N PHE C 127 -26.17 -20.85 -5.72
CA PHE C 127 -26.38 -20.47 -4.33
C PHE C 127 -25.82 -19.07 -4.12
N ILE C 128 -26.53 -18.29 -3.31
CA ILE C 128 -26.13 -16.93 -3.00
C ILE C 128 -25.16 -17.01 -1.85
N ILE C 129 -23.88 -16.71 -2.13
CA ILE C 129 -22.85 -16.79 -1.12
C ILE C 129 -22.73 -15.43 -0.44
N ASN C 130 -22.34 -14.41 -1.21
CA ASN C 130 -22.20 -13.05 -0.71
C ASN C 130 -22.67 -12.11 -1.81
N GLY C 131 -23.96 -11.79 -1.79
CA GLY C 131 -24.48 -10.93 -2.85
C GLY C 131 -24.66 -11.62 -4.16
N ALA C 132 -23.67 -12.40 -4.59
CA ALA C 132 -23.69 -13.10 -5.86
C ALA C 132 -23.82 -14.61 -5.64
N ASP C 133 -24.24 -15.31 -6.69
CA ASP C 133 -24.46 -16.75 -6.63
C ASP C 133 -23.46 -17.51 -7.48
N ARG C 134 -23.02 -18.64 -6.96
CA ARG C 134 -22.09 -19.56 -7.61
C ARG C 134 -22.81 -20.85 -7.95
N VAL C 135 -22.10 -21.74 -8.65
CA VAL C 135 -22.66 -23.01 -9.09
C VAL C 135 -21.63 -24.10 -8.91
N ILE C 136 -22.07 -25.24 -8.40
CA ILE C 136 -21.21 -26.38 -8.11
C ILE C 136 -21.05 -27.23 -9.36
N VAL C 137 -19.98 -28.00 -9.42
CA VAL C 137 -19.69 -28.86 -10.55
C VAL C 137 -19.49 -30.29 -10.07
N SER C 138 -19.93 -31.25 -10.89
CA SER C 138 -19.77 -32.66 -10.59
C SER C 138 -18.53 -33.23 -11.30
N GLN C 139 -18.25 -34.51 -11.05
CA GLN C 139 -17.00 -35.12 -11.50
C GLN C 139 -17.20 -36.61 -11.74
N ILE C 140 -16.10 -37.27 -12.09
CA ILE C 140 -16.07 -38.70 -12.38
C ILE C 140 -14.99 -39.33 -11.50
N HIS C 141 -15.09 -40.64 -11.32
CA HIS C 141 -14.08 -41.36 -10.56
C HIS C 141 -14.24 -42.84 -10.81
N ARG C 142 -13.44 -43.63 -10.09
CA ARG C 142 -13.54 -45.09 -10.11
C ARG C 142 -14.74 -45.49 -9.27
N SER C 143 -15.65 -46.27 -9.83
CA SER C 143 -16.78 -46.73 -9.04
C SER C 143 -16.28 -47.56 -7.88
N PRO C 144 -16.71 -47.31 -6.65
CA PRO C 144 -16.21 -48.10 -5.52
C PRO C 144 -16.74 -49.54 -5.56
N GLY C 145 -15.90 -50.48 -5.97
CA GLY C 145 -16.30 -51.87 -6.05
C GLY C 145 -15.12 -52.82 -5.95
N VAL C 146 -15.15 -53.89 -6.74
CA VAL C 146 -14.07 -54.88 -6.77
C VAL C 146 -13.62 -55.05 -8.21
N TYR C 147 -12.31 -54.92 -8.44
CA TYR C 147 -11.78 -54.89 -9.80
C TYR C 147 -10.51 -55.71 -9.90
N PHE C 148 -10.21 -56.13 -11.14
CA PHE C 148 -9.25 -57.18 -11.41
C PHE C 148 -8.35 -56.78 -12.56
N THR C 149 -7.03 -56.91 -12.37
CA THR C 149 -6.07 -56.56 -13.42
C THR C 149 -4.89 -57.51 -13.34
N PRO C 150 -4.40 -57.99 -14.48
CA PRO C 150 -3.23 -58.87 -14.44
C PRO C 150 -2.06 -58.17 -13.77
N ASP C 151 -1.27 -58.94 -13.05
CA ASP C 151 -0.17 -58.35 -12.30
C ASP C 151 0.73 -57.57 -13.27
N PRO C 152 1.02 -56.31 -12.98
CA PRO C 152 1.78 -55.47 -13.93
C PRO C 152 3.09 -56.12 -14.33
N ALA C 153 3.84 -56.61 -13.34
CA ALA C 153 5.07 -57.34 -13.63
C ALA C 153 4.77 -58.78 -14.02
N ARG C 154 4.05 -59.49 -13.14
CA ARG C 154 3.66 -60.87 -13.41
C ARG C 154 2.51 -60.90 -14.41
N PRO C 155 2.77 -61.17 -15.69
CA PRO C 155 1.67 -61.18 -16.66
C PRO C 155 0.84 -62.45 -16.61
N GLY C 156 1.47 -63.58 -16.34
CA GLY C 156 0.75 -64.84 -16.25
C GLY C 156 -0.32 -64.79 -15.20
N ARG C 157 -0.02 -64.15 -14.06
CA ARG C 157 -0.96 -64.07 -12.96
C ARG C 157 -1.43 -62.65 -12.77
N TYR C 158 -2.70 -62.52 -12.44
CA TYR C 158 -3.36 -61.24 -12.21
C TYR C 158 -3.50 -60.98 -10.71
N ILE C 159 -4.24 -59.93 -10.39
CA ILE C 159 -4.48 -59.51 -9.02
C ILE C 159 -5.90 -58.95 -8.93
N ALA C 160 -6.47 -59.03 -7.73
CA ALA C 160 -7.77 -58.48 -7.43
C ALA C 160 -7.64 -57.37 -6.39
N SER C 161 -8.63 -56.47 -6.37
CA SER C 161 -8.52 -55.32 -5.48
C SER C 161 -9.91 -54.83 -5.09
N ILE C 162 -9.98 -54.28 -3.88
CA ILE C 162 -11.19 -53.68 -3.32
C ILE C 162 -10.86 -52.25 -2.92
N ILE C 163 -11.68 -51.31 -3.38
CA ILE C 163 -11.44 -49.88 -3.24
C ILE C 163 -12.45 -49.25 -2.29
N PRO C 164 -12.14 -49.13 -1.00
CA PRO C 164 -13.03 -48.39 -0.10
C PRO C 164 -12.66 -46.91 -0.02
N LEU C 165 -13.66 -46.04 -0.04
CA LEU C 165 -13.46 -44.61 0.10
C LEU C 165 -14.28 -44.10 1.28
N PRO C 166 -13.87 -42.98 1.91
CA PRO C 166 -12.77 -42.07 1.58
C PRO C 166 -11.40 -42.74 1.50
N LYS C 167 -10.39 -41.97 1.09
CA LYS C 167 -9.06 -42.55 0.92
C LYS C 167 -8.53 -43.11 2.22
N ARG C 168 -8.68 -42.39 3.33
CA ARG C 168 -8.22 -42.90 4.61
C ARG C 168 -8.99 -44.19 4.92
N GLY C 169 -8.27 -45.31 4.93
CA GLY C 169 -8.88 -46.62 5.00
C GLY C 169 -8.13 -47.58 4.11
N PRO C 170 -7.91 -48.80 4.60
CA PRO C 170 -7.08 -49.76 3.85
C PRO C 170 -7.64 -50.02 2.47
N TRP C 171 -6.71 -50.25 1.54
CA TRP C 171 -7.02 -50.54 0.13
C TRP C 171 -6.76 -52.01 -0.09
N ILE C 172 -7.83 -52.79 -0.20
CA ILE C 172 -7.67 -54.24 -0.21
C ILE C 172 -6.98 -54.68 -1.49
N ASP C 173 -5.90 -55.44 -1.35
CA ASP C 173 -5.16 -55.96 -2.49
C ASP C 173 -4.92 -57.44 -2.29
N LEU C 174 -5.27 -58.26 -3.29
CA LEU C 174 -5.14 -59.70 -3.20
C LEU C 174 -4.36 -60.22 -4.40
N GLU C 175 -3.32 -61.00 -4.13
CA GLU C 175 -2.53 -61.68 -5.14
C GLU C 175 -2.02 -62.99 -4.56
N VAL C 176 -1.64 -63.90 -5.44
CA VAL C 176 -1.12 -65.21 -5.03
C VAL C 176 0.28 -65.35 -5.59
N GLU C 177 1.25 -65.54 -4.71
CA GLU C 177 2.63 -65.82 -5.08
C GLU C 177 2.80 -67.32 -4.88
N PRO C 178 2.58 -68.13 -5.92
CA PRO C 178 2.37 -69.57 -5.74
C PRO C 178 3.48 -70.27 -4.96
N ASN C 179 4.61 -69.60 -4.73
CA ASN C 179 5.66 -70.20 -3.95
C ASN C 179 5.26 -70.49 -2.51
N GLY C 180 4.03 -70.15 -2.13
CA GLY C 180 3.58 -70.39 -0.77
C GLY C 180 3.07 -69.12 -0.12
N VAL C 181 2.82 -68.09 -0.93
CA VAL C 181 2.41 -66.79 -0.44
C VAL C 181 1.00 -66.50 -0.90
N VAL C 182 0.14 -66.10 0.03
CA VAL C 182 -1.18 -65.58 -0.28
C VAL C 182 -1.20 -64.14 0.23
N SER C 183 -0.88 -63.20 -0.67
CA SER C 183 -0.51 -61.84 -0.30
C SER C 183 -1.72 -60.93 -0.40
N MET C 184 -2.22 -60.49 0.75
CA MET C 184 -3.25 -59.44 0.80
C MET C 184 -2.68 -58.27 1.58
N LYS C 185 -2.71 -57.10 0.97
CA LYS C 185 -2.29 -55.87 1.62
C LYS C 185 -3.49 -54.95 1.87
N VAL C 186 -3.60 -54.47 3.10
CA VAL C 186 -4.69 -53.57 3.46
C VAL C 186 -4.34 -52.14 3.08
N ASN C 187 -3.25 -51.62 3.64
CA ASN C 187 -2.67 -50.37 3.18
C ASN C 187 -1.27 -50.58 2.61
N LYS C 188 -0.36 -51.15 3.40
CA LYS C 188 1.02 -51.37 2.99
C LYS C 188 1.45 -52.82 3.13
N ARG C 189 1.14 -53.47 4.24
CA ARG C 189 1.78 -54.73 4.59
C ARG C 189 0.96 -55.93 4.12
N LYS C 190 1.64 -56.88 3.50
CA LYS C 190 1.05 -58.15 3.12
C LYS C 190 0.51 -58.86 4.35
N PHE C 191 -0.43 -59.79 4.11
CA PHE C 191 -0.86 -60.67 5.17
C PHE C 191 -1.45 -61.92 4.55
N PRO C 192 -1.05 -63.11 5.00
CA PRO C 192 -1.65 -64.35 4.49
C PRO C 192 -3.14 -64.33 4.76
N LEU C 193 -3.92 -64.34 3.67
CA LEU C 193 -5.35 -64.11 3.78
C LEU C 193 -6.03 -65.17 4.63
N VAL C 194 -5.54 -66.41 4.56
CA VAL C 194 -6.22 -67.53 5.21
C VAL C 194 -6.30 -67.33 6.71
N LEU C 195 -5.28 -66.69 7.30
CA LEU C 195 -5.33 -66.40 8.73
C LEU C 195 -6.53 -65.52 9.05
N LEU C 196 -6.76 -64.50 8.22
CA LEU C 196 -7.93 -63.65 8.43
C LEU C 196 -9.22 -64.43 8.24
N LEU C 197 -9.25 -65.31 7.24
CA LEU C 197 -10.45 -66.12 7.03
C LEU C 197 -10.77 -66.92 8.27
N ARG C 198 -9.76 -67.55 8.86
CA ARG C 198 -9.96 -68.26 10.12
C ARG C 198 -10.40 -67.33 11.23
N VAL C 199 -9.83 -66.13 11.29
CA VAL C 199 -10.28 -65.13 12.25
C VAL C 199 -11.77 -64.89 12.08
N LEU C 200 -12.24 -64.95 10.84
CA LEU C 200 -13.60 -64.62 10.48
C LEU C 200 -14.59 -65.70 10.90
N GLY C 201 -14.13 -66.94 11.00
CA GLY C 201 -15.01 -68.05 11.34
C GLY C 201 -14.88 -69.19 10.36
N TYR C 202 -13.94 -69.07 9.43
CA TYR C 202 -13.77 -70.05 8.36
C TYR C 202 -12.71 -71.08 8.75
N ASP C 203 -13.07 -72.36 8.69
CA ASP C 203 -12.15 -73.44 8.97
C ASP C 203 -11.44 -73.89 7.69
N GLN C 204 -10.19 -74.33 7.85
CA GLN C 204 -9.41 -74.78 6.70
C GLN C 204 -10.11 -75.90 5.96
N GLU C 205 -10.71 -76.84 6.69
CA GLU C 205 -11.32 -78.00 6.05
C GLU C 205 -12.41 -77.55 5.08
N THR C 206 -13.32 -76.70 5.54
CA THR C 206 -14.35 -76.18 4.66
C THR C 206 -13.78 -75.22 3.61
N LEU C 207 -12.79 -74.42 4.01
CA LEU C 207 -12.18 -73.50 3.06
C LEU C 207 -11.66 -74.26 1.84
N ALA C 208 -11.00 -75.40 2.07
CA ALA C 208 -10.53 -76.22 0.98
C ALA C 208 -11.68 -76.93 0.28
N ARG C 209 -12.63 -77.47 1.05
CA ARG C 209 -13.72 -78.22 0.45
C ARG C 209 -14.44 -77.40 -0.61
N GLU C 210 -14.86 -76.19 -0.25
CA GLU C 210 -15.62 -75.34 -1.14
C GLU C 210 -14.78 -74.36 -1.96
N LEU C 211 -13.50 -74.20 -1.63
CA LEU C 211 -12.60 -73.37 -2.40
C LEU C 211 -11.66 -74.18 -3.28
N GLY C 212 -10.97 -75.16 -2.68
CA GLY C 212 -10.11 -76.04 -3.44
C GLY C 212 -10.93 -77.06 -4.18
N ALA C 213 -12.25 -76.92 -4.09
CA ALA C 213 -13.15 -77.81 -4.81
C ALA C 213 -12.84 -77.79 -6.31
N TYR C 214 -12.64 -76.62 -6.88
CA TYR C 214 -12.30 -76.51 -8.29
C TYR C 214 -10.85 -76.10 -8.51
N GLY C 215 -10.32 -75.24 -7.63
CA GLY C 215 -9.02 -74.63 -7.83
C GLY C 215 -7.89 -75.40 -7.18
N GLU C 216 -6.67 -74.96 -7.50
CA GLU C 216 -5.45 -75.62 -7.07
C GLU C 216 -4.74 -74.88 -5.94
N LEU C 217 -4.78 -73.55 -5.93
CA LEU C 217 -4.03 -72.77 -4.96
C LEU C 217 -4.70 -72.76 -3.59
N VAL C 218 -5.79 -73.53 -3.44
CA VAL C 218 -6.46 -73.59 -2.14
C VAL C 218 -5.49 -74.10 -1.08
N GLN C 219 -4.59 -75.01 -1.46
CA GLN C 219 -3.60 -75.53 -0.53
C GLN C 219 -2.65 -74.46 -0.02
N GLY C 220 -2.58 -73.31 -0.68
CA GLY C 220 -1.77 -72.22 -0.18
C GLY C 220 -2.31 -71.58 1.08
N LEU C 221 -3.53 -71.94 1.49
CA LEU C 221 -4.12 -71.46 2.73
C LEU C 221 -4.23 -72.54 3.80
N MET C 222 -4.41 -73.81 3.41
CA MET C 222 -4.30 -74.90 4.36
C MET C 222 -2.91 -75.01 4.95
N ASP C 223 -1.91 -74.46 4.29
CA ASP C 223 -0.53 -74.59 4.75
C ASP C 223 -0.35 -74.01 6.15
N GLU C 224 -0.94 -72.84 6.40
CA GLU C 224 -0.79 -72.19 7.70
C GLU C 224 -1.80 -72.74 8.71
N SER C 225 -1.83 -74.07 8.81
CA SER C 225 -2.70 -74.71 9.77
C SER C 225 -2.31 -74.40 11.20
N VAL C 226 -1.11 -73.86 11.42
CA VAL C 226 -0.68 -73.49 12.77
C VAL C 226 -1.61 -72.42 13.34
N PHE C 227 -1.91 -71.39 12.54
CA PHE C 227 -2.89 -70.39 12.93
C PHE C 227 -4.28 -70.75 12.48
N ALA C 228 -4.43 -71.89 11.79
CA ALA C 228 -5.71 -72.38 11.31
C ALA C 228 -6.48 -73.15 12.37
N MET C 229 -5.87 -73.40 13.52
CA MET C 229 -6.53 -74.10 14.61
C MET C 229 -6.92 -73.18 15.75
N ARG C 230 -6.61 -71.88 15.66
CA ARG C 230 -6.99 -70.92 16.68
C ARG C 230 -7.78 -69.78 16.03
N PRO C 231 -9.08 -69.94 15.83
CA PRO C 231 -9.85 -68.92 15.09
C PRO C 231 -9.80 -67.54 15.74
N GLU C 232 -10.27 -67.44 16.99
CA GLU C 232 -10.28 -66.14 17.66
C GLU C 232 -8.88 -65.73 18.09
N GLU C 233 -8.05 -66.69 18.50
CA GLU C 233 -6.64 -66.41 18.68
C GLU C 233 -6.01 -65.84 17.42
N ALA C 234 -6.51 -66.26 16.25
CA ALA C 234 -5.99 -65.71 15.00
C ALA C 234 -6.19 -64.20 14.92
N LEU C 235 -7.24 -63.67 15.56
CA LEU C 235 -7.46 -62.23 15.55
C LEU C 235 -6.38 -61.51 16.35
N ILE C 236 -6.07 -62.03 17.54
CA ILE C 236 -5.01 -61.45 18.34
C ILE C 236 -3.67 -61.59 17.61
N ARG C 237 -3.49 -62.69 16.88
CA ARG C 237 -2.29 -62.83 16.06
C ARG C 237 -2.29 -61.83 14.93
N LEU C 238 -3.46 -61.49 14.40
CA LEU C 238 -3.60 -60.43 13.42
C LEU C 238 -3.09 -59.11 13.98
N PHE C 239 -3.61 -58.72 15.14
CA PHE C 239 -3.15 -57.49 15.77
C PHE C 239 -1.67 -57.57 16.15
N THR C 240 -1.16 -58.78 16.37
CA THR C 240 0.28 -58.96 16.50
C THR C 240 0.98 -58.64 15.18
N LEU C 241 0.38 -59.05 14.07
CA LEU C 241 0.88 -58.64 12.77
C LEU C 241 0.94 -57.13 12.67
N LEU C 242 -0.08 -56.45 13.17
CA LEU C 242 0.06 -55.04 13.48
C LEU C 242 1.14 -54.87 14.53
N ARG C 243 2.06 -53.94 14.29
CA ARG C 243 3.17 -53.68 15.20
C ARG C 243 3.16 -52.20 15.57
N PRO C 244 2.10 -51.73 16.22
CA PRO C 244 2.05 -50.35 16.69
C PRO C 244 2.58 -50.13 18.09
N GLY C 245 3.25 -51.12 18.67
CA GLY C 245 3.60 -51.06 20.08
C GLY C 245 2.42 -51.25 20.99
N ASP C 246 1.36 -51.88 20.50
CA ASP C 246 0.10 -52.03 21.20
C ASP C 246 -0.15 -53.47 21.58
N PRO C 247 -0.94 -53.70 22.62
CA PRO C 247 -1.19 -55.07 23.09
C PRO C 247 -2.09 -55.83 22.14
N PRO C 248 -1.72 -57.05 21.77
CA PRO C 248 -2.58 -57.85 20.88
C PRO C 248 -3.93 -58.20 21.47
N LYS C 249 -4.11 -58.12 22.79
CA LYS C 249 -5.39 -58.46 23.40
C LYS C 249 -6.42 -57.37 23.12
N ARG C 250 -7.11 -57.49 21.99
CA ARG C 250 -8.18 -56.57 21.63
C ARG C 250 -9.15 -57.34 20.76
N ASP C 251 -10.32 -57.68 21.31
CA ASP C 251 -11.21 -58.62 20.66
C ASP C 251 -11.58 -58.17 19.25
N LYS C 252 -12.07 -56.94 19.11
CA LYS C 252 -12.38 -56.36 17.81
C LYS C 252 -11.95 -54.90 17.76
N ALA C 253 -10.84 -54.57 18.44
CA ALA C 253 -10.41 -53.18 18.49
C ALA C 253 -10.20 -52.61 17.10
N VAL C 254 -9.27 -53.20 16.34
CA VAL C 254 -9.08 -52.78 14.96
C VAL C 254 -10.10 -53.43 14.02
N ALA C 255 -10.80 -54.46 14.49
CA ALA C 255 -11.80 -55.12 13.65
C ALA C 255 -12.93 -54.16 13.30
N TYR C 256 -13.37 -53.35 14.27
CA TYR C 256 -14.39 -52.34 13.97
C TYR C 256 -13.85 -51.33 12.97
N VAL C 257 -12.60 -50.90 13.15
CA VAL C 257 -11.96 -50.01 12.18
C VAL C 257 -12.01 -50.61 10.79
N TYR C 258 -12.06 -51.93 10.70
CA TYR C 258 -12.14 -52.66 9.43
C TYR C 258 -13.54 -53.21 9.24
N GLY C 259 -14.54 -52.52 9.78
CA GLY C 259 -15.93 -52.95 9.74
C GLY C 259 -16.75 -52.25 8.68
N LEU C 260 -17.51 -51.23 9.06
CA LEU C 260 -18.45 -50.60 8.13
C LEU C 260 -18.36 -49.09 8.06
N ILE C 261 -18.11 -48.39 9.16
CA ILE C 261 -18.29 -46.94 9.14
C ILE C 261 -17.07 -46.24 8.55
N ALA C 262 -15.91 -46.41 9.17
CA ALA C 262 -14.79 -45.51 8.88
C ALA C 262 -14.02 -45.90 7.63
N ASP C 263 -13.33 -47.04 7.66
CA ASP C 263 -12.45 -47.37 6.55
C ASP C 263 -13.23 -48.01 5.41
N PRO C 264 -14.02 -49.04 5.67
CA PRO C 264 -14.86 -49.60 4.61
C PRO C 264 -15.82 -48.54 4.10
N ARG C 265 -16.00 -48.52 2.79
CA ARG C 265 -16.80 -47.51 2.13
C ARG C 265 -18.26 -47.67 2.51
N ARG C 266 -18.96 -46.54 2.66
CA ARG C 266 -20.39 -46.58 2.90
C ARG C 266 -21.20 -46.49 1.62
N TYR C 267 -20.61 -46.88 0.48
CA TYR C 267 -21.32 -46.87 -0.78
C TYR C 267 -22.67 -47.57 -0.63
N ASP C 268 -23.67 -47.05 -1.33
CA ASP C 268 -25.02 -47.59 -1.26
C ASP C 268 -25.01 -49.12 -1.31
N LEU C 269 -25.67 -49.72 -0.32
CA LEU C 269 -25.81 -51.17 -0.28
C LEU C 269 -26.74 -51.64 -1.39
N GLY C 270 -26.20 -52.40 -2.34
CA GLY C 270 -27.02 -52.98 -3.38
C GLY C 270 -26.48 -52.76 -4.77
N GLU C 271 -25.99 -51.57 -5.05
CA GLU C 271 -25.32 -51.33 -6.31
C GLU C 271 -23.96 -50.68 -6.14
N ALA C 272 -23.83 -49.76 -5.16
CA ALA C 272 -22.59 -49.02 -5.03
C ALA C 272 -21.41 -49.94 -4.75
N GLY C 273 -21.62 -50.97 -3.94
CA GLY C 273 -20.64 -52.03 -3.82
C GLY C 273 -21.21 -53.37 -4.23
N ARG C 274 -22.51 -53.57 -3.96
CA ARG C 274 -23.16 -54.84 -4.27
C ARG C 274 -23.20 -55.13 -5.75
N TYR C 275 -23.62 -54.14 -6.56
CA TYR C 275 -23.63 -54.33 -8.00
C TYR C 275 -22.25 -54.77 -8.47
N LYS C 276 -21.21 -54.07 -8.02
CA LYS C 276 -19.85 -54.53 -8.25
C LYS C 276 -19.62 -55.88 -7.58
N ALA C 277 -20.29 -56.14 -6.47
CA ALA C 277 -20.19 -57.43 -5.80
C ALA C 277 -21.16 -58.43 -6.42
N GLU C 278 -22.45 -58.12 -6.40
CA GLU C 278 -23.45 -59.02 -6.98
C GLU C 278 -23.06 -59.43 -8.38
N GLU C 279 -22.64 -58.47 -9.21
CA GLU C 279 -22.38 -58.77 -10.61
C GLU C 279 -21.04 -59.45 -10.80
N LYS C 280 -19.94 -58.76 -10.47
CA LYS C 280 -18.62 -59.24 -10.84
C LYS C 280 -18.23 -60.46 -10.03
N LEU C 281 -18.13 -60.30 -8.71
CA LEU C 281 -17.72 -61.38 -7.82
C LEU C 281 -18.50 -61.25 -6.53
N GLY C 282 -19.04 -62.37 -6.07
CA GLY C 282 -19.96 -62.37 -4.95
C GLY C 282 -21.41 -62.26 -5.41
N ILE C 283 -22.31 -62.62 -4.51
CA ILE C 283 -23.73 -62.70 -4.80
C ILE C 283 -24.53 -61.70 -3.98
N ARG C 284 -24.41 -61.75 -2.66
CA ARG C 284 -25.18 -60.91 -1.76
C ARG C 284 -24.26 -59.99 -0.97
N LEU C 285 -24.77 -58.81 -0.65
CA LEU C 285 -24.04 -57.79 0.10
C LEU C 285 -24.79 -57.50 1.40
N SER C 286 -24.45 -58.23 2.46
CA SER C 286 -25.03 -58.02 3.78
C SER C 286 -24.24 -56.92 4.47
N GLY C 287 -24.77 -55.70 4.38
CA GLY C 287 -24.04 -54.53 4.82
C GLY C 287 -23.14 -54.03 3.70
N ARG C 288 -23.13 -52.71 3.47
CA ARG C 288 -22.46 -52.16 2.28
C ARG C 288 -21.04 -52.70 2.17
N THR C 289 -20.28 -52.63 3.25
CA THR C 289 -18.95 -53.20 3.28
C THR C 289 -18.91 -54.36 4.27
N LEU C 290 -17.74 -54.95 4.40
CA LEU C 290 -17.49 -56.13 5.23
C LEU C 290 -17.56 -55.73 6.70
N ALA C 291 -18.59 -56.18 7.39
CA ALA C 291 -18.75 -55.84 8.80
C ALA C 291 -19.50 -56.94 9.52
N ARG C 292 -18.95 -57.35 10.66
CA ARG C 292 -19.66 -58.23 11.58
C ARG C 292 -19.02 -58.07 12.96
N PHE C 293 -19.79 -57.50 13.88
CA PHE C 293 -19.31 -57.17 15.22
C PHE C 293 -20.37 -57.42 16.27
N GLU C 294 -21.49 -58.04 15.88
CA GLU C 294 -22.58 -58.32 16.81
C GLU C 294 -22.21 -59.45 17.76
N ASP C 295 -21.41 -60.41 17.28
CA ASP C 295 -21.07 -61.59 18.05
C ASP C 295 -19.56 -61.76 18.22
N GLY C 296 -18.77 -60.70 17.99
CA GLY C 296 -17.34 -60.80 17.98
C GLY C 296 -16.80 -61.40 16.70
N GLU C 297 -17.45 -62.44 16.19
CA GLU C 297 -17.09 -63.02 14.90
C GLU C 297 -17.43 -62.06 13.78
N PHE C 298 -16.98 -62.41 12.58
CA PHE C 298 -17.16 -61.58 11.41
C PHE C 298 -17.87 -62.34 10.30
N LYS C 299 -18.56 -61.59 9.45
CA LYS C 299 -19.12 -62.09 8.21
C LYS C 299 -18.63 -61.20 7.08
N ASP C 300 -18.14 -61.83 6.01
CA ASP C 300 -17.66 -61.08 4.86
C ASP C 300 -18.03 -61.90 3.62
N GLU C 301 -19.16 -61.55 3.02
CA GLU C 301 -19.66 -62.22 1.84
C GLU C 301 -18.92 -61.79 0.58
N VAL C 302 -17.77 -61.16 0.74
CA VAL C 302 -16.98 -60.63 -0.37
C VAL C 302 -15.65 -61.37 -0.51
N PHE C 303 -14.90 -61.49 0.58
CA PHE C 303 -13.56 -62.07 0.47
C PHE C 303 -13.62 -63.54 0.06
N LEU C 304 -14.60 -64.28 0.57
CA LEU C 304 -14.77 -65.63 0.03
C LEU C 304 -15.14 -65.58 -1.45
N PRO C 305 -16.07 -64.74 -1.91
CA PRO C 305 -16.25 -64.57 -3.35
C PRO C 305 -15.03 -64.02 -4.06
N THR C 306 -14.26 -63.13 -3.42
CA THR C 306 -13.08 -62.59 -4.08
C THR C 306 -12.05 -63.68 -4.34
N LEU C 307 -11.86 -64.56 -3.36
CA LEU C 307 -10.90 -65.65 -3.52
C LEU C 307 -11.43 -66.72 -4.46
N ARG C 308 -12.73 -67.01 -4.41
CA ARG C 308 -13.32 -67.89 -5.40
C ARG C 308 -13.10 -67.32 -6.79
N TYR C 309 -13.21 -66.00 -6.91
CA TYR C 309 -12.88 -65.29 -8.13
C TYR C 309 -11.44 -65.49 -8.56
N LEU C 310 -10.50 -65.28 -7.64
CA LEU C 310 -9.10 -65.46 -7.98
C LEU C 310 -8.85 -66.88 -8.48
N PHE C 311 -9.43 -67.85 -7.79
CA PHE C 311 -9.31 -69.24 -8.21
C PHE C 311 -9.88 -69.42 -9.61
N ALA C 312 -11.09 -68.90 -9.85
CA ALA C 312 -11.75 -69.09 -11.14
C ALA C 312 -10.93 -68.49 -12.26
N LEU C 313 -10.54 -67.22 -12.12
CA LEU C 313 -9.85 -66.54 -13.20
C LEU C 313 -8.42 -67.04 -13.37
N THR C 314 -7.79 -67.52 -12.29
CA THR C 314 -6.46 -68.08 -12.39
C THR C 314 -6.46 -69.48 -13.00
N ALA C 315 -7.53 -70.25 -12.81
CA ALA C 315 -7.57 -71.65 -13.20
C ALA C 315 -8.59 -71.97 -14.27
N GLY C 316 -9.78 -71.39 -14.20
CA GLY C 316 -10.84 -71.74 -15.12
C GLY C 316 -11.52 -70.52 -15.69
N VAL C 317 -12.72 -70.74 -16.25
CA VAL C 317 -13.47 -69.66 -16.86
C VAL C 317 -14.93 -69.73 -16.43
N PRO C 318 -15.23 -69.54 -15.14
CA PRO C 318 -16.64 -69.46 -14.74
C PRO C 318 -17.35 -68.28 -15.38
N GLY C 319 -16.61 -67.32 -15.91
CA GLY C 319 -17.19 -66.20 -16.64
C GLY C 319 -16.14 -65.54 -17.50
N HIS C 320 -16.47 -64.34 -17.96
CA HIS C 320 -15.50 -63.48 -18.64
C HIS C 320 -14.87 -62.54 -17.61
N GLU C 321 -14.37 -63.14 -16.54
CA GLU C 321 -14.04 -62.39 -15.33
C GLU C 321 -12.79 -61.53 -15.48
N VAL C 322 -12.93 -60.39 -16.15
CA VAL C 322 -11.87 -59.38 -16.28
C VAL C 322 -12.55 -58.03 -16.34
N ASP C 323 -12.24 -57.15 -15.38
CA ASP C 323 -12.86 -55.84 -15.30
C ASP C 323 -12.03 -54.80 -16.05
N ASP C 324 -12.67 -54.04 -16.92
CA ASP C 324 -11.99 -52.96 -17.64
C ASP C 324 -11.88 -51.72 -16.76
N ILE C 325 -10.72 -51.07 -16.80
CA ILE C 325 -10.53 -49.83 -16.03
C ILE C 325 -11.27 -48.69 -16.69
N ASP C 326 -11.06 -48.48 -17.98
CA ASP C 326 -11.56 -47.30 -18.67
C ASP C 326 -12.99 -47.43 -19.17
N HIS C 327 -13.58 -48.62 -19.12
CA HIS C 327 -14.96 -48.75 -19.54
C HIS C 327 -15.86 -47.92 -18.63
N LEU C 328 -16.80 -47.21 -19.23
CA LEU C 328 -17.61 -46.27 -18.47
C LEU C 328 -18.50 -46.97 -17.45
N GLY C 329 -18.87 -48.22 -17.71
CA GLY C 329 -19.80 -48.93 -16.84
C GLY C 329 -19.32 -49.04 -15.40
N ASN C 330 -18.01 -49.16 -15.19
CA ASN C 330 -17.46 -49.25 -13.85
C ASN C 330 -16.91 -47.91 -13.37
N ARG C 331 -17.15 -46.84 -14.11
CA ARG C 331 -16.62 -45.52 -13.78
C ARG C 331 -17.79 -44.62 -13.44
N ARG C 332 -17.80 -44.10 -12.22
CA ARG C 332 -18.98 -43.50 -11.61
C ARG C 332 -18.87 -41.99 -11.58
N ILE C 333 -20.00 -41.33 -11.28
CA ILE C 333 -20.12 -39.88 -11.31
C ILE C 333 -20.53 -39.39 -9.92
N ARG C 334 -20.21 -38.13 -9.63
CA ARG C 334 -20.41 -37.56 -8.30
C ARG C 334 -21.34 -36.34 -8.39
N THR C 335 -22.25 -36.22 -7.42
CA THR C 335 -23.18 -35.11 -7.40
C THR C 335 -22.77 -34.05 -6.37
N VAL C 336 -23.43 -32.89 -6.46
CA VAL C 336 -23.16 -31.78 -5.54
C VAL C 336 -23.60 -32.13 -4.12
N GLY C 337 -24.80 -32.70 -3.99
CA GLY C 337 -25.35 -33.03 -2.69
C GLY C 337 -24.41 -33.87 -1.87
N GLU C 338 -23.63 -34.71 -2.55
CA GLU C 338 -22.63 -35.51 -1.87
C GLU C 338 -21.58 -34.65 -1.19
N LEU C 339 -21.12 -33.61 -1.89
CA LEU C 339 -20.20 -32.67 -1.25
C LEU C 339 -20.87 -31.95 -0.09
N MET C 340 -22.11 -31.51 -0.27
CA MET C 340 -22.82 -30.91 0.85
C MET C 340 -22.74 -31.83 2.06
N THR C 341 -23.10 -33.10 1.86
CA THR C 341 -23.23 -34.03 2.97
C THR C 341 -21.88 -34.46 3.55
N ASP C 342 -20.82 -34.49 2.75
CA ASP C 342 -19.55 -34.95 3.31
C ASP C 342 -18.85 -33.83 4.08
N GLN C 343 -18.88 -32.60 3.56
CA GLN C 343 -18.44 -31.50 4.42
C GLN C 343 -19.34 -31.39 5.64
N PHE C 344 -20.63 -31.68 5.48
CA PHE C 344 -21.56 -31.71 6.59
C PHE C 344 -21.09 -32.71 7.66
N ARG C 345 -20.76 -33.92 7.23
CA ARG C 345 -20.29 -34.95 8.13
C ARG C 345 -18.98 -34.57 8.79
N VAL C 346 -18.09 -33.91 8.05
CA VAL C 346 -16.83 -33.45 8.65
C VAL C 346 -17.11 -32.47 9.78
N GLY C 347 -18.03 -31.53 9.53
CA GLY C 347 -18.42 -30.60 10.57
C GLY C 347 -19.03 -31.29 11.77
N LEU C 348 -19.90 -32.28 11.53
CA LEU C 348 -20.49 -33.03 12.64
C LEU C 348 -19.44 -33.81 13.42
N ALA C 349 -18.45 -34.38 12.73
CA ALA C 349 -17.40 -35.11 13.43
C ALA C 349 -16.58 -34.16 14.30
N ARG C 350 -16.20 -33.01 13.77
CA ARG C 350 -15.49 -32.04 14.59
C ARG C 350 -16.34 -31.59 15.77
N LEU C 351 -17.64 -31.37 15.55
CA LEU C 351 -18.54 -31.00 16.63
C LEU C 351 -18.63 -32.10 17.67
N ALA C 352 -18.62 -33.36 17.22
CA ALA C 352 -18.59 -34.47 18.15
C ALA C 352 -17.34 -34.43 19.00
N ARG C 353 -16.21 -34.07 18.40
CA ARG C 353 -14.98 -33.92 19.19
C ARG C 353 -15.19 -32.92 20.33
N GLY C 354 -15.67 -31.73 20.01
CA GLY C 354 -15.81 -30.70 21.02
C GLY C 354 -16.84 -31.04 22.07
N VAL C 355 -17.99 -31.56 21.64
CA VAL C 355 -19.04 -31.97 22.59
C VAL C 355 -18.55 -33.11 23.46
N ARG C 356 -17.73 -34.00 22.91
CA ARG C 356 -17.16 -35.09 23.69
C ARG C 356 -16.27 -34.54 24.78
N GLU C 357 -15.35 -33.64 24.43
CA GLU C 357 -14.51 -33.04 25.45
C GLU C 357 -15.35 -32.32 26.49
N ARG C 358 -16.36 -31.57 26.04
CA ARG C 358 -17.14 -30.76 26.97
C ARG C 358 -17.98 -31.60 27.92
N MET C 359 -18.53 -32.72 27.46
CA MET C 359 -19.37 -33.51 28.37
C MET C 359 -18.55 -33.99 29.56
N LEU C 360 -17.35 -34.55 29.29
CA LEU C 360 -16.48 -34.96 30.37
C LEU C 360 -16.05 -33.77 31.21
N MET C 361 -15.72 -32.65 30.57
CA MET C 361 -15.52 -31.42 31.34
C MET C 361 -16.82 -30.97 31.99
N GLY C 362 -17.94 -31.17 31.30
CA GLY C 362 -19.23 -30.86 31.89
C GLY C 362 -19.49 -31.65 33.15
N SER C 363 -19.44 -30.98 34.29
CA SER C 363 -19.63 -31.66 35.57
C SER C 363 -21.02 -32.27 35.65
N GLU C 364 -22.06 -31.43 35.61
CA GLU C 364 -23.42 -31.89 35.72
C GLU C 364 -23.98 -32.25 34.35
N ASP C 365 -25.10 -32.96 34.35
CA ASP C 365 -25.77 -33.30 33.10
C ASP C 365 -26.48 -32.10 32.48
N SER C 366 -26.59 -30.99 33.20
CA SER C 366 -27.21 -29.79 32.65
C SER C 366 -26.26 -29.11 31.67
N LEU C 367 -25.89 -29.85 30.62
CA LEU C 367 -24.92 -29.37 29.66
C LEU C 367 -25.31 -29.65 28.21
N THR C 368 -26.47 -30.27 27.97
CA THR C 368 -26.86 -30.61 26.60
C THR C 368 -26.96 -29.41 25.68
N PRO C 369 -27.68 -28.35 26.05
CA PRO C 369 -27.97 -27.29 25.07
C PRO C 369 -26.74 -26.59 24.53
N ALA C 370 -25.92 -26.04 25.42
CA ALA C 370 -24.76 -25.24 25.02
C ALA C 370 -23.45 -25.97 25.23
N LYS C 371 -23.24 -26.54 26.41
CA LYS C 371 -21.98 -27.23 26.68
C LYS C 371 -21.75 -28.39 25.73
N LEU C 372 -22.82 -28.94 25.16
CA LEU C 372 -22.70 -29.97 24.14
C LEU C 372 -22.78 -29.42 22.73
N VAL C 373 -23.42 -28.27 22.53
CA VAL C 373 -23.75 -27.75 21.22
C VAL C 373 -23.00 -26.44 20.98
N ASN C 374 -22.30 -26.38 19.84
CA ASN C 374 -21.76 -25.12 19.33
C ASN C 374 -21.56 -25.24 17.83
N SER C 375 -22.24 -24.37 17.07
CA SER C 375 -22.30 -24.52 15.61
C SER C 375 -21.12 -23.88 14.89
N ARG C 376 -20.21 -23.23 15.60
CA ARG C 376 -19.10 -22.53 14.95
C ARG C 376 -18.37 -23.43 13.97
N PRO C 377 -17.91 -24.61 14.39
CA PRO C 377 -17.04 -25.42 13.53
C PRO C 377 -17.68 -25.81 12.21
N LEU C 378 -18.78 -26.56 12.25
CA LEU C 378 -19.38 -27.05 11.02
C LEU C 378 -19.98 -25.92 10.21
N GLU C 379 -20.47 -24.88 10.89
CA GLU C 379 -21.02 -23.73 10.19
C GLU C 379 -19.94 -23.08 9.32
N ALA C 380 -18.77 -22.83 9.93
CA ALA C 380 -17.65 -22.29 9.17
C ALA C 380 -17.16 -23.27 8.13
N ALA C 381 -17.27 -24.58 8.41
CA ALA C 381 -16.84 -25.57 7.43
C ALA C 381 -17.70 -25.52 6.17
N ILE C 382 -19.02 -25.36 6.35
CA ILE C 382 -19.91 -25.22 5.20
C ILE C 382 -19.58 -23.95 4.43
N ARG C 383 -19.36 -22.84 5.15
CA ARG C 383 -18.86 -21.64 4.50
C ARG C 383 -17.59 -21.91 3.71
N GLU C 384 -16.68 -22.70 4.27
CA GLU C 384 -15.41 -22.96 3.58
C GLU C 384 -15.64 -23.74 2.30
N PHE C 385 -16.50 -24.76 2.35
CA PHE C 385 -16.74 -25.55 1.15
C PHE C 385 -17.46 -24.75 0.07
N PHE C 386 -18.43 -23.92 0.45
CA PHE C 386 -19.19 -23.21 -0.56
C PHE C 386 -18.50 -21.93 -1.02
N SER C 387 -17.51 -21.45 -0.29
CA SER C 387 -16.72 -20.29 -0.68
C SER C 387 -15.24 -20.59 -0.85
N ARG C 388 -14.62 -21.27 0.10
CA ARG C 388 -13.20 -21.59 0.01
C ARG C 388 -12.91 -22.87 -0.75
N SER C 389 -13.93 -23.60 -1.17
CA SER C 389 -13.71 -24.74 -2.07
C SER C 389 -13.66 -24.26 -3.51
N GLN C 390 -12.63 -24.69 -4.24
CA GLN C 390 -12.43 -24.22 -5.60
C GLN C 390 -13.40 -24.87 -6.60
N LEU C 391 -14.11 -25.93 -6.19
CA LEU C 391 -14.93 -26.67 -7.14
C LEU C 391 -15.98 -25.79 -7.80
N SER C 392 -16.78 -25.10 -6.99
CA SER C 392 -17.83 -24.22 -7.51
C SER C 392 -17.25 -22.83 -7.82
N GLN C 393 -17.72 -22.22 -8.90
CA GLN C 393 -17.25 -20.90 -9.28
C GLN C 393 -18.37 -20.16 -10.01
N PHE C 394 -17.99 -19.08 -10.68
CA PHE C 394 -18.94 -18.26 -11.44
C PHE C 394 -19.85 -19.14 -12.29
N LYS C 395 -21.05 -18.64 -12.55
CA LYS C 395 -22.00 -19.33 -13.42
C LYS C 395 -21.90 -18.74 -14.83
N ASP C 396 -22.03 -19.59 -15.85
CA ASP C 396 -21.90 -19.18 -17.25
C ASP C 396 -23.09 -18.36 -17.73
N GLU C 397 -23.06 -17.05 -17.50
CA GLU C 397 -24.16 -16.18 -17.89
C GLU C 397 -23.89 -15.48 -19.23
N THR C 398 -23.49 -16.27 -20.22
CA THR C 398 -23.30 -15.74 -21.57
C THR C 398 -24.62 -15.73 -22.35
N ASN C 399 -25.31 -16.86 -22.35
CA ASN C 399 -26.61 -17.00 -22.98
C ASN C 399 -27.30 -18.17 -22.30
N PRO C 400 -28.63 -18.21 -22.32
CA PRO C 400 -29.32 -19.33 -21.67
C PRO C 400 -28.78 -20.67 -22.11
N LEU C 401 -28.49 -20.81 -23.40
CA LEU C 401 -27.91 -22.06 -23.89
C LEU C 401 -26.52 -22.28 -23.28
N SER C 402 -25.70 -21.23 -23.23
CA SER C 402 -24.41 -21.33 -22.59
C SER C 402 -24.57 -21.81 -21.15
N SER C 403 -25.51 -21.20 -20.42
CA SER C 403 -25.73 -21.56 -19.03
C SER C 403 -26.14 -23.03 -18.90
N LEU C 404 -27.10 -23.47 -19.70
CA LEU C 404 -27.58 -24.84 -19.59
C LEU C 404 -26.48 -25.83 -19.91
N ARG C 405 -25.71 -25.57 -20.96
CA ARG C 405 -24.59 -26.45 -21.29
C ARG C 405 -23.62 -26.54 -20.13
N HIS C 406 -23.22 -25.38 -19.60
CA HIS C 406 -22.33 -25.38 -18.45
C HIS C 406 -22.92 -26.15 -17.28
N LYS C 407 -24.24 -26.09 -17.11
CA LYS C 407 -24.88 -26.71 -15.97
C LYS C 407 -25.10 -28.20 -16.16
N ARG C 408 -25.00 -28.70 -17.39
CA ARG C 408 -25.17 -30.12 -17.66
C ARG C 408 -23.91 -30.74 -18.27
N ARG C 409 -22.74 -30.34 -17.80
CA ARG C 409 -21.48 -30.90 -18.28
C ARG C 409 -20.62 -31.36 -17.12
N ILE C 410 -19.99 -32.52 -17.28
CA ILE C 410 -19.20 -33.17 -16.25
C ILE C 410 -17.75 -33.23 -16.67
N SER C 411 -16.85 -33.10 -15.70
CA SER C 411 -15.42 -33.21 -15.92
C SER C 411 -14.86 -34.42 -15.18
N ALA C 412 -13.58 -34.70 -15.45
CA ALA C 412 -12.86 -35.79 -14.80
C ALA C 412 -12.14 -35.30 -13.55
N LEU C 413 -11.49 -34.15 -13.63
CA LEU C 413 -10.71 -33.64 -12.51
C LEU C 413 -11.62 -33.14 -11.39
N GLY C 414 -11.01 -32.97 -10.22
CA GLY C 414 -11.72 -32.58 -9.03
C GLY C 414 -10.78 -32.42 -7.85
N PRO C 415 -11.14 -32.98 -6.71
CA PRO C 415 -10.22 -32.96 -5.56
C PRO C 415 -8.83 -33.48 -5.89
N GLY C 416 -8.69 -34.23 -6.97
CA GLY C 416 -7.40 -34.73 -7.41
C GLY C 416 -7.31 -36.23 -7.29
N GLY C 417 -7.77 -36.77 -6.16
CA GLY C 417 -7.76 -38.22 -5.98
C GLY C 417 -8.57 -38.93 -7.04
N LEU C 418 -9.73 -38.40 -7.41
CA LEU C 418 -10.48 -38.99 -8.51
C LEU C 418 -9.64 -38.99 -9.78
N THR C 419 -9.12 -37.83 -10.16
CA THR C 419 -8.12 -37.76 -11.21
C THR C 419 -7.57 -36.35 -11.28
N ARG C 420 -6.25 -36.23 -11.24
CA ARG C 420 -5.57 -34.95 -11.31
C ARG C 420 -5.06 -34.69 -12.73
N GLU C 421 -4.25 -33.66 -12.93
CA GLU C 421 -4.16 -33.06 -14.27
C GLU C 421 -3.23 -33.79 -15.24
N ARG C 422 -2.32 -34.63 -14.74
CA ARG C 422 -1.16 -35.02 -15.51
C ARG C 422 -1.31 -36.36 -16.22
N ALA C 423 -2.49 -36.97 -16.14
CA ALA C 423 -2.66 -38.32 -16.67
C ALA C 423 -4.09 -38.44 -17.18
N GLY C 424 -4.29 -38.17 -18.47
CA GLY C 424 -5.61 -38.25 -19.08
C GLY C 424 -5.61 -38.77 -20.51
N PHE C 425 -4.41 -38.98 -21.04
CA PHE C 425 -4.22 -39.50 -22.38
C PHE C 425 -5.13 -40.69 -22.64
N ASP C 426 -5.06 -41.71 -21.78
CA ASP C 426 -5.97 -42.83 -21.92
C ASP C 426 -7.41 -42.40 -21.71
N VAL C 427 -7.67 -41.52 -20.73
CA VAL C 427 -9.04 -41.08 -20.47
C VAL C 427 -9.51 -40.14 -21.57
N ARG C 428 -8.62 -39.33 -22.12
CA ARG C 428 -9.01 -38.34 -23.12
C ARG C 428 -9.61 -38.97 -24.37
N ASP C 429 -9.07 -40.09 -24.83
CA ASP C 429 -9.70 -40.78 -25.94
C ASP C 429 -11.11 -41.22 -25.54
N VAL C 430 -12.03 -41.10 -26.49
CA VAL C 430 -13.44 -41.36 -26.23
C VAL C 430 -13.61 -42.88 -26.13
N HIS C 431 -13.93 -43.36 -24.93
CA HIS C 431 -14.26 -44.76 -24.79
C HIS C 431 -15.46 -45.13 -25.64
N ARG C 432 -15.49 -46.38 -26.07
CA ARG C 432 -16.65 -46.90 -26.79
C ARG C 432 -17.93 -46.64 -26.00
N THR C 433 -17.87 -46.76 -24.68
CA THR C 433 -19.07 -46.63 -23.88
C THR C 433 -19.67 -45.23 -23.97
N HIS C 434 -18.92 -44.25 -24.46
CA HIS C 434 -19.45 -42.90 -24.59
C HIS C 434 -20.66 -42.86 -25.50
N TYR C 435 -20.82 -43.84 -26.39
CA TYR C 435 -21.96 -43.88 -27.30
C TYR C 435 -23.26 -43.81 -26.52
N GLY C 436 -24.14 -42.91 -26.95
CA GLY C 436 -25.35 -42.63 -26.19
C GLY C 436 -25.11 -42.16 -24.77
N ARG C 437 -23.86 -41.98 -24.38
CA ARG C 437 -23.49 -41.61 -23.02
C ARG C 437 -22.80 -40.24 -22.97
N ILE C 438 -21.83 -40.02 -23.85
CA ILE C 438 -21.02 -38.81 -23.83
C ILE C 438 -20.88 -38.30 -25.25
N CYS C 439 -21.07 -37.00 -25.43
CA CYS C 439 -20.82 -36.40 -26.73
C CYS C 439 -19.34 -36.08 -26.85
N PRO C 440 -18.58 -36.79 -27.69
CA PRO C 440 -17.14 -36.56 -27.75
C PRO C 440 -16.73 -35.30 -28.49
N VAL C 441 -17.69 -34.50 -28.96
CA VAL C 441 -17.39 -33.26 -29.65
C VAL C 441 -17.59 -32.04 -28.76
N GLU C 442 -18.15 -32.22 -27.56
CA GLU C 442 -18.43 -31.12 -26.65
C GLU C 442 -17.29 -30.82 -25.69
N THR C 443 -16.22 -31.61 -25.71
CA THR C 443 -15.17 -31.46 -24.73
C THR C 443 -14.41 -30.15 -24.97
N PRO C 444 -13.99 -29.46 -23.90
CA PRO C 444 -13.18 -28.25 -24.08
C PRO C 444 -11.81 -28.57 -24.65
N GLU C 445 -11.53 -28.02 -25.82
CA GLU C 445 -10.22 -28.18 -26.45
C GLU C 445 -9.16 -27.43 -25.65
N GLY C 446 -7.97 -27.99 -25.60
CA GLY C 446 -6.86 -27.37 -24.92
C GLY C 446 -6.23 -28.35 -23.96
N ALA C 447 -5.54 -27.80 -22.95
CA ALA C 447 -4.97 -28.66 -21.91
C ALA C 447 -6.04 -29.56 -21.31
N ASN C 448 -7.21 -29.00 -21.04
CA ASN C 448 -8.34 -29.79 -20.53
C ASN C 448 -9.20 -30.31 -21.68
N ILE C 449 -8.56 -30.93 -22.66
CA ILE C 449 -9.26 -31.61 -23.74
C ILE C 449 -9.36 -33.08 -23.37
N GLY C 450 -10.56 -33.64 -23.50
CA GLY C 450 -10.84 -34.93 -22.93
C GLY C 450 -11.09 -34.91 -21.44
N LEU C 451 -11.13 -33.74 -20.82
CA LEU C 451 -11.37 -33.61 -19.39
C LEU C 451 -12.82 -33.30 -19.07
N ILE C 452 -13.47 -32.52 -19.91
CA ILE C 452 -14.82 -32.03 -19.65
C ILE C 452 -15.69 -32.31 -20.87
N THR C 453 -16.93 -32.69 -20.63
CA THR C 453 -17.86 -32.92 -21.72
C THR C 453 -19.28 -32.93 -21.20
N SER C 454 -20.22 -32.54 -22.06
CA SER C 454 -21.62 -32.69 -21.75
C SER C 454 -22.08 -34.10 -22.12
N LEU C 455 -22.88 -34.69 -21.24
CA LEU C 455 -23.35 -36.05 -21.46
C LEU C 455 -24.18 -36.12 -22.73
N ALA C 456 -24.53 -37.35 -23.11
CA ALA C 456 -25.48 -37.52 -24.21
C ALA C 456 -26.77 -36.78 -23.86
N ALA C 457 -27.31 -36.07 -24.86
CA ALA C 457 -28.48 -35.25 -24.63
C ALA C 457 -29.62 -36.06 -24.00
N TYR C 458 -29.96 -37.19 -24.62
CA TYR C 458 -31.02 -38.03 -24.08
C TYR C 458 -30.57 -38.92 -22.94
N ALA C 459 -29.27 -39.12 -22.76
CA ALA C 459 -28.78 -39.97 -21.68
C ALA C 459 -28.91 -39.25 -20.34
N ARG C 460 -29.20 -40.02 -19.29
CA ARG C 460 -29.39 -39.44 -17.97
C ARG C 460 -28.91 -40.43 -16.92
N VAL C 461 -28.61 -39.91 -15.73
CA VAL C 461 -28.21 -40.77 -14.62
C VAL C 461 -29.44 -41.46 -14.06
N ASP C 462 -29.35 -42.78 -13.92
CA ASP C 462 -30.46 -43.54 -13.36
C ASP C 462 -30.53 -43.36 -11.84
N GLU C 463 -29.52 -43.84 -11.12
CA GLU C 463 -29.47 -43.65 -9.68
C GLU C 463 -28.18 -42.97 -9.23
N LEU C 464 -27.04 -43.48 -9.67
CA LEU C 464 -25.75 -43.19 -9.07
C LEU C 464 -24.72 -42.92 -10.15
N GLY C 465 -24.66 -41.68 -10.63
CA GLY C 465 -23.67 -41.28 -11.60
C GLY C 465 -23.44 -42.29 -12.70
N PHE C 466 -24.51 -42.99 -13.10
CA PHE C 466 -24.45 -44.05 -14.10
C PHE C 466 -25.44 -43.73 -15.22
N ILE C 467 -24.91 -43.34 -16.38
CA ILE C 467 -25.75 -42.91 -17.49
C ILE C 467 -26.44 -44.11 -18.13
N ARG C 468 -27.75 -44.00 -18.31
CA ARG C 468 -28.53 -44.86 -19.19
C ARG C 468 -29.14 -44.01 -20.28
N THR C 469 -29.30 -44.61 -21.45
CA THR C 469 -29.65 -43.86 -22.64
C THR C 469 -30.87 -44.50 -23.27
N PRO C 470 -31.74 -43.71 -23.89
CA PRO C 470 -32.88 -44.30 -24.59
C PRO C 470 -32.43 -45.20 -25.72
N TYR C 471 -33.19 -46.27 -25.93
CA TYR C 471 -32.94 -47.15 -27.07
C TYR C 471 -34.26 -47.77 -27.50
N ARG C 472 -34.49 -47.78 -28.80
CA ARG C 472 -35.72 -48.33 -29.33
C ARG C 472 -35.67 -49.85 -29.25
N ARG C 473 -36.54 -50.42 -28.43
CA ARG C 473 -36.65 -51.87 -28.42
C ARG C 473 -37.04 -52.37 -29.80
N VAL C 474 -36.42 -53.46 -30.22
CA VAL C 474 -36.64 -54.03 -31.54
C VAL C 474 -36.77 -55.54 -31.34
N VAL C 475 -37.99 -56.05 -31.51
CA VAL C 475 -38.31 -57.45 -31.24
C VAL C 475 -38.34 -58.19 -32.58
N GLY C 476 -37.38 -59.10 -32.77
CA GLY C 476 -37.33 -59.80 -34.02
C GLY C 476 -37.24 -58.82 -35.18
N GLY C 477 -38.13 -59.00 -36.14
CA GLY C 477 -38.30 -58.03 -37.20
C GLY C 477 -39.20 -56.87 -36.84
N VAL C 478 -39.66 -56.80 -35.60
CA VAL C 478 -40.57 -55.76 -35.14
C VAL C 478 -39.84 -54.93 -34.09
N VAL C 479 -39.72 -53.63 -34.36
CA VAL C 479 -39.12 -52.70 -33.42
C VAL C 479 -40.20 -52.21 -32.47
N THR C 480 -39.85 -52.03 -31.20
CA THR C 480 -40.77 -51.53 -30.21
C THR C 480 -40.48 -50.06 -29.92
N ASP C 481 -41.53 -49.25 -29.94
CA ASP C 481 -41.39 -47.84 -29.58
C ASP C 481 -40.97 -47.67 -28.14
N GLU C 482 -41.17 -48.68 -27.30
CA GLU C 482 -40.70 -48.62 -25.93
C GLU C 482 -39.20 -48.39 -25.91
N VAL C 483 -38.77 -47.46 -25.08
CA VAL C 483 -37.37 -47.08 -24.97
C VAL C 483 -36.86 -47.47 -23.59
N VAL C 484 -35.74 -48.18 -23.57
CA VAL C 484 -35.13 -48.64 -22.34
C VAL C 484 -33.81 -47.91 -22.16
N TYR C 485 -33.69 -47.16 -21.06
CA TYR C 485 -32.45 -46.49 -20.73
C TYR C 485 -31.46 -47.52 -20.26
N MET C 486 -30.54 -47.93 -21.13
CA MET C 486 -29.69 -49.07 -20.87
C MET C 486 -28.45 -48.64 -20.10
N THR C 487 -28.00 -49.49 -19.19
CA THR C 487 -26.71 -49.31 -18.56
C THR C 487 -25.60 -49.62 -19.55
N ALA C 488 -24.51 -48.86 -19.43
CA ALA C 488 -23.39 -49.02 -20.36
C ALA C 488 -22.92 -50.46 -20.39
N THR C 489 -22.74 -51.06 -19.22
CA THR C 489 -22.36 -52.47 -19.17
C THR C 489 -23.42 -53.35 -19.78
N GLU C 490 -24.70 -53.11 -19.44
CA GLU C 490 -25.78 -53.87 -20.05
C GLU C 490 -25.82 -53.67 -21.55
N GLU C 491 -25.29 -52.54 -22.02
CA GLU C 491 -25.33 -52.22 -23.45
C GLU C 491 -24.60 -53.28 -24.26
N ASP C 492 -23.45 -53.74 -23.79
CA ASP C 492 -22.68 -54.74 -24.52
C ASP C 492 -23.48 -56.02 -24.75
N ARG C 493 -24.52 -56.24 -23.95
CA ARG C 493 -25.27 -57.49 -23.93
C ARG C 493 -26.16 -57.67 -25.15
N TYR C 494 -26.28 -56.67 -26.02
CA TYR C 494 -27.27 -56.69 -27.08
C TYR C 494 -26.64 -56.18 -28.37
N THR C 495 -27.47 -56.01 -29.40
CA THR C 495 -27.05 -55.46 -30.68
C THR C 495 -27.95 -54.27 -30.99
N ILE C 496 -27.40 -53.07 -30.86
CA ILE C 496 -28.18 -51.85 -31.00
C ILE C 496 -28.19 -51.45 -32.47
N ALA C 497 -29.40 -51.33 -33.03
CA ALA C 497 -29.56 -50.93 -34.41
C ALA C 497 -29.59 -49.42 -34.51
N GLN C 498 -29.07 -48.92 -35.64
CA GLN C 498 -29.02 -47.49 -35.88
C GLN C 498 -30.42 -46.96 -36.19
N ALA C 499 -30.62 -45.68 -35.93
CA ALA C 499 -31.90 -45.05 -36.23
C ALA C 499 -32.06 -44.74 -37.72
N ASN C 500 -30.95 -44.54 -38.44
CA ASN C 500 -31.02 -44.21 -39.85
C ASN C 500 -31.68 -45.30 -40.68
N THR C 501 -31.73 -46.52 -40.16
CA THR C 501 -32.32 -47.60 -40.92
C THR C 501 -33.78 -47.29 -41.24
N PRO C 502 -34.18 -47.39 -42.50
CA PRO C 502 -35.60 -47.21 -42.83
C PRO C 502 -36.44 -48.34 -42.26
N LEU C 503 -37.67 -48.01 -41.88
CA LEU C 503 -38.60 -49.01 -41.38
C LEU C 503 -39.99 -48.71 -41.92
N GLU C 504 -40.81 -49.75 -42.00
CA GLU C 504 -42.22 -49.62 -42.35
C GLU C 504 -43.11 -49.47 -41.12
N GLY C 505 -42.57 -48.96 -40.03
CA GLY C 505 -43.30 -48.85 -38.79
C GLY C 505 -42.52 -49.48 -37.66
N ASN C 506 -43.10 -50.51 -37.03
CA ASN C 506 -42.36 -51.28 -36.04
C ASN C 506 -41.46 -52.32 -36.67
N ARG C 507 -41.52 -52.50 -37.99
CA ARG C 507 -40.70 -53.48 -38.68
C ARG C 507 -39.72 -52.78 -39.60
N ILE C 508 -38.50 -53.30 -39.64
CA ILE C 508 -37.41 -52.71 -40.40
C ILE C 508 -37.75 -52.68 -41.88
N ALA C 509 -37.00 -51.88 -42.64
CA ALA C 509 -37.15 -51.84 -44.09
C ALA C 509 -35.93 -52.41 -44.81
N ALA C 510 -35.00 -53.04 -44.09
CA ALA C 510 -33.82 -53.64 -44.69
C ALA C 510 -33.42 -54.88 -43.91
N GLU C 511 -33.26 -56.00 -44.61
CA GLU C 511 -32.75 -57.20 -43.96
C GLU C 511 -31.32 -57.02 -43.49
N ARG C 512 -30.48 -56.38 -44.29
CA ARG C 512 -29.08 -56.16 -43.93
C ARG C 512 -28.95 -54.74 -43.38
N VAL C 513 -28.86 -54.65 -42.05
CA VAL C 513 -28.82 -53.39 -41.34
C VAL C 513 -27.64 -53.43 -40.38
N VAL C 514 -26.92 -52.33 -40.27
CA VAL C 514 -25.86 -52.21 -39.28
C VAL C 514 -26.47 -52.06 -37.90
N ALA C 515 -25.75 -52.53 -36.89
CA ALA C 515 -26.18 -52.42 -35.50
C ALA C 515 -24.94 -52.36 -34.63
N ARG C 516 -25.16 -52.01 -33.36
CA ARG C 516 -24.06 -51.81 -32.43
C ARG C 516 -24.07 -53.00 -31.48
N ARG C 517 -23.44 -54.09 -31.89
CA ARG C 517 -23.44 -55.27 -31.03
C ARG C 517 -22.70 -54.96 -29.74
N LYS C 518 -21.40 -54.71 -29.81
CA LYS C 518 -20.66 -54.14 -28.68
C LYS C 518 -19.71 -53.08 -29.22
N GLY C 519 -20.23 -51.89 -29.45
CA GLY C 519 -19.43 -50.82 -30.01
C GLY C 519 -18.72 -51.17 -31.31
N GLU C 520 -19.26 -52.10 -32.09
CA GLU C 520 -18.69 -52.35 -33.40
C GLU C 520 -19.77 -52.25 -34.46
N PRO C 521 -19.43 -51.91 -35.70
CA PRO C 521 -20.42 -51.99 -36.78
C PRO C 521 -20.71 -53.43 -37.15
N VAL C 522 -21.89 -53.94 -36.83
CA VAL C 522 -22.24 -55.32 -37.12
C VAL C 522 -23.38 -55.30 -38.12
N ILE C 523 -23.07 -55.62 -39.37
CA ILE C 523 -24.05 -55.55 -40.46
C ILE C 523 -24.79 -56.88 -40.47
N VAL C 524 -25.90 -56.92 -39.73
CA VAL C 524 -26.63 -58.15 -39.51
C VAL C 524 -28.08 -58.00 -39.93
N SER C 525 -28.83 -59.09 -39.88
CA SER C 525 -30.24 -59.04 -40.22
C SER C 525 -31.00 -58.27 -39.15
N PRO C 526 -32.20 -57.80 -39.48
CA PRO C 526 -32.97 -57.01 -38.50
C PRO C 526 -33.26 -57.79 -37.24
N GLU C 527 -33.27 -59.11 -37.33
CA GLU C 527 -33.63 -59.96 -36.19
C GLU C 527 -32.50 -60.05 -35.16
N GLU C 528 -31.32 -59.50 -35.48
CA GLU C 528 -30.15 -59.63 -34.62
C GLU C 528 -29.99 -58.43 -33.68
N VAL C 529 -30.92 -57.48 -33.71
CA VAL C 529 -30.86 -56.29 -32.87
C VAL C 529 -31.94 -56.41 -31.80
N GLU C 530 -31.55 -56.19 -30.54
CA GLU C 530 -32.50 -56.16 -29.44
C GLU C 530 -33.02 -54.74 -29.19
N PHE C 531 -32.19 -53.73 -29.45
CA PHE C 531 -32.61 -52.35 -29.38
C PHE C 531 -32.01 -51.58 -30.55
N MET C 532 -32.73 -50.56 -30.98
CA MET C 532 -32.29 -49.76 -32.11
C MET C 532 -32.20 -48.31 -31.66
N ASP C 533 -31.28 -47.58 -32.29
CA ASP C 533 -30.97 -46.23 -31.86
C ASP C 533 -32.22 -45.36 -31.88
N VAL C 534 -32.59 -44.85 -30.71
CA VAL C 534 -33.81 -44.05 -30.61
C VAL C 534 -33.74 -42.85 -31.53
N SER C 535 -32.58 -42.18 -31.57
CA SER C 535 -32.39 -41.03 -32.43
C SER C 535 -30.93 -40.64 -32.42
N PRO C 536 -30.44 -39.98 -33.47
CA PRO C 536 -29.10 -39.40 -33.40
C PRO C 536 -28.96 -38.41 -32.25
N LYS C 537 -30.06 -37.76 -31.87
CA LYS C 537 -30.02 -36.77 -30.80
C LYS C 537 -29.45 -37.36 -29.52
N GLN C 538 -29.92 -38.55 -29.14
CA GLN C 538 -29.45 -39.19 -27.92
C GLN C 538 -27.93 -39.38 -27.96
N VAL C 539 -27.35 -39.46 -29.16
CA VAL C 539 -25.93 -39.69 -29.32
C VAL C 539 -25.08 -38.55 -28.80
N PHE C 540 -25.65 -37.36 -28.66
CA PHE C 540 -24.87 -36.16 -28.39
C PHE C 540 -25.46 -35.43 -27.21
N SER C 541 -24.72 -34.44 -26.72
CA SER C 541 -25.27 -33.52 -25.74
C SER C 541 -26.16 -32.51 -26.46
N VAL C 542 -26.73 -31.59 -25.70
CA VAL C 542 -27.62 -30.59 -26.30
C VAL C 542 -26.85 -29.71 -27.27
N ASN C 543 -25.72 -29.15 -26.81
CA ASN C 543 -24.98 -28.21 -27.64
C ASN C 543 -24.52 -28.82 -28.95
N THR C 544 -24.29 -30.13 -28.98
CA THR C 544 -23.87 -30.78 -30.21
C THR C 544 -24.95 -30.62 -31.29
N ASN C 545 -26.19 -30.89 -30.92
CA ASN C 545 -27.31 -31.05 -31.84
C ASN C 545 -27.83 -29.74 -32.43
N LEU C 546 -27.19 -28.58 -32.27
CA LEU C 546 -27.77 -27.33 -32.75
C LEU C 546 -27.17 -26.82 -34.05
N ILE C 547 -26.30 -27.59 -34.68
CA ILE C 547 -25.76 -27.25 -35.99
C ILE C 547 -26.43 -28.17 -37.02
N PRO C 548 -27.17 -27.63 -37.98
CA PRO C 548 -28.01 -28.48 -38.83
C PRO C 548 -27.27 -29.54 -39.63
N PHE C 549 -26.29 -29.14 -40.43
CA PHE C 549 -25.69 -30.02 -41.43
C PHE C 549 -24.37 -30.61 -40.92
N LEU C 550 -24.45 -31.27 -39.77
CA LEU C 550 -23.26 -31.90 -39.20
C LEU C 550 -22.79 -33.06 -40.06
N GLU C 551 -23.70 -33.66 -40.82
CA GLU C 551 -23.38 -34.84 -41.60
C GLU C 551 -22.28 -34.60 -42.62
N HIS C 552 -21.97 -33.34 -42.92
CA HIS C 552 -20.93 -33.02 -43.89
C HIS C 552 -19.84 -32.11 -43.33
N ASP C 553 -19.52 -32.25 -42.05
CA ASP C 553 -18.54 -31.38 -41.39
C ASP C 553 -17.64 -32.22 -40.51
N ASP C 554 -16.40 -31.75 -40.32
CA ASP C 554 -15.42 -32.52 -39.55
C ASP C 554 -15.56 -32.24 -38.06
N ALA C 555 -15.29 -33.28 -37.26
CA ALA C 555 -15.39 -33.14 -35.80
C ALA C 555 -14.36 -32.14 -35.28
N ASN C 556 -13.17 -32.13 -35.88
CA ASN C 556 -12.13 -31.18 -35.46
C ASN C 556 -12.69 -29.79 -35.24
N ARG C 557 -13.50 -29.31 -36.18
CA ARG C 557 -14.10 -28.00 -36.06
C ARG C 557 -15.57 -28.07 -35.64
N ALA C 558 -16.15 -29.26 -35.65
CA ALA C 558 -17.48 -29.42 -35.05
C ALA C 558 -17.43 -29.10 -33.57
N LEU C 559 -16.39 -29.58 -32.88
CA LEU C 559 -16.22 -29.22 -31.48
C LEU C 559 -16.01 -27.72 -31.34
N MET C 560 -15.23 -27.12 -32.24
CA MET C 560 -15.02 -25.68 -32.22
C MET C 560 -16.33 -24.93 -32.30
N GLY C 561 -17.19 -25.31 -33.24
CA GLY C 561 -18.47 -24.63 -33.39
C GLY C 561 -19.39 -24.85 -32.21
N SER C 562 -19.48 -26.09 -31.74
CA SER C 562 -20.31 -26.38 -30.58
C SER C 562 -19.86 -25.56 -29.39
N ASN C 563 -18.55 -25.42 -29.23
CA ASN C 563 -18.02 -24.64 -28.11
C ASN C 563 -18.33 -23.16 -28.28
N MET C 564 -18.04 -22.60 -29.45
CA MET C 564 -18.31 -21.19 -29.69
C MET C 564 -19.79 -20.87 -29.53
N GLN C 565 -20.65 -21.89 -29.68
CA GLN C 565 -22.08 -21.69 -29.46
C GLN C 565 -22.35 -21.12 -28.07
N THR C 566 -21.49 -21.42 -27.10
CA THR C 566 -21.69 -20.96 -25.73
C THR C 566 -21.36 -19.49 -25.53
N GLN C 567 -20.42 -18.94 -26.31
CA GLN C 567 -19.93 -17.59 -26.09
C GLN C 567 -20.80 -16.55 -26.76
N ALA C 568 -21.91 -16.95 -27.37
CA ALA C 568 -22.77 -16.01 -28.06
C ALA C 568 -23.35 -15.01 -27.07
N VAL C 569 -23.27 -13.74 -27.42
CA VAL C 569 -23.84 -12.66 -26.62
C VAL C 569 -25.23 -12.36 -27.16
N PRO C 570 -26.28 -12.41 -26.34
CA PRO C 570 -27.61 -12.03 -26.84
C PRO C 570 -27.57 -10.63 -27.42
N LEU C 571 -28.24 -10.46 -28.56
CA LEU C 571 -28.15 -9.21 -29.29
C LEU C 571 -29.38 -8.35 -29.03
N ILE C 572 -29.30 -7.12 -29.51
CA ILE C 572 -30.45 -6.23 -29.56
C ILE C 572 -31.56 -6.88 -30.39
N ARG C 573 -31.20 -7.39 -31.56
CA ARG C 573 -32.12 -8.08 -32.47
C ARG C 573 -31.83 -9.58 -32.40
N ALA C 574 -32.83 -10.36 -32.04
CA ALA C 574 -32.71 -11.81 -31.96
C ALA C 574 -33.31 -12.44 -33.20
N GLN C 575 -32.49 -13.19 -33.94
CA GLN C 575 -32.93 -13.87 -35.16
C GLN C 575 -32.77 -15.36 -34.99
N ALA C 576 -33.68 -16.12 -35.59
CA ALA C 576 -33.54 -17.57 -35.60
C ALA C 576 -32.87 -18.03 -36.89
N PRO C 577 -32.12 -19.13 -36.85
CA PRO C 577 -31.42 -19.59 -38.06
C PRO C 577 -32.40 -19.85 -39.19
N VAL C 578 -31.95 -19.58 -40.42
CA VAL C 578 -32.76 -19.90 -41.60
C VAL C 578 -33.05 -21.39 -41.65
N VAL C 579 -32.09 -22.21 -41.22
CA VAL C 579 -32.28 -23.65 -41.12
C VAL C 579 -31.90 -24.06 -39.71
N MET C 580 -32.79 -24.80 -39.05
CA MET C 580 -32.66 -25.10 -37.64
C MET C 580 -32.55 -26.61 -37.42
N THR C 581 -32.28 -26.96 -36.17
CA THR C 581 -32.25 -28.35 -35.74
C THR C 581 -33.58 -28.80 -35.15
N GLY C 582 -34.27 -27.92 -34.42
CA GLY C 582 -35.61 -28.21 -33.95
C GLY C 582 -35.77 -28.09 -32.45
N LEU C 583 -34.69 -27.79 -31.75
CA LEU C 583 -34.71 -27.76 -30.29
C LEU C 583 -34.78 -26.35 -29.72
N GLU C 584 -34.63 -25.33 -30.56
CA GLU C 584 -34.66 -23.94 -30.07
C GLU C 584 -35.90 -23.70 -29.22
N GLU C 585 -37.03 -24.25 -29.65
CA GLU C 585 -38.23 -24.19 -28.80
C GLU C 585 -37.98 -24.89 -27.47
N ARG C 586 -37.54 -26.15 -27.53
CA ARG C 586 -37.19 -26.85 -26.30
C ARG C 586 -36.06 -26.15 -25.58
N VAL C 587 -35.18 -25.48 -26.33
CA VAL C 587 -34.07 -24.78 -25.72
C VAL C 587 -34.57 -23.65 -24.82
N VAL C 588 -35.43 -22.81 -25.37
CA VAL C 588 -35.95 -21.65 -24.64
C VAL C 588 -36.97 -22.12 -23.63
N ARG C 589 -37.41 -23.37 -23.76
CA ARG C 589 -38.34 -23.96 -22.80
C ARG C 589 -37.59 -24.41 -21.54
N ASP C 590 -36.63 -25.31 -21.71
CA ASP C 590 -35.79 -25.69 -20.59
C ASP C 590 -34.99 -24.51 -20.06
N SER C 591 -34.42 -23.71 -20.96
CA SER C 591 -33.74 -22.48 -20.56
C SER C 591 -34.76 -21.39 -20.31
N LEU C 592 -34.85 -20.92 -19.08
CA LEU C 592 -35.91 -20.01 -18.66
C LEU C 592 -35.61 -18.57 -19.04
N ALA C 593 -35.36 -18.35 -20.33
CA ALA C 593 -35.18 -16.98 -20.81
C ALA C 593 -36.53 -16.31 -21.03
N ALA C 594 -37.41 -16.96 -21.78
CA ALA C 594 -38.73 -16.42 -22.04
C ALA C 594 -39.70 -16.83 -20.93
N LEU C 595 -40.86 -16.17 -20.91
CA LEU C 595 -41.93 -16.50 -20.00
C LEU C 595 -42.95 -17.36 -20.70
N TYR C 596 -43.59 -18.25 -19.96
CA TYR C 596 -44.56 -19.18 -20.51
C TYR C 596 -45.83 -19.16 -19.67
N ALA C 597 -46.97 -19.16 -20.36
CA ALA C 597 -48.26 -19.14 -19.68
C ALA C 597 -48.53 -20.51 -19.08
N GLU C 598 -48.75 -20.55 -17.76
CA GLU C 598 -48.98 -21.83 -17.09
C GLU C 598 -50.07 -22.63 -17.80
N GLU C 599 -51.27 -22.06 -17.88
CA GLU C 599 -52.43 -22.74 -18.46
C GLU C 599 -53.12 -21.82 -19.43
N ASP C 600 -54.30 -22.25 -19.87
CA ASP C 600 -55.13 -21.43 -20.72
C ASP C 600 -55.58 -20.18 -19.99
N GLY C 601 -55.65 -19.08 -20.71
CA GLY C 601 -56.06 -17.82 -20.10
C GLY C 601 -55.97 -16.68 -21.09
N GLU C 602 -56.11 -15.47 -20.55
CA GLU C 602 -56.06 -14.24 -21.34
C GLU C 602 -55.20 -13.21 -20.62
N VAL C 603 -54.79 -12.19 -21.38
CA VAL C 603 -53.94 -11.14 -20.86
C VAL C 603 -54.80 -10.15 -20.08
N ALA C 604 -54.43 -9.91 -18.82
CA ALA C 604 -55.03 -8.82 -18.05
C ALA C 604 -54.31 -7.52 -18.37
N LYS C 605 -52.98 -7.53 -18.28
CA LYS C 605 -52.16 -6.36 -18.57
C LYS C 605 -50.75 -6.81 -18.89
N VAL C 606 -50.10 -6.12 -19.83
CA VAL C 606 -48.72 -6.43 -20.21
C VAL C 606 -47.96 -5.10 -20.18
N ASP C 607 -47.39 -4.75 -19.03
CA ASP C 607 -46.58 -3.56 -18.89
C ASP C 607 -45.11 -3.91 -19.04
N GLY C 608 -44.32 -2.91 -19.41
CA GLY C 608 -42.92 -3.12 -19.74
C GLY C 608 -42.13 -3.82 -18.67
N ASN C 609 -42.71 -4.00 -17.48
CA ASN C 609 -42.01 -4.65 -16.38
C ASN C 609 -42.86 -5.69 -15.67
N ARG C 610 -44.11 -5.86 -16.08
CA ARG C 610 -45.02 -6.79 -15.42
C ARG C 610 -45.95 -7.37 -16.45
N ILE C 611 -46.59 -8.48 -16.11
CA ILE C 611 -47.69 -8.99 -16.90
C ILE C 611 -48.68 -9.67 -15.96
N VAL C 612 -49.84 -9.09 -15.81
CA VAL C 612 -50.94 -9.75 -15.13
C VAL C 612 -51.67 -10.59 -16.16
N VAL C 613 -51.68 -11.90 -15.96
CA VAL C 613 -52.43 -12.81 -16.80
C VAL C 613 -53.66 -13.23 -16.02
N ARG C 614 -54.72 -13.55 -16.76
CA ARG C 614 -55.90 -14.15 -16.18
C ARG C 614 -56.16 -15.44 -16.94
N TYR C 615 -56.00 -16.56 -16.25
CA TYR C 615 -56.10 -17.88 -16.84
C TYR C 615 -57.57 -18.27 -17.01
N GLU C 616 -57.78 -19.29 -17.84
CA GLU C 616 -59.14 -19.83 -17.99
C GLU C 616 -59.66 -20.43 -16.70
N ASP C 617 -58.79 -20.70 -15.73
CA ASP C 617 -59.21 -21.21 -14.43
C ASP C 617 -59.97 -20.18 -13.62
N GLY C 618 -60.15 -18.97 -14.14
CA GLY C 618 -60.77 -17.90 -13.40
C GLY C 618 -59.84 -17.16 -12.46
N ARG C 619 -58.56 -17.51 -12.44
CA ARG C 619 -57.56 -16.86 -11.62
C ARG C 619 -56.82 -15.83 -12.44
N LEU C 620 -56.06 -14.99 -11.75
CA LEU C 620 -55.12 -14.10 -12.43
C LEU C 620 -53.89 -13.93 -11.54
N VAL C 621 -52.73 -13.97 -12.16
CA VAL C 621 -51.46 -13.77 -11.48
C VAL C 621 -50.59 -12.90 -12.36
N GLU C 622 -49.87 -11.97 -11.74
CA GLU C 622 -48.95 -11.11 -12.48
C GLU C 622 -47.52 -11.53 -12.21
N TYR C 623 -46.67 -11.35 -13.22
CA TYR C 623 -45.28 -11.71 -13.16
C TYR C 623 -44.46 -10.51 -13.55
N PRO C 624 -43.62 -9.97 -12.68
CA PRO C 624 -42.75 -8.86 -13.09
C PRO C 624 -41.84 -9.30 -14.21
N LEU C 625 -41.52 -8.35 -15.09
CA LEU C 625 -40.76 -8.64 -16.30
C LEU C 625 -39.38 -8.01 -16.22
N ARG C 626 -38.36 -8.83 -16.44
CA ARG C 626 -36.97 -8.38 -16.33
C ARG C 626 -36.65 -7.49 -17.52
N ARG C 627 -36.51 -6.18 -17.28
CA ARG C 627 -36.19 -5.26 -18.36
C ARG C 627 -34.70 -5.25 -18.68
N PHE C 628 -33.89 -4.79 -17.73
CA PHE C 628 -32.44 -4.69 -17.93
C PHE C 628 -31.77 -5.28 -16.71
N TYR C 629 -31.19 -6.46 -16.86
CA TYR C 629 -30.52 -7.12 -15.76
C TYR C 629 -29.13 -7.52 -16.21
N ARG C 630 -28.13 -7.19 -15.39
CA ARG C 630 -26.75 -7.45 -15.75
C ARG C 630 -26.42 -8.93 -15.59
N SER C 631 -25.51 -9.42 -16.43
CA SER C 631 -25.03 -10.79 -16.38
C SER C 631 -23.76 -10.89 -15.55
N ASN C 632 -23.21 -12.11 -15.46
CA ASN C 632 -21.88 -12.27 -14.88
C ASN C 632 -20.85 -11.46 -15.64
N GLN C 633 -21.13 -11.14 -16.90
CA GLN C 633 -20.22 -10.38 -17.75
C GLN C 633 -20.74 -8.99 -18.10
N GLY C 634 -21.94 -8.62 -17.66
CA GLY C 634 -22.42 -7.27 -17.87
C GLY C 634 -23.20 -7.08 -19.15
N THR C 635 -24.19 -7.92 -19.38
CA THR C 635 -25.04 -7.86 -20.55
C THR C 635 -26.48 -7.54 -20.15
N ALA C 636 -27.36 -7.57 -21.14
CA ALA C 636 -28.77 -7.29 -20.91
C ALA C 636 -29.51 -8.57 -20.50
N LEU C 637 -30.63 -8.37 -19.78
CA LEU C 637 -31.48 -9.48 -19.33
C LEU C 637 -32.93 -9.01 -19.39
N ASP C 638 -33.61 -9.39 -20.47
CA ASP C 638 -34.99 -9.00 -20.69
C ASP C 638 -35.78 -10.16 -21.30
N GLN C 639 -37.01 -10.33 -20.84
CA GLN C 639 -37.99 -11.20 -21.50
C GLN C 639 -38.80 -10.34 -22.45
N ARG C 640 -38.57 -10.49 -23.74
CA ARG C 640 -39.21 -9.62 -24.71
C ARG C 640 -40.72 -9.73 -24.62
N PRO C 641 -41.44 -8.62 -24.38
CA PRO C 641 -42.90 -8.69 -24.37
C PRO C 641 -43.42 -9.23 -25.68
N ARG C 642 -44.12 -10.36 -25.63
CA ARG C 642 -44.52 -11.07 -26.83
C ARG C 642 -46.04 -11.19 -26.96
N VAL C 643 -46.77 -10.68 -25.98
CA VAL C 643 -48.22 -10.87 -25.92
C VAL C 643 -48.88 -9.51 -25.70
N VAL C 644 -49.98 -9.27 -26.41
CA VAL C 644 -50.74 -8.03 -26.26
C VAL C 644 -51.70 -8.20 -25.09
N VAL C 645 -52.16 -7.07 -24.53
CA VAL C 645 -53.13 -7.13 -23.46
C VAL C 645 -54.41 -7.79 -23.99
N GLY C 646 -55.12 -8.48 -23.11
CA GLY C 646 -56.31 -9.19 -23.53
C GLY C 646 -56.00 -10.17 -24.64
N GLN C 647 -54.91 -10.92 -24.47
CA GLN C 647 -54.47 -11.89 -25.47
C GLN C 647 -54.57 -13.28 -24.86
N ARG C 648 -55.33 -14.14 -25.52
CA ARG C 648 -55.64 -15.47 -24.99
C ARG C 648 -54.43 -16.38 -25.18
N VAL C 649 -53.77 -16.74 -24.08
CA VAL C 649 -52.60 -17.60 -24.10
C VAL C 649 -52.96 -18.92 -23.44
N ARG C 650 -52.52 -20.02 -24.04
CA ARG C 650 -52.83 -21.35 -23.54
C ARG C 650 -51.81 -21.77 -22.48
N LYS C 651 -51.93 -23.01 -22.03
CA LYS C 651 -50.98 -23.57 -21.09
C LYS C 651 -49.58 -23.60 -21.69
N GLY C 652 -48.58 -23.32 -20.87
CA GLY C 652 -47.21 -23.34 -21.33
C GLY C 652 -46.93 -22.38 -22.46
N ASP C 653 -47.76 -21.37 -22.64
CA ASP C 653 -47.61 -20.43 -23.75
C ASP C 653 -46.50 -19.44 -23.42
N LEU C 654 -45.52 -19.34 -24.31
CA LEU C 654 -44.45 -18.39 -24.10
C LEU C 654 -45.04 -16.99 -23.99
N LEU C 655 -44.58 -16.25 -22.98
CA LEU C 655 -45.18 -14.97 -22.63
C LEU C 655 -44.28 -13.81 -23.02
N ALA C 656 -43.03 -13.82 -22.58
CA ALA C 656 -42.05 -12.82 -22.99
C ALA C 656 -40.75 -13.55 -23.32
N ASP C 657 -40.40 -13.56 -24.61
CA ASP C 657 -39.21 -14.28 -25.03
C ASP C 657 -37.99 -13.74 -24.32
N GLY C 658 -37.11 -14.64 -23.90
CA GLY C 658 -35.90 -14.27 -23.21
C GLY C 658 -35.04 -13.31 -24.01
N PRO C 659 -33.93 -12.90 -23.43
CA PRO C 659 -33.07 -11.91 -24.10
C PRO C 659 -32.59 -12.35 -25.47
N ALA C 660 -32.44 -13.65 -25.70
CA ALA C 660 -31.88 -14.17 -26.94
C ALA C 660 -32.83 -15.17 -27.59
N SER C 661 -34.12 -14.85 -27.56
CA SER C 661 -35.13 -15.66 -28.22
C SER C 661 -35.92 -14.80 -29.19
N GLU C 662 -36.17 -15.33 -30.38
CA GLU C 662 -36.88 -14.56 -31.39
C GLU C 662 -38.38 -14.62 -31.15
N ASN C 663 -38.96 -15.82 -31.28
CA ASN C 663 -40.38 -16.04 -30.98
C ASN C 663 -40.45 -17.38 -30.28
N GLY C 664 -40.26 -17.38 -28.96
CA GLY C 664 -40.04 -18.63 -28.28
C GLY C 664 -39.00 -19.49 -28.93
N PHE C 665 -38.10 -18.88 -29.70
CA PHE C 665 -37.11 -19.60 -30.49
C PHE C 665 -35.73 -19.04 -30.14
N LEU C 666 -34.74 -19.92 -30.12
CA LEU C 666 -33.37 -19.46 -30.00
C LEU C 666 -33.09 -18.41 -31.07
N ALA C 667 -32.76 -17.20 -30.63
CA ALA C 667 -32.44 -16.13 -31.57
C ALA C 667 -31.32 -15.31 -30.96
N LEU C 668 -30.11 -15.52 -31.45
CA LEU C 668 -28.94 -14.73 -31.08
C LEU C 668 -28.19 -14.54 -32.38
N GLY C 669 -27.34 -13.53 -32.45
CA GLY C 669 -26.67 -13.28 -33.70
C GLY C 669 -27.73 -12.94 -34.74
N GLN C 670 -27.35 -13.07 -36.01
CA GLN C 670 -28.30 -12.69 -37.04
C GLN C 670 -28.08 -13.50 -38.31
N ASN C 671 -29.14 -13.60 -39.11
CA ASN C 671 -29.06 -14.20 -40.45
C ASN C 671 -28.73 -13.10 -41.44
N VAL C 672 -27.63 -13.24 -42.16
CA VAL C 672 -27.19 -12.26 -43.14
C VAL C 672 -26.94 -12.94 -44.46
N LEU C 673 -27.36 -12.30 -45.55
CA LEU C 673 -26.99 -12.78 -46.87
C LEU C 673 -25.49 -12.65 -47.07
N VAL C 674 -24.87 -13.72 -47.51
CA VAL C 674 -23.41 -13.83 -47.58
C VAL C 674 -23.04 -14.46 -48.90
N ALA C 675 -21.93 -13.99 -49.48
CA ALA C 675 -21.34 -14.56 -50.68
C ALA C 675 -19.89 -14.89 -50.39
N ILE C 676 -19.48 -16.11 -50.70
CA ILE C 676 -18.09 -16.55 -50.51
C ILE C 676 -17.32 -16.16 -51.76
N MET C 677 -16.30 -15.32 -51.60
CA MET C 677 -15.41 -14.99 -52.72
C MET C 677 -14.14 -14.40 -52.15
N PRO C 678 -12.99 -14.70 -52.75
CA PRO C 678 -11.72 -14.17 -52.24
C PRO C 678 -11.58 -12.70 -52.61
N PHE C 679 -11.89 -11.83 -51.67
CA PHE C 679 -11.82 -10.40 -51.91
C PHE C 679 -10.36 -9.99 -51.70
N ASP C 680 -10.03 -8.71 -51.92
CA ASP C 680 -8.63 -8.33 -52.07
C ASP C 680 -7.76 -8.92 -50.96
N GLY C 681 -7.93 -8.42 -49.74
CA GLY C 681 -7.15 -8.93 -48.62
C GLY C 681 -7.92 -8.94 -47.32
N TYR C 682 -9.18 -8.50 -47.37
CA TYR C 682 -9.98 -8.42 -46.16
C TYR C 682 -10.73 -9.71 -45.86
N ASN C 683 -10.67 -10.68 -46.76
CA ASN C 683 -10.92 -12.07 -46.42
C ASN C 683 -9.61 -12.80 -46.72
N PHE C 684 -8.68 -12.70 -45.78
CA PHE C 684 -7.32 -13.20 -45.99
C PHE C 684 -7.21 -14.68 -45.63
N GLU C 685 -7.38 -15.00 -44.35
CA GLU C 685 -7.32 -16.39 -43.88
C GLU C 685 -8.66 -16.81 -43.27
N ASP C 686 -9.16 -16.06 -42.31
CA ASP C 686 -10.52 -16.22 -41.79
C ASP C 686 -11.13 -14.86 -41.51
N ALA C 687 -10.63 -13.83 -42.20
CA ALA C 687 -11.14 -12.49 -42.02
C ALA C 687 -12.47 -12.35 -42.74
N ILE C 688 -13.39 -11.61 -42.12
CA ILE C 688 -14.74 -11.46 -42.63
C ILE C 688 -14.91 -10.02 -43.11
N VAL C 689 -15.43 -9.86 -44.31
CA VAL C 689 -15.68 -8.55 -44.89
C VAL C 689 -17.18 -8.27 -44.83
N ILE C 690 -17.53 -7.12 -44.26
CA ILE C 690 -18.91 -6.75 -43.99
C ILE C 690 -19.29 -5.51 -44.76
N SER C 691 -20.50 -5.53 -45.32
CA SER C 691 -21.09 -4.33 -45.91
C SER C 691 -21.56 -3.40 -44.82
N GLU C 692 -21.77 -2.13 -45.17
CA GLU C 692 -22.07 -1.13 -44.16
C GLU C 692 -23.45 -1.32 -43.56
N GLU C 693 -24.38 -1.91 -44.30
CA GLU C 693 -25.79 -1.81 -43.92
C GLU C 693 -26.05 -2.37 -42.54
N LEU C 694 -25.37 -3.43 -42.14
CA LEU C 694 -25.69 -4.02 -40.85
C LEU C 694 -25.43 -3.05 -39.70
N LEU C 695 -24.66 -1.99 -39.91
CA LEU C 695 -24.55 -0.92 -38.93
C LEU C 695 -25.62 0.13 -39.11
N LYS C 696 -25.94 0.47 -40.36
CA LYS C 696 -27.07 1.36 -40.61
C LYS C 696 -28.35 0.78 -40.00
N ARG C 697 -28.56 -0.51 -40.17
CA ARG C 697 -29.61 -1.18 -39.42
C ARG C 697 -29.10 -1.59 -38.05
N ASP C 698 -30.03 -1.65 -37.10
CA ASP C 698 -29.73 -1.93 -35.68
C ASP C 698 -29.55 -3.44 -35.51
N PHE C 699 -28.55 -3.98 -36.19
CA PHE C 699 -28.60 -5.39 -36.50
C PHE C 699 -27.60 -6.24 -35.72
N TYR C 700 -26.50 -5.64 -35.25
CA TYR C 700 -25.57 -6.26 -34.28
C TYR C 700 -25.12 -5.23 -33.24
N THR C 701 -25.71 -5.31 -32.05
CA THR C 701 -25.32 -4.50 -30.91
C THR C 701 -25.78 -5.17 -29.61
N SER C 702 -25.10 -4.88 -28.51
CA SER C 702 -25.61 -5.22 -27.19
C SER C 702 -25.20 -4.17 -26.18
N ILE C 703 -25.87 -4.15 -25.03
CA ILE C 703 -25.51 -3.25 -23.95
C ILE C 703 -24.53 -3.98 -23.05
N HIS C 704 -23.38 -3.34 -22.79
CA HIS C 704 -22.44 -3.86 -21.82
C HIS C 704 -22.57 -3.06 -20.54
N ILE C 705 -22.54 -3.77 -19.41
CA ILE C 705 -22.80 -3.22 -18.10
C ILE C 705 -21.52 -3.25 -17.30
N GLU C 706 -21.13 -2.11 -16.73
CA GLU C 706 -19.92 -1.99 -15.93
C GLU C 706 -20.30 -1.65 -14.50
N ARG C 707 -19.63 -2.31 -13.55
CA ARG C 707 -20.00 -2.25 -12.14
C ARG C 707 -18.78 -1.85 -11.32
N TYR C 708 -18.57 -0.55 -11.18
CA TYR C 708 -17.45 -0.05 -10.40
C TYR C 708 -17.83 0.05 -8.93
N GLU C 709 -16.83 0.35 -8.09
CA GLU C 709 -17.08 0.41 -6.66
C GLU C 709 -15.87 0.98 -5.96
N ILE C 710 -16.12 1.73 -4.88
CA ILE C 710 -15.07 2.31 -4.05
C ILE C 710 -15.55 2.33 -2.61
N GLU C 711 -14.68 2.79 -1.71
CA GLU C 711 -15.02 2.91 -0.30
C GLU C 711 -14.15 3.97 0.36
N ALA C 712 -14.66 4.47 1.47
CA ALA C 712 -13.92 5.36 2.36
C ALA C 712 -13.47 4.56 3.56
N ARG C 713 -12.25 4.81 4.02
CA ARG C 713 -11.76 4.19 5.24
C ARG C 713 -11.37 5.25 6.25
N ASP C 714 -11.22 4.81 7.49
CA ASP C 714 -10.87 5.67 8.61
C ASP C 714 -9.42 5.36 8.95
N THR C 715 -8.50 5.96 8.21
CA THR C 715 -7.09 5.68 8.42
C THR C 715 -6.64 6.26 9.76
N LYS C 716 -5.75 5.54 10.42
CA LYS C 716 -5.16 6.09 11.63
C LYS C 716 -4.47 7.41 11.34
N LEU C 717 -4.03 7.62 10.11
CA LEU C 717 -3.62 8.94 9.64
C LEU C 717 -4.81 9.88 9.47
N GLY C 718 -6.02 9.33 9.43
CA GLY C 718 -7.22 10.11 9.24
C GLY C 718 -8.17 9.40 8.30
N PRO C 719 -9.44 9.29 8.71
CA PRO C 719 -10.41 8.60 7.85
C PRO C 719 -10.46 9.24 6.47
N GLU C 720 -10.59 8.40 5.45
CA GLU C 720 -10.60 8.86 4.07
C GLU C 720 -12.01 9.31 3.73
N ARG C 721 -12.28 10.59 3.92
CA ARG C 721 -13.57 11.16 3.60
C ARG C 721 -13.89 11.01 2.13
N ILE C 722 -15.09 10.51 1.82
CA ILE C 722 -15.61 10.53 0.47
C ILE C 722 -16.24 11.90 0.25
N THR C 723 -15.51 12.78 -0.44
CA THR C 723 -15.91 14.17 -0.53
C THR C 723 -15.83 14.60 -1.99
N ARG C 724 -16.34 15.79 -2.27
CA ARG C 724 -16.27 16.39 -3.60
C ARG C 724 -15.00 17.22 -3.80
N ASP C 725 -14.15 17.31 -2.78
CA ASP C 725 -13.05 18.27 -2.80
C ASP C 725 -11.85 17.72 -3.54
N ILE C 726 -11.38 18.49 -4.52
CA ILE C 726 -10.03 18.37 -5.07
C ILE C 726 -9.25 19.60 -4.64
N PRO C 727 -8.45 19.52 -3.59
CA PRO C 727 -7.96 20.73 -2.92
C PRO C 727 -7.18 21.68 -3.83
N HIS C 728 -6.32 21.12 -4.67
CA HIS C 728 -5.23 21.93 -5.21
C HIS C 728 -5.69 22.95 -6.23
N LEU C 729 -6.22 22.50 -7.36
CA LEU C 729 -6.27 23.37 -8.52
C LEU C 729 -7.67 23.69 -9.03
N SER C 730 -8.48 22.69 -9.34
CA SER C 730 -9.63 22.94 -10.19
C SER C 730 -10.91 22.41 -9.54
N GLU C 731 -11.98 23.19 -9.73
CA GLU C 731 -13.32 22.79 -9.35
C GLU C 731 -14.18 22.40 -10.54
N ALA C 732 -13.74 22.72 -11.76
CA ALA C 732 -14.59 22.60 -12.93
C ALA C 732 -15.08 21.18 -13.15
N ALA C 733 -14.19 20.20 -13.04
CA ALA C 733 -14.58 18.81 -13.23
C ALA C 733 -15.42 18.28 -12.09
N LEU C 734 -15.56 19.07 -11.02
CA LEU C 734 -16.31 18.64 -9.86
C LEU C 734 -17.80 18.86 -10.02
N ARG C 735 -18.22 19.61 -11.05
CA ARG C 735 -19.63 19.75 -11.34
C ARG C 735 -20.28 18.39 -11.53
N ASP C 736 -19.58 17.49 -12.22
CA ASP C 736 -20.13 16.17 -12.47
C ASP C 736 -20.43 15.43 -11.18
N LEU C 737 -19.50 15.47 -10.23
CA LEU C 737 -19.73 14.91 -8.90
C LEU C 737 -20.75 15.83 -8.22
N ASP C 738 -22.03 15.57 -8.51
CA ASP C 738 -23.06 16.53 -8.12
C ASP C 738 -23.26 16.53 -6.61
N GLU C 739 -23.71 15.41 -6.05
CA GLU C 739 -23.79 15.29 -4.60
C GLU C 739 -22.40 15.06 -4.01
N GLU C 740 -22.26 15.37 -2.73
CA GLU C 740 -20.95 15.30 -2.09
C GLU C 740 -20.50 13.85 -1.94
N GLY C 741 -19.37 13.52 -2.55
CA GLY C 741 -18.83 12.17 -2.46
C GLY C 741 -19.40 11.28 -3.54
N VAL C 742 -20.73 11.23 -3.65
CA VAL C 742 -21.39 10.43 -4.66
C VAL C 742 -21.64 11.31 -5.88
N VAL C 743 -21.75 10.67 -7.04
CA VAL C 743 -21.88 11.39 -8.30
C VAL C 743 -23.34 11.37 -8.76
N ARG C 744 -23.68 12.32 -9.61
CA ARG C 744 -25.00 12.37 -10.21
C ARG C 744 -25.17 11.23 -11.21
N ILE C 745 -26.43 10.83 -11.43
CA ILE C 745 -26.76 9.61 -12.17
C ILE C 745 -27.27 9.95 -13.56
N GLY C 746 -27.01 9.04 -14.50
CA GLY C 746 -27.55 9.15 -15.85
C GLY C 746 -26.74 9.99 -16.80
N ALA C 747 -25.42 9.87 -16.77
CA ALA C 747 -24.54 10.71 -17.56
C ALA C 747 -23.47 9.89 -18.27
N GLU C 748 -23.01 10.42 -19.40
CA GLU C 748 -21.83 9.89 -20.07
C GLU C 748 -20.59 10.15 -19.23
N VAL C 749 -19.57 9.33 -19.43
CA VAL C 749 -18.31 9.46 -18.71
C VAL C 749 -17.15 9.37 -19.70
N LYS C 750 -16.19 10.27 -19.56
CA LYS C 750 -14.95 10.23 -20.30
C LYS C 750 -13.87 9.58 -19.45
N PRO C 751 -12.83 9.03 -20.08
CA PRO C 751 -11.72 8.45 -19.29
C PRO C 751 -11.14 9.49 -18.34
N GLY C 752 -10.87 9.06 -17.12
CA GLY C 752 -10.28 9.90 -16.11
C GLY C 752 -11.25 10.77 -15.34
N ASP C 753 -12.55 10.61 -15.53
CA ASP C 753 -13.54 11.43 -14.85
C ASP C 753 -13.71 10.95 -13.42
N ILE C 754 -13.86 11.88 -12.48
CA ILE C 754 -14.03 11.50 -11.09
C ILE C 754 -15.28 10.64 -10.97
N LEU C 755 -15.17 9.53 -10.24
CA LEU C 755 -16.32 8.69 -9.95
C LEU C 755 -16.79 8.84 -8.51
N VAL C 756 -15.88 8.66 -7.55
CA VAL C 756 -16.19 8.84 -6.14
C VAL C 756 -15.12 9.75 -5.54
N GLY C 757 -15.57 10.82 -4.89
CA GLY C 757 -14.65 11.77 -4.29
C GLY C 757 -14.20 11.32 -2.92
N ARG C 758 -12.98 11.72 -2.55
CA ARG C 758 -12.42 11.35 -1.26
C ARG C 758 -11.04 11.99 -1.13
N THR C 759 -10.56 12.08 0.10
CA THR C 759 -9.24 12.62 0.35
C THR C 759 -8.60 11.88 1.51
N SER C 760 -7.36 11.47 1.31
CA SER C 760 -6.54 10.88 2.36
C SER C 760 -5.67 11.98 2.97
N PHE C 761 -4.72 11.59 3.82
CA PHE C 761 -3.90 12.55 4.52
C PHE C 761 -2.52 12.65 3.89
N VAL C 785 -5.16 17.63 4.50
CA VAL C 785 -5.70 16.43 3.87
C VAL C 785 -5.11 16.25 2.47
N LYS C 786 -5.12 15.01 1.99
CA LYS C 786 -4.64 14.69 0.66
C LYS C 786 -5.79 14.16 -0.18
N ASP C 787 -5.87 14.63 -1.43
CA ASP C 787 -6.98 14.28 -2.32
C ASP C 787 -6.82 12.85 -2.80
N THR C 788 -7.77 11.99 -2.43
CA THR C 788 -7.75 10.57 -2.80
C THR C 788 -9.18 10.13 -3.11
N SER C 789 -9.55 10.17 -4.39
CA SER C 789 -10.93 9.94 -4.78
C SER C 789 -10.98 9.06 -6.03
N LEU C 790 -12.17 8.51 -6.28
CA LEU C 790 -12.40 7.64 -7.42
C LEU C 790 -12.61 8.44 -8.70
N ARG C 791 -12.17 7.86 -9.82
CA ARG C 791 -12.29 8.46 -11.13
C ARG C 791 -12.76 7.43 -12.15
N VAL C 792 -13.08 7.90 -13.35
CA VAL C 792 -13.53 7.02 -14.42
C VAL C 792 -12.34 6.22 -14.95
N PRO C 793 -12.42 4.89 -14.98
CA PRO C 793 -11.30 4.09 -15.45
C PRO C 793 -10.96 4.42 -16.90
N PRO C 794 -9.69 4.39 -17.27
CA PRO C 794 -9.32 4.56 -18.67
C PRO C 794 -9.99 3.48 -19.51
N GLY C 795 -10.16 3.78 -20.79
CA GLY C 795 -10.90 2.90 -21.66
C GLY C 795 -12.21 3.52 -22.11
N GLU C 796 -13.33 3.04 -21.56
CA GLU C 796 -14.62 3.60 -21.93
C GLU C 796 -15.62 3.39 -20.80
N GLY C 797 -16.39 4.42 -20.52
CA GLY C 797 -17.56 4.31 -19.66
C GLY C 797 -18.77 4.87 -20.38
N GLY C 798 -19.93 4.28 -20.10
CA GLY C 798 -21.13 4.66 -20.80
C GLY C 798 -21.91 5.75 -20.08
N ILE C 799 -23.11 5.42 -19.62
CA ILE C 799 -23.99 6.37 -18.96
C ILE C 799 -24.32 5.85 -17.56
N VAL C 800 -24.36 6.77 -16.60
CA VAL C 800 -24.65 6.38 -15.23
C VAL C 800 -26.07 5.82 -15.17
N VAL C 801 -26.21 4.68 -14.48
CA VAL C 801 -27.50 4.01 -14.37
C VAL C 801 -27.93 3.83 -12.92
N ARG C 802 -27.01 3.47 -12.02
CA ARG C 802 -27.38 3.14 -10.67
C ARG C 802 -26.24 3.40 -9.70
N THR C 803 -26.57 3.57 -8.43
CA THR C 803 -25.60 3.71 -7.37
C THR C 803 -26.12 3.07 -6.09
N VAL C 804 -25.19 2.64 -5.24
CA VAL C 804 -25.49 2.10 -3.92
C VAL C 804 -24.52 2.74 -2.93
N ARG C 805 -25.02 3.14 -1.77
CA ARG C 805 -24.27 3.96 -0.83
C ARG C 805 -24.44 3.39 0.57
N LEU C 806 -23.54 2.48 0.95
CA LEU C 806 -23.59 1.83 2.25
C LEU C 806 -22.49 2.43 3.12
N ARG C 807 -22.78 3.57 3.72
CA ARG C 807 -21.86 4.20 4.64
C ARG C 807 -21.83 3.40 5.92
N ARG C 808 -21.37 3.99 7.02
CA ARG C 808 -21.44 3.35 8.33
C ARG C 808 -22.84 2.82 8.61
N GLY C 809 -23.85 3.43 8.00
CA GLY C 809 -25.22 2.98 8.18
C GLY C 809 -25.45 1.65 7.52
N ASP C 810 -24.82 0.62 8.05
CA ASP C 810 -24.94 -0.73 7.51
C ASP C 810 -26.25 -1.36 7.99
N PRO C 811 -27.29 -1.34 7.17
CA PRO C 811 -28.58 -1.93 7.62
C PRO C 811 -28.47 -3.43 7.83
N GLY C 812 -27.92 -4.12 6.85
CA GLY C 812 -27.68 -5.55 6.96
C GLY C 812 -26.36 -5.90 6.31
N VAL C 813 -25.60 -4.86 5.97
CA VAL C 813 -24.29 -5.00 5.36
C VAL C 813 -23.23 -4.90 6.46
N GLU C 814 -22.11 -5.56 6.24
CA GLU C 814 -20.98 -5.54 7.16
C GLU C 814 -19.75 -5.04 6.42
N LEU C 815 -19.64 -3.72 6.31
CA LEU C 815 -18.45 -3.12 5.70
C LEU C 815 -17.21 -3.53 6.47
N LYS C 816 -16.17 -3.89 5.73
CA LYS C 816 -15.02 -4.53 6.33
C LYS C 816 -14.28 -3.54 7.24
N PRO C 817 -13.47 -4.05 8.15
CA PRO C 817 -12.74 -3.17 9.08
C PRO C 817 -11.90 -2.15 8.33
N GLY C 818 -11.82 -0.96 8.90
CA GLY C 818 -11.13 0.13 8.24
C GLY C 818 -12.02 0.81 7.22
N VAL C 819 -12.87 0.01 6.57
CA VAL C 819 -13.77 0.56 5.57
C VAL C 819 -14.75 1.48 6.27
N ARG C 820 -14.55 2.78 6.08
CA ARG C 820 -15.44 3.77 6.70
C ARG C 820 -16.82 3.73 6.07
N GLU C 821 -16.91 3.25 4.84
CA GLU C 821 -18.12 3.27 4.04
C GLU C 821 -17.80 2.60 2.71
N VAL C 822 -18.84 2.16 2.01
CA VAL C 822 -18.72 1.50 0.72
C VAL C 822 -19.72 2.11 -0.25
N VAL C 823 -19.43 1.98 -1.54
CA VAL C 823 -20.27 2.55 -2.58
C VAL C 823 -20.08 1.76 -3.87
N ARG C 824 -21.19 1.53 -4.56
CA ARG C 824 -21.27 0.79 -5.81
C ARG C 824 -21.80 1.70 -6.90
N VAL C 825 -21.33 1.51 -8.14
CA VAL C 825 -21.69 2.37 -9.26
C VAL C 825 -21.94 1.49 -10.48
N TYR C 826 -22.98 1.82 -11.25
CA TYR C 826 -23.38 1.07 -12.42
C TYR C 826 -23.40 2.00 -13.63
N VAL C 827 -22.64 1.66 -14.66
CA VAL C 827 -22.67 2.38 -15.92
C VAL C 827 -23.08 1.42 -17.02
N ALA C 828 -23.68 1.97 -18.07
CA ALA C 828 -24.10 1.17 -19.22
C ALA C 828 -23.52 1.80 -20.48
N GLN C 829 -23.11 0.93 -21.41
CA GLN C 829 -22.62 1.40 -22.70
C GLN C 829 -23.21 0.51 -23.78
N LYS C 830 -24.07 1.11 -24.61
CA LYS C 830 -24.65 0.39 -25.74
C LYS C 830 -23.55 0.15 -26.77
N ARG C 831 -22.88 -1.00 -26.67
CA ARG C 831 -21.80 -1.36 -27.58
C ARG C 831 -22.39 -1.85 -28.90
N LYS C 832 -22.24 -1.03 -29.93
CA LYS C 832 -22.47 -1.44 -31.30
C LYS C 832 -21.32 -2.32 -31.79
N LEU C 833 -21.62 -3.12 -32.81
CA LEU C 833 -20.56 -3.83 -33.51
C LEU C 833 -19.62 -2.83 -34.16
N GLN C 834 -18.31 -3.02 -33.96
CA GLN C 834 -17.31 -2.12 -34.53
C GLN C 834 -16.27 -2.88 -35.34
N VAL C 835 -15.17 -2.22 -35.69
CA VAL C 835 -14.22 -2.77 -36.66
C VAL C 835 -13.62 -4.08 -36.17
N GLY C 836 -13.16 -4.13 -34.92
CA GLY C 836 -12.39 -5.26 -34.46
C GLY C 836 -13.21 -6.47 -34.05
N ASP C 837 -14.52 -6.39 -34.12
CA ASP C 837 -15.36 -7.47 -33.62
C ASP C 837 -15.08 -8.78 -34.36
N LYS C 838 -15.56 -9.86 -33.76
CA LYS C 838 -15.30 -11.22 -34.23
C LYS C 838 -16.61 -11.98 -34.37
N LEU C 839 -16.72 -12.78 -35.42
CA LEU C 839 -17.93 -13.53 -35.70
C LEU C 839 -17.57 -14.91 -36.23
N ALA C 840 -18.53 -15.83 -36.12
CA ALA C 840 -18.34 -17.18 -36.62
C ALA C 840 -19.71 -17.81 -36.87
N ASN C 841 -19.69 -18.89 -37.64
CA ASN C 841 -20.90 -19.62 -38.00
C ASN C 841 -21.08 -20.83 -37.10
N ARG C 842 -22.29 -21.40 -37.14
CA ARG C 842 -22.55 -22.61 -36.36
C ARG C 842 -21.71 -23.77 -36.86
N HIS C 843 -21.44 -23.82 -38.16
CA HIS C 843 -20.75 -24.96 -38.75
C HIS C 843 -19.25 -24.94 -38.49
N GLY C 844 -18.77 -24.07 -37.61
CA GLY C 844 -17.42 -24.14 -37.06
C GLY C 844 -16.51 -23.02 -37.53
N ASN C 845 -16.59 -22.65 -38.80
CA ASN C 845 -15.68 -21.65 -39.33
C ASN C 845 -15.81 -20.35 -38.56
N LYS C 846 -14.68 -19.84 -38.09
CA LYS C 846 -14.61 -18.66 -37.25
C LYS C 846 -13.87 -17.54 -37.99
N GLY C 847 -13.88 -16.35 -37.39
CA GLY C 847 -13.07 -15.28 -37.90
C GLY C 847 -13.38 -13.99 -37.19
N VAL C 848 -12.69 -12.94 -37.60
CA VAL C 848 -12.87 -11.61 -37.04
C VAL C 848 -13.20 -10.65 -38.18
N VAL C 849 -14.08 -9.69 -37.90
CA VAL C 849 -14.40 -8.70 -38.91
C VAL C 849 -13.12 -8.00 -39.33
N ALA C 850 -12.89 -7.92 -40.63
CA ALA C 850 -11.71 -7.26 -41.18
C ALA C 850 -11.97 -5.83 -41.59
N LYS C 851 -13.12 -5.57 -42.22
CA LYS C 851 -13.49 -4.20 -42.60
C LYS C 851 -14.94 -4.19 -43.02
N ILE C 852 -15.62 -3.09 -42.72
CA ILE C 852 -16.95 -2.83 -43.26
C ILE C 852 -16.78 -1.88 -44.43
N LEU C 853 -17.30 -2.26 -45.57
CA LEU C 853 -17.07 -1.45 -46.75
C LEU C 853 -18.32 -0.62 -47.06
N PRO C 854 -18.14 0.62 -47.53
CA PRO C 854 -19.30 1.43 -47.93
C PRO C 854 -20.10 0.69 -48.99
N VAL C 855 -21.35 0.36 -48.64
CA VAL C 855 -22.19 -0.51 -49.45
C VAL C 855 -22.37 0.06 -50.85
N GLU C 856 -21.91 1.30 -51.06
CA GLU C 856 -22.12 1.96 -52.34
C GLU C 856 -21.48 1.20 -53.49
N ASP C 857 -20.25 0.71 -53.28
CA ASP C 857 -19.51 0.04 -54.34
C ASP C 857 -19.44 -1.48 -54.14
N MET C 858 -19.94 -1.96 -53.02
CA MET C 858 -19.79 -3.38 -52.77
C MET C 858 -20.64 -4.20 -53.74
N PRO C 859 -20.21 -5.42 -54.05
CA PRO C 859 -20.89 -6.20 -55.09
C PRO C 859 -22.36 -6.38 -54.79
N HIS C 860 -23.17 -6.32 -55.84
CA HIS C 860 -24.61 -6.36 -55.74
C HIS C 860 -25.16 -7.31 -56.81
N LEU C 861 -26.22 -8.01 -56.44
CA LEU C 861 -26.91 -8.95 -57.30
C LEU C 861 -27.32 -8.27 -58.60
N PRO C 862 -27.66 -9.03 -59.65
CA PRO C 862 -28.46 -8.44 -60.73
C PRO C 862 -29.62 -7.65 -60.17
N ASP C 863 -30.33 -8.22 -59.20
CA ASP C 863 -31.20 -7.44 -58.34
C ASP C 863 -30.33 -6.53 -57.46
N GLY C 864 -30.82 -5.32 -57.21
CA GLY C 864 -30.06 -4.37 -56.44
C GLY C 864 -29.67 -4.90 -55.07
N THR C 865 -30.43 -5.86 -54.58
CA THR C 865 -30.17 -6.45 -53.27
C THR C 865 -28.76 -7.04 -53.22
N PRO C 866 -27.85 -6.45 -52.44
CA PRO C 866 -26.51 -7.05 -52.30
C PRO C 866 -26.41 -7.93 -51.06
N VAL C 867 -25.32 -8.69 -50.94
CA VAL C 867 -25.10 -9.57 -49.79
C VAL C 867 -24.62 -8.76 -48.60
N ASP C 868 -24.60 -9.38 -47.43
CA ASP C 868 -24.13 -8.74 -46.20
C ASP C 868 -22.64 -8.95 -45.96
N VAL C 869 -22.16 -10.18 -46.18
CA VAL C 869 -20.79 -10.53 -45.82
C VAL C 869 -20.16 -11.33 -46.96
N ILE C 870 -18.89 -11.09 -47.20
CA ILE C 870 -18.11 -11.83 -48.19
C ILE C 870 -16.97 -12.51 -47.45
N LEU C 871 -16.85 -13.82 -47.62
CA LEU C 871 -15.87 -14.61 -46.90
C LEU C 871 -14.71 -15.00 -47.82
N ASN C 872 -13.59 -15.33 -47.20
CA ASN C 872 -12.49 -15.89 -47.97
C ASN C 872 -12.70 -17.40 -48.10
N PRO C 873 -12.92 -17.91 -49.32
CA PRO C 873 -13.27 -19.33 -49.45
C PRO C 873 -12.16 -20.27 -49.05
N LEU C 874 -10.89 -19.85 -49.19
CA LEU C 874 -9.76 -20.71 -48.90
C LEU C 874 -9.86 -21.38 -47.53
N GLY C 875 -10.66 -20.83 -46.62
CA GLY C 875 -10.82 -21.46 -45.33
C GLY C 875 -11.47 -22.82 -45.38
N VAL C 876 -12.57 -22.94 -46.12
CA VAL C 876 -13.35 -24.17 -46.12
C VAL C 876 -12.52 -25.36 -46.54
N PRO C 877 -11.72 -25.28 -47.60
CA PRO C 877 -11.01 -26.49 -48.07
C PRO C 877 -10.11 -27.10 -47.03
N SER C 878 -9.31 -26.29 -46.33
CA SER C 878 -8.50 -26.81 -45.23
C SER C 878 -9.39 -27.42 -44.16
N ARG C 879 -10.41 -26.67 -43.76
CA ARG C 879 -11.43 -27.19 -42.87
C ARG C 879 -12.16 -28.33 -43.58
N MET C 880 -12.86 -29.14 -42.80
CA MET C 880 -13.59 -30.30 -43.31
C MET C 880 -15.03 -30.12 -42.84
N ASN C 881 -15.78 -29.30 -43.57
CA ASN C 881 -17.11 -28.86 -43.14
C ASN C 881 -17.94 -28.42 -44.35
N LEU C 882 -18.69 -29.37 -44.91
CA LEU C 882 -19.56 -29.10 -46.03
C LEU C 882 -20.96 -28.68 -45.60
N GLY C 883 -21.35 -29.05 -44.38
CA GLY C 883 -22.65 -28.61 -43.88
C GLY C 883 -22.80 -27.11 -43.93
N GLN C 884 -21.70 -26.38 -43.79
CA GLN C 884 -21.78 -24.92 -43.86
C GLN C 884 -22.24 -24.45 -45.24
N ILE C 885 -21.65 -25.00 -46.31
CA ILE C 885 -22.06 -24.61 -47.65
C ILE C 885 -23.46 -25.11 -47.95
N LEU C 886 -23.81 -26.29 -47.45
CA LEU C 886 -25.17 -26.78 -47.59
C LEU C 886 -26.15 -25.79 -46.97
N GLU C 887 -25.84 -25.31 -45.77
CA GLU C 887 -26.66 -24.28 -45.14
C GLU C 887 -26.65 -23.00 -45.95
N THR C 888 -25.52 -22.68 -46.58
CA THR C 888 -25.46 -21.52 -47.46
C THR C 888 -26.54 -21.62 -48.53
N HIS C 889 -26.60 -22.77 -49.19
CA HIS C 889 -27.63 -23.00 -50.21
C HIS C 889 -29.02 -22.91 -49.59
N LEU C 890 -29.21 -23.55 -48.44
CA LEU C 890 -30.54 -23.57 -47.82
C LEU C 890 -31.03 -22.17 -47.47
N GLY C 891 -30.16 -21.36 -46.87
CA GLY C 891 -30.54 -20.00 -46.54
C GLY C 891 -30.76 -19.14 -47.77
N LEU C 892 -29.91 -19.30 -48.78
CA LEU C 892 -30.12 -18.59 -50.02
C LEU C 892 -31.51 -18.90 -50.58
N ALA C 893 -31.91 -20.17 -50.52
CA ALA C 893 -33.24 -20.55 -50.98
C ALA C 893 -34.33 -19.91 -50.12
N GLY C 894 -34.22 -20.07 -48.80
CA GLY C 894 -35.21 -19.53 -47.89
C GLY C 894 -35.37 -18.05 -48.06
N TYR C 895 -34.33 -17.40 -48.58
CA TYR C 895 -34.39 -15.97 -48.84
C TYR C 895 -35.59 -15.62 -49.71
N PHE C 896 -35.59 -16.10 -50.95
CA PHE C 896 -36.75 -15.88 -51.81
C PHE C 896 -37.96 -16.63 -51.30
N LEU C 897 -37.77 -17.83 -50.76
CA LEU C 897 -38.88 -18.58 -50.20
C LEU C 897 -39.49 -17.90 -48.99
N GLY C 898 -38.76 -16.98 -48.36
CA GLY C 898 -39.29 -16.24 -47.23
C GLY C 898 -39.86 -17.19 -46.20
N GLN C 899 -39.15 -18.29 -45.95
CA GLN C 899 -39.64 -19.32 -45.06
C GLN C 899 -38.48 -20.15 -44.54
N ARG C 900 -38.69 -20.77 -43.39
CA ARG C 900 -37.67 -21.50 -42.68
C ARG C 900 -37.74 -23.00 -42.96
N TYR C 901 -36.87 -23.73 -42.27
CA TYR C 901 -36.71 -25.17 -42.48
C TYR C 901 -36.27 -25.81 -41.18
N ILE C 902 -36.55 -27.10 -41.06
CA ILE C 902 -36.08 -27.90 -39.94
C ILE C 902 -35.27 -29.07 -40.50
N SER C 903 -33.99 -29.11 -40.17
CA SER C 903 -33.12 -30.15 -40.70
C SER C 903 -32.55 -30.97 -39.56
N PRO C 904 -33.06 -32.16 -39.28
CA PRO C 904 -32.36 -33.06 -38.36
C PRO C 904 -30.93 -33.29 -38.84
N ILE C 905 -30.03 -33.55 -37.89
CA ILE C 905 -28.60 -33.49 -38.17
C ILE C 905 -28.27 -34.34 -39.39
N PHE C 906 -28.79 -35.55 -39.45
CA PHE C 906 -28.50 -36.47 -40.54
C PHE C 906 -29.73 -36.90 -41.30
N ASP C 907 -30.88 -37.01 -40.64
CA ASP C 907 -32.12 -37.41 -41.30
C ASP C 907 -32.80 -36.25 -42.02
N GLY C 908 -32.25 -35.05 -41.92
CA GLY C 908 -32.91 -33.88 -42.46
C GLY C 908 -32.87 -33.80 -43.97
N ALA C 909 -32.70 -32.58 -44.50
CA ALA C 909 -32.86 -32.36 -45.93
C ALA C 909 -31.82 -33.13 -46.73
N LYS C 910 -32.16 -33.40 -47.98
CA LYS C 910 -31.25 -34.03 -48.94
C LYS C 910 -31.13 -33.14 -50.17
N GLU C 911 -29.98 -33.22 -50.83
CA GLU C 911 -29.67 -32.37 -51.97
C GLU C 911 -30.74 -32.45 -53.05
N PRO C 912 -31.44 -33.57 -53.20
CA PRO C 912 -32.59 -33.57 -54.14
C PRO C 912 -33.59 -32.48 -53.83
N GLU C 913 -34.10 -32.45 -52.59
CA GLU C 913 -34.99 -31.37 -52.19
C GLU C 913 -34.29 -30.02 -52.29
N ILE C 914 -32.97 -30.00 -52.11
CA ILE C 914 -32.21 -28.77 -52.27
C ILE C 914 -32.39 -28.22 -53.68
N LYS C 915 -32.21 -29.08 -54.68
CA LYS C 915 -32.33 -28.63 -56.06
C LYS C 915 -33.79 -28.32 -56.40
N GLU C 916 -34.72 -29.05 -55.80
CA GLU C 916 -36.13 -28.70 -55.95
C GLU C 916 -36.39 -27.27 -55.50
N LEU C 917 -35.97 -26.94 -54.28
CA LEU C 917 -36.16 -25.58 -53.79
C LEU C 917 -35.38 -24.59 -54.62
N LEU C 918 -34.22 -25.00 -55.15
CA LEU C 918 -33.46 -24.13 -56.04
C LEU C 918 -34.27 -23.77 -57.26
N ALA C 919 -34.87 -24.77 -57.91
CA ALA C 919 -35.69 -24.50 -59.08
C ALA C 919 -36.86 -23.60 -58.71
N GLN C 920 -37.50 -23.90 -57.57
CA GLN C 920 -38.65 -23.10 -57.15
C GLN C 920 -38.26 -21.64 -56.94
N ALA C 921 -37.17 -21.41 -56.21
CA ALA C 921 -36.77 -20.05 -55.88
C ALA C 921 -36.28 -19.31 -57.11
N PHE C 922 -35.52 -19.98 -57.97
CA PHE C 922 -35.09 -19.34 -59.20
C PHE C 922 -36.29 -18.96 -60.06
N GLU C 923 -37.25 -19.87 -60.17
CA GLU C 923 -38.46 -19.55 -60.92
C GLU C 923 -39.13 -18.31 -60.34
N VAL C 924 -39.32 -18.28 -59.03
CA VAL C 924 -39.85 -17.08 -58.39
C VAL C 924 -39.06 -15.86 -58.84
N TYR C 925 -37.76 -15.84 -58.53
CA TYR C 925 -36.95 -14.66 -58.72
C TYR C 925 -37.00 -14.17 -60.15
N PHE C 926 -36.72 -15.07 -61.11
CA PHE C 926 -36.59 -14.60 -62.47
C PHE C 926 -37.90 -14.53 -63.22
N GLY C 927 -38.95 -15.19 -62.76
CA GLY C 927 -40.27 -14.90 -63.28
C GLY C 927 -40.69 -13.47 -62.95
N LYS C 928 -40.41 -13.03 -61.72
CA LYS C 928 -40.64 -11.62 -61.42
C LYS C 928 -39.66 -10.71 -62.15
N ARG C 929 -38.43 -11.16 -62.36
CA ARG C 929 -37.52 -10.42 -63.23
C ARG C 929 -38.15 -10.20 -64.61
N LYS C 930 -38.68 -11.28 -65.19
CA LYS C 930 -39.35 -11.19 -66.47
C LYS C 930 -40.53 -10.23 -66.41
N GLY C 931 -41.34 -10.35 -65.36
CA GLY C 931 -42.44 -9.42 -65.18
C GLY C 931 -41.96 -7.99 -65.12
N GLU C 932 -40.71 -7.79 -64.70
CA GLU C 932 -40.12 -6.46 -64.78
C GLU C 932 -39.98 -5.98 -66.20
N GLY C 933 -40.11 -6.87 -67.19
CA GLY C 933 -39.81 -6.54 -68.56
C GLY C 933 -38.39 -6.80 -68.96
N PHE C 934 -37.64 -7.58 -68.19
CA PHE C 934 -36.23 -7.80 -68.43
C PHE C 934 -35.88 -9.27 -68.24
N GLY C 935 -35.24 -9.85 -69.23
CA GLY C 935 -34.71 -11.18 -69.12
C GLY C 935 -33.23 -11.16 -68.82
N VAL C 936 -32.42 -11.57 -69.77
CA VAL C 936 -30.97 -11.62 -69.59
C VAL C 936 -30.36 -10.32 -70.07
N ASP C 937 -29.28 -9.93 -69.41
CA ASP C 937 -28.46 -8.80 -69.82
C ASP C 937 -27.23 -9.31 -70.57
N LYS C 938 -26.63 -8.42 -71.37
CA LYS C 938 -25.43 -8.82 -72.10
C LYS C 938 -24.37 -9.37 -71.17
N ARG C 939 -24.29 -8.81 -69.96
CA ARG C 939 -23.34 -9.31 -68.99
C ARG C 939 -23.64 -10.77 -68.67
N GLU C 940 -24.91 -11.08 -68.46
CA GLU C 940 -25.33 -12.44 -68.17
C GLU C 940 -24.98 -13.37 -69.31
N VAL C 941 -25.22 -12.93 -70.55
CA VAL C 941 -24.95 -13.77 -71.70
C VAL C 941 -23.45 -14.07 -71.82
N GLU C 942 -22.63 -13.04 -71.63
CA GLU C 942 -21.18 -13.25 -71.74
C GLU C 942 -20.68 -14.18 -70.65
N VAL C 943 -21.13 -13.97 -69.41
CA VAL C 943 -20.69 -14.84 -68.32
C VAL C 943 -21.17 -16.26 -68.55
N LEU C 944 -22.38 -16.42 -69.08
CA LEU C 944 -22.91 -17.75 -69.37
C LEU C 944 -22.10 -18.42 -70.47
N ARG C 945 -21.68 -17.64 -71.47
CA ARG C 945 -20.79 -18.15 -72.51
C ARG C 945 -19.50 -18.64 -71.89
N ARG C 946 -18.94 -17.86 -70.97
CA ARG C 946 -17.67 -18.26 -70.35
C ARG C 946 -17.84 -19.49 -69.48
N ALA C 947 -19.00 -19.61 -68.82
CA ALA C 947 -19.28 -20.82 -68.05
C ALA C 947 -19.34 -22.03 -68.96
N GLU C 948 -19.95 -21.89 -70.14
CA GLU C 948 -19.87 -22.92 -71.16
C GLU C 948 -18.41 -23.22 -71.49
N LYS C 949 -17.62 -22.15 -71.65
CA LYS C 949 -16.19 -22.31 -71.92
C LYS C 949 -15.53 -23.16 -70.87
N LEU C 950 -15.91 -22.99 -69.61
CA LEU C 950 -15.45 -23.87 -68.55
C LEU C 950 -16.33 -25.11 -68.41
N GLY C 951 -17.37 -25.21 -69.23
CA GLY C 951 -18.27 -26.33 -69.18
C GLY C 951 -19.28 -26.27 -68.05
N LEU C 952 -19.27 -25.20 -67.27
CA LEU C 952 -20.18 -25.11 -66.14
C LEU C 952 -21.63 -25.04 -66.57
N VAL C 953 -21.90 -24.52 -67.77
CA VAL C 953 -23.24 -24.45 -68.32
C VAL C 953 -23.21 -25.09 -69.69
N THR C 954 -24.18 -25.95 -69.96
CA THR C 954 -24.21 -26.70 -71.21
C THR C 954 -24.37 -25.74 -72.37
N PRO C 955 -23.44 -25.73 -73.32
CA PRO C 955 -23.60 -24.87 -74.50
C PRO C 955 -24.86 -25.21 -75.26
N GLY C 956 -25.51 -24.17 -75.76
CA GLY C 956 -26.74 -24.30 -76.51
C GLY C 956 -28.00 -24.19 -75.67
N LYS C 957 -27.89 -24.39 -74.36
CA LYS C 957 -29.05 -24.21 -73.49
C LYS C 957 -29.37 -22.72 -73.36
N THR C 958 -30.64 -22.44 -73.11
CA THR C 958 -31.08 -21.05 -73.08
C THR C 958 -30.33 -20.31 -71.96
N PRO C 959 -29.95 -19.04 -72.18
CA PRO C 959 -29.41 -18.26 -71.06
C PRO C 959 -30.36 -18.28 -69.88
N GLU C 960 -31.67 -18.24 -70.14
CA GLU C 960 -32.64 -18.48 -69.08
C GLU C 960 -32.41 -19.84 -68.43
N GLU C 961 -32.37 -20.90 -69.23
CA GLU C 961 -32.30 -22.24 -68.66
C GLU C 961 -30.94 -22.50 -68.04
N GLN C 962 -29.87 -22.03 -68.68
CA GLN C 962 -28.54 -22.24 -68.12
C GLN C 962 -28.32 -21.40 -66.87
N LEU C 963 -28.91 -20.21 -66.80
CA LEU C 963 -28.91 -19.48 -65.54
C LEU C 963 -29.71 -20.21 -64.48
N LYS C 964 -30.82 -20.84 -64.88
CA LYS C 964 -31.58 -21.63 -63.92
C LYS C 964 -30.75 -22.78 -63.37
N GLU C 965 -30.02 -23.47 -64.25
CA GLU C 965 -29.14 -24.53 -63.80
C GLU C 965 -28.07 -24.00 -62.86
N LEU C 966 -27.52 -22.83 -63.19
CA LEU C 966 -26.56 -22.18 -62.30
C LEU C 966 -27.18 -21.94 -60.93
N PHE C 967 -28.40 -21.44 -60.91
CA PHE C 967 -29.13 -21.25 -59.67
C PHE C 967 -29.23 -22.57 -58.90
N LEU C 968 -29.66 -23.63 -59.60
CA LEU C 968 -29.66 -24.95 -59.01
C LEU C 968 -28.26 -25.38 -58.60
N GLN C 969 -27.24 -24.80 -59.24
CA GLN C 969 -25.87 -24.99 -58.78
C GLN C 969 -25.65 -24.23 -57.47
N GLY C 970 -26.62 -23.41 -57.09
CA GLY C 970 -26.46 -22.55 -55.95
C GLY C 970 -25.59 -21.34 -56.21
N LYS C 971 -25.06 -21.21 -57.42
CA LYS C 971 -24.26 -20.07 -57.81
C LYS C 971 -25.02 -19.28 -58.87
N VAL C 972 -24.75 -17.98 -58.91
CA VAL C 972 -25.38 -17.08 -59.87
C VAL C 972 -24.41 -15.97 -60.19
N VAL C 973 -24.85 -15.06 -61.07
CA VAL C 973 -24.01 -13.95 -61.49
C VAL C 973 -24.03 -12.88 -60.42
N LEU C 974 -23.10 -11.92 -60.51
CA LEU C 974 -23.01 -10.83 -59.57
C LEU C 974 -22.38 -9.63 -60.25
N TYR C 975 -22.73 -8.44 -59.79
CA TYR C 975 -22.17 -7.21 -60.32
C TYR C 975 -21.31 -6.53 -59.26
N ASP C 976 -20.27 -5.83 -59.74
CA ASP C 976 -19.21 -5.38 -58.86
C ASP C 976 -19.67 -4.28 -57.91
N GLY C 977 -20.07 -3.14 -58.46
CA GLY C 977 -20.43 -2.01 -57.63
C GLY C 977 -19.40 -0.90 -57.63
N ARG C 978 -18.11 -1.26 -57.51
CA ARG C 978 -17.07 -0.25 -57.64
C ARG C 978 -16.73 -0.02 -59.10
N THR C 979 -16.34 -1.09 -59.81
CA THR C 979 -16.36 -1.11 -61.25
C THR C 979 -17.66 -1.68 -61.79
N GLY C 980 -18.61 -2.03 -60.91
CA GLY C 980 -19.92 -2.46 -61.32
C GLY C 980 -19.96 -3.72 -62.15
N GLU C 981 -18.81 -4.28 -62.50
CA GLU C 981 -18.75 -5.36 -63.45
C GLU C 981 -19.46 -6.59 -62.89
N PRO C 982 -20.02 -7.42 -63.77
CA PRO C 982 -20.43 -8.75 -63.35
C PRO C 982 -19.21 -9.60 -63.01
N ILE C 983 -19.42 -10.55 -62.12
CA ILE C 983 -18.33 -11.35 -61.57
C ILE C 983 -18.22 -12.63 -62.39
N GLU C 984 -17.04 -12.85 -62.97
CA GLU C 984 -16.77 -14.11 -63.64
C GLU C 984 -16.82 -15.25 -62.64
N GLY C 985 -17.55 -16.30 -63.01
CA GLY C 985 -17.73 -17.44 -62.14
C GLY C 985 -18.91 -17.26 -61.22
N PRO C 986 -19.89 -18.14 -61.33
CA PRO C 986 -21.05 -18.05 -60.45
C PRO C 986 -20.65 -18.37 -59.02
N ILE C 987 -21.35 -17.73 -58.08
CA ILE C 987 -20.99 -17.80 -56.67
C ILE C 987 -22.19 -18.30 -55.88
N VAL C 988 -21.94 -19.24 -54.99
CA VAL C 988 -22.95 -19.69 -54.03
C VAL C 988 -23.04 -18.69 -52.90
N VAL C 989 -24.26 -18.40 -52.47
CA VAL C 989 -24.52 -17.45 -51.40
C VAL C 989 -25.68 -17.98 -50.55
N GLY C 990 -26.06 -17.21 -49.56
CA GLY C 990 -27.25 -17.55 -48.80
C GLY C 990 -27.37 -16.76 -47.52
N GLN C 991 -28.52 -16.93 -46.89
CA GLN C 991 -28.79 -16.30 -45.60
C GLN C 991 -28.18 -17.17 -44.51
N MET C 992 -27.01 -16.79 -44.02
CA MET C 992 -26.27 -17.59 -43.06
C MET C 992 -26.50 -17.02 -41.67
N PHE C 993 -26.79 -17.89 -40.71
CA PHE C 993 -27.05 -17.48 -39.34
C PHE C 993 -25.73 -17.40 -38.59
N ILE C 994 -25.12 -16.22 -38.59
CA ILE C 994 -23.79 -16.02 -38.04
C ILE C 994 -23.92 -15.32 -36.70
N MET C 995 -23.03 -15.67 -35.77
CA MET C 995 -23.08 -15.18 -34.40
C MET C 995 -21.83 -14.35 -34.15
N LYS C 996 -21.95 -13.41 -33.21
CA LYS C 996 -20.81 -12.67 -32.71
C LYS C 996 -20.32 -13.34 -31.42
N LEU C 997 -19.05 -13.74 -31.42
CA LEU C 997 -18.50 -14.49 -30.30
C LEU C 997 -18.25 -13.55 -29.12
N TYR C 998 -17.76 -14.14 -28.03
CA TYR C 998 -17.38 -13.35 -26.86
C TYR C 998 -16.18 -12.49 -27.21
N HIS C 999 -16.41 -11.18 -27.36
CA HIS C 999 -15.33 -10.23 -27.57
C HIS C 999 -14.77 -9.88 -26.20
N MET C 1000 -14.06 -10.84 -25.63
CA MET C 1000 -13.59 -10.76 -24.26
C MET C 1000 -12.64 -9.57 -24.08
N VAL C 1001 -12.20 -9.39 -22.83
CA VAL C 1001 -11.45 -8.18 -22.46
C VAL C 1001 -10.16 -8.03 -23.26
N GLU C 1002 -9.63 -9.13 -23.80
CA GLU C 1002 -8.38 -9.04 -24.55
C GLU C 1002 -8.52 -8.08 -25.73
N ASP C 1003 -9.76 -7.83 -26.15
CA ASP C 1003 -10.01 -6.89 -27.24
C ASP C 1003 -9.58 -5.48 -26.88
N LYS C 1004 -9.82 -5.04 -25.64
CA LYS C 1004 -9.51 -3.68 -25.23
C LYS C 1004 -8.01 -3.42 -25.25
N MET C 1005 -7.64 -2.20 -25.66
CA MET C 1005 -6.23 -1.81 -25.65
C MET C 1005 -5.67 -1.89 -24.24
N HIS C 1006 -4.51 -2.49 -24.09
CA HIS C 1006 -3.78 -2.48 -22.83
C HIS C 1006 -2.49 -1.70 -23.05
N ALA C 1007 -2.60 -0.39 -23.25
CA ALA C 1007 -1.48 0.40 -23.76
C ALA C 1007 -1.16 1.54 -22.80
N ARG C 1008 -0.20 1.29 -21.90
CA ARG C 1008 0.24 2.28 -20.93
C ARG C 1008 1.67 2.70 -21.23
N SER C 1009 1.91 4.00 -21.24
CA SER C 1009 3.25 4.53 -21.41
C SER C 1009 3.91 4.82 -20.06
N THR C 1010 3.31 5.72 -19.28
CA THR C 1010 3.88 6.10 -18.00
C THR C 1010 2.80 6.02 -16.93
N GLY C 1011 3.25 5.78 -15.69
CA GLY C 1011 2.33 5.63 -14.59
C GLY C 1011 2.98 5.00 -13.38
N PRO C 1012 2.28 4.04 -12.76
CA PRO C 1012 2.73 3.52 -11.47
C PRO C 1012 3.86 2.51 -11.57
N TYR C 1013 4.36 2.09 -10.41
CA TYR C 1013 5.39 1.06 -10.31
C TYR C 1013 5.12 0.25 -9.05
N SER C 1014 5.75 -0.91 -8.97
CA SER C 1014 5.57 -1.79 -7.83
C SER C 1014 6.17 -1.17 -6.57
N LEU C 1015 5.81 -1.75 -5.41
CA LEU C 1015 6.32 -1.25 -4.14
C LEU C 1015 7.71 -1.79 -3.85
N ILE C 1016 7.84 -3.11 -3.71
CA ILE C 1016 9.13 -3.72 -3.42
C ILE C 1016 10.08 -3.48 -4.58
N THR C 1017 9.60 -3.68 -5.81
CA THR C 1017 10.39 -3.46 -7.01
C THR C 1017 9.86 -2.25 -7.77
N GLN C 1018 10.72 -1.69 -8.63
CA GLN C 1018 10.38 -0.54 -9.45
C GLN C 1018 9.84 -0.91 -10.83
N GLN C 1019 9.46 -2.16 -11.04
CA GLN C 1019 8.87 -2.54 -12.31
C GLN C 1019 7.53 -1.83 -12.48
N PRO C 1020 7.31 -1.12 -13.59
CA PRO C 1020 6.05 -0.38 -13.74
C PRO C 1020 4.84 -1.30 -13.62
N LEU C 1021 3.83 -0.82 -12.90
CA LEU C 1021 2.57 -1.55 -12.77
C LEU C 1021 1.48 -0.55 -12.43
N GLY C 1022 0.54 -0.36 -13.36
CA GLY C 1022 -0.55 0.57 -13.14
C GLY C 1022 -1.85 -0.13 -12.83
N GLY C 1023 -2.71 -0.30 -13.84
CA GLY C 1023 -3.97 -0.98 -13.66
C GLY C 1023 -5.15 -0.06 -13.53
N LYS C 1024 -5.67 0.11 -12.31
CA LYS C 1024 -6.86 0.93 -12.12
C LYS C 1024 -6.61 2.37 -12.55
N ALA C 1025 -5.44 2.91 -12.22
CA ALA C 1025 -5.09 4.27 -12.59
C ALA C 1025 -4.63 4.37 -14.04
N GLN C 1026 -3.58 3.64 -14.39
CA GLN C 1026 -3.07 3.58 -15.77
C GLN C 1026 -3.09 2.14 -16.25
N PHE C 1027 -3.22 1.96 -17.57
CA PHE C 1027 -3.40 0.64 -18.16
C PHE C 1027 -2.47 -0.41 -17.57
N GLY C 1028 -1.18 -0.13 -17.54
CA GLY C 1028 -0.20 -1.03 -16.97
C GLY C 1028 0.85 -1.44 -18.00
N GLY C 1029 2.05 -1.72 -17.51
CA GLY C 1029 3.12 -2.17 -18.39
C GLY C 1029 2.88 -3.59 -18.85
N GLN C 1030 3.19 -3.84 -20.12
CA GLN C 1030 2.93 -5.14 -20.72
C GLN C 1030 3.98 -6.15 -20.31
N ARG C 1031 3.54 -7.39 -20.12
CA ARG C 1031 4.45 -8.49 -19.86
C ARG C 1031 5.48 -8.57 -20.98
N PHE C 1032 6.76 -8.68 -20.60
CA PHE C 1032 7.82 -8.71 -21.59
C PHE C 1032 8.36 -10.11 -21.84
N GLY C 1033 8.19 -11.03 -20.91
CA GLY C 1033 8.61 -12.40 -21.12
C GLY C 1033 10.10 -12.57 -21.32
N GLU C 1034 10.55 -13.81 -21.44
CA GLU C 1034 11.96 -14.15 -21.57
C GLU C 1034 12.36 -14.49 -23.00
N MET C 1035 11.62 -15.39 -23.64
CA MET C 1035 11.96 -15.77 -25.01
C MET C 1035 11.94 -14.57 -25.93
N GLU C 1036 11.20 -13.52 -25.56
CA GLU C 1036 11.26 -12.28 -26.32
C GLU C 1036 12.68 -11.71 -26.26
N VAL C 1037 13.25 -11.68 -25.06
CA VAL C 1037 14.64 -11.25 -24.93
C VAL C 1037 15.53 -12.19 -25.73
N TRP C 1038 15.15 -13.46 -25.81
CA TRP C 1038 15.93 -14.39 -26.62
C TRP C 1038 15.93 -13.97 -28.08
N ALA C 1039 14.76 -13.59 -28.60
CA ALA C 1039 14.69 -13.09 -29.97
C ALA C 1039 15.56 -11.84 -30.13
N LEU C 1040 15.42 -10.90 -29.19
CA LEU C 1040 16.30 -9.74 -29.19
C LEU C 1040 17.76 -10.16 -29.27
N GLU C 1041 18.10 -11.22 -28.54
CA GLU C 1041 19.44 -11.76 -28.57
C GLU C 1041 19.80 -12.21 -29.97
N ALA C 1042 18.86 -12.85 -30.66
CA ALA C 1042 19.09 -13.28 -32.04
C ALA C 1042 19.54 -12.10 -32.88
N TYR C 1043 18.82 -10.98 -32.80
CA TYR C 1043 19.32 -9.75 -33.37
C TYR C 1043 20.45 -9.19 -32.49
N GLY C 1044 21.19 -8.24 -33.05
CA GLY C 1044 22.24 -7.59 -32.31
C GLY C 1044 21.73 -6.43 -31.46
N ALA C 1045 20.53 -6.59 -30.91
CA ALA C 1045 19.87 -5.53 -30.16
C ALA C 1045 20.55 -5.39 -28.80
N ALA C 1046 21.62 -4.59 -28.79
CA ALA C 1046 22.42 -4.40 -27.58
C ALA C 1046 21.88 -3.25 -26.73
N HIS C 1047 21.88 -2.05 -27.28
CA HIS C 1047 21.51 -0.89 -26.48
C HIS C 1047 20.00 -0.72 -26.41
N THR C 1048 19.27 -1.20 -27.41
CA THR C 1048 17.81 -1.22 -27.29
C THR C 1048 17.38 -2.14 -26.16
N LEU C 1049 17.97 -3.34 -26.09
CA LEU C 1049 17.66 -4.24 -24.98
C LEU C 1049 18.12 -3.66 -23.66
N GLN C 1050 19.30 -3.04 -23.64
CA GLN C 1050 19.78 -2.35 -22.45
C GLN C 1050 18.74 -1.34 -21.97
N GLU C 1051 18.26 -0.52 -22.90
CA GLU C 1051 17.22 0.45 -22.62
C GLU C 1051 15.98 -0.22 -22.04
N MET C 1052 15.53 -1.30 -22.70
CA MET C 1052 14.33 -2.00 -22.27
C MET C 1052 14.45 -2.44 -20.81
N LEU C 1053 15.55 -3.11 -20.48
CA LEU C 1053 15.71 -3.66 -19.15
C LEU C 1053 16.11 -2.64 -18.10
N THR C 1054 16.59 -1.47 -18.52
CA THR C 1054 17.02 -0.44 -17.58
C THR C 1054 16.11 0.78 -17.61
N LEU C 1055 15.95 1.40 -18.77
CA LEU C 1055 15.10 2.58 -18.87
C LEU C 1055 13.62 2.24 -18.86
N LYS C 1056 13.25 1.02 -19.28
CA LYS C 1056 11.86 0.63 -19.37
C LYS C 1056 11.49 -0.53 -18.45
N SER C 1057 12.43 -1.03 -17.65
CA SER C 1057 12.14 -2.18 -16.80
C SER C 1057 12.21 -1.85 -15.32
N ASP C 1058 13.37 -1.40 -14.83
CA ASP C 1058 13.57 -1.26 -13.39
C ASP C 1058 13.96 0.14 -12.96
N ASP C 1059 14.82 0.80 -13.74
CA ASP C 1059 15.50 2.00 -13.27
C ASP C 1059 14.51 3.15 -13.17
N ILE C 1060 14.03 3.42 -11.95
CA ILE C 1060 13.23 4.62 -11.71
C ILE C 1060 14.01 5.86 -12.08
N GLU C 1061 15.23 5.99 -11.56
CA GLU C 1061 16.01 7.19 -11.82
C GLU C 1061 16.32 7.34 -13.30
N GLY C 1062 16.77 6.25 -13.92
CA GLY C 1062 17.06 6.30 -15.35
C GLY C 1062 15.83 6.52 -16.20
N ARG C 1063 14.72 5.87 -15.84
CA ARG C 1063 13.50 6.03 -16.62
C ARG C 1063 12.97 7.46 -16.54
N ASN C 1064 13.01 8.07 -15.37
CA ASN C 1064 12.60 9.46 -15.27
C ASN C 1064 13.61 10.39 -15.93
N ALA C 1065 14.89 10.05 -15.90
CA ALA C 1065 15.88 10.86 -16.60
C ALA C 1065 15.62 10.85 -18.10
N ALA C 1066 15.32 9.68 -18.65
CA ALA C 1066 14.91 9.61 -20.05
C ALA C 1066 13.61 10.37 -20.27
N TYR C 1067 12.69 10.31 -19.30
CA TYR C 1067 11.47 11.10 -19.37
C TYR C 1067 11.80 12.56 -19.61
N GLU C 1068 12.68 13.10 -18.77
CA GLU C 1068 13.00 14.53 -18.86
C GLU C 1068 13.81 14.85 -20.09
N ALA C 1069 14.69 13.93 -20.51
CA ALA C 1069 15.44 14.13 -21.75
C ALA C 1069 14.48 14.25 -22.92
N ILE C 1070 13.47 13.38 -22.98
CA ILE C 1070 12.44 13.48 -23.99
C ILE C 1070 11.68 14.78 -23.85
N ILE C 1071 11.38 15.17 -22.61
CA ILE C 1071 10.66 16.41 -22.36
C ILE C 1071 11.38 17.58 -23.01
N LYS C 1072 12.69 17.68 -22.77
CA LYS C 1072 13.46 18.70 -23.46
C LYS C 1072 13.98 18.21 -24.81
N GLY C 1073 13.77 16.94 -25.13
CA GLY C 1073 14.09 16.45 -26.46
C GLY C 1073 15.56 16.24 -26.74
N GLU C 1074 16.33 15.80 -25.75
CA GLU C 1074 17.75 15.62 -25.91
C GLU C 1074 18.10 14.13 -25.85
N ASP C 1075 19.39 13.84 -25.97
CA ASP C 1075 19.86 12.45 -26.02
C ASP C 1075 19.83 11.85 -24.63
N VAL C 1076 19.15 10.71 -24.51
CA VAL C 1076 18.89 10.09 -23.20
C VAL C 1076 20.22 9.81 -22.50
N PRO C 1077 20.21 9.63 -21.17
CA PRO C 1077 21.47 9.49 -20.44
C PRO C 1077 22.02 8.07 -20.48
N GLU C 1078 23.14 7.84 -19.79
CA GLU C 1078 23.81 6.55 -19.81
C GLU C 1078 23.30 5.65 -18.68
N PRO C 1079 22.71 4.50 -18.99
CA PRO C 1079 22.35 3.55 -17.92
C PRO C 1079 23.59 3.13 -17.13
N SER C 1080 23.40 2.91 -15.84
CA SER C 1080 24.45 2.51 -14.92
C SER C 1080 24.63 0.98 -14.94
N VAL C 1081 25.51 0.45 -14.09
CA VAL C 1081 25.61 -0.99 -13.84
C VAL C 1081 24.27 -1.49 -13.33
N PRO C 1082 23.82 -2.69 -13.68
CA PRO C 1082 22.53 -3.15 -13.16
C PRO C 1082 22.53 -3.13 -11.64
N GLU C 1083 21.67 -2.28 -11.07
CA GLU C 1083 21.63 -2.13 -9.62
C GLU C 1083 21.07 -3.36 -8.92
N SER C 1084 20.18 -4.11 -9.56
CA SER C 1084 19.87 -5.43 -9.03
C SER C 1084 21.13 -6.27 -8.95
N PHE C 1085 22.03 -6.11 -9.94
CA PHE C 1085 23.32 -6.78 -9.90
C PHE C 1085 24.13 -6.37 -8.68
N ARG C 1086 24.24 -5.06 -8.44
CA ARG C 1086 24.96 -4.60 -7.26
C ARG C 1086 24.31 -5.09 -5.99
N VAL C 1087 22.97 -5.13 -5.97
CA VAL C 1087 22.25 -5.61 -4.80
C VAL C 1087 22.58 -7.05 -4.53
N LEU C 1088 22.64 -7.87 -5.58
CA LEU C 1088 23.03 -9.27 -5.40
C LEU C 1088 24.47 -9.37 -4.93
N VAL C 1089 25.33 -8.46 -5.40
CA VAL C 1089 26.71 -8.41 -4.92
C VAL C 1089 26.71 -8.15 -3.41
N LYS C 1090 25.93 -7.18 -2.98
CA LYS C 1090 25.85 -6.87 -1.56
C LYS C 1090 25.26 -8.03 -0.77
N GLU C 1091 24.30 -8.74 -1.36
CA GLU C 1091 23.78 -9.95 -0.72
C GLU C 1091 24.88 -10.98 -0.52
N LEU C 1092 25.69 -11.18 -1.55
CA LEU C 1092 26.81 -12.11 -1.46
C LEU C 1092 27.75 -11.69 -0.35
N GLN C 1093 28.10 -10.41 -0.31
CA GLN C 1093 28.98 -9.92 0.74
C GLN C 1093 28.33 -10.07 2.11
N ALA C 1094 26.99 -9.98 2.16
CA ALA C 1094 26.29 -10.08 3.43
C ALA C 1094 26.54 -11.43 4.09
N LEU C 1095 26.54 -12.50 3.29
CA LEU C 1095 26.88 -13.81 3.81
C LEU C 1095 28.39 -13.97 3.82
N ALA C 1096 28.86 -15.13 4.26
CA ALA C 1096 30.29 -15.34 4.37
C ALA C 1096 30.98 -15.18 3.03
N LEU C 1097 30.22 -15.31 1.94
CA LEU C 1097 30.79 -15.18 0.61
C LEU C 1097 31.35 -13.78 0.39
N ASP C 1098 32.50 -13.72 -0.27
CA ASP C 1098 33.08 -12.47 -0.73
C ASP C 1098 33.23 -12.55 -2.24
N VAL C 1099 32.80 -11.50 -2.93
CA VAL C 1099 32.79 -11.47 -4.38
C VAL C 1099 33.72 -10.37 -4.85
N GLN C 1100 34.65 -10.71 -5.74
CA GLN C 1100 35.57 -9.74 -6.30
C GLN C 1100 35.48 -9.75 -7.81
N THR C 1101 35.25 -8.57 -8.38
CA THR C 1101 35.27 -8.40 -9.83
C THR C 1101 36.70 -8.30 -10.32
N LEU C 1102 36.97 -8.85 -11.49
CA LEU C 1102 38.34 -8.97 -11.98
C LEU C 1102 38.52 -8.17 -13.26
N ASP C 1103 39.72 -7.62 -13.40
CA ASP C 1103 40.12 -6.81 -14.53
C ASP C 1103 40.39 -7.75 -15.72
N GLU C 1104 40.87 -7.22 -16.84
CA GLU C 1104 41.27 -8.11 -17.93
C GLU C 1104 42.33 -9.07 -17.42
N LYS C 1105 43.35 -8.52 -16.76
CA LYS C 1105 44.19 -9.27 -15.85
C LYS C 1105 43.50 -9.38 -14.50
N ASP C 1106 43.93 -10.35 -13.70
CA ASP C 1106 43.27 -10.60 -12.43
C ASP C 1106 43.53 -9.41 -11.51
N ASN C 1107 42.52 -8.54 -11.38
CA ASN C 1107 42.58 -7.38 -10.53
C ASN C 1107 41.15 -6.95 -10.20
N PRO C 1108 40.87 -6.62 -8.94
CA PRO C 1108 39.55 -6.10 -8.61
C PRO C 1108 39.24 -4.86 -9.41
N VAL C 1109 37.99 -4.76 -9.84
CA VAL C 1109 37.45 -3.57 -10.45
C VAL C 1109 36.18 -3.21 -9.69
N ASP C 1110 36.07 -1.95 -9.30
CA ASP C 1110 35.08 -1.50 -8.33
C ASP C 1110 33.82 -1.04 -9.03
N ILE C 1111 32.67 -1.53 -8.55
CA ILE C 1111 31.38 -1.12 -9.07
C ILE C 1111 30.86 0.06 -8.24
N PHE C 1112 30.99 -0.04 -6.93
CA PHE C 1112 30.58 1.05 -6.03
C PHE C 1112 31.72 2.03 -5.93
N GLU C 1113 31.67 3.09 -6.74
CA GLU C 1113 32.85 3.89 -7.01
C GLU C 1113 33.47 4.41 -5.71
N GLY C 1114 32.66 5.02 -4.87
CA GLY C 1114 33.13 5.53 -3.60
C GLY C 1114 32.13 5.26 -2.49
N LEU C 1115 31.05 4.56 -2.80
CA LEU C 1115 29.97 4.31 -1.86
C LEU C 1115 30.21 3.12 -0.95
N ALA C 1116 31.32 2.39 -1.13
CA ALA C 1116 31.61 1.21 -0.34
C ALA C 1116 32.90 1.32 0.46
N SER C 1117 33.97 1.85 -0.14
CA SER C 1117 35.22 2.02 0.58
C SER C 1117 34.99 2.85 1.83
N LYS C 1118 35.48 2.36 2.97
CA LYS C 1118 35.31 3.10 4.22
C LYS C 1118 36.02 4.44 4.13
N ARG C 1119 35.39 5.47 4.68
CA ARG C 1119 35.97 6.81 4.67
C ARG C 1119 36.00 7.39 3.26
N LYS D 2 36.98 2.69 -13.97
CA LYS D 2 36.80 2.82 -15.41
C LYS D 2 36.95 1.48 -16.11
N LYS D 3 37.54 0.52 -15.40
CA LYS D 3 37.71 -0.81 -15.95
C LYS D 3 36.37 -1.48 -16.18
N GLU D 4 36.29 -2.25 -17.26
CA GLU D 4 35.14 -3.11 -17.52
C GLU D 4 35.39 -4.47 -16.88
N VAL D 5 34.39 -4.98 -16.18
CA VAL D 5 34.55 -6.27 -15.53
C VAL D 5 34.63 -7.35 -16.60
N ARG D 6 35.77 -8.05 -16.62
CA ARG D 6 35.93 -9.22 -17.48
C ARG D 6 35.95 -10.52 -16.69
N LYS D 7 36.10 -10.46 -15.37
CA LYS D 7 36.03 -11.66 -14.55
C LYS D 7 35.32 -11.34 -13.25
N VAL D 8 34.76 -12.38 -12.64
CA VAL D 8 34.24 -12.32 -11.29
C VAL D 8 35.02 -13.32 -10.46
N ARG D 9 35.13 -13.06 -9.16
CA ARG D 9 35.87 -13.99 -8.30
C ARG D 9 35.12 -14.18 -6.99
N ILE D 10 34.86 -15.44 -6.68
CA ILE D 10 34.27 -15.86 -5.42
C ILE D 10 35.38 -16.28 -4.47
N ALA D 11 35.32 -15.81 -3.23
CA ALA D 11 36.31 -16.14 -2.23
C ALA D 11 35.70 -15.98 -0.84
N LEU D 12 36.28 -16.69 0.12
CA LEU D 12 35.83 -16.60 1.50
C LEU D 12 36.26 -15.27 2.11
N ALA D 13 35.74 -14.99 3.31
CA ALA D 13 35.95 -13.71 3.97
C ALA D 13 36.51 -13.91 5.37
N SER D 14 37.49 -13.08 5.73
CA SER D 14 38.03 -13.02 7.07
C SER D 14 37.24 -12.04 7.92
N PRO D 15 36.98 -12.34 9.19
CA PRO D 15 36.32 -11.36 10.05
C PRO D 15 37.04 -10.04 10.07
N GLU D 16 38.37 -10.07 10.06
CA GLU D 16 39.12 -8.86 9.75
C GLU D 16 38.62 -8.25 8.45
N LYS D 17 38.38 -9.08 7.44
CA LYS D 17 37.80 -8.54 6.21
C LYS D 17 36.38 -8.04 6.46
N ILE D 18 35.61 -8.75 7.29
CA ILE D 18 34.31 -8.22 7.72
C ILE D 18 34.43 -6.76 8.09
N ARG D 19 35.43 -6.44 8.91
CA ARG D 19 35.67 -5.06 9.28
C ARG D 19 36.18 -4.26 8.08
N SER D 20 36.89 -4.93 7.17
CA SER D 20 37.52 -4.23 6.04
C SER D 20 36.52 -3.38 5.28
N TRP D 21 35.27 -3.83 5.19
CA TRP D 21 34.21 -2.98 4.67
C TRP D 21 33.32 -2.41 5.76
N SER D 22 33.19 -3.11 6.88
CA SER D 22 32.12 -2.83 7.82
C SER D 22 32.21 -1.39 8.33
N TYR D 23 31.06 -0.73 8.38
CA TYR D 23 30.97 0.65 8.88
C TYR D 23 30.45 0.55 10.32
N GLY D 24 31.34 0.19 11.24
CA GLY D 24 30.95 0.03 12.62
C GLY D 24 30.15 -1.23 12.86
N GLU D 25 29.63 -1.39 14.08
CA GLU D 25 28.79 -2.52 14.43
C GLU D 25 27.48 -2.04 15.05
N VAL D 26 26.41 -2.77 14.77
CA VAL D 26 25.15 -2.65 15.51
C VAL D 26 25.16 -3.62 16.67
N GLU D 27 24.72 -3.13 17.84
CA GLU D 27 24.85 -3.94 19.04
C GLU D 27 23.57 -4.06 19.86
N LYS D 28 22.56 -3.20 19.62
CA LYS D 28 21.25 -3.35 20.24
C LYS D 28 20.20 -3.11 19.17
N PRO D 29 19.30 -4.06 18.95
CA PRO D 29 18.44 -4.05 17.76
C PRO D 29 17.30 -3.05 17.87
N GLU D 30 17.63 -1.77 17.73
CA GLU D 30 16.65 -0.70 17.85
C GLU D 30 16.40 -0.11 16.48
N THR D 31 15.32 -0.55 15.85
CA THR D 31 14.93 -0.02 14.54
C THR D 31 14.57 1.45 14.65
N ILE D 32 13.47 1.76 15.34
CA ILE D 32 12.94 3.12 15.43
C ILE D 32 11.86 3.18 16.50
N ASN D 33 11.76 4.31 17.21
CA ASN D 33 10.63 4.55 18.08
C ASN D 33 9.43 4.98 17.28
N TYR D 34 8.24 4.54 17.71
CA TYR D 34 7.05 4.86 16.93
C TYR D 34 6.76 6.35 16.96
N ARG D 35 7.14 7.05 18.05
CA ARG D 35 7.11 8.50 17.98
C ARG D 35 8.17 9.01 17.01
N THR D 36 9.43 8.73 17.32
CA THR D 36 10.57 9.22 16.54
C THR D 36 10.91 8.17 15.48
N LEU D 37 10.49 8.43 14.25
CA LEU D 37 10.70 7.51 13.15
C LEU D 37 12.10 7.58 12.56
N LYS D 38 13.05 8.23 13.25
CA LYS D 38 14.45 8.22 12.88
C LYS D 38 15.13 6.96 13.40
N PRO D 39 16.19 6.50 12.74
CA PRO D 39 16.95 5.35 13.28
C PRO D 39 17.37 5.64 14.71
N GLU D 40 16.78 4.89 15.64
CA GLU D 40 16.77 5.27 17.05
C GLU D 40 18.17 5.38 17.61
N ARG D 41 18.98 4.35 17.42
CA ARG D 41 20.35 4.30 17.94
C ARG D 41 21.29 3.94 16.79
N ASP D 42 22.51 3.54 17.16
CA ASP D 42 23.42 2.93 16.20
C ASP D 42 22.90 1.57 15.75
N GLY D 43 21.63 1.28 16.06
CA GLY D 43 21.00 0.02 15.77
C GLY D 43 20.91 -0.33 14.30
N LEU D 44 20.10 -1.33 13.97
CA LEU D 44 20.15 -1.96 12.66
C LEU D 44 19.99 -0.97 11.51
N PHE D 45 19.70 0.30 11.81
CA PHE D 45 19.57 1.31 10.76
C PHE D 45 20.23 2.64 11.09
N ASP D 46 21.26 2.67 11.93
CA ASP D 46 21.84 3.95 12.30
C ASP D 46 22.33 4.66 11.05
N GLU D 47 21.99 5.93 10.92
CA GLU D 47 22.34 6.67 9.72
C GLU D 47 23.85 6.72 9.54
N ARG D 48 24.59 6.99 10.62
CA ARG D 48 26.04 7.13 10.50
C ARG D 48 26.69 5.83 10.07
N ILE D 49 26.26 4.70 10.66
CA ILE D 49 26.85 3.42 10.29
C ILE D 49 26.67 3.16 8.80
N PHE D 50 25.52 3.54 8.27
CA PHE D 50 25.19 3.28 6.87
C PHE D 50 25.41 4.50 6.00
N GLY D 51 24.81 5.64 6.35
CA GLY D 51 24.98 6.85 5.59
C GLY D 51 23.86 7.83 5.85
N PRO D 52 23.96 9.03 5.26
CA PRO D 52 22.87 10.01 5.41
C PRO D 52 21.55 9.50 4.89
N ILE D 53 20.51 9.54 5.74
CA ILE D 53 19.17 9.23 5.26
C ILE D 53 18.73 10.22 4.19
N LYS D 54 19.08 11.49 4.34
CA LYS D 54 18.71 12.53 3.39
C LYS D 54 19.76 12.61 2.29
N ASP D 55 19.36 13.21 1.17
CA ASP D 55 20.26 13.42 0.04
C ASP D 55 21.58 14.03 0.49
N THR D 81 25.66 12.71 -0.52
CA THR D 81 25.11 11.46 -1.01
C THR D 81 23.92 10.93 -0.21
N LYS D 82 22.78 10.85 -0.89
CA LYS D 82 21.55 10.29 -0.34
C LYS D 82 21.78 8.86 0.15
N SER D 83 20.71 8.24 0.63
CA SER D 83 20.73 6.97 1.36
C SER D 83 21.29 5.82 0.56
N ILE D 84 21.69 6.02 -0.69
CA ILE D 84 22.31 4.94 -1.46
C ILE D 84 23.51 4.37 -0.71
N VAL D 85 24.35 5.25 -0.17
CA VAL D 85 25.49 4.81 0.63
C VAL D 85 25.03 3.98 1.81
N ARG D 86 23.92 4.37 2.46
CA ARG D 86 23.36 3.51 3.49
C ARG D 86 23.09 2.12 2.94
N ARG D 87 22.43 2.04 1.79
CA ARG D 87 22.15 0.77 1.15
C ARG D 87 23.40 0.07 0.66
N TYR D 88 24.53 0.73 0.68
CA TYR D 88 25.78 0.12 0.27
C TYR D 88 26.79 0.03 1.39
N ARG D 89 26.98 1.11 2.17
CA ARG D 89 27.82 1.00 3.35
C ARG D 89 27.18 0.05 4.34
N MET D 90 28.00 -0.84 4.87
CA MET D 90 27.51 -1.89 5.75
C MET D 90 28.47 -2.03 6.92
N GLY D 91 27.90 -2.19 8.11
CA GLY D 91 28.65 -2.46 9.30
C GLY D 91 28.70 -3.95 9.59
N HIS D 92 29.17 -4.29 10.78
CA HIS D 92 29.22 -5.67 11.19
C HIS D 92 28.66 -5.81 12.59
N ILE D 93 28.51 -7.05 13.03
CA ILE D 93 28.12 -7.37 14.40
C ILE D 93 29.04 -8.48 14.87
N GLU D 94 29.68 -8.27 16.01
CA GLU D 94 30.67 -9.21 16.53
C GLU D 94 30.01 -10.09 17.57
N LEU D 95 29.92 -11.40 17.27
CA LEU D 95 29.49 -12.36 18.27
C LEU D 95 30.62 -12.67 19.22
N ALA D 96 30.36 -12.55 20.52
CA ALA D 96 31.34 -12.97 21.51
C ALA D 96 31.72 -14.44 21.29
N THR D 97 30.73 -15.30 21.15
CA THR D 97 30.92 -16.68 20.75
C THR D 97 30.99 -16.77 19.23
N PRO D 98 32.09 -17.28 18.68
CA PRO D 98 32.16 -17.46 17.22
C PRO D 98 31.01 -18.34 16.72
N ALA D 99 30.70 -18.24 15.43
CA ALA D 99 29.61 -19.00 14.84
C ALA D 99 30.14 -19.73 13.61
N ALA D 100 29.40 -20.76 13.21
CA ALA D 100 29.78 -21.60 12.09
C ALA D 100 28.81 -21.40 10.95
N HIS D 101 29.35 -21.24 9.75
CA HIS D 101 28.52 -21.14 8.56
C HIS D 101 27.69 -22.41 8.43
N ILE D 102 26.38 -22.26 8.55
CA ILE D 102 25.50 -23.43 8.55
C ILE D 102 25.71 -24.27 7.30
N TRP D 103 25.98 -23.62 6.17
CA TRP D 103 26.06 -24.35 4.91
C TRP D 103 27.19 -25.37 4.94
N PHE D 104 28.35 -24.96 5.46
CA PHE D 104 29.54 -25.79 5.35
C PHE D 104 29.39 -27.12 6.08
N VAL D 105 28.42 -27.22 6.99
CA VAL D 105 28.12 -28.49 7.65
C VAL D 105 26.84 -29.11 7.10
N LYS D 106 25.79 -28.31 6.96
CA LYS D 106 24.52 -28.73 6.39
C LYS D 106 24.66 -29.19 4.95
N ASP D 107 25.76 -28.83 4.29
CA ASP D 107 26.01 -29.33 2.95
C ASP D 107 25.98 -30.85 2.96
N VAL D 108 25.31 -31.43 1.96
CA VAL D 108 25.21 -32.89 1.89
C VAL D 108 26.58 -33.53 2.09
N PRO D 109 27.62 -33.13 1.37
CA PRO D 109 28.99 -33.30 1.89
C PRO D 109 29.30 -32.16 2.84
N SER D 110 29.30 -32.46 4.13
CA SER D 110 29.62 -31.44 5.13
C SER D 110 31.10 -31.13 5.01
N LYS D 111 31.41 -29.97 4.42
CA LYS D 111 32.79 -29.69 4.05
C LYS D 111 33.71 -29.74 5.26
N ILE D 112 33.25 -29.22 6.40
CA ILE D 112 34.06 -29.29 7.61
C ILE D 112 34.18 -30.72 8.09
N GLY D 113 33.07 -31.44 8.17
CA GLY D 113 33.09 -32.82 8.63
C GLY D 113 33.89 -33.75 7.75
N THR D 114 34.14 -33.36 6.50
CA THR D 114 34.96 -34.15 5.60
C THR D 114 36.42 -33.70 5.65
N LEU D 115 36.68 -32.45 5.29
CA LEU D 115 38.02 -31.90 5.42
C LEU D 115 38.62 -32.27 6.76
N LEU D 116 38.05 -31.73 7.83
CA LEU D 116 38.26 -32.33 9.14
C LEU D 116 37.74 -33.75 9.04
N ASP D 117 38.59 -34.74 9.27
CA ASP D 117 38.13 -36.11 9.09
C ASP D 117 37.13 -36.40 10.20
N LEU D 118 35.85 -36.15 9.93
CA LEU D 118 34.83 -36.08 10.95
C LEU D 118 33.61 -36.89 10.52
N SER D 119 32.74 -37.13 11.49
CA SER D 119 31.37 -37.53 11.17
C SER D 119 30.67 -36.26 10.71
N ALA D 120 30.84 -35.94 9.43
CA ALA D 120 30.44 -34.62 8.94
C ALA D 120 28.96 -34.35 9.19
N THR D 121 28.15 -35.41 9.28
CA THR D 121 26.71 -35.28 9.48
C THR D 121 26.33 -35.26 10.96
N GLU D 122 26.69 -36.32 11.69
CA GLU D 122 26.20 -36.45 13.06
C GLU D 122 27.08 -35.73 14.06
N LEU D 123 28.30 -36.24 14.26
CA LEU D 123 29.15 -35.71 15.33
C LEU D 123 29.41 -34.23 15.17
N GLU D 124 29.34 -33.73 13.93
CA GLU D 124 29.61 -32.33 13.69
C GLU D 124 28.68 -31.46 14.53
N GLN D 125 27.38 -31.53 14.25
CA GLN D 125 26.40 -30.84 15.07
C GLN D 125 26.41 -31.36 16.50
N VAL D 126 26.78 -32.63 16.68
CA VAL D 126 26.81 -33.22 18.01
C VAL D 126 27.67 -32.36 18.94
N LEU D 127 28.86 -32.01 18.49
CA LEU D 127 29.71 -31.13 19.27
C LEU D 127 29.30 -29.67 19.16
N TYR D 128 28.79 -29.25 18.01
CA TYR D 128 28.43 -27.85 17.85
C TYR D 128 27.28 -27.43 18.76
N PHE D 129 26.40 -28.34 19.11
CA PHE D 129 25.23 -28.03 19.93
C PHE D 129 25.22 -28.79 21.25
N SER D 130 25.47 -30.09 21.21
CA SER D 130 25.68 -30.82 22.44
C SER D 130 27.13 -30.66 22.88
N LYS D 131 27.42 -31.03 24.12
CA LYS D 131 28.68 -30.67 24.77
C LYS D 131 29.61 -31.88 24.79
N TYR D 132 30.82 -31.71 24.27
CA TYR D 132 31.80 -32.80 24.21
C TYR D 132 33.21 -32.25 24.35
N ILE D 133 33.95 -32.79 25.29
CA ILE D 133 35.34 -32.43 25.50
C ILE D 133 36.19 -33.02 24.39
N VAL D 134 37.12 -32.22 23.87
CA VAL D 134 38.05 -32.68 22.86
C VAL D 134 39.35 -31.89 23.00
N LEU D 135 40.46 -32.61 23.16
CA LEU D 135 41.78 -32.01 23.00
C LEU D 135 42.77 -33.07 22.52
N ASP D 136 43.66 -32.66 21.63
CA ASP D 136 44.59 -33.51 20.88
C ASP D 136 45.81 -33.91 21.71
N PRO D 137 46.41 -32.99 22.50
CA PRO D 137 47.76 -33.23 23.04
C PRO D 137 47.97 -34.58 23.70
N LYS D 138 47.21 -34.87 24.76
CA LYS D 138 47.36 -36.13 25.45
C LYS D 138 46.26 -36.30 26.47
N GLY D 139 45.47 -37.35 26.30
CA GLY D 139 44.63 -37.86 27.36
C GLY D 139 45.33 -39.11 27.84
N ALA D 140 46.65 -39.02 27.95
CA ALA D 140 47.55 -40.16 28.12
C ALA D 140 46.98 -41.21 29.04
N ILE D 141 46.34 -40.78 30.13
CA ILE D 141 45.78 -41.73 31.08
C ILE D 141 44.76 -42.63 30.40
N LEU D 142 44.64 -43.85 30.92
CA LEU D 142 43.81 -44.86 30.31
C LEU D 142 42.33 -44.58 30.58
N ASN D 143 41.47 -45.15 29.74
CA ASN D 143 40.03 -45.05 29.90
C ASN D 143 39.30 -46.33 29.52
N GLY D 144 39.95 -47.47 29.62
CA GLY D 144 39.52 -48.69 28.96
C GLY D 144 40.21 -48.88 27.62
N VAL D 145 40.47 -47.78 26.92
CA VAL D 145 41.44 -47.76 25.82
C VAL D 145 42.49 -46.72 26.13
N PRO D 146 43.72 -46.95 25.67
CA PRO D 146 44.80 -46.03 25.98
C PRO D 146 44.48 -44.61 25.54
N VAL D 147 45.41 -43.70 25.83
CA VAL D 147 45.22 -42.30 25.54
C VAL D 147 44.59 -42.12 24.17
N GLU D 148 43.60 -41.24 24.11
CA GLU D 148 42.96 -40.85 22.86
C GLU D 148 43.63 -39.59 22.32
N LYS D 149 43.66 -39.47 20.99
CA LYS D 149 44.45 -38.40 20.39
C LYS D 149 43.57 -37.24 19.93
N ARG D 150 42.49 -37.51 19.20
CA ARG D 150 41.60 -36.42 18.78
C ARG D 150 40.12 -36.77 18.89
N GLN D 151 39.77 -37.91 19.47
CA GLN D 151 38.37 -38.30 19.59
C GLN D 151 37.66 -37.44 20.63
N LEU D 152 36.37 -37.22 20.39
CA LEU D 152 35.55 -36.45 21.31
C LEU D 152 34.92 -37.39 22.34
N LEU D 153 34.73 -36.88 23.54
CA LEU D 153 34.21 -37.69 24.63
C LEU D 153 33.06 -36.95 25.31
N THR D 154 32.28 -37.71 26.07
CA THR D 154 31.32 -37.13 26.98
C THR D 154 32.01 -36.84 28.32
N ASP D 155 31.72 -35.68 28.88
CA ASP D 155 32.48 -35.22 30.03
C ASP D 155 32.25 -36.06 31.28
N GLU D 156 31.23 -36.93 31.29
CA GLU D 156 31.04 -37.81 32.43
C GLU D 156 32.24 -38.72 32.64
N GLU D 157 32.66 -39.43 31.59
CA GLU D 157 33.83 -40.29 31.70
C GLU D 157 35.10 -39.48 31.89
N TYR D 158 35.18 -38.30 31.26
CA TYR D 158 36.37 -37.48 31.41
C TYR D 158 36.51 -36.97 32.84
N ARG D 159 35.39 -36.73 33.52
CA ARG D 159 35.40 -36.49 34.96
C ARG D 159 35.84 -37.71 35.74
N GLU D 160 35.09 -38.82 35.61
CA GLU D 160 35.45 -40.03 36.34
C GLU D 160 36.95 -40.30 36.22
N LEU D 161 37.50 -40.13 35.02
CA LEU D 161 38.95 -40.18 34.83
C LEU D 161 39.65 -39.06 35.59
N ARG D 162 39.06 -37.86 35.56
CA ARG D 162 39.74 -36.66 36.05
C ARG D 162 40.39 -36.87 37.40
N TYR D 163 39.86 -37.77 38.23
CA TYR D 163 40.23 -37.91 39.62
C TYR D 163 40.43 -39.35 40.06
N GLY D 164 40.94 -40.20 39.20
CA GLY D 164 41.08 -41.62 39.51
C GLY D 164 39.75 -42.36 39.37
N LYS D 165 39.22 -42.83 40.49
CA LYS D 165 37.84 -43.29 40.52
C LYS D 165 37.30 -43.15 41.94
N GLN D 166 36.65 -42.02 42.20
CA GLN D 166 35.92 -41.85 43.45
C GLN D 166 34.55 -42.47 43.32
N GLU D 167 34.23 -43.37 44.24
CA GLU D 167 32.95 -44.05 44.31
C GLU D 167 32.45 -43.84 45.73
N THR D 168 31.58 -42.86 45.92
CA THR D 168 31.09 -42.49 47.24
C THR D 168 29.74 -43.15 47.48
N TYR D 169 29.58 -43.73 48.66
CA TYR D 169 28.36 -44.42 49.03
C TYR D 169 27.99 -44.01 50.45
N PRO D 170 26.72 -43.69 50.69
CA PRO D 170 26.31 -43.24 52.02
C PRO D 170 26.40 -44.35 53.06
N LEU D 171 26.62 -43.93 54.31
CA LEU D 171 26.67 -44.83 55.44
C LEU D 171 25.43 -44.64 56.28
N PRO D 172 24.64 -45.69 56.53
CA PRO D 172 23.41 -45.52 57.31
C PRO D 172 23.72 -44.90 58.65
N PRO D 173 22.85 -44.01 59.14
CA PRO D 173 23.13 -43.32 60.41
C PRO D 173 23.29 -44.30 61.55
N GLY D 174 24.19 -43.97 62.48
CA GLY D 174 24.54 -44.85 63.56
C GLY D 174 25.26 -46.11 63.15
N VAL D 175 25.38 -46.38 61.85
CA VAL D 175 26.06 -47.56 61.35
C VAL D 175 27.50 -47.18 61.03
N ASP D 176 28.45 -47.84 61.70
CA ASP D 176 29.85 -47.62 61.39
C ASP D 176 30.25 -48.44 60.18
N ALA D 177 31.10 -47.85 59.34
CA ALA D 177 31.51 -48.50 58.10
C ALA D 177 32.45 -49.67 58.40
N LEU D 178 32.52 -50.61 57.45
CA LEU D 178 33.41 -51.74 57.56
C LEU D 178 34.76 -51.47 56.93
N VAL D 179 35.00 -50.22 56.51
CA VAL D 179 36.25 -49.80 55.91
C VAL D 179 36.92 -48.81 56.85
N LYS D 180 38.20 -48.57 56.62
CA LYS D 180 38.90 -47.53 57.36
C LYS D 180 39.04 -46.28 56.50
N ASP D 181 39.43 -45.18 57.17
CA ASP D 181 39.56 -43.90 56.47
C ASP D 181 40.60 -43.99 55.36
N GLY D 182 41.75 -44.59 55.64
CA GLY D 182 42.79 -44.73 54.64
C GLY D 182 42.99 -46.17 54.24
N GLU D 183 41.93 -46.97 54.38
CA GLU D 183 41.97 -48.38 54.04
C GLU D 183 41.75 -48.58 52.55
N GLU D 184 42.59 -49.39 51.92
CA GLU D 184 42.35 -49.77 50.53
C GLU D 184 41.08 -50.60 50.44
N VAL D 185 40.16 -50.16 49.60
CA VAL D 185 38.92 -50.87 49.32
C VAL D 185 38.90 -51.23 47.85
N VAL D 186 38.61 -52.50 47.56
CA VAL D 186 38.62 -53.00 46.20
C VAL D 186 37.22 -52.90 45.61
N LYS D 187 37.14 -52.94 44.29
CA LYS D 187 35.87 -52.92 43.57
C LYS D 187 34.97 -54.04 44.07
N GLY D 188 33.80 -53.68 44.62
CA GLY D 188 32.84 -54.65 45.11
C GLY D 188 32.87 -54.88 46.60
N GLN D 189 33.88 -54.38 47.30
CA GLN D 189 33.95 -54.56 48.75
C GLN D 189 32.87 -53.75 49.44
N GLU D 190 32.36 -54.28 50.55
CA GLU D 190 31.36 -53.59 51.35
C GLU D 190 32.01 -52.47 52.14
N LEU D 191 31.76 -51.22 51.73
CA LEU D 191 32.24 -50.08 52.52
C LEU D 191 31.52 -49.97 53.85
N ALA D 192 30.46 -50.74 54.05
CA ALA D 192 29.65 -50.73 55.26
C ALA D 192 28.83 -52.01 55.28
N PRO D 193 28.05 -52.25 56.33
CA PRO D 193 27.25 -53.49 56.37
C PRO D 193 26.36 -53.69 55.15
N GLY D 194 25.78 -52.62 54.63
CA GLY D 194 24.91 -52.73 53.47
C GLY D 194 25.53 -52.21 52.19
N VAL D 195 26.44 -51.25 52.31
CA VAL D 195 27.04 -50.62 51.15
C VAL D 195 28.07 -51.56 50.51
N VAL D 196 28.11 -51.55 49.18
CA VAL D 196 29.07 -52.33 48.41
C VAL D 196 29.79 -51.39 47.45
N SER D 197 31.12 -51.43 47.46
CA SER D 197 31.89 -50.64 46.53
C SER D 197 31.73 -51.17 45.11
N ARG D 198 32.16 -50.36 44.14
CA ARG D 198 32.03 -50.72 42.73
C ARG D 198 33.33 -50.58 41.95
N LEU D 199 34.40 -50.06 42.56
CA LEU D 199 35.69 -49.97 41.90
C LEU D 199 36.76 -49.74 42.94
N ASP D 200 37.97 -50.23 42.64
CA ASP D 200 39.03 -50.28 43.63
C ASP D 200 39.57 -48.88 43.92
N GLY D 201 40.44 -48.82 44.92
CA GLY D 201 41.07 -47.59 45.35
C GLY D 201 41.23 -47.59 46.84
N VAL D 202 41.26 -46.41 47.42
CA VAL D 202 41.29 -46.22 48.86
C VAL D 202 39.95 -45.66 49.28
N ALA D 203 39.28 -46.31 50.23
CA ALA D 203 38.04 -45.80 50.78
C ALA D 203 38.33 -44.83 51.90
N LEU D 204 37.90 -43.59 51.72
CA LEU D 204 38.03 -42.53 52.70
C LEU D 204 36.69 -42.29 53.36
N TYR D 205 36.73 -41.93 54.64
CA TYR D 205 35.53 -41.66 55.40
C TYR D 205 34.99 -40.27 55.11
N ARG D 206 33.70 -40.10 55.35
CA ARG D 206 33.01 -38.81 55.22
C ARG D 206 32.22 -38.60 56.50
N PHE D 207 32.75 -37.75 57.38
CA PHE D 207 32.16 -37.48 58.69
C PHE D 207 31.84 -38.78 59.42
N ALA D 391 30.05 -40.59 57.83
CA ALA D 391 28.73 -40.48 57.22
C ALA D 391 28.65 -41.27 55.92
N SER D 392 29.79 -41.40 55.24
CA SER D 392 29.84 -42.17 54.00
C SER D 392 31.25 -42.66 53.77
N ILE D 393 31.44 -43.41 52.69
CA ILE D 393 32.77 -43.86 52.29
C ILE D 393 32.93 -43.67 50.80
N LEU D 394 34.03 -43.06 50.39
CA LEU D 394 34.36 -42.86 48.98
C LEU D 394 35.63 -43.62 48.66
N VAL D 395 35.51 -44.68 47.86
CA VAL D 395 36.70 -45.37 47.40
C VAL D 395 37.18 -44.71 46.11
N VAL D 396 38.33 -44.05 46.19
CA VAL D 396 38.90 -43.37 45.04
C VAL D 396 39.98 -44.26 44.46
N LYS D 397 39.83 -44.62 43.20
CA LYS D 397 40.82 -45.44 42.52
C LYS D 397 42.16 -44.72 42.47
N ALA D 398 43.11 -45.20 43.26
CA ALA D 398 44.41 -44.55 43.39
C ALA D 398 45.32 -45.47 44.19
N ARG D 399 46.61 -45.19 44.12
CA ARG D 399 47.58 -45.87 44.95
C ARG D 399 47.96 -44.98 46.12
N VAL D 400 48.07 -45.59 47.30
CA VAL D 400 48.20 -44.86 48.55
C VAL D 400 49.66 -44.85 48.95
N TYR D 401 50.09 -43.76 49.57
CA TYR D 401 51.48 -43.59 50.01
C TYR D 401 51.46 -42.82 51.32
N PRO D 402 51.43 -43.49 52.46
CA PRO D 402 51.38 -42.77 53.74
C PRO D 402 52.60 -41.88 53.91
N PHE D 403 52.38 -40.70 54.48
CA PHE D 403 53.47 -39.79 54.80
C PHE D 403 53.48 -39.52 56.29
N GLU D 404 54.67 -39.59 56.90
CA GLU D 404 54.87 -39.12 58.26
C GLU D 404 55.72 -37.86 58.29
N ASP D 405 56.34 -37.50 57.17
CA ASP D 405 57.11 -36.29 56.98
C ASP D 405 56.26 -35.28 56.20
N ASP D 406 56.89 -34.19 55.78
CA ASP D 406 56.20 -33.22 54.93
C ASP D 406 55.75 -33.89 53.65
N VAL D 407 54.59 -33.48 53.16
CA VAL D 407 54.05 -33.98 51.91
C VAL D 407 54.75 -33.27 50.76
N GLU D 408 54.99 -34.01 49.68
CA GLU D 408 55.75 -33.49 48.56
C GLU D 408 54.88 -33.20 47.35
N VAL D 409 53.76 -33.90 47.20
CA VAL D 409 52.78 -33.58 46.18
C VAL D 409 51.64 -32.85 46.87
N SER D 410 50.92 -32.06 46.08
CA SER D 410 49.76 -31.33 46.54
C SER D 410 48.50 -31.99 46.03
N THR D 411 47.47 -32.04 46.87
CA THR D 411 46.19 -32.58 46.44
C THR D 411 45.70 -31.79 45.23
N GLY D 412 45.66 -32.44 44.08
CA GLY D 412 45.34 -31.77 42.84
C GLY D 412 46.39 -32.02 41.78
N ASP D 413 47.65 -32.05 42.20
CA ASP D 413 48.74 -32.31 41.27
C ASP D 413 48.69 -33.77 40.80
N ARG D 414 49.01 -33.97 39.53
CA ARG D 414 49.00 -35.29 38.93
C ARG D 414 50.42 -35.74 38.70
N VAL D 415 50.81 -36.84 39.35
CA VAL D 415 52.19 -37.23 39.54
C VAL D 415 52.45 -38.52 38.77
N ALA D 416 53.65 -38.64 38.21
CA ALA D 416 54.06 -39.83 37.48
C ALA D 416 54.68 -40.86 38.42
N PRO D 417 54.74 -42.12 37.98
CA PRO D 417 55.46 -43.14 38.75
C PRO D 417 56.90 -42.72 39.02
N GLY D 418 57.26 -42.67 40.30
CA GLY D 418 58.56 -42.22 40.75
C GLY D 418 58.53 -40.84 41.37
N ASP D 419 57.60 -39.98 40.96
CA ASP D 419 57.54 -38.62 41.46
C ASP D 419 57.29 -38.62 42.96
N VAL D 420 57.95 -37.71 43.67
CA VAL D 420 57.86 -37.68 45.11
C VAL D 420 56.50 -37.14 45.52
N LEU D 421 55.83 -37.86 46.42
CA LEU D 421 54.54 -37.43 46.95
C LEU D 421 54.66 -36.72 48.29
N ALA D 422 55.60 -37.14 49.13
CA ALA D 422 55.72 -36.60 50.47
C ALA D 422 57.03 -37.09 51.06
N ASP D 423 57.35 -36.57 52.23
CA ASP D 423 58.48 -37.06 53.01
C ASP D 423 59.75 -37.09 52.17
N GLY D 424 59.82 -36.19 51.20
CA GLY D 424 60.92 -36.26 50.27
C GLY D 424 60.85 -37.53 49.43
N GLY D 425 62.02 -38.05 49.09
CA GLY D 425 62.12 -39.19 48.19
C GLY D 425 61.58 -40.48 48.76
N LYS D 426 61.26 -40.50 50.05
CA LYS D 426 60.73 -41.72 50.65
C LYS D 426 59.27 -41.92 50.25
N VAL D 427 58.45 -40.88 50.38
CA VAL D 427 57.08 -40.92 49.88
C VAL D 427 57.09 -40.41 48.45
N LYS D 428 57.01 -41.33 47.49
CA LYS D 428 57.07 -41.02 46.08
C LYS D 428 55.82 -41.55 45.40
N SER D 429 55.47 -40.95 44.28
CA SER D 429 54.41 -41.51 43.47
C SER D 429 54.99 -42.40 42.37
N ASP D 430 54.57 -43.66 42.38
CA ASP D 430 54.86 -44.58 41.29
C ASP D 430 53.64 -44.82 40.42
N VAL D 431 52.67 -43.90 40.45
CA VAL D 431 51.45 -43.99 39.67
C VAL D 431 51.21 -42.65 39.00
N TYR D 432 50.87 -42.68 37.72
CA TYR D 432 50.41 -41.46 37.07
C TYR D 432 49.04 -41.07 37.63
N GLY D 433 48.82 -39.78 37.71
CA GLY D 433 47.48 -39.31 38.03
C GLY D 433 47.49 -38.27 39.11
N ARG D 434 46.30 -37.73 39.37
CA ARG D 434 46.11 -36.65 40.33
C ARG D 434 46.39 -37.16 41.73
N VAL D 435 46.76 -36.23 42.62
CA VAL D 435 47.17 -36.57 43.96
C VAL D 435 46.24 -35.90 44.96
N GLU D 436 45.90 -36.64 46.01
CA GLU D 436 45.14 -36.13 47.14
C GLU D 436 45.99 -36.33 48.38
N VAL D 437 46.45 -35.24 48.98
CA VAL D 437 47.26 -35.31 50.19
C VAL D 437 46.29 -35.12 51.36
N ASP D 438 45.85 -36.24 51.92
CA ASP D 438 44.89 -36.23 53.02
C ASP D 438 45.66 -36.37 54.32
N LEU D 439 45.74 -35.26 55.06
CA LEU D 439 46.26 -35.29 56.42
C LEU D 439 45.35 -36.05 57.37
N VAL D 440 44.16 -36.43 56.90
CA VAL D 440 43.22 -37.16 57.75
C VAL D 440 43.89 -38.41 58.31
N ARG D 441 44.63 -39.14 57.48
CA ARG D 441 45.48 -40.22 57.95
C ARG D 441 46.93 -39.99 57.56
N ASN D 442 47.26 -38.78 57.10
CA ASN D 442 48.62 -38.43 56.69
C ASN D 442 49.10 -39.36 55.59
N VAL D 443 48.42 -39.30 54.45
CA VAL D 443 48.81 -40.06 53.27
C VAL D 443 48.70 -39.18 52.03
N VAL D 444 49.45 -39.56 51.00
CA VAL D 444 49.35 -38.97 49.68
C VAL D 444 48.88 -40.08 48.76
N ARG D 445 47.68 -39.94 48.23
CA ARG D 445 47.12 -40.93 47.32
C ARG D 445 47.21 -40.40 45.89
N VAL D 446 47.99 -41.06 45.07
CA VAL D 446 48.07 -40.72 43.65
C VAL D 446 46.93 -41.45 42.97
N VAL D 447 45.85 -40.74 42.68
CA VAL D 447 44.82 -41.31 41.84
C VAL D 447 45.39 -41.47 40.45
N GLU D 448 44.86 -42.44 39.69
CA GLU D 448 45.39 -42.67 38.37
C GLU D 448 45.10 -41.49 37.45
N SER D 449 44.27 -40.56 37.89
CA SER D 449 43.83 -39.46 37.04
C SER D 449 44.97 -38.51 36.73
N TYR D 450 45.58 -38.68 35.57
CA TYR D 450 46.72 -37.87 35.20
C TYR D 450 46.22 -36.74 34.31
N ASP D 451 47.09 -35.81 33.95
CA ASP D 451 46.67 -34.54 33.34
C ASP D 451 45.94 -34.81 32.04
N ILE D 452 44.63 -34.62 32.07
CA ILE D 452 43.78 -34.66 30.87
C ILE D 452 42.89 -33.44 30.91
N ASP D 453 43.06 -32.55 29.94
CA ASP D 453 42.29 -31.32 29.93
C ASP D 453 41.04 -31.52 29.07
N ALA D 454 40.32 -30.43 28.79
CA ALA D 454 39.03 -30.46 28.11
C ALA D 454 38.90 -29.32 27.11
N ARG D 455 38.11 -29.54 26.06
CA ARG D 455 37.73 -28.45 25.16
C ARG D 455 36.33 -28.68 24.62
N MET D 456 35.74 -27.62 24.07
CA MET D 456 34.37 -27.71 23.58
C MET D 456 34.12 -26.71 22.45
N GLY D 457 33.10 -27.02 21.66
CA GLY D 457 32.31 -26.15 20.81
C GLY D 457 33.06 -25.51 19.66
N ALA D 458 32.43 -24.48 19.09
CA ALA D 458 32.91 -23.86 17.88
C ALA D 458 34.32 -23.30 18.05
N GLU D 459 34.69 -22.93 19.29
CA GLU D 459 36.04 -22.43 19.52
C GLU D 459 37.07 -23.52 19.25
N ALA D 460 36.87 -24.70 19.83
CA ALA D 460 37.73 -25.83 19.52
C ALA D 460 37.63 -26.17 18.03
N ILE D 461 36.46 -25.96 17.45
CA ILE D 461 36.29 -26.20 16.02
C ILE D 461 37.26 -25.35 15.22
N GLN D 462 37.21 -24.05 15.44
CA GLN D 462 38.07 -23.10 14.74
C GLN D 462 39.54 -23.33 15.09
N GLN D 463 39.81 -23.79 16.31
CA GLN D 463 41.18 -24.13 16.67
C GLN D 463 41.71 -25.26 15.81
N LEU D 464 40.97 -26.37 15.74
CA LEU D 464 41.38 -27.46 14.88
C LEU D 464 41.53 -26.97 13.45
N LEU D 465 40.60 -26.12 13.03
CA LEU D 465 40.74 -25.44 11.75
C LEU D 465 42.13 -24.85 11.59
N LYS D 466 42.49 -23.96 12.50
CA LYS D 466 43.81 -23.36 12.51
C LYS D 466 44.90 -24.38 12.85
N GLU D 467 44.53 -25.46 13.54
CA GLU D 467 45.49 -26.47 13.97
C GLU D 467 45.92 -27.40 12.84
N LEU D 468 45.41 -27.20 11.62
CA LEU D 468 45.66 -28.12 10.51
C LEU D 468 46.48 -27.42 9.43
N ASP D 469 47.53 -28.09 8.97
CA ASP D 469 48.31 -27.67 7.82
C ASP D 469 47.99 -28.61 6.65
N LEU D 470 47.61 -28.03 5.51
CA LEU D 470 46.93 -28.83 4.48
C LEU D 470 47.86 -29.78 3.74
N GLU D 471 49.05 -29.32 3.33
CA GLU D 471 49.90 -30.17 2.51
C GLU D 471 50.22 -31.50 3.20
N ALA D 472 50.25 -31.52 4.52
CA ALA D 472 50.38 -32.78 5.24
C ALA D 472 49.23 -33.71 4.87
N LEU D 473 48.01 -33.23 5.02
CA LEU D 473 46.85 -34.03 4.68
C LEU D 473 46.90 -34.46 3.22
N GLU D 474 47.35 -33.57 2.33
CA GLU D 474 47.33 -33.90 0.90
C GLU D 474 48.30 -35.03 0.61
N LYS D 475 49.50 -34.99 1.18
CA LYS D 475 50.44 -36.09 0.98
C LYS D 475 49.85 -37.39 1.53
N GLU D 476 49.24 -37.31 2.72
CA GLU D 476 48.66 -38.52 3.31
C GLU D 476 47.53 -39.07 2.46
N LEU D 477 46.72 -38.19 1.89
CA LEU D 477 45.61 -38.63 1.06
C LEU D 477 46.13 -39.19 -0.27
N LEU D 478 47.21 -38.60 -0.80
CA LEU D 478 47.84 -39.20 -1.98
C LEU D 478 48.23 -40.63 -1.69
N GLU D 479 48.87 -40.86 -0.54
CA GLU D 479 49.17 -42.24 -0.15
C GLU D 479 47.89 -43.06 -0.06
N GLU D 480 46.89 -42.54 0.64
CA GLU D 480 45.65 -43.27 0.88
C GLU D 480 44.88 -43.64 -0.39
N MET D 481 45.02 -42.88 -1.48
CA MET D 481 44.45 -43.34 -2.73
C MET D 481 45.39 -44.23 -3.53
N LYS D 482 46.59 -43.72 -3.84
CA LYS D 482 47.39 -44.36 -4.87
C LYS D 482 47.76 -45.79 -4.49
N HIS D 483 48.04 -46.03 -3.21
CA HIS D 483 48.34 -47.36 -2.66
C HIS D 483 47.06 -48.15 -2.41
N PRO D 484 46.19 -47.65 -1.55
CA PRO D 484 45.07 -48.47 -1.07
C PRO D 484 44.06 -48.83 -2.13
N SER D 485 43.06 -49.60 -1.73
CA SER D 485 41.98 -50.01 -2.60
C SER D 485 40.91 -48.92 -2.64
N ARG D 486 39.96 -49.07 -3.55
CA ARG D 486 38.96 -48.03 -3.78
C ARG D 486 38.15 -47.71 -2.54
N ALA D 487 37.71 -48.74 -1.78
CA ALA D 487 36.73 -48.52 -0.73
C ALA D 487 37.06 -47.30 0.11
N ARG D 488 38.33 -47.13 0.44
CA ARG D 488 38.80 -46.03 1.30
C ARG D 488 39.45 -44.91 0.52
N ARG D 489 40.25 -45.23 -0.50
CA ARG D 489 40.92 -44.19 -1.27
C ARG D 489 39.95 -43.32 -2.04
N ALA D 490 38.76 -43.82 -2.35
CA ALA D 490 37.76 -42.99 -3.01
C ALA D 490 37.38 -41.81 -2.14
N LYS D 491 37.06 -42.07 -0.88
CA LYS D 491 36.79 -40.98 0.05
C LYS D 491 38.04 -40.16 0.33
N ALA D 492 39.21 -40.82 0.36
CA ALA D 492 40.46 -40.08 0.50
C ALA D 492 40.54 -38.99 -0.56
N ARG D 493 40.31 -39.35 -1.82
CA ARG D 493 40.34 -38.36 -2.89
C ARG D 493 39.14 -37.41 -2.81
N LYS D 494 38.01 -37.90 -2.33
CA LYS D 494 36.86 -37.03 -2.16
C LYS D 494 37.24 -35.83 -1.32
N ARG D 495 37.94 -36.07 -0.21
CA ARG D 495 38.41 -34.95 0.61
C ARG D 495 39.61 -34.25 -0.03
N LEU D 496 40.50 -35.00 -0.68
CA LEU D 496 41.66 -34.40 -1.32
C LEU D 496 41.25 -33.35 -2.35
N GLU D 497 40.07 -33.50 -2.93
CA GLU D 497 39.63 -32.53 -3.93
C GLU D 497 39.39 -31.17 -3.30
N VAL D 498 38.66 -31.13 -2.18
CA VAL D 498 38.47 -29.87 -1.46
C VAL D 498 39.81 -29.38 -0.92
N VAL D 499 40.69 -30.31 -0.52
CA VAL D 499 42.01 -29.93 -0.07
C VAL D 499 42.75 -29.17 -1.17
N ARG D 500 42.69 -29.70 -2.39
CA ARG D 500 43.28 -29.04 -3.54
C ARG D 500 42.64 -27.68 -3.75
N ALA D 501 41.31 -27.62 -3.66
CA ALA D 501 40.61 -26.35 -3.85
C ALA D 501 41.17 -25.30 -2.91
N PHE D 502 41.24 -25.63 -1.61
CA PHE D 502 41.78 -24.68 -0.65
C PHE D 502 43.23 -24.34 -0.94
N LEU D 503 44.07 -25.35 -1.10
CA LEU D 503 45.50 -25.12 -1.24
C LEU D 503 45.81 -24.23 -2.43
N ASP D 504 45.32 -24.62 -3.61
CA ASP D 504 45.60 -23.84 -4.81
C ASP D 504 44.82 -22.53 -4.80
N SER D 505 43.76 -22.44 -4.00
CA SER D 505 42.94 -21.24 -3.98
C SER D 505 43.61 -20.12 -3.21
N GLY D 506 44.54 -20.44 -2.32
CA GLY D 506 45.09 -19.40 -1.47
C GLY D 506 44.37 -19.31 -0.14
N ASN D 507 43.36 -18.43 -0.08
CA ASN D 507 42.65 -18.07 1.14
C ASN D 507 42.50 -19.23 2.12
N ARG D 508 42.83 -18.95 3.39
CA ARG D 508 42.75 -19.91 4.49
C ARG D 508 41.30 -20.19 4.88
N PRO D 509 41.00 -21.43 5.30
CA PRO D 509 39.71 -21.70 5.93
C PRO D 509 39.63 -21.22 7.37
N GLU D 510 40.67 -20.57 7.89
CA GLU D 510 40.61 -20.11 9.27
C GLU D 510 39.42 -19.21 9.54
N TRP D 511 38.91 -18.54 8.51
CA TRP D 511 37.62 -17.86 8.60
C TRP D 511 36.51 -18.71 8.00
N MET D 512 36.71 -20.03 7.92
CA MET D 512 35.69 -20.92 7.39
C MET D 512 34.39 -20.79 8.18
N ILE D 513 34.49 -20.41 9.45
CA ILE D 513 33.34 -20.22 10.31
C ILE D 513 33.09 -18.71 10.46
N LEU D 514 32.01 -18.38 11.16
CA LEU D 514 31.49 -17.02 11.18
C LEU D 514 31.64 -16.43 12.58
N GLU D 515 32.31 -15.28 12.67
CA GLU D 515 32.42 -14.57 13.93
C GLU D 515 32.13 -13.07 13.86
N ALA D 516 32.25 -12.45 12.69
CA ALA D 516 31.92 -11.04 12.50
C ALA D 516 30.93 -10.98 11.34
N VAL D 517 29.64 -10.96 11.67
CA VAL D 517 28.58 -11.05 10.67
C VAL D 517 28.23 -9.63 10.23
N PRO D 518 28.49 -9.25 8.98
CA PRO D 518 28.08 -7.92 8.52
C PRO D 518 26.57 -7.78 8.53
N VAL D 519 26.12 -6.54 8.67
CA VAL D 519 24.72 -6.20 8.92
C VAL D 519 24.20 -5.44 7.72
N LEU D 520 23.16 -5.98 7.08
CA LEU D 520 22.66 -5.45 5.82
C LEU D 520 22.52 -3.93 5.83
N PRO D 521 22.75 -3.28 4.69
CA PRO D 521 22.47 -1.85 4.61
C PRO D 521 20.99 -1.58 4.85
N PRO D 522 20.66 -0.41 5.39
CA PRO D 522 19.32 -0.23 5.97
C PRO D 522 18.19 -0.45 4.99
N ASP D 523 18.12 0.35 3.92
CA ASP D 523 16.98 0.25 3.01
C ASP D 523 16.89 -1.12 2.37
N LEU D 524 18.02 -1.82 2.25
CA LEU D 524 18.01 -3.13 1.63
C LEU D 524 16.96 -4.04 2.25
N ARG D 525 16.82 -4.03 3.56
CA ARG D 525 15.64 -4.69 4.12
C ARG D 525 14.68 -3.60 4.57
N PRO D 526 13.87 -3.10 3.64
CA PRO D 526 13.13 -1.85 3.86
C PRO D 526 12.12 -1.99 5.00
N MET D 527 11.88 -0.89 5.71
CA MET D 527 10.72 -0.80 6.61
C MET D 527 9.82 0.31 6.06
N VAL D 528 8.68 -0.10 5.51
CA VAL D 528 7.79 0.84 4.87
C VAL D 528 6.60 1.06 5.78
N GLN D 529 6.18 2.32 5.89
CA GLN D 529 5.02 2.64 6.70
C GLN D 529 3.77 2.34 5.89
N VAL D 530 2.99 1.36 6.34
CA VAL D 530 1.85 0.94 5.55
C VAL D 530 0.78 2.01 5.68
N ASP D 531 0.27 2.20 6.90
CA ASP D 531 -0.64 3.31 7.17
C ASP D 531 -1.01 3.37 8.65
N GLY D 532 -1.39 4.55 9.13
CA GLY D 532 -1.89 4.69 10.48
C GLY D 532 -0.96 4.27 11.59
N GLY D 533 0.29 3.90 11.28
CA GLY D 533 1.26 3.53 12.29
C GLY D 533 1.82 2.13 12.17
N ARG D 534 1.20 1.25 11.38
CA ARG D 534 1.74 -0.09 11.22
C ARG D 534 2.97 -0.06 10.32
N PHE D 535 3.86 -1.02 10.54
CA PHE D 535 5.17 -1.04 9.90
C PHE D 535 5.34 -2.37 9.17
N ALA D 536 5.73 -2.33 7.89
CA ALA D 536 6.02 -3.53 7.15
C ALA D 536 7.53 -3.66 6.97
N THR D 537 8.13 -4.64 7.63
CA THR D 537 9.58 -4.76 7.71
C THR D 537 10.03 -6.05 7.05
N SER D 538 11.12 -5.96 6.29
CA SER D 538 11.71 -7.13 5.68
C SER D 538 12.27 -8.02 6.80
N ASP D 539 11.95 -9.31 6.74
CA ASP D 539 12.11 -10.17 7.91
C ASP D 539 13.54 -10.22 8.43
N LEU D 540 14.52 -9.77 7.64
CA LEU D 540 15.90 -9.81 8.12
C LEU D 540 16.03 -9.14 9.47
N ASN D 541 15.40 -7.97 9.63
CA ASN D 541 15.46 -7.26 10.91
C ASN D 541 14.84 -8.09 12.02
N ASP D 542 13.74 -8.79 11.72
CA ASP D 542 13.09 -9.63 12.72
C ASP D 542 14.07 -10.63 13.29
N LEU D 543 15.07 -11.02 12.51
CA LEU D 543 16.08 -11.98 12.95
C LEU D 543 17.29 -11.27 13.56
N TYR D 544 17.64 -10.12 12.99
CA TYR D 544 18.76 -9.32 13.49
C TYR D 544 18.52 -8.97 14.95
N ARG D 545 17.30 -8.54 15.27
CA ARG D 545 16.94 -8.18 16.63
C ARG D 545 17.20 -9.35 17.58
N ARG D 546 16.69 -10.52 17.21
CA ARG D 546 16.86 -11.70 18.05
C ARG D 546 18.33 -12.04 18.23
N LEU D 547 19.10 -11.96 17.14
CA LEU D 547 20.54 -12.18 17.21
C LEU D 547 21.18 -11.23 18.21
N ILE D 548 20.79 -9.96 18.15
CA ILE D 548 21.36 -8.98 19.06
C ILE D 548 21.05 -9.37 20.49
N ASN D 549 19.79 -9.71 20.76
CA ASN D 549 19.42 -10.15 22.10
C ASN D 549 20.25 -11.35 22.53
N ARG D 550 20.46 -12.27 21.59
CA ARG D 550 21.20 -13.48 21.89
C ARG D 550 22.56 -13.08 22.44
N ASN D 551 23.30 -12.36 21.60
CA ASN D 551 24.66 -11.95 21.90
C ASN D 551 24.71 -11.12 23.17
N ASN D 552 23.71 -10.27 23.37
CA ASN D 552 23.70 -9.40 24.54
C ASN D 552 23.64 -10.21 25.83
N ARG D 553 22.68 -11.14 25.92
CA ARG D 553 22.60 -11.91 27.16
C ARG D 553 23.84 -12.78 27.33
N LEU D 554 24.40 -13.24 26.22
CA LEU D 554 25.66 -13.99 26.32
C LEU D 554 26.73 -13.14 27.00
N LYS D 555 26.90 -11.90 26.53
CA LYS D 555 27.87 -10.99 27.14
C LYS D 555 27.57 -10.82 28.62
N LYS D 556 26.29 -10.60 28.94
CA LYS D 556 25.90 -10.39 30.32
C LYS D 556 26.31 -11.56 31.21
N LEU D 557 25.94 -12.78 30.81
CA LEU D 557 26.25 -13.93 31.63
C LEU D 557 27.73 -14.20 31.71
N LEU D 558 28.48 -13.96 30.65
CA LEU D 558 29.93 -14.09 30.72
C LEU D 558 30.53 -13.08 31.67
N ALA D 559 29.90 -11.91 31.79
CA ALA D 559 30.27 -10.97 32.83
C ALA D 559 29.73 -11.39 34.19
N GLN D 560 28.51 -11.93 34.24
CA GLN D 560 27.88 -12.19 35.53
C GLN D 560 28.38 -13.49 36.16
N GLY D 561 28.12 -14.62 35.49
CA GLY D 561 28.42 -15.90 36.09
C GLY D 561 28.44 -17.02 35.07
N ALA D 562 29.03 -18.16 35.43
CA ALA D 562 29.27 -19.27 34.51
C ALA D 562 28.43 -20.48 34.92
N PRO D 563 27.12 -20.44 34.69
CA PRO D 563 26.31 -21.67 34.75
C PRO D 563 26.53 -22.48 33.49
N GLU D 564 27.38 -23.50 33.58
CA GLU D 564 27.91 -24.12 32.38
C GLU D 564 26.82 -24.71 31.51
N ILE D 565 25.86 -25.40 32.12
CA ILE D 565 24.68 -25.86 31.39
C ILE D 565 23.98 -24.65 30.76
N ILE D 566 23.75 -23.62 31.57
CA ILE D 566 23.12 -22.41 31.06
C ILE D 566 23.94 -21.83 29.92
N ILE D 567 25.24 -21.65 30.14
CA ILE D 567 26.10 -21.03 29.14
C ILE D 567 26.01 -21.78 27.82
N ARG D 568 26.09 -23.11 27.87
CA ARG D 568 25.95 -23.90 26.65
C ARG D 568 24.58 -23.70 26.04
N ASN D 569 23.56 -23.48 26.88
CA ASN D 569 22.24 -23.16 26.35
C ASN D 569 22.28 -21.90 25.50
N GLU D 570 22.84 -20.81 26.05
CA GLU D 570 22.87 -19.58 25.27
C GLU D 570 23.77 -19.75 24.04
N LYS D 571 24.79 -20.59 24.14
CA LYS D 571 25.62 -20.86 22.96
C LYS D 571 24.80 -21.52 21.87
N ARG D 572 23.97 -22.49 22.24
CA ARG D 572 23.10 -23.15 21.27
C ARG D 572 22.12 -22.15 20.66
N MET D 573 21.49 -21.32 21.48
CA MET D 573 20.59 -20.32 20.92
C MET D 573 21.32 -19.37 19.99
N LEU D 574 22.54 -18.97 20.35
CA LEU D 574 23.31 -18.07 19.51
C LEU D 574 23.60 -18.70 18.16
N GLN D 575 24.14 -19.91 18.16
CA GLN D 575 24.49 -20.56 16.90
C GLN D 575 23.25 -20.85 16.07
N GLU D 576 22.16 -21.27 16.72
CA GLU D 576 20.92 -21.54 16.00
C GLU D 576 20.38 -20.27 15.36
N ALA D 577 20.46 -19.15 16.07
CA ALA D 577 20.06 -17.88 15.47
C ALA D 577 20.94 -17.54 14.28
N VAL D 578 22.24 -17.77 14.39
CA VAL D 578 23.14 -17.52 13.26
C VAL D 578 22.70 -18.33 12.06
N ASP D 579 22.47 -19.63 12.26
CA ASP D 579 22.11 -20.51 11.15
C ASP D 579 20.75 -20.12 10.56
N ALA D 580 19.78 -19.81 11.41
CA ALA D 580 18.47 -19.39 10.92
C ALA D 580 18.59 -18.13 10.07
N LEU D 581 19.40 -17.17 10.54
CA LEU D 581 19.67 -15.98 9.74
C LEU D 581 20.24 -16.37 8.38
N LEU D 582 21.21 -17.29 8.37
CA LEU D 582 21.69 -17.84 7.11
C LEU D 582 20.58 -18.58 6.38
N ASP D 583 19.79 -19.36 7.12
CA ASP D 583 18.73 -20.15 6.52
C ASP D 583 17.68 -20.54 7.57
N ASN D 584 16.43 -20.27 7.26
CA ASN D 584 15.33 -20.77 8.07
C ASN D 584 14.85 -22.12 7.54
N GLY D 585 14.44 -22.99 8.46
CA GLY D 585 13.90 -24.29 8.12
C GLY D 585 14.90 -25.42 8.17
N ARG D 586 16.20 -25.14 8.01
CA ARG D 586 17.20 -26.20 8.04
C ARG D 586 17.18 -26.96 9.35
N ARG D 587 16.78 -26.31 10.44
CA ARG D 587 16.69 -26.96 11.75
C ARG D 587 15.48 -26.32 12.45
N GLY D 588 14.34 -26.97 12.34
CA GLY D 588 13.11 -26.35 12.78
C GLY D 588 12.66 -25.29 11.79
N ALA D 589 11.55 -24.61 12.07
CA ALA D 589 10.99 -23.61 11.18
C ALA D 589 10.72 -22.33 11.97
N PRO D 590 11.75 -21.55 12.27
CA PRO D 590 11.52 -20.27 12.96
C PRO D 590 10.61 -19.36 12.15
N VAL D 591 9.73 -18.67 12.88
CA VAL D 591 8.77 -17.76 12.27
C VAL D 591 8.67 -16.53 13.18
N THR D 592 7.85 -15.56 12.79
CA THR D 592 7.70 -14.34 13.56
C THR D 592 6.87 -14.62 14.81
N ASN D 593 6.48 -13.56 15.52
CA ASN D 593 5.70 -13.72 16.74
C ASN D 593 4.34 -14.33 16.42
N PRO D 594 3.62 -14.80 17.45
CA PRO D 594 2.30 -15.39 17.23
C PRO D 594 1.45 -14.61 16.23
N GLY D 595 0.78 -15.34 15.34
CA GLY D 595 -0.06 -14.72 14.33
C GLY D 595 0.09 -15.38 12.98
N SER D 596 1.25 -15.99 12.74
CA SER D 596 1.53 -16.66 11.48
C SER D 596 2.66 -17.65 11.63
N ASP D 597 2.43 -18.91 11.24
CA ASP D 597 3.48 -19.94 11.28
C ASP D 597 4.22 -19.95 9.94
N ARG D 598 4.69 -18.76 9.54
CA ARG D 598 5.40 -18.60 8.27
C ARG D 598 6.86 -18.28 8.54
N PRO D 599 7.77 -19.22 8.35
CA PRO D 599 9.19 -18.92 8.61
C PRO D 599 9.65 -17.69 7.85
N LEU D 600 10.29 -16.77 8.57
CA LEU D 600 10.79 -15.55 7.94
C LEU D 600 11.74 -15.91 6.80
N ARG D 601 11.62 -15.19 5.69
CA ARG D 601 12.52 -15.40 4.56
C ARG D 601 13.95 -15.11 4.98
N SER D 602 14.79 -16.15 4.98
CA SER D 602 16.19 -16.00 5.34
C SER D 602 17.02 -15.59 4.12
N LEU D 603 18.31 -15.37 4.36
CA LEU D 603 19.23 -15.05 3.28
C LEU D 603 19.10 -16.07 2.16
N THR D 604 19.05 -17.35 2.53
CA THR D 604 18.82 -18.39 1.53
C THR D 604 17.49 -18.17 0.82
N ASP D 605 16.44 -17.90 1.59
CA ASP D 605 15.13 -17.71 0.98
C ASP D 605 15.13 -16.51 0.04
N ILE D 606 15.79 -15.41 0.42
CA ILE D 606 15.84 -14.25 -0.45
C ILE D 606 16.64 -14.54 -1.71
N LEU D 607 17.72 -15.30 -1.60
CA LEU D 607 18.61 -15.53 -2.73
C LEU D 607 18.15 -16.69 -3.61
N SER D 608 17.16 -17.46 -3.18
CA SER D 608 16.71 -18.63 -3.91
C SER D 608 15.19 -18.66 -3.97
N GLY D 609 14.66 -19.80 -4.43
CA GLY D 609 13.24 -20.00 -4.61
C GLY D 609 12.80 -19.81 -6.04
N LYS D 610 11.67 -20.44 -6.38
CA LYS D 610 11.16 -20.33 -7.75
C LYS D 610 10.93 -18.88 -8.16
N GLN D 611 10.69 -17.99 -7.20
CA GLN D 611 10.72 -16.55 -7.44
C GLN D 611 11.66 -15.98 -6.38
N GLY D 612 12.96 -16.04 -6.69
CA GLY D 612 13.98 -15.61 -5.77
C GLY D 612 14.91 -14.58 -6.38
N ARG D 613 15.99 -14.30 -5.65
CA ARG D 613 16.92 -13.27 -6.10
C ARG D 613 17.54 -13.64 -7.44
N PHE D 614 17.97 -14.90 -7.59
CA PHE D 614 18.47 -15.32 -8.90
C PHE D 614 17.37 -15.27 -9.94
N ARG D 615 16.17 -15.76 -9.61
CA ARG D 615 15.06 -15.73 -10.54
C ARG D 615 14.68 -14.30 -10.90
N GLN D 616 14.63 -13.43 -9.89
CA GLN D 616 14.18 -12.06 -10.11
C GLN D 616 15.20 -11.25 -10.89
N ASN D 617 16.47 -11.30 -10.47
CA ASN D 617 17.48 -10.40 -11.01
C ASN D 617 17.71 -10.64 -12.50
N LEU D 618 17.76 -11.90 -12.91
CA LEU D 618 18.18 -12.22 -14.26
C LEU D 618 17.16 -11.78 -15.31
N LEU D 619 15.89 -11.69 -14.92
CA LEU D 619 14.81 -11.58 -15.88
C LEU D 619 14.26 -10.16 -16.05
N GLY D 620 13.76 -9.53 -14.99
CA GLY D 620 13.18 -8.20 -15.15
C GLY D 620 12.09 -8.18 -16.20
N LYS D 621 10.94 -8.77 -15.86
CA LYS D 621 9.79 -9.04 -16.73
C LYS D 621 8.95 -7.82 -17.07
N ARG D 622 9.23 -6.55 -16.77
CA ARG D 622 8.19 -5.53 -16.95
C ARG D 622 8.75 -4.34 -17.71
N VAL D 623 8.09 -4.00 -18.81
CA VAL D 623 8.40 -2.82 -19.61
C VAL D 623 7.20 -1.88 -19.58
N ASP D 624 7.46 -0.59 -19.36
CA ASP D 624 6.35 0.37 -19.23
C ASP D 624 5.79 0.75 -20.58
N TYR D 625 6.64 1.27 -21.48
CA TYR D 625 6.19 1.67 -22.82
C TYR D 625 5.86 0.42 -23.64
N SER D 626 4.82 -0.28 -23.19
CA SER D 626 4.38 -1.52 -23.80
C SER D 626 2.86 -1.53 -23.92
N GLY D 627 2.36 -2.37 -24.80
CA GLY D 627 0.92 -2.48 -24.97
C GLY D 627 0.58 -3.77 -25.68
N ARG D 628 -0.71 -4.06 -25.73
CA ARG D 628 -1.19 -5.28 -26.35
C ARG D 628 -2.68 -5.16 -26.62
N SER D 629 -3.11 -5.67 -27.76
CA SER D 629 -4.52 -5.69 -28.12
C SER D 629 -4.68 -6.51 -29.39
N VAL D 630 -5.89 -6.53 -29.92
CA VAL D 630 -6.21 -7.35 -31.08
C VAL D 630 -5.62 -6.73 -32.33
N ILE D 631 -5.43 -7.54 -33.36
CA ILE D 631 -4.87 -7.10 -34.62
C ILE D 631 -5.91 -7.29 -35.73
N VAL D 632 -5.69 -6.58 -36.82
CA VAL D 632 -6.45 -6.77 -38.04
C VAL D 632 -5.51 -6.58 -39.22
N VAL D 633 -5.83 -7.23 -40.33
CA VAL D 633 -4.93 -7.25 -41.48
C VAL D 633 -4.79 -5.85 -42.05
N GLY D 634 -3.64 -5.61 -42.69
CA GLY D 634 -3.33 -4.34 -43.29
C GLY D 634 -3.14 -4.43 -44.80
N PRO D 635 -4.05 -5.14 -45.50
CA PRO D 635 -3.86 -5.38 -46.94
C PRO D 635 -3.31 -4.16 -47.66
N GLN D 636 -3.80 -2.98 -47.29
CA GLN D 636 -3.18 -1.75 -47.78
C GLN D 636 -1.78 -1.59 -47.24
N LEU D 637 -1.57 -1.94 -45.97
CA LEU D 637 -0.28 -1.76 -45.34
C LEU D 637 0.81 -2.51 -46.10
N LYS D 638 1.97 -1.88 -46.18
CA LYS D 638 3.19 -2.58 -46.57
C LYS D 638 3.89 -3.08 -45.32
N LEU D 639 4.59 -4.21 -45.47
CA LEU D 639 5.32 -4.77 -44.35
C LEU D 639 6.35 -3.78 -43.80
N HIS D 640 6.81 -2.84 -44.63
CA HIS D 640 7.76 -1.84 -44.16
C HIS D 640 7.12 -0.90 -43.16
N GLN D 641 5.79 -0.97 -43.00
CA GLN D 641 5.04 -0.13 -42.08
C GLN D 641 4.19 -1.02 -41.19
N CYS D 642 3.28 -0.40 -40.44
CA CYS D 642 2.37 -1.16 -39.59
C CYS D 642 1.09 -0.38 -39.36
N GLY D 643 -0.01 -1.11 -39.20
CA GLY D 643 -1.31 -0.49 -38.95
C GLY D 643 -1.49 -0.17 -37.49
N LEU D 644 -1.52 1.12 -37.17
CA LEU D 644 -1.51 1.59 -35.80
C LEU D 644 -2.71 2.48 -35.52
N PRO D 645 -3.65 2.04 -34.67
CA PRO D 645 -4.67 2.98 -34.18
C PRO D 645 -4.01 4.08 -33.37
N LYS D 646 -4.37 5.33 -33.68
CA LYS D 646 -3.65 6.46 -33.11
C LYS D 646 -3.72 6.47 -31.59
N ARG D 647 -4.87 6.08 -31.04
CA ARG D 647 -5.17 6.36 -29.63
C ARG D 647 -4.23 5.61 -28.68
N MET D 648 -3.48 4.65 -29.19
CA MET D 648 -2.44 4.04 -28.36
C MET D 648 -1.13 4.80 -28.45
N ALA D 649 -0.68 5.10 -29.67
CA ALA D 649 0.52 5.92 -29.82
C ALA D 649 0.38 7.22 -29.07
N LEU D 650 -0.86 7.69 -28.89
CA LEU D 650 -1.11 8.88 -28.09
C LEU D 650 -0.49 8.77 -26.71
N GLU D 651 -0.99 7.81 -25.91
CA GLU D 651 -0.44 7.63 -24.57
C GLU D 651 1.05 7.31 -24.65
N LEU D 652 1.43 6.49 -25.63
CA LEU D 652 2.81 6.05 -25.72
C LEU D 652 3.76 7.23 -25.84
N PHE D 653 3.49 8.14 -26.77
CA PHE D 653 4.37 9.24 -27.11
C PHE D 653 3.98 10.54 -26.44
N LYS D 654 3.08 10.49 -25.46
CA LYS D 654 2.81 11.65 -24.62
C LYS D 654 4.07 12.49 -24.41
N PRO D 655 5.21 11.86 -24.10
CA PRO D 655 6.45 12.63 -23.98
C PRO D 655 6.77 13.41 -25.24
N PHE D 656 6.91 12.70 -26.36
CA PHE D 656 7.24 13.38 -27.62
C PHE D 656 6.11 14.28 -28.07
N LEU D 657 4.86 13.91 -27.75
CA LEU D 657 3.72 14.74 -28.12
C LEU D 657 3.78 16.09 -27.44
N LEU D 658 4.01 16.09 -26.12
CA LEU D 658 4.20 17.35 -25.41
C LEU D 658 5.42 18.08 -25.95
N LYS D 659 6.51 17.33 -26.21
CA LYS D 659 7.69 17.93 -26.79
C LYS D 659 7.34 18.74 -28.03
N LYS D 660 6.57 18.15 -28.93
CA LYS D 660 6.27 18.81 -30.19
C LYS D 660 5.30 19.96 -30.01
N MET D 661 4.24 19.75 -29.23
CA MET D 661 3.17 20.74 -29.15
C MET D 661 3.61 21.94 -28.32
N GLU D 662 4.63 21.75 -27.48
CA GLU D 662 5.43 22.88 -27.04
C GLU D 662 6.38 23.37 -28.13
N GLU D 663 6.92 22.46 -28.93
CA GLU D 663 7.63 22.90 -30.14
C GLU D 663 6.70 23.72 -31.01
N LYS D 664 5.41 23.49 -30.88
CA LYS D 664 4.37 24.35 -31.43
C LYS D 664 3.78 25.17 -30.29
N GLY D 665 2.80 25.99 -30.63
CA GLY D 665 2.08 26.74 -29.61
C GLY D 665 0.96 25.98 -28.96
N ILE D 666 0.95 24.65 -29.04
CA ILE D 666 -0.24 23.90 -28.67
C ILE D 666 -0.61 24.12 -27.21
N ALA D 667 0.36 24.08 -26.30
CA ALA D 667 0.09 24.40 -24.90
C ALA D 667 1.15 25.38 -24.45
N PRO D 668 0.85 26.19 -23.42
CA PRO D 668 1.85 27.16 -22.95
C PRO D 668 3.14 26.49 -22.55
N ASN D 669 3.03 25.42 -21.76
CA ASN D 669 4.20 24.72 -21.27
C ASN D 669 3.96 23.22 -21.38
N VAL D 670 5.00 22.45 -21.08
CA VAL D 670 4.94 21.00 -21.18
C VAL D 670 3.82 20.50 -20.28
N LYS D 671 3.73 21.05 -19.07
CA LYS D 671 2.71 20.67 -18.10
C LYS D 671 1.33 21.23 -18.44
N ALA D 672 1.23 22.49 -18.87
CA ALA D 672 -0.05 22.92 -19.43
C ALA D 672 -0.43 22.00 -20.56
N ALA D 673 0.57 21.52 -21.30
CA ALA D 673 0.33 20.46 -22.27
C ALA D 673 -0.19 19.19 -21.60
N ARG D 674 0.31 18.85 -20.40
CA ARG D 674 -0.12 17.60 -19.78
C ARG D 674 -1.61 17.70 -19.54
N ARG D 675 -2.02 18.86 -19.02
CA ARG D 675 -3.42 19.13 -18.70
C ARG D 675 -4.25 19.18 -19.97
N MET D 676 -3.68 19.76 -21.03
CA MET D 676 -4.38 19.84 -22.30
C MET D 676 -4.66 18.46 -22.87
N LEU D 677 -3.72 17.55 -22.70
CA LEU D 677 -3.81 16.24 -23.33
C LEU D 677 -4.38 15.17 -22.41
N GLU D 678 -4.60 15.50 -21.13
CA GLU D 678 -5.10 14.49 -20.20
C GLU D 678 -6.57 14.18 -20.44
N ARG D 679 -7.26 15.02 -21.21
CA ARG D 679 -8.66 14.82 -21.51
C ARG D 679 -8.87 14.51 -22.99
N GLN D 680 -9.74 13.54 -23.24
CA GLN D 680 -10.17 13.27 -24.61
C GLN D 680 -10.98 14.42 -25.17
N ARG D 681 -11.51 15.27 -24.30
CA ARG D 681 -12.27 16.41 -24.77
C ARG D 681 -11.47 17.70 -24.80
N ASP D 682 -10.22 17.69 -24.35
CA ASP D 682 -9.28 18.76 -24.65
C ASP D 682 -8.55 18.52 -25.96
N ILE D 683 -9.02 17.56 -26.76
CA ILE D 683 -8.31 17.12 -27.96
C ILE D 683 -8.33 18.21 -29.02
N LYS D 684 -7.15 18.50 -29.57
CA LYS D 684 -6.98 19.39 -30.72
C LYS D 684 -6.48 18.59 -31.91
N ASP D 685 -7.02 18.93 -33.08
CA ASP D 685 -6.60 18.24 -34.29
C ASP D 685 -5.12 18.49 -34.59
N GLU D 686 -4.66 19.73 -34.39
CA GLU D 686 -3.26 20.05 -34.64
C GLU D 686 -2.34 19.19 -33.79
N VAL D 687 -2.85 18.67 -32.67
CA VAL D 687 -2.16 17.58 -32.00
C VAL D 687 -1.81 16.51 -33.01
N TRP D 688 -2.70 16.30 -33.98
CA TRP D 688 -2.52 15.21 -34.94
C TRP D 688 -1.36 15.46 -35.88
N ASP D 689 -1.30 16.65 -36.50
CA ASP D 689 -0.20 16.89 -37.41
C ASP D 689 1.11 17.06 -36.65
N ALA D 690 1.05 17.55 -35.41
CA ALA D 690 2.25 17.56 -34.59
C ALA D 690 2.77 16.15 -34.35
N LEU D 691 1.88 15.23 -33.98
CA LEU D 691 2.31 13.84 -33.74
C LEU D 691 2.84 13.19 -35.01
N GLU D 692 2.17 13.45 -36.14
CA GLU D 692 2.65 12.89 -37.41
C GLU D 692 4.03 13.44 -37.76
N GLU D 693 4.23 14.74 -37.53
CA GLU D 693 5.55 15.32 -37.76
C GLU D 693 6.59 14.67 -36.87
N VAL D 694 6.24 14.41 -35.61
CA VAL D 694 7.18 13.76 -34.69
C VAL D 694 7.54 12.37 -35.19
N ILE D 695 6.52 11.59 -35.57
CA ILE D 695 6.74 10.18 -35.91
C ILE D 695 7.20 9.99 -37.34
N HIS D 696 7.27 11.06 -38.13
CA HIS D 696 7.68 10.98 -39.53
C HIS D 696 8.76 9.96 -39.78
N GLY D 697 9.78 9.92 -38.92
CA GLY D 697 10.91 9.03 -39.11
C GLY D 697 11.07 8.05 -37.97
N LYS D 698 9.96 7.48 -37.51
CA LYS D 698 9.94 6.66 -36.31
C LYS D 698 9.29 5.31 -36.58
N VAL D 699 9.66 4.33 -35.76
CA VAL D 699 9.15 2.97 -35.88
C VAL D 699 9.04 2.33 -34.49
N VAL D 700 8.29 1.23 -34.43
CA VAL D 700 8.02 0.50 -33.19
C VAL D 700 8.26 -0.98 -33.45
N LEU D 701 8.07 -1.79 -32.41
CA LEU D 701 8.26 -3.23 -32.49
C LEU D 701 6.97 -3.95 -32.10
N LEU D 702 6.67 -5.02 -32.82
CA LEU D 702 5.44 -5.76 -32.67
C LEU D 702 5.75 -7.24 -32.47
N ASN D 703 4.93 -7.90 -31.67
CA ASN D 703 5.21 -9.28 -31.30
C ASN D 703 3.93 -10.04 -30.97
N ARG D 704 4.03 -11.36 -31.06
CA ARG D 704 2.93 -12.27 -30.77
C ARG D 704 3.10 -12.83 -29.37
N ALA D 705 2.00 -13.31 -28.80
CA ALA D 705 2.02 -13.79 -27.42
C ALA D 705 3.07 -14.89 -27.24
N PRO D 706 2.88 -16.09 -27.83
CA PRO D 706 3.93 -17.10 -27.71
C PRO D 706 5.06 -16.87 -28.69
N THR D 707 6.21 -16.41 -28.21
CA THR D 707 7.35 -16.15 -29.06
C THR D 707 8.24 -17.38 -29.07
N LEU D 708 8.61 -17.83 -30.26
CA LEU D 708 9.39 -19.06 -30.38
C LEU D 708 10.66 -18.87 -31.21
N HIS D 709 10.71 -17.86 -32.06
CA HIS D 709 11.83 -17.69 -32.99
C HIS D 709 12.24 -16.23 -33.02
N ARG D 710 13.28 -15.95 -33.82
CA ARG D 710 13.85 -14.61 -33.87
C ARG D 710 12.83 -13.59 -34.37
N LEU D 711 12.06 -13.95 -35.40
CA LEU D 711 11.05 -13.05 -35.94
C LEU D 711 9.77 -13.07 -35.15
N GLY D 712 9.73 -13.73 -33.99
CA GLY D 712 8.60 -13.57 -33.10
C GLY D 712 8.34 -12.13 -32.70
N ILE D 713 9.18 -11.21 -33.16
CA ILE D 713 8.95 -9.78 -33.04
C ILE D 713 9.63 -9.12 -34.24
N GLN D 714 9.04 -8.04 -34.74
CA GLN D 714 9.65 -7.32 -35.86
C GLN D 714 9.34 -5.84 -35.76
N ALA D 715 10.17 -5.04 -36.43
CA ALA D 715 10.07 -3.59 -36.39
C ALA D 715 9.30 -3.08 -37.60
N PHE D 716 8.34 -2.19 -37.32
CA PHE D 716 7.47 -1.63 -38.34
C PHE D 716 7.46 -0.11 -38.18
N GLN D 717 7.31 0.59 -39.29
CA GLN D 717 7.11 2.03 -39.14
C GLN D 717 5.64 2.28 -38.82
N PRO D 718 5.34 2.87 -37.67
CA PRO D 718 3.94 3.00 -37.26
C PRO D 718 3.17 3.92 -38.17
N VAL D 719 1.89 3.62 -38.36
CA VAL D 719 0.95 4.48 -39.07
C VAL D 719 -0.29 4.64 -38.19
N LEU D 720 -0.49 5.85 -37.69
CA LEU D 720 -1.69 6.12 -36.90
C LEU D 720 -2.93 5.87 -37.73
N VAL D 721 -3.88 5.12 -37.17
CA VAL D 721 -5.10 4.79 -37.86
C VAL D 721 -6.26 4.97 -36.90
N GLU D 722 -7.46 5.04 -37.47
CA GLU D 722 -8.68 5.10 -36.70
C GLU D 722 -9.19 3.70 -36.41
N GLY D 723 -10.03 3.58 -35.40
CA GLY D 723 -10.56 2.31 -34.96
C GLY D 723 -9.75 1.73 -33.83
N GLN D 724 -10.25 0.62 -33.31
CA GLN D 724 -9.62 -0.03 -32.17
C GLN D 724 -8.54 -1.01 -32.61
N SER D 725 -8.90 -1.91 -33.51
CA SER D 725 -8.04 -3.04 -33.85
C SER D 725 -6.72 -2.57 -34.48
N ILE D 726 -5.73 -3.46 -34.43
CA ILE D 726 -4.40 -3.20 -34.95
C ILE D 726 -4.31 -3.71 -36.37
N GLN D 727 -3.76 -2.89 -37.25
CA GLN D 727 -3.73 -3.21 -38.67
C GLN D 727 -2.41 -3.87 -39.02
N LEU D 728 -2.48 -4.99 -39.73
CA LEU D 728 -1.34 -5.89 -39.88
C LEU D 728 -1.10 -6.24 -41.34
N HIS D 729 0.16 -6.22 -41.74
CA HIS D 729 0.45 -6.64 -43.10
C HIS D 729 0.18 -8.13 -43.26
N PRO D 730 -0.73 -8.52 -44.15
CA PRO D 730 -1.22 -9.90 -44.14
C PRO D 730 -0.15 -10.94 -44.41
N LEU D 731 0.95 -10.57 -45.06
CA LEU D 731 1.93 -11.57 -45.45
C LEU D 731 2.49 -12.31 -44.24
N VAL D 732 2.82 -11.56 -43.18
CA VAL D 732 3.48 -12.13 -42.02
C VAL D 732 2.46 -12.80 -41.11
N CYS D 733 1.19 -12.84 -41.54
CA CYS D 733 0.17 -13.55 -40.77
C CYS D 733 0.61 -14.97 -40.44
N GLU D 734 1.65 -15.47 -41.09
CA GLU D 734 2.19 -16.78 -40.83
C GLU D 734 3.59 -16.74 -40.24
N ALA D 735 4.41 -15.75 -40.63
CA ALA D 735 5.67 -15.53 -39.94
C ALA D 735 5.44 -15.54 -38.44
N PHE D 736 4.60 -14.62 -37.96
CA PHE D 736 3.87 -14.88 -36.73
C PHE D 736 2.82 -15.95 -37.00
N ASN D 737 2.87 -17.03 -36.23
CA ASN D 737 1.84 -18.06 -36.33
C ASN D 737 0.59 -17.50 -35.69
N ALA D 738 0.00 -16.52 -36.38
CA ALA D 738 -1.12 -15.75 -35.85
C ALA D 738 -2.20 -15.66 -36.92
N ASP D 739 -3.24 -16.46 -36.76
CA ASP D 739 -4.43 -16.35 -37.57
C ASP D 739 -5.29 -15.20 -37.03
N PHE D 740 -6.55 -15.19 -37.42
CA PHE D 740 -7.50 -14.19 -36.96
C PHE D 740 -8.60 -14.80 -36.08
N ASP D 741 -8.23 -15.73 -35.21
CA ASP D 741 -9.18 -16.42 -34.34
C ASP D 741 -9.41 -15.69 -33.02
N GLY D 742 -8.77 -14.55 -32.77
CA GLY D 742 -9.01 -13.80 -31.56
C GLY D 742 -7.75 -13.38 -30.83
N ASP D 743 -6.67 -14.12 -31.04
CA ASP D 743 -5.39 -13.83 -30.39
C ASP D 743 -4.92 -12.41 -30.67
N GLN D 744 -4.47 -11.72 -29.63
CA GLN D 744 -4.03 -10.34 -29.74
C GLN D 744 -2.53 -10.23 -29.45
N MET D 745 -1.86 -9.34 -30.17
CA MET D 745 -0.42 -9.15 -30.10
C MET D 745 -0.07 -7.91 -29.31
N ALA D 746 1.20 -7.82 -28.92
CA ALA D 746 1.72 -6.71 -28.17
C ALA D 746 2.74 -5.93 -28.99
N VAL D 747 3.18 -4.82 -28.42
CA VAL D 747 4.10 -3.90 -29.08
C VAL D 747 4.85 -3.11 -28.03
N HIS D 748 6.10 -2.78 -28.34
CA HIS D 748 6.91 -1.85 -27.56
C HIS D 748 7.67 -0.95 -28.52
N VAL D 749 8.61 -0.18 -27.97
CA VAL D 749 9.36 0.75 -28.80
C VAL D 749 10.79 0.90 -28.30
N PRO D 750 11.78 0.95 -29.20
CA PRO D 750 13.11 1.41 -28.79
C PRO D 750 13.09 2.92 -28.62
N LEU D 751 13.86 3.42 -27.66
CA LEU D 751 13.80 4.84 -27.37
C LEU D 751 15.07 5.59 -27.79
N SER D 752 16.23 5.11 -27.36
CA SER D 752 17.45 5.86 -27.61
C SER D 752 17.72 5.96 -29.09
N SER D 753 18.29 7.09 -29.52
CA SER D 753 18.61 7.27 -30.93
C SER D 753 19.38 6.08 -31.46
N PHE D 754 20.41 5.64 -30.73
CA PHE D 754 21.13 4.45 -31.12
C PHE D 754 20.24 3.22 -31.04
N ALA D 755 19.40 3.14 -30.00
CA ALA D 755 18.50 2.00 -29.88
C ALA D 755 17.53 1.94 -31.05
N GLN D 756 16.95 3.07 -31.41
CA GLN D 756 16.05 3.09 -32.57
C GLN D 756 16.80 2.74 -33.84
N ALA D 757 18.02 3.27 -34.00
CA ALA D 757 18.80 2.96 -35.18
C ALA D 757 19.03 1.46 -35.31
N GLU D 758 19.50 0.84 -34.24
CA GLU D 758 19.72 -0.60 -34.24
C GLU D 758 18.44 -1.38 -34.48
N ALA D 759 17.31 -0.93 -33.93
CA ALA D 759 16.05 -1.62 -34.16
C ALA D 759 15.67 -1.57 -35.63
N ARG D 760 15.67 -0.37 -36.22
CA ARG D 760 15.34 -0.23 -37.63
C ARG D 760 16.32 -0.95 -38.54
N ILE D 761 17.57 -1.09 -38.12
CA ILE D 761 18.60 -1.62 -39.00
C ILE D 761 18.50 -3.13 -39.14
N GLN D 762 18.61 -3.85 -38.03
CA GLN D 762 18.65 -5.30 -38.11
C GLN D 762 17.40 -5.98 -37.55
N MET D 763 16.39 -5.22 -37.13
CA MET D 763 15.12 -5.80 -36.73
C MET D 763 13.96 -5.43 -37.65
N LEU D 764 14.22 -4.66 -38.71
CA LEU D 764 13.20 -4.38 -39.71
C LEU D 764 12.76 -5.66 -40.40
N SER D 765 11.44 -5.85 -40.51
CA SER D 765 10.93 -6.98 -41.27
C SER D 765 11.33 -6.86 -42.74
N ALA D 766 11.22 -5.65 -43.29
CA ALA D 766 11.65 -5.39 -44.67
C ALA D 766 13.14 -5.67 -44.80
N HIS D 767 13.84 -5.68 -43.67
CA HIS D 767 15.24 -6.08 -43.61
C HIS D 767 15.41 -7.56 -43.31
N ASN D 768 14.42 -8.19 -42.68
CA ASN D 768 14.53 -9.57 -42.22
C ASN D 768 13.70 -10.43 -43.17
N LEU D 769 14.35 -10.88 -44.25
CA LEU D 769 13.66 -11.57 -45.33
C LEU D 769 13.83 -13.08 -45.27
N LEU D 770 15.06 -13.56 -45.39
CA LEU D 770 15.27 -15.01 -45.46
C LEU D 770 15.29 -15.62 -44.06
N SER D 771 14.87 -16.87 -43.99
CA SER D 771 15.03 -17.53 -42.70
C SER D 771 16.51 -17.72 -42.41
N PRO D 772 16.95 -17.31 -41.23
CA PRO D 772 18.32 -17.60 -40.83
C PRO D 772 18.41 -18.96 -40.16
N ALA D 773 17.28 -19.45 -39.64
CA ALA D 773 17.24 -20.81 -39.12
C ALA D 773 17.75 -21.79 -40.16
N SER D 774 17.06 -21.89 -41.28
CA SER D 774 17.61 -22.40 -42.52
C SER D 774 17.36 -21.35 -43.59
N GLY D 775 18.15 -21.43 -44.66
CA GLY D 775 18.16 -20.35 -45.62
C GLY D 775 16.87 -20.10 -46.38
N GLU D 776 15.78 -20.75 -45.98
CA GLU D 776 14.53 -20.52 -46.69
C GLU D 776 14.05 -19.09 -46.46
N PRO D 777 13.44 -18.47 -47.47
CA PRO D 777 12.77 -17.19 -47.24
C PRO D 777 11.55 -17.39 -46.37
N LEU D 778 11.35 -16.48 -45.41
CA LEU D 778 10.23 -16.56 -44.50
C LEU D 778 9.06 -15.69 -44.93
N ALA D 779 9.20 -14.97 -46.04
CA ALA D 779 8.16 -14.12 -46.61
C ALA D 779 7.34 -14.81 -47.69
N LYS D 780 7.16 -16.13 -47.60
CA LYS D 780 6.51 -16.88 -48.66
C LYS D 780 5.15 -16.29 -49.01
N PRO D 781 4.87 -16.06 -50.28
CA PRO D 781 3.56 -15.50 -50.66
C PRO D 781 2.41 -16.38 -50.19
N SER D 782 1.29 -15.75 -49.87
CA SER D 782 0.18 -16.41 -49.21
C SER D 782 -0.75 -17.09 -50.23
N ARG D 783 -1.87 -17.64 -49.73
CA ARG D 783 -2.75 -18.43 -50.59
C ARG D 783 -3.47 -17.58 -51.61
N ASP D 784 -3.97 -16.41 -51.19
CA ASP D 784 -4.82 -15.63 -52.08
C ASP D 784 -4.02 -15.11 -53.27
N ILE D 785 -2.87 -14.50 -53.01
CA ILE D 785 -2.04 -13.97 -54.08
C ILE D 785 -1.54 -15.09 -54.98
N ILE D 786 -1.14 -16.21 -54.37
CA ILE D 786 -0.66 -17.34 -55.14
C ILE D 786 -1.74 -17.83 -56.09
N LEU D 787 -2.97 -17.96 -55.57
CA LEU D 787 -4.09 -18.37 -56.40
C LEU D 787 -4.35 -17.38 -57.51
N GLY D 788 -4.30 -16.09 -57.20
CA GLY D 788 -4.53 -15.08 -58.22
C GLY D 788 -3.54 -15.19 -59.37
N LEU D 789 -2.26 -15.33 -59.04
CA LEU D 789 -1.26 -15.41 -60.11
C LEU D 789 -1.35 -16.71 -60.87
N TYR D 790 -1.62 -17.82 -60.19
CA TYR D 790 -1.78 -19.08 -60.91
C TYR D 790 -2.94 -18.99 -61.89
N TYR D 791 -4.06 -18.41 -61.44
CA TYR D 791 -5.21 -18.25 -62.31
C TYR D 791 -4.90 -17.34 -63.50
N ILE D 792 -4.21 -16.23 -63.24
CA ILE D 792 -3.88 -15.31 -64.32
C ILE D 792 -2.97 -15.97 -65.35
N THR D 793 -1.95 -16.68 -64.87
CA THR D 793 -0.95 -17.25 -65.75
C THR D 793 -1.36 -18.61 -66.32
N GLN D 794 -2.51 -19.14 -65.91
CA GLN D 794 -2.93 -20.40 -66.47
C GLN D 794 -3.44 -20.21 -67.90
N VAL D 795 -3.39 -21.29 -68.65
CA VAL D 795 -3.87 -21.33 -70.03
C VAL D 795 -4.98 -22.36 -70.11
N ARG D 796 -5.81 -22.27 -71.14
CA ARG D 796 -6.95 -23.15 -71.28
C ARG D 796 -6.89 -23.88 -72.63
N LYS D 797 -7.56 -25.04 -72.65
CA LYS D 797 -7.83 -25.79 -73.87
C LYS D 797 -9.09 -26.60 -73.65
N GLU D 798 -10.01 -26.53 -74.58
CA GLU D 798 -11.35 -27.07 -74.38
C GLU D 798 -11.66 -28.25 -75.29
N LYS D 799 -11.48 -28.11 -76.60
CA LYS D 799 -11.96 -29.13 -77.51
C LYS D 799 -11.23 -29.01 -78.84
N LYS D 800 -11.04 -30.15 -79.49
CA LYS D 800 -10.62 -30.22 -80.88
C LYS D 800 -11.25 -31.46 -81.50
N GLY D 801 -12.03 -31.27 -82.56
CA GLY D 801 -12.62 -32.41 -83.23
C GLY D 801 -12.25 -32.56 -84.69
N ALA D 802 -12.19 -31.44 -85.41
CA ALA D 802 -11.99 -31.47 -86.85
C ALA D 802 -10.51 -31.42 -87.18
N GLY D 803 -10.18 -31.09 -88.43
CA GLY D 803 -8.80 -31.01 -88.86
C GLY D 803 -7.93 -30.23 -87.90
N LEU D 804 -7.08 -30.94 -87.18
CA LEU D 804 -6.16 -30.34 -86.22
C LEU D 804 -4.80 -30.03 -86.84
N GLU D 805 -4.46 -30.68 -87.95
CA GLU D 805 -3.12 -30.66 -88.51
C GLU D 805 -2.96 -29.45 -89.42
N PHE D 806 -3.11 -28.27 -88.81
CA PHE D 806 -2.81 -27.04 -89.54
C PHE D 806 -1.31 -26.87 -89.78
N ALA D 807 -0.46 -27.57 -89.02
CA ALA D 807 0.97 -27.29 -89.03
C ALA D 807 1.49 -26.95 -90.42
N THR D 808 1.22 -27.82 -91.39
CA THR D 808 1.67 -27.58 -92.76
C THR D 808 0.73 -26.69 -93.57
N PRO D 809 -0.59 -26.99 -93.60
CA PRO D 809 -1.45 -26.33 -94.59
C PRO D 809 -2.07 -25.01 -94.13
N GLU D 810 -1.93 -23.95 -94.92
CA GLU D 810 -2.69 -22.73 -94.66
C GLU D 810 -4.09 -22.82 -95.25
N GLU D 811 -4.29 -23.66 -96.26
CA GLU D 811 -5.65 -24.10 -96.56
C GLU D 811 -6.27 -24.74 -95.34
N ALA D 812 -5.48 -25.53 -94.60
CA ALA D 812 -5.96 -26.08 -93.35
C ALA D 812 -6.32 -24.97 -92.37
N LEU D 813 -5.50 -23.93 -92.28
CA LEU D 813 -5.83 -22.85 -91.36
C LEU D 813 -7.14 -22.19 -91.77
N ALA D 814 -7.32 -21.97 -93.08
CA ALA D 814 -8.54 -21.31 -93.53
C ALA D 814 -9.77 -22.16 -93.23
N ALA D 815 -9.68 -23.47 -93.51
CA ALA D 815 -10.80 -24.35 -93.27
C ALA D 815 -11.13 -24.44 -91.78
N HIS D 816 -10.11 -24.63 -90.96
CA HIS D 816 -10.34 -24.74 -89.53
C HIS D 816 -10.73 -23.40 -88.92
N GLU D 817 -10.33 -22.30 -89.56
CA GLU D 817 -10.74 -20.97 -89.16
C GLU D 817 -12.20 -20.74 -89.49
N ARG D 818 -12.69 -21.34 -90.58
CA ARG D 818 -14.11 -21.32 -90.87
C ARG D 818 -14.86 -22.18 -89.86
N GLY D 819 -14.32 -23.36 -89.55
CA GLY D 819 -14.91 -24.19 -88.51
C GLY D 819 -14.96 -23.52 -87.16
N GLU D 820 -13.96 -22.69 -86.86
CA GLU D 820 -14.04 -21.79 -85.72
C GLU D 820 -15.08 -20.71 -85.94
N VAL D 821 -15.21 -20.25 -87.19
CA VAL D 821 -16.32 -19.37 -87.56
C VAL D 821 -17.63 -20.09 -87.32
N ALA D 822 -17.71 -21.36 -87.72
CA ALA D 822 -18.77 -22.24 -87.27
C ALA D 822 -18.41 -22.73 -85.86
N LEU D 823 -19.11 -23.74 -85.38
CA LEU D 823 -18.78 -24.36 -84.11
C LEU D 823 -17.70 -25.42 -84.25
N ASN D 824 -17.18 -25.62 -85.46
CA ASN D 824 -16.23 -26.69 -85.69
C ASN D 824 -14.98 -26.51 -84.84
N ALA D 825 -14.44 -25.30 -84.79
CA ALA D 825 -13.16 -25.06 -84.12
C ALA D 825 -13.37 -24.25 -82.85
N PRO D 826 -13.22 -24.87 -81.67
CA PRO D 826 -13.03 -24.07 -80.46
C PRO D 826 -11.72 -23.31 -80.54
N ILE D 827 -11.66 -22.21 -79.78
CA ILE D 827 -10.45 -21.39 -79.82
C ILE D 827 -9.25 -22.19 -79.33
N LYS D 828 -9.42 -22.96 -78.26
CA LYS D 828 -8.33 -23.75 -77.70
C LYS D 828 -8.40 -25.17 -78.27
N VAL D 829 -8.38 -25.24 -79.58
CA VAL D 829 -8.32 -26.49 -80.31
C VAL D 829 -6.86 -26.90 -80.41
N ALA D 830 -6.63 -28.18 -80.65
CA ALA D 830 -5.27 -28.67 -80.83
C ALA D 830 -4.74 -28.17 -82.17
N GLY D 831 -4.30 -26.92 -82.19
CA GLY D 831 -3.71 -26.34 -83.38
C GLY D 831 -2.25 -26.76 -83.47
N ARG D 832 -1.93 -27.51 -84.52
CA ARG D 832 -0.62 -28.15 -84.59
C ARG D 832 0.50 -27.12 -84.55
N GLU D 833 0.55 -26.23 -85.54
CA GLU D 833 1.45 -25.09 -85.41
C GLU D 833 0.92 -24.10 -84.39
N THR D 834 -0.38 -23.79 -84.45
CA THR D 834 -1.03 -22.94 -83.47
C THR D 834 -2.50 -23.31 -83.39
N SER D 835 -3.08 -23.20 -82.19
CA SER D 835 -4.52 -23.26 -82.08
C SER D 835 -5.13 -22.07 -82.80
N VAL D 836 -6.42 -22.17 -83.10
CA VAL D 836 -7.09 -21.11 -83.85
C VAL D 836 -6.85 -19.76 -83.19
N GLY D 837 -6.64 -19.75 -81.87
CA GLY D 837 -6.40 -18.49 -81.18
C GLY D 837 -5.21 -17.75 -81.72
N ARG D 838 -4.08 -18.45 -81.93
CA ARG D 838 -2.88 -17.76 -82.37
C ARG D 838 -2.97 -17.35 -83.83
N LEU D 839 -3.48 -18.23 -84.69
CA LEU D 839 -3.64 -17.84 -86.09
C LEU D 839 -4.55 -16.62 -86.23
N LYS D 840 -5.69 -16.64 -85.54
CA LYS D 840 -6.68 -15.60 -85.74
C LYS D 840 -6.14 -14.23 -85.36
N TYR D 841 -5.39 -14.16 -84.26
CA TYR D 841 -5.04 -12.91 -83.63
C TYR D 841 -3.54 -12.79 -83.52
N VAL D 842 -2.99 -11.66 -83.96
CA VAL D 842 -1.56 -11.41 -83.92
C VAL D 842 -1.33 -10.02 -83.37
N PHE D 843 -0.45 -9.91 -82.38
CA PHE D 843 -0.24 -8.66 -81.65
C PHE D 843 1.24 -8.32 -81.63
N ALA D 844 1.58 -7.13 -82.13
CA ALA D 844 2.96 -6.65 -82.07
C ALA D 844 3.32 -6.19 -80.66
N ASN D 845 2.51 -5.28 -80.09
CA ASN D 845 2.75 -4.73 -78.76
C ASN D 845 1.73 -5.28 -77.76
N PRO D 846 2.20 -5.82 -76.65
CA PRO D 846 1.27 -6.54 -75.75
C PRO D 846 0.12 -5.69 -75.27
N ASP D 847 0.27 -4.37 -75.26
CA ASP D 847 -0.86 -3.50 -74.95
C ASP D 847 -2.00 -3.85 -75.90
N GLU D 848 -1.65 -4.31 -77.10
CA GLU D 848 -2.65 -4.75 -78.06
C GLU D 848 -3.56 -5.82 -77.48
N ALA D 849 -2.98 -6.98 -77.13
CA ALA D 849 -3.77 -8.04 -76.53
C ALA D 849 -4.43 -7.55 -75.25
N LEU D 850 -3.76 -6.66 -74.54
CA LEU D 850 -4.34 -6.07 -73.34
C LEU D 850 -5.67 -5.42 -73.66
N LEU D 851 -5.70 -4.60 -74.70
CA LEU D 851 -6.93 -3.94 -75.12
C LEU D 851 -7.94 -4.96 -75.60
N ALA D 852 -7.49 -5.96 -76.35
CA ALA D 852 -8.39 -6.99 -76.84
C ALA D 852 -9.14 -7.64 -75.70
N VAL D 853 -8.44 -7.96 -74.63
CA VAL D 853 -9.11 -8.40 -73.41
C VAL D 853 -10.01 -7.29 -72.89
N ALA D 854 -9.53 -6.05 -72.94
CA ALA D 854 -10.32 -4.92 -72.45
C ALA D 854 -11.63 -4.80 -73.19
N HIS D 855 -11.61 -4.98 -74.51
CA HIS D 855 -12.84 -5.08 -75.28
C HIS D 855 -13.61 -6.35 -75.00
N GLY D 856 -13.14 -7.15 -74.04
CA GLY D 856 -13.67 -8.48 -73.85
C GLY D 856 -13.37 -9.42 -74.99
N ILE D 857 -12.49 -9.03 -75.91
CA ILE D 857 -12.22 -9.83 -77.09
C ILE D 857 -11.55 -11.16 -76.71
N VAL D 858 -10.57 -11.10 -75.81
CA VAL D 858 -9.72 -12.25 -75.52
C VAL D 858 -9.64 -12.43 -74.01
N ASP D 859 -9.75 -13.67 -73.56
CA ASP D 859 -9.63 -14.03 -72.16
C ASP D 859 -8.16 -14.15 -71.78
N LEU D 860 -7.89 -14.04 -70.47
CA LEU D 860 -6.53 -13.92 -69.99
C LEU D 860 -5.76 -15.23 -70.02
N GLN D 861 -6.45 -16.36 -70.19
CA GLN D 861 -5.83 -17.68 -70.19
C GLN D 861 -5.76 -18.27 -71.60
N ASP D 862 -5.70 -17.43 -72.61
CA ASP D 862 -5.91 -17.87 -73.99
C ASP D 862 -4.60 -18.14 -74.70
N VAL D 863 -4.68 -18.99 -75.71
CA VAL D 863 -3.55 -19.25 -76.60
C VAL D 863 -3.52 -18.14 -77.64
N VAL D 864 -2.56 -17.24 -77.54
CA VAL D 864 -2.43 -16.12 -78.47
C VAL D 864 -0.95 -15.97 -78.79
N THR D 865 -0.67 -15.25 -79.88
CA THR D 865 0.69 -14.95 -80.27
C THR D 865 0.89 -13.44 -80.29
N VAL D 866 2.00 -12.98 -79.71
CA VAL D 866 2.34 -11.57 -79.67
C VAL D 866 3.81 -11.42 -80.01
N ARG D 867 4.13 -10.53 -80.95
CA ARG D 867 5.51 -10.31 -81.36
C ARG D 867 6.25 -9.63 -80.22
N TYR D 868 6.94 -10.42 -79.41
CA TYR D 868 7.64 -9.89 -78.24
C TYR D 868 8.81 -9.06 -78.77
N MET D 869 9.67 -8.55 -77.88
CA MET D 869 10.75 -7.65 -78.30
C MET D 869 11.39 -8.13 -79.60
N GLY D 870 11.67 -9.42 -79.69
CA GLY D 870 12.17 -9.99 -80.92
C GLY D 870 11.61 -11.38 -81.17
N LYS D 871 10.50 -11.71 -80.51
CA LYS D 871 9.99 -13.07 -80.52
C LYS D 871 8.48 -13.06 -80.73
N ARG D 872 7.99 -14.01 -81.51
CA ARG D 872 6.55 -14.26 -81.58
C ARG D 872 6.21 -15.19 -80.42
N LEU D 873 5.99 -14.61 -79.25
CA LEU D 873 5.68 -15.37 -78.05
C LEU D 873 4.25 -15.87 -78.16
N GLU D 874 4.10 -17.20 -78.23
CA GLU D 874 2.79 -17.82 -78.17
C GLU D 874 2.52 -18.13 -76.71
N THR D 875 1.71 -17.27 -76.09
CA THR D 875 1.50 -17.33 -74.65
C THR D 875 0.02 -17.12 -74.35
N SER D 876 -0.31 -17.29 -73.07
CA SER D 876 -1.58 -16.80 -72.58
C SER D 876 -1.46 -15.32 -72.24
N PRO D 877 -2.56 -14.59 -72.26
CA PRO D 877 -2.51 -13.18 -71.85
C PRO D 877 -1.96 -13.01 -70.45
N GLY D 878 -2.49 -13.78 -69.51
CA GLY D 878 -2.08 -13.62 -68.12
C GLY D 878 -0.60 -13.85 -67.92
N ARG D 879 -0.01 -14.73 -68.72
CA ARG D 879 1.41 -15.01 -68.60
C ARG D 879 2.23 -13.76 -68.94
N ILE D 880 1.93 -13.15 -70.08
CA ILE D 880 2.62 -11.92 -70.47
C ILE D 880 2.34 -10.81 -69.48
N LEU D 881 1.12 -10.75 -68.95
CA LEU D 881 0.78 -9.68 -68.01
C LEU D 881 1.59 -9.83 -66.73
N PHE D 882 1.72 -11.05 -66.22
CA PHE D 882 2.56 -11.27 -65.06
C PHE D 882 4.02 -10.94 -65.35
N ALA D 883 4.49 -11.32 -66.54
CA ALA D 883 5.84 -10.91 -66.93
C ALA D 883 5.98 -9.40 -66.88
N ARG D 884 4.95 -8.69 -67.34
CA ARG D 884 4.98 -7.24 -67.32
C ARG D 884 5.03 -6.72 -65.90
N ILE D 885 4.26 -7.35 -65.01
CA ILE D 885 4.27 -6.98 -63.58
C ILE D 885 5.69 -7.09 -63.06
N VAL D 886 6.34 -8.21 -63.36
CA VAL D 886 7.75 -8.38 -63.01
C VAL D 886 8.56 -7.22 -63.57
N ALA D 887 8.25 -6.83 -64.81
CA ALA D 887 9.00 -5.77 -65.46
C ALA D 887 8.91 -4.46 -64.69
N GLU D 888 7.73 -4.10 -64.22
CA GLU D 888 7.70 -2.81 -63.53
C GLU D 888 8.33 -2.92 -62.15
N ALA D 889 8.04 -4.00 -61.44
CA ALA D 889 8.48 -4.09 -60.04
C ALA D 889 9.97 -3.84 -59.93
N VAL D 890 10.74 -4.28 -60.92
CA VAL D 890 12.18 -4.07 -60.97
C VAL D 890 12.52 -3.46 -62.32
N GLU D 891 13.34 -2.41 -62.30
CA GLU D 891 13.56 -1.60 -63.50
C GLU D 891 14.04 -2.45 -64.67
N ASP D 892 15.04 -3.29 -64.45
CA ASP D 892 15.66 -4.05 -65.55
C ASP D 892 14.71 -5.17 -65.97
N GLU D 893 13.75 -4.80 -66.83
CA GLU D 893 12.84 -5.81 -67.37
C GLU D 893 13.58 -6.86 -68.20
N LYS D 894 14.70 -6.48 -68.82
CA LYS D 894 15.55 -7.47 -69.48
C LYS D 894 15.71 -8.71 -68.62
N VAL D 895 16.33 -8.55 -67.45
CA VAL D 895 16.48 -9.69 -66.56
C VAL D 895 15.11 -10.18 -66.10
N ALA D 896 14.17 -9.26 -65.94
CA ALA D 896 12.85 -9.63 -65.44
C ALA D 896 12.27 -10.79 -66.24
N TRP D 897 12.27 -10.67 -67.57
CA TRP D 897 11.86 -11.82 -68.37
C TRP D 897 12.96 -12.87 -68.44
N GLU D 898 14.22 -12.44 -68.43
CA GLU D 898 15.33 -13.39 -68.50
C GLU D 898 15.30 -14.38 -67.35
N LEU D 899 14.84 -13.96 -66.18
CA LEU D 899 14.82 -14.82 -65.00
C LEU D 899 13.46 -15.42 -64.74
N ILE D 900 12.51 -15.25 -65.66
CA ILE D 900 11.15 -15.69 -65.42
C ILE D 900 10.81 -16.82 -66.38
N GLN D 901 10.13 -17.83 -65.85
CA GLN D 901 9.68 -18.99 -66.60
C GLN D 901 8.21 -18.76 -66.96
N LEU D 902 8.01 -17.90 -67.96
CA LEU D 902 6.66 -17.53 -68.38
C LEU D 902 5.93 -18.65 -69.08
N ASP D 903 6.52 -19.84 -69.13
CA ASP D 903 5.97 -20.95 -69.90
C ASP D 903 5.28 -21.98 -69.03
N VAL D 904 5.00 -21.65 -67.78
CA VAL D 904 4.32 -22.57 -66.88
C VAL D 904 3.29 -21.83 -66.06
N PRO D 905 2.21 -22.51 -65.70
CA PRO D 905 1.29 -21.93 -64.73
C PRO D 905 2.01 -21.66 -63.42
N GLN D 906 1.77 -20.48 -62.86
CA GLN D 906 2.56 -19.99 -61.74
C GLN D 906 2.14 -20.73 -60.47
N GLU D 907 3.10 -21.34 -59.79
CA GLU D 907 2.84 -22.09 -58.57
C GLU D 907 3.77 -21.61 -57.45
N LYS D 908 3.30 -21.73 -56.22
CA LYS D 908 4.00 -21.18 -55.06
C LYS D 908 5.48 -21.52 -55.08
N ASN D 909 5.82 -22.73 -55.50
CA ASN D 909 7.22 -23.13 -55.51
C ASN D 909 8.02 -22.26 -56.46
N SER D 910 7.56 -22.14 -57.71
CA SER D 910 8.17 -21.20 -58.64
C SER D 910 8.14 -19.79 -58.07
N LEU D 911 7.09 -19.48 -57.31
CA LEU D 911 7.01 -18.18 -56.67
C LEU D 911 8.23 -17.93 -55.80
N LYS D 912 8.52 -18.88 -54.91
CA LYS D 912 9.67 -18.74 -54.03
C LYS D 912 10.96 -18.72 -54.82
N ASP D 913 11.04 -19.54 -55.86
CA ASP D 913 12.24 -19.58 -56.68
C ASP D 913 12.53 -18.21 -57.24
N LEU D 914 11.53 -17.59 -57.85
CA LEU D 914 11.70 -16.26 -58.42
C LEU D 914 12.01 -15.24 -57.33
N VAL D 915 11.32 -15.34 -56.19
CA VAL D 915 11.57 -14.41 -55.09
C VAL D 915 13.04 -14.46 -54.71
N TYR D 916 13.55 -15.67 -54.52
CA TYR D 916 14.94 -15.87 -54.15
C TYR D 916 15.88 -15.32 -55.20
N GLN D 917 15.68 -15.68 -56.46
CA GLN D 917 16.62 -15.26 -57.49
C GLN D 917 16.61 -13.75 -57.65
N ALA D 918 15.43 -13.14 -57.60
CA ALA D 918 15.35 -11.69 -57.70
C ALA D 918 16.04 -11.03 -56.52
N PHE D 919 15.83 -11.54 -55.32
CA PHE D 919 16.54 -11.01 -54.16
C PHE D 919 18.04 -11.12 -54.36
N LEU D 920 18.47 -12.22 -54.97
CA LEU D 920 19.87 -12.38 -55.31
C LEU D 920 20.34 -11.28 -56.26
N ARG D 921 19.50 -10.96 -57.25
CA ARG D 921 19.94 -10.10 -58.35
C ARG D 921 19.94 -8.64 -57.96
N LEU D 922 18.80 -8.14 -57.48
CA LEU D 922 18.65 -6.72 -57.19
C LEU D 922 18.85 -6.38 -55.72
N GLY D 923 18.47 -7.28 -54.82
CA GLY D 923 18.63 -7.07 -53.42
C GLY D 923 17.32 -6.76 -52.71
N MET D 924 17.44 -6.07 -51.58
CA MET D 924 16.31 -5.83 -50.71
C MET D 924 15.26 -4.96 -51.39
N GLU D 925 15.67 -3.79 -51.86
CA GLU D 925 14.71 -2.76 -52.22
C GLU D 925 13.86 -3.18 -53.43
N LYS D 926 14.53 -3.57 -54.52
CA LYS D 926 13.77 -3.88 -55.73
C LYS D 926 13.01 -5.19 -55.55
N THR D 927 13.59 -6.13 -54.81
CA THR D 927 12.89 -7.37 -54.49
C THR D 927 11.60 -7.08 -53.72
N ALA D 928 11.67 -6.19 -52.74
CA ALA D 928 10.48 -5.86 -51.94
C ALA D 928 9.47 -5.08 -52.77
N ARG D 929 9.96 -4.19 -53.64
CA ARG D 929 9.08 -3.53 -54.59
C ARG D 929 8.27 -4.56 -55.34
N LEU D 930 8.98 -5.56 -55.87
CA LEU D 930 8.33 -6.68 -56.55
C LEU D 930 7.35 -7.39 -55.64
N LEU D 931 7.75 -7.64 -54.38
CA LEU D 931 6.90 -8.40 -53.48
C LEU D 931 5.58 -7.68 -53.26
N ASP D 932 5.65 -6.38 -53.02
CA ASP D 932 4.44 -5.60 -52.79
C ASP D 932 3.59 -5.52 -54.06
N ALA D 933 4.23 -5.31 -55.21
CA ALA D 933 3.47 -5.29 -56.46
C ALA D 933 2.79 -6.64 -56.69
N LEU D 934 3.49 -7.72 -56.36
CA LEU D 934 2.94 -9.05 -56.52
C LEU D 934 1.74 -9.25 -55.62
N LYS D 935 1.86 -8.85 -54.36
CA LYS D 935 0.72 -8.92 -53.45
C LYS D 935 -0.46 -8.17 -54.03
N TYR D 936 -0.22 -6.93 -54.46
CA TYR D 936 -1.26 -6.12 -55.06
C TYR D 936 -1.93 -6.84 -56.22
N TYR D 937 -1.13 -7.30 -57.18
CA TYR D 937 -1.70 -7.83 -58.40
C TYR D 937 -2.40 -9.16 -58.14
N GLY D 938 -1.81 -9.99 -57.29
CA GLY D 938 -2.44 -11.25 -56.94
C GLY D 938 -3.78 -11.05 -56.25
N PHE D 939 -3.84 -10.11 -55.32
CA PHE D 939 -5.13 -9.79 -54.71
C PHE D 939 -6.11 -9.31 -55.76
N THR D 940 -5.65 -8.41 -56.63
CA THR D 940 -6.51 -7.89 -57.69
C THR D 940 -7.09 -9.03 -58.51
N PHE D 941 -6.24 -9.94 -58.96
CA PHE D 941 -6.67 -10.99 -59.86
C PHE D 941 -7.48 -12.07 -59.15
N SER D 942 -7.18 -12.31 -57.87
CA SER D 942 -8.01 -13.22 -57.08
C SER D 942 -9.43 -12.69 -56.96
N THR D 943 -9.55 -11.39 -56.67
CA THR D 943 -10.86 -10.77 -56.65
C THR D 943 -11.53 -10.85 -58.02
N THR D 944 -10.79 -10.51 -59.07
CA THR D 944 -11.35 -10.48 -60.42
C THR D 944 -11.88 -11.85 -60.82
N SER D 945 -11.19 -12.90 -60.40
CA SER D 945 -11.57 -14.26 -60.79
C SER D 945 -13.01 -14.55 -60.43
N GLY D 946 -13.52 -13.94 -59.36
CA GLY D 946 -14.82 -14.29 -58.88
C GLY D 946 -14.91 -15.77 -58.53
N ILE D 947 -13.77 -16.38 -58.25
CA ILE D 947 -13.71 -17.83 -58.04
C ILE D 947 -14.20 -18.14 -56.63
N THR D 948 -15.21 -18.99 -56.54
CA THR D 948 -15.81 -19.34 -55.26
C THR D 948 -16.01 -20.84 -55.18
N ILE D 949 -15.97 -21.36 -53.95
CA ILE D 949 -16.11 -22.78 -53.73
C ILE D 949 -17.58 -23.14 -53.60
N GLY D 950 -17.99 -24.21 -54.25
CA GLY D 950 -19.35 -24.71 -54.15
C GLY D 950 -19.35 -26.19 -53.91
N ILE D 951 -20.47 -26.67 -53.36
CA ILE D 951 -20.59 -28.10 -53.06
C ILE D 951 -20.35 -28.92 -54.32
N ASP D 952 -20.80 -28.41 -55.46
CA ASP D 952 -20.58 -29.13 -56.71
C ASP D 952 -19.13 -29.03 -57.17
N ASP D 953 -18.38 -28.05 -56.65
CA ASP D 953 -16.95 -28.00 -56.92
C ASP D 953 -16.25 -29.27 -56.43
N ALA D 954 -16.85 -29.97 -55.48
CA ALA D 954 -16.35 -31.27 -55.04
C ALA D 954 -16.72 -32.30 -56.09
N VAL D 955 -15.88 -32.47 -57.09
CA VAL D 955 -16.16 -33.37 -58.21
C VAL D 955 -15.75 -34.77 -57.81
N ILE D 956 -16.74 -35.64 -57.65
CA ILE D 956 -16.48 -37.06 -57.35
C ILE D 956 -16.28 -37.80 -58.66
N PRO D 957 -15.02 -38.05 -59.05
CA PRO D 957 -14.76 -38.84 -60.26
C PRO D 957 -15.44 -40.19 -60.23
N GLU D 958 -16.17 -40.51 -61.32
CA GLU D 958 -16.80 -41.81 -61.43
C GLU D 958 -15.78 -42.93 -61.41
N GLU D 959 -14.58 -42.68 -61.94
CA GLU D 959 -13.48 -43.61 -61.69
C GLU D 959 -13.38 -43.96 -60.22
N LYS D 960 -13.65 -43.02 -59.33
CA LYS D 960 -13.57 -43.32 -57.90
C LYS D 960 -14.63 -44.32 -57.48
N LYS D 961 -15.84 -44.23 -58.03
CA LYS D 961 -16.88 -45.17 -57.64
C LYS D 961 -16.58 -46.57 -58.17
N GLN D 962 -15.99 -46.67 -59.35
CA GLN D 962 -15.55 -47.96 -59.85
C GLN D 962 -14.45 -48.53 -58.96
N TYR D 963 -13.48 -47.71 -58.56
CA TYR D 963 -12.47 -48.18 -57.62
C TYR D 963 -13.12 -48.60 -56.31
N LEU D 964 -14.13 -47.86 -55.87
CA LEU D 964 -14.82 -48.16 -54.62
C LEU D 964 -15.54 -49.49 -54.69
N GLU D 965 -16.22 -49.76 -55.80
CA GLU D 965 -16.86 -51.05 -55.99
C GLU D 965 -15.81 -52.16 -56.07
N GLU D 966 -14.70 -51.89 -56.74
CA GLU D 966 -13.59 -52.84 -56.78
C GLU D 966 -13.14 -53.20 -55.37
N ALA D 967 -12.90 -52.18 -54.55
CA ALA D 967 -12.45 -52.40 -53.18
C ALA D 967 -13.49 -53.12 -52.35
N ASP D 968 -14.77 -52.76 -52.48
CA ASP D 968 -15.80 -53.41 -51.70
C ASP D 968 -15.94 -54.87 -52.09
N ARG D 969 -15.88 -55.17 -53.39
CA ARG D 969 -15.96 -56.55 -53.83
C ARG D 969 -14.75 -57.35 -53.36
N LYS D 970 -13.56 -56.76 -53.42
CA LYS D 970 -12.39 -57.45 -52.90
C LYS D 970 -12.49 -57.69 -51.40
N LEU D 971 -13.02 -56.71 -50.66
CA LEU D 971 -13.18 -56.86 -49.22
C LEU D 971 -14.18 -57.96 -48.91
N LEU D 972 -15.28 -58.02 -49.67
CA LEU D 972 -16.24 -59.10 -49.50
C LEU D 972 -15.60 -60.44 -49.80
N GLN D 973 -14.74 -60.49 -50.82
CA GLN D 973 -14.02 -61.73 -51.11
C GLN D 973 -13.14 -62.14 -49.94
N ILE D 974 -12.41 -61.17 -49.37
CA ILE D 974 -11.57 -61.45 -48.22
C ILE D 974 -12.41 -61.96 -47.05
N GLU D 975 -13.53 -61.30 -46.81
CA GLU D 975 -14.39 -61.67 -45.69
C GLU D 975 -14.96 -63.07 -45.87
N GLN D 976 -15.41 -63.38 -47.08
CA GLN D 976 -15.92 -64.73 -47.36
C GLN D 976 -14.83 -65.77 -47.20
N ALA D 977 -13.60 -65.47 -47.59
CA ALA D 977 -12.49 -66.38 -47.37
C ALA D 977 -12.20 -66.57 -45.89
N TYR D 978 -12.36 -65.52 -45.08
CA TYR D 978 -12.28 -65.66 -43.63
C TYR D 978 -13.43 -66.47 -43.05
N GLU D 979 -14.62 -66.35 -43.65
CA GLU D 979 -15.84 -66.88 -43.05
C GLU D 979 -15.77 -68.37 -42.75
N MET D 980 -15.23 -69.16 -43.67
CA MET D 980 -14.98 -70.56 -43.39
C MET D 980 -13.66 -70.78 -42.66
N GLY D 981 -12.93 -69.71 -42.38
CA GLY D 981 -11.83 -69.73 -41.44
C GLY D 981 -10.44 -69.79 -42.04
N PHE D 982 -10.30 -69.85 -43.36
CA PHE D 982 -8.97 -70.08 -43.94
C PHE D 982 -8.00 -68.96 -43.55
N LEU D 983 -8.44 -67.72 -43.64
CA LEU D 983 -7.63 -66.61 -43.15
C LEU D 983 -7.72 -66.55 -41.64
N THR D 984 -6.60 -66.26 -41.00
CA THR D 984 -6.63 -65.90 -39.59
C THR D 984 -7.13 -64.48 -39.47
N ASP D 985 -7.65 -64.15 -38.28
CA ASP D 985 -8.08 -62.79 -38.06
C ASP D 985 -6.98 -61.80 -38.42
N ARG D 986 -5.73 -62.13 -38.08
CA ARG D 986 -4.61 -61.32 -38.55
C ARG D 986 -4.48 -61.40 -40.07
N GLU D 987 -4.61 -62.58 -40.65
CA GLU D 987 -4.47 -62.71 -42.10
C GLU D 987 -5.53 -61.88 -42.81
N ARG D 988 -6.80 -62.06 -42.44
CA ARG D 988 -7.87 -61.30 -43.06
C ARG D 988 -7.70 -59.81 -42.81
N TYR D 989 -7.33 -59.44 -41.58
CA TYR D 989 -7.13 -58.05 -41.22
C TYR D 989 -6.08 -57.39 -42.11
N ASP D 990 -4.93 -58.05 -42.26
CA ASP D 990 -3.86 -57.51 -43.08
C ASP D 990 -4.25 -57.47 -44.54
N GLN D 991 -4.96 -58.48 -45.03
CA GLN D 991 -5.42 -58.47 -46.41
C GLN D 991 -6.33 -57.28 -46.67
N ILE D 992 -7.27 -57.03 -45.77
CA ILE D 992 -8.17 -55.89 -45.90
C ILE D 992 -7.38 -54.59 -45.86
N LEU D 993 -6.45 -54.51 -44.90
CA LEU D 993 -5.61 -53.32 -44.77
C LEU D 993 -4.91 -53.01 -46.09
N GLN D 994 -4.27 -54.01 -46.68
CA GLN D 994 -3.55 -53.78 -47.92
C GLN D 994 -4.51 -53.43 -49.06
N LEU D 995 -5.67 -54.10 -49.11
CA LEU D 995 -6.62 -53.81 -50.18
C LEU D 995 -7.05 -52.35 -50.15
N TRP D 996 -7.37 -51.83 -48.96
CA TRP D 996 -7.73 -50.42 -48.89
C TRP D 996 -6.53 -49.50 -49.10
N THR D 997 -5.37 -49.84 -48.55
CA THR D 997 -4.19 -49.01 -48.79
C THR D 997 -3.87 -48.93 -50.27
N GLU D 998 -4.27 -49.94 -51.04
CA GLU D 998 -4.11 -49.96 -52.48
C GLU D 998 -5.17 -49.13 -53.18
N THR D 999 -6.44 -49.43 -52.90
CA THR D 999 -7.53 -48.72 -53.57
C THR D 999 -7.50 -47.24 -53.26
N THR D 1000 -6.98 -46.83 -52.12
CA THR D 1000 -6.92 -45.41 -51.79
C THR D 1000 -5.99 -44.67 -52.75
N GLU D 1001 -4.79 -45.19 -52.97
CA GLU D 1001 -3.92 -44.58 -53.97
C GLU D 1001 -4.49 -44.75 -55.37
N LYS D 1002 -5.19 -45.85 -55.61
CA LYS D 1002 -5.85 -46.04 -56.90
C LYS D 1002 -6.77 -44.87 -57.20
N VAL D 1003 -7.66 -44.57 -56.26
CA VAL D 1003 -8.60 -43.48 -56.43
C VAL D 1003 -7.88 -42.14 -56.44
N THR D 1004 -6.82 -41.99 -55.65
CA THR D 1004 -6.06 -40.76 -55.66
C THR D 1004 -5.52 -40.49 -57.07
N GLN D 1005 -4.91 -41.50 -57.68
CA GLN D 1005 -4.40 -41.36 -59.04
C GLN D 1005 -5.53 -41.07 -60.01
N ALA D 1006 -6.67 -41.76 -59.86
CA ALA D 1006 -7.78 -41.54 -60.77
C ALA D 1006 -8.30 -40.11 -60.68
N VAL D 1007 -8.47 -39.60 -59.45
CA VAL D 1007 -8.93 -38.24 -59.26
C VAL D 1007 -7.90 -37.25 -59.79
N PHE D 1008 -6.62 -37.53 -59.54
CA PHE D 1008 -5.58 -36.66 -60.06
C PHE D 1008 -5.69 -36.53 -61.57
N LYS D 1009 -5.70 -37.66 -62.29
CA LYS D 1009 -5.87 -37.59 -63.74
C LYS D 1009 -7.14 -36.83 -64.07
N ASN D 1010 -8.25 -37.20 -63.44
CA ASN D 1010 -9.49 -36.46 -63.55
C ASN D 1010 -9.22 -34.97 -63.60
N PHE D 1011 -8.35 -34.49 -62.72
CA PHE D 1011 -8.04 -33.07 -62.71
C PHE D 1011 -7.22 -32.66 -63.92
N GLU D 1012 -6.13 -33.37 -64.21
CA GLU D 1012 -5.26 -32.89 -65.27
C GLU D 1012 -6.06 -32.69 -66.55
N GLU D 1013 -6.84 -33.70 -66.97
CA GLU D 1013 -7.49 -33.60 -68.27
C GLU D 1013 -8.93 -33.11 -68.11
N ASN D 1014 -9.70 -33.75 -67.22
CA ASN D 1014 -11.14 -33.47 -67.11
C ASN D 1014 -11.45 -32.04 -66.68
N TYR D 1015 -10.89 -31.61 -65.55
CA TYR D 1015 -11.22 -30.29 -65.00
C TYR D 1015 -9.94 -29.60 -64.58
N PRO D 1016 -9.15 -29.09 -65.53
CA PRO D 1016 -7.97 -28.30 -65.13
C PRO D 1016 -8.36 -27.08 -64.30
N PHE D 1017 -9.50 -26.46 -64.63
CA PHE D 1017 -10.02 -25.36 -63.82
C PHE D 1017 -11.06 -25.82 -62.80
N ASN D 1018 -10.69 -26.74 -61.93
CA ASN D 1018 -11.53 -27.00 -60.76
C ASN D 1018 -11.15 -26.07 -59.63
N PRO D 1019 -12.07 -25.23 -59.14
CA PRO D 1019 -11.72 -24.37 -58.01
C PRO D 1019 -11.08 -25.19 -56.90
N LEU D 1020 -11.71 -26.31 -56.57
CA LEU D 1020 -11.10 -27.24 -55.63
C LEU D 1020 -9.77 -27.74 -56.14
N TYR D 1021 -9.75 -28.26 -57.37
CA TYR D 1021 -8.51 -28.79 -57.90
C TYR D 1021 -7.54 -27.67 -58.28
N VAL D 1022 -8.05 -26.55 -58.78
CA VAL D 1022 -7.15 -25.43 -59.08
C VAL D 1022 -6.39 -25.05 -57.82
N MET D 1023 -7.11 -24.95 -56.70
CA MET D 1023 -6.46 -24.64 -55.43
C MET D 1023 -5.50 -25.74 -55.00
N ALA D 1024 -5.96 -26.99 -54.95
CA ALA D 1024 -5.12 -28.06 -54.42
C ALA D 1024 -3.86 -28.20 -55.25
N GLN D 1025 -4.02 -28.32 -56.57
CA GLN D 1025 -2.90 -28.25 -57.49
C GLN D 1025 -2.07 -26.99 -57.23
N SER D 1026 -2.73 -25.85 -57.10
CA SER D 1026 -2.01 -24.65 -56.76
C SER D 1026 -1.42 -24.79 -55.36
N GLY D 1027 -0.33 -24.08 -55.12
CA GLY D 1027 0.32 -24.20 -53.83
C GLY D 1027 -0.33 -23.42 -52.72
N ALA D 1028 -1.42 -22.69 -53.00
CA ALA D 1028 -2.03 -21.82 -52.01
C ALA D 1028 -2.52 -22.61 -50.80
N ARG D 1029 -3.15 -23.75 -51.05
CA ARG D 1029 -3.76 -24.50 -49.96
C ARG D 1029 -3.94 -25.95 -50.38
N GLY D 1030 -4.36 -26.77 -49.42
CA GLY D 1030 -4.87 -28.10 -49.70
C GLY D 1030 -3.77 -29.13 -49.88
N ASN D 1031 -4.21 -30.38 -49.86
CA ASN D 1031 -3.36 -31.52 -50.19
C ASN D 1031 -4.22 -32.57 -50.85
N PRO D 1032 -3.61 -33.58 -51.46
CA PRO D 1032 -4.41 -34.69 -51.98
C PRO D 1032 -5.31 -35.31 -50.93
N GLN D 1033 -4.84 -35.37 -49.68
CA GLN D 1033 -5.63 -36.00 -48.62
C GLN D 1033 -6.90 -35.21 -48.32
N GLN D 1034 -6.80 -33.89 -48.26
CA GLN D 1034 -7.99 -33.08 -48.02
C GLN D 1034 -9.03 -33.34 -49.09
N ILE D 1035 -8.60 -33.30 -50.35
CA ILE D 1035 -9.51 -33.50 -51.48
C ILE D 1035 -10.14 -34.88 -51.38
N ARG D 1036 -9.32 -35.90 -51.14
CA ARG D 1036 -9.85 -37.26 -51.02
C ARG D 1036 -10.89 -37.32 -49.91
N GLN D 1037 -10.57 -36.77 -48.75
CA GLN D 1037 -11.49 -36.78 -47.62
C GLN D 1037 -12.79 -36.06 -47.93
N LEU D 1038 -12.74 -35.06 -48.80
CA LEU D 1038 -13.91 -34.30 -49.20
C LEU D 1038 -14.51 -34.85 -50.49
N CYS D 1039 -13.70 -34.94 -51.54
CA CYS D 1039 -14.18 -35.49 -52.80
C CYS D 1039 -14.39 -37.00 -52.72
N GLY D 1040 -13.41 -37.73 -52.18
CA GLY D 1040 -13.52 -39.16 -52.08
C GLY D 1040 -13.98 -39.61 -50.71
N LEU D 1041 -13.03 -40.05 -49.87
CA LEU D 1041 -13.36 -40.49 -48.53
C LEU D 1041 -12.07 -40.70 -47.76
N ARG D 1042 -12.13 -40.43 -46.45
CA ARG D 1042 -11.03 -40.74 -45.54
C ARG D 1042 -11.33 -42.10 -44.92
N GLY D 1043 -11.23 -43.14 -45.74
CA GLY D 1043 -11.70 -44.44 -45.36
C GLY D 1043 -10.95 -45.09 -44.22
N LEU D 1044 -9.63 -45.19 -44.35
CA LEU D 1044 -8.83 -45.93 -43.38
C LEU D 1044 -8.52 -45.04 -42.17
N MET D 1045 -8.91 -45.49 -40.99
CA MET D 1045 -8.66 -44.76 -39.75
C MET D 1045 -8.47 -45.75 -38.61
N GLN D 1046 -7.49 -45.49 -37.75
CA GLN D 1046 -7.15 -46.42 -36.69
C GLN D 1046 -8.18 -46.35 -35.55
N LYS D 1047 -8.17 -47.40 -34.73
CA LYS D 1047 -9.02 -47.49 -33.56
C LYS D 1047 -8.39 -46.77 -32.39
N PRO D 1048 -9.06 -46.74 -31.24
CA PRO D 1048 -8.45 -46.09 -30.06
C PRO D 1048 -7.07 -46.63 -29.75
N SER D 1049 -6.86 -47.94 -29.94
CA SER D 1049 -5.52 -48.50 -29.73
C SER D 1049 -4.52 -47.91 -30.73
N GLY D 1050 -4.93 -47.76 -31.98
CA GLY D 1050 -4.02 -47.35 -33.03
C GLY D 1050 -4.20 -48.19 -34.28
N GLU D 1051 -4.88 -49.32 -34.12
CA GLU D 1051 -5.23 -50.17 -35.25
C GLU D 1051 -6.39 -49.57 -36.01
N THR D 1052 -6.33 -49.64 -37.33
CA THR D 1052 -7.45 -49.15 -38.15
C THR D 1052 -8.63 -50.11 -38.06
N PHE D 1053 -9.83 -49.53 -37.97
CA PHE D 1053 -11.03 -50.34 -38.05
C PHE D 1053 -11.15 -50.98 -39.43
N GLU D 1054 -11.71 -52.20 -39.44
CA GLU D 1054 -11.83 -52.93 -40.69
C GLU D 1054 -12.59 -52.12 -41.73
N VAL D 1055 -13.89 -51.91 -41.51
CA VAL D 1055 -14.70 -51.17 -42.47
C VAL D 1055 -14.21 -49.73 -42.48
N PRO D 1056 -13.53 -49.29 -43.54
CA PRO D 1056 -13.01 -47.92 -43.56
C PRO D 1056 -14.14 -46.91 -43.64
N VAL D 1057 -13.79 -45.62 -43.64
CA VAL D 1057 -14.78 -44.56 -43.74
C VAL D 1057 -15.19 -44.45 -45.20
N ARG D 1058 -16.30 -45.12 -45.55
CA ARG D 1058 -16.71 -45.29 -46.93
C ARG D 1058 -17.37 -44.05 -47.52
N SER D 1059 -17.79 -43.09 -46.70
CA SER D 1059 -18.49 -41.91 -47.18
C SER D 1059 -17.54 -40.72 -47.25
N SER D 1060 -18.05 -39.63 -47.82
CA SER D 1060 -17.35 -38.36 -47.90
C SER D 1060 -18.16 -37.30 -47.16
N PHE D 1061 -17.69 -36.06 -47.23
CA PHE D 1061 -18.47 -34.93 -46.75
C PHE D 1061 -19.54 -34.51 -47.75
N ARG D 1062 -19.25 -34.62 -49.04
CA ARG D 1062 -20.33 -34.55 -50.02
C ARG D 1062 -21.36 -35.61 -49.70
N GLU D 1063 -20.92 -36.71 -49.10
CA GLU D 1063 -21.79 -37.68 -48.46
C GLU D 1063 -22.06 -37.26 -47.02
N GLY D 1064 -23.12 -37.80 -46.44
CA GLY D 1064 -23.38 -37.61 -45.03
C GLY D 1064 -22.77 -38.72 -44.21
N LEU D 1065 -21.84 -38.39 -43.31
CA LEU D 1065 -21.15 -39.41 -42.54
C LEU D 1065 -22.13 -40.13 -41.63
N THR D 1066 -21.95 -41.45 -41.51
CA THR D 1066 -22.83 -42.25 -40.67
C THR D 1066 -22.61 -41.91 -39.19
N VAL D 1067 -23.67 -42.07 -38.40
CA VAL D 1067 -23.61 -41.74 -36.99
C VAL D 1067 -22.45 -42.48 -36.32
N LEU D 1068 -22.44 -43.80 -36.43
CA LEU D 1068 -21.38 -44.57 -35.80
C LEU D 1068 -20.04 -44.27 -36.45
N GLU D 1069 -20.02 -44.10 -37.77
CA GLU D 1069 -18.77 -43.78 -38.45
C GLU D 1069 -18.19 -42.48 -37.92
N TYR D 1070 -19.03 -41.45 -37.77
CA TYR D 1070 -18.55 -40.19 -37.24
C TYR D 1070 -18.10 -40.33 -35.80
N PHE D 1071 -18.86 -41.08 -35.00
CA PHE D 1071 -18.46 -41.35 -33.63
C PHE D 1071 -17.07 -41.94 -33.58
N ILE D 1072 -16.82 -42.92 -34.45
CA ILE D 1072 -15.51 -43.56 -34.50
C ILE D 1072 -14.44 -42.57 -34.93
N SER D 1073 -14.71 -41.80 -35.98
CA SER D 1073 -13.75 -40.82 -36.46
C SER D 1073 -13.41 -39.82 -35.36
N SER D 1074 -14.31 -39.62 -34.41
CA SER D 1074 -14.02 -38.71 -33.30
C SER D 1074 -12.73 -39.07 -32.58
N HIS D 1075 -12.42 -40.37 -32.52
CA HIS D 1075 -11.30 -40.83 -31.70
C HIS D 1075 -9.97 -40.28 -32.22
N GLY D 1076 -9.75 -40.41 -33.53
CA GLY D 1076 -8.52 -39.92 -34.10
C GLY D 1076 -8.35 -38.43 -33.95
N ALA D 1077 -9.44 -37.68 -34.12
CA ALA D 1077 -9.37 -36.23 -33.93
C ALA D 1077 -9.02 -35.89 -32.49
N ARG D 1078 -9.61 -36.60 -31.53
CA ARG D 1078 -9.29 -36.35 -30.13
C ARG D 1078 -7.82 -36.64 -29.86
N LYS D 1079 -7.31 -37.74 -30.42
CA LYS D 1079 -5.90 -38.06 -30.24
C LYS D 1079 -5.01 -36.99 -30.84
N GLY D 1080 -5.36 -36.51 -32.03
CA GLY D 1080 -4.56 -35.47 -32.66
C GLY D 1080 -4.52 -34.20 -31.84
N GLY D 1081 -5.69 -33.78 -31.35
CA GLY D 1081 -5.71 -32.61 -30.48
C GLY D 1081 -4.85 -32.80 -29.25
N ALA D 1082 -4.98 -33.95 -28.58
CA ALA D 1082 -4.23 -34.19 -27.36
C ALA D 1082 -2.73 -34.17 -27.62
N ASP D 1083 -2.29 -34.90 -28.65
CA ASP D 1083 -0.84 -35.02 -28.84
C ASP D 1083 -0.24 -33.74 -29.38
N THR D 1084 -0.98 -32.97 -30.19
CA THR D 1084 -0.49 -31.65 -30.59
C THR D 1084 -0.35 -30.73 -29.38
N ALA D 1085 -1.36 -30.74 -28.50
CA ALA D 1085 -1.29 -29.88 -27.32
C ALA D 1085 -0.11 -30.26 -26.43
N LEU D 1086 0.14 -31.56 -26.25
CA LEU D 1086 1.29 -31.98 -25.47
C LEU D 1086 2.59 -31.59 -26.16
N ARG D 1087 2.66 -31.77 -27.48
CA ARG D 1087 3.86 -31.41 -28.23
C ARG D 1087 4.17 -29.93 -28.12
N THR D 1088 3.16 -29.09 -27.92
CA THR D 1088 3.42 -27.66 -27.72
C THR D 1088 4.36 -27.43 -26.53
N ALA D 1089 3.94 -27.88 -25.35
CA ALA D 1089 4.78 -27.70 -24.16
C ALA D 1089 6.08 -28.47 -24.27
N ASP D 1090 6.04 -29.64 -24.92
CA ASP D 1090 7.26 -30.43 -25.08
C ASP D 1090 8.29 -29.65 -25.91
N SER D 1091 7.84 -29.04 -27.01
CA SER D 1091 8.74 -28.24 -27.83
C SER D 1091 9.23 -27.01 -27.08
N GLY D 1092 8.38 -26.39 -26.27
CA GLY D 1092 8.86 -25.31 -25.43
C GLY D 1092 9.99 -25.77 -24.52
N TYR D 1093 9.80 -26.92 -23.87
CA TYR D 1093 10.84 -27.49 -23.03
C TYR D 1093 12.13 -27.75 -23.81
N LEU D 1094 12.00 -28.38 -24.99
CA LEU D 1094 13.19 -28.72 -25.75
C LEU D 1094 13.95 -27.47 -26.17
N THR D 1095 13.23 -26.46 -26.65
CA THR D 1095 13.88 -25.20 -27.03
C THR D 1095 14.53 -24.56 -25.82
N ARG D 1096 13.88 -24.65 -24.67
CA ARG D 1096 14.45 -24.10 -23.45
C ARG D 1096 15.81 -24.75 -23.17
N LYS D 1097 15.86 -26.08 -23.24
CA LYS D 1097 17.14 -26.76 -23.08
C LYS D 1097 18.13 -26.32 -24.15
N LEU D 1098 17.65 -26.19 -25.39
CA LEU D 1098 18.53 -25.84 -26.50
C LEU D 1098 19.24 -24.53 -26.22
N VAL D 1099 18.47 -23.50 -25.90
CA VAL D 1099 19.06 -22.21 -25.57
C VAL D 1099 19.95 -22.35 -24.35
N ASP D 1100 19.53 -23.19 -23.40
CA ASP D 1100 20.34 -23.46 -22.22
C ASP D 1100 21.76 -23.84 -22.60
N VAL D 1101 21.89 -24.66 -23.64
CA VAL D 1101 23.18 -25.27 -23.92
C VAL D 1101 23.97 -24.50 -24.98
N THR D 1102 23.27 -23.97 -26.00
CA THR D 1102 23.92 -23.38 -27.16
C THR D 1102 24.23 -21.90 -27.00
N HIS D 1103 23.70 -21.26 -25.97
CA HIS D 1103 23.74 -19.81 -25.87
C HIS D 1103 25.14 -19.24 -26.00
N GLU D 1104 26.16 -19.98 -25.58
CA GLU D 1104 27.51 -19.43 -25.54
C GLU D 1104 28.06 -19.13 -26.92
N ILE D 1105 27.59 -19.81 -27.96
CA ILE D 1105 28.31 -19.87 -29.21
C ILE D 1105 28.01 -18.65 -30.06
N VAL D 1106 29.08 -17.94 -30.46
CA VAL D 1106 29.01 -16.82 -31.37
C VAL D 1106 30.18 -16.92 -32.33
N VAL D 1107 30.08 -16.23 -33.46
CA VAL D 1107 31.15 -16.20 -34.45
C VAL D 1107 32.05 -15.02 -34.11
N ARG D 1108 33.23 -15.33 -33.59
CA ARG D 1108 34.27 -14.34 -33.34
C ARG D 1108 35.61 -15.00 -33.58
N GLU D 1109 36.23 -14.66 -34.70
CA GLU D 1109 37.28 -15.52 -35.25
C GLU D 1109 37.86 -14.89 -36.51
N ALA D 1110 39.06 -15.33 -36.86
CA ALA D 1110 39.61 -15.30 -38.20
C ALA D 1110 39.71 -16.74 -38.69
N ASP D 1111 40.21 -16.92 -39.90
CA ASP D 1111 40.25 -18.27 -40.45
C ASP D 1111 40.87 -19.22 -39.45
N CYS D 1112 40.04 -20.12 -38.92
CA CYS D 1112 40.57 -21.05 -37.93
C CYS D 1112 41.53 -22.00 -38.62
N GLY D 1113 42.84 -21.74 -38.47
CA GLY D 1113 43.87 -22.41 -39.23
C GLY D 1113 43.83 -23.92 -39.17
N THR D 1114 43.00 -24.48 -38.29
CA THR D 1114 42.84 -25.93 -38.24
C THR D 1114 42.61 -26.49 -39.63
N THR D 1115 43.52 -27.35 -40.08
CA THR D 1115 43.36 -28.05 -41.34
C THR D 1115 42.60 -29.36 -41.13
N ASN D 1116 41.44 -29.23 -40.49
CA ASN D 1116 40.57 -30.36 -40.22
C ASN D 1116 39.17 -30.01 -40.69
N TYR D 1117 38.58 -30.88 -41.49
CA TYR D 1117 37.28 -30.65 -42.08
C TYR D 1117 36.43 -31.89 -41.92
N ILE D 1118 35.29 -31.91 -42.61
CA ILE D 1118 34.47 -33.10 -42.74
C ILE D 1118 34.24 -33.35 -44.22
N SER D 1119 34.44 -34.59 -44.64
CA SER D 1119 34.05 -35.04 -45.97
C SER D 1119 32.60 -35.47 -45.88
N VAL D 1120 31.73 -34.74 -46.57
CA VAL D 1120 30.29 -34.96 -46.49
C VAL D 1120 29.91 -35.97 -47.57
N PRO D 1121 29.36 -37.12 -47.23
CA PRO D 1121 29.04 -38.12 -48.24
C PRO D 1121 28.03 -37.59 -49.23
N LEU D 1122 28.14 -38.04 -50.48
CA LEU D 1122 27.18 -37.73 -51.51
C LEU D 1122 26.27 -38.89 -51.82
N PHE D 1123 26.44 -40.02 -51.16
CA PHE D 1123 25.72 -41.22 -51.47
C PHE D 1123 25.10 -41.79 -50.20
N GLN D 1124 23.82 -42.11 -50.28
CA GLN D 1124 23.18 -42.80 -49.18
C GLN D 1124 23.36 -44.29 -49.42
N PRO D 1125 24.38 -44.89 -48.80
CA PRO D 1125 24.80 -46.24 -49.20
C PRO D 1125 23.84 -47.35 -48.83
N ASP D 1126 22.88 -47.13 -47.94
CA ASP D 1126 21.94 -48.19 -47.58
C ASP D 1126 20.51 -47.65 -47.67
N GLU D 1127 19.94 -47.69 -48.86
CA GLU D 1127 18.50 -47.59 -49.06
C GLU D 1127 17.86 -48.95 -49.21
N VAL D 1128 18.48 -49.81 -50.00
CA VAL D 1128 18.39 -51.25 -49.87
C VAL D 1128 19.55 -51.69 -48.99
N THR D 1129 19.39 -52.83 -48.30
CA THR D 1129 20.39 -53.29 -47.36
C THR D 1129 21.81 -52.98 -47.83
N ARG D 1130 22.09 -53.25 -49.10
CA ARG D 1130 23.35 -52.86 -49.72
C ARG D 1130 23.00 -52.08 -50.97
N SER D 1131 22.80 -50.77 -50.84
CA SER D 1131 22.39 -49.95 -51.97
C SER D 1131 23.02 -48.58 -51.80
N LEU D 1132 24.22 -48.41 -52.34
CA LEU D 1132 24.96 -47.16 -52.21
C LEU D 1132 24.57 -46.26 -53.36
N ARG D 1133 23.96 -45.12 -53.04
CA ARG D 1133 23.33 -44.33 -54.07
C ARG D 1133 23.52 -42.86 -53.75
N LEU D 1134 23.67 -42.08 -54.82
CA LEU D 1134 23.83 -40.65 -54.67
C LEU D 1134 22.78 -40.14 -53.71
N ARG D 1135 23.21 -39.66 -52.56
CA ARG D 1135 22.27 -39.33 -51.51
C ARG D 1135 21.29 -38.26 -51.99
N LYS D 1136 20.18 -38.13 -51.27
CA LYS D 1136 19.06 -37.33 -51.77
C LYS D 1136 19.47 -35.87 -51.98
N ARG D 1137 18.87 -35.27 -53.00
CA ARG D 1137 19.25 -33.93 -53.44
C ARG D 1137 19.00 -32.88 -52.37
N ALA D 1138 17.76 -32.79 -51.89
CA ALA D 1138 17.41 -31.75 -50.93
C ALA D 1138 18.24 -31.88 -49.66
N ASP D 1139 18.46 -33.11 -49.20
CA ASP D 1139 19.29 -33.34 -48.04
C ASP D 1139 20.71 -32.84 -48.28
N ILE D 1140 21.23 -33.11 -49.48
CA ILE D 1140 22.56 -32.65 -49.83
C ILE D 1140 22.65 -31.13 -49.80
N GLU D 1141 21.64 -30.47 -50.37
CA GLU D 1141 21.60 -29.01 -50.33
C GLU D 1141 21.58 -28.50 -48.90
N ALA D 1142 20.75 -29.12 -48.05
CA ALA D 1142 20.67 -28.71 -46.67
C ALA D 1142 22.00 -28.87 -45.96
N GLY D 1143 22.71 -29.96 -46.21
CA GLY D 1143 23.96 -30.20 -45.51
C GLY D 1143 25.15 -29.42 -46.05
N LEU D 1144 25.14 -29.08 -47.34
CA LEU D 1144 26.35 -28.62 -48.00
C LEU D 1144 26.27 -27.20 -48.53
N TYR D 1145 25.09 -26.58 -48.53
CA TYR D 1145 24.98 -25.27 -49.13
C TYR D 1145 25.90 -24.27 -48.44
N GLY D 1146 26.56 -23.45 -49.23
CA GLY D 1146 27.39 -22.38 -48.67
C GLY D 1146 28.47 -22.89 -47.75
N ARG D 1147 29.08 -24.01 -48.10
CA ARG D 1147 30.14 -24.57 -47.26
C ARG D 1147 31.48 -24.03 -47.74
N VAL D 1148 32.56 -24.52 -47.13
CA VAL D 1148 33.91 -24.08 -47.47
C VAL D 1148 34.68 -25.30 -47.95
N LEU D 1149 35.18 -25.24 -49.17
CA LEU D 1149 35.92 -26.36 -49.72
C LEU D 1149 37.19 -26.58 -48.91
N ALA D 1150 37.25 -27.71 -48.20
CA ALA D 1150 38.45 -28.03 -47.45
C ALA D 1150 39.67 -28.06 -48.36
N ARG D 1151 39.46 -28.31 -49.64
CA ARG D 1151 40.52 -28.28 -50.63
C ARG D 1151 39.90 -28.20 -52.02
N GLU D 1152 40.65 -27.64 -52.95
CA GLU D 1152 40.15 -27.42 -54.29
C GLU D 1152 39.79 -28.76 -54.94
N VAL D 1153 38.70 -28.76 -55.70
CA VAL D 1153 38.22 -29.95 -56.36
C VAL D 1153 37.75 -29.58 -57.77
N GLU D 1154 38.55 -29.92 -58.78
CA GLU D 1154 38.11 -29.83 -60.17
C GLU D 1154 37.27 -31.07 -60.43
N VAL D 1155 35.95 -30.92 -60.35
CA VAL D 1155 35.07 -32.07 -60.35
C VAL D 1155 34.49 -32.29 -61.74
N LEU D 1156 33.73 -31.32 -62.23
CA LEU D 1156 33.16 -31.36 -63.58
C LEU D 1156 33.89 -30.41 -64.53
N GLY D 1157 35.21 -30.30 -64.38
CA GLY D 1157 36.01 -29.38 -65.14
C GLY D 1157 36.14 -28.03 -64.47
N VAL D 1158 35.27 -27.73 -63.52
CA VAL D 1158 35.36 -26.51 -62.74
C VAL D 1158 36.29 -26.76 -61.57
N ARG D 1159 37.31 -25.92 -61.42
CA ARG D 1159 38.26 -26.04 -60.33
C ARG D 1159 37.61 -25.44 -59.10
N LEU D 1160 36.99 -26.29 -58.30
CA LEU D 1160 36.29 -25.85 -57.09
C LEU D 1160 37.36 -25.64 -56.04
N GLU D 1161 37.98 -24.46 -56.06
CA GLU D 1161 39.18 -24.22 -55.27
C GLU D 1161 38.92 -24.45 -53.78
N GLU D 1162 40.00 -24.64 -53.05
CA GLU D 1162 39.90 -24.86 -51.61
C GLU D 1162 39.24 -23.67 -50.94
N GLY D 1163 38.44 -23.95 -49.92
CA GLY D 1163 37.79 -22.91 -49.15
C GLY D 1163 36.74 -22.13 -49.90
N ARG D 1164 36.67 -22.29 -51.22
CA ARG D 1164 35.68 -21.57 -52.00
C ARG D 1164 34.29 -21.88 -51.48
N TYR D 1165 33.50 -20.83 -51.27
CA TYR D 1165 32.19 -21.00 -50.68
C TYR D 1165 31.25 -21.69 -51.66
N LEU D 1166 30.27 -22.38 -51.11
CA LEU D 1166 29.43 -23.28 -51.91
C LEU D 1166 28.11 -22.59 -52.21
N SER D 1167 28.01 -22.02 -53.41
CA SER D 1167 26.75 -21.45 -53.85
C SER D 1167 25.78 -22.55 -54.23
N MET D 1168 24.51 -22.17 -54.38
CA MET D 1168 23.53 -23.16 -54.80
C MET D 1168 23.87 -23.71 -56.18
N ASP D 1169 24.26 -22.84 -57.11
CA ASP D 1169 24.67 -23.33 -58.43
C ASP D 1169 25.85 -24.29 -58.30
N ASP D 1170 26.74 -24.03 -57.35
CA ASP D 1170 27.78 -25.00 -57.05
C ASP D 1170 27.16 -26.30 -56.59
N VAL D 1171 26.11 -26.21 -55.76
CA VAL D 1171 25.39 -27.41 -55.34
C VAL D 1171 24.90 -28.18 -56.55
N HIS D 1172 24.39 -27.47 -57.55
CA HIS D 1172 23.81 -28.12 -58.72
C HIS D 1172 24.90 -28.77 -59.56
N LEU D 1173 25.97 -28.04 -59.81
CA LEU D 1173 27.13 -28.59 -60.51
C LEU D 1173 27.59 -29.87 -59.83
N LEU D 1174 27.69 -29.85 -58.52
CA LEU D 1174 28.26 -31.00 -57.82
C LEU D 1174 27.27 -32.16 -57.73
N ILE D 1175 25.98 -31.85 -57.67
CA ILE D 1175 24.98 -32.91 -57.78
C ILE D 1175 25.11 -33.61 -59.13
N LYS D 1176 25.27 -32.82 -60.19
CA LYS D 1176 25.47 -33.41 -61.51
C LYS D 1176 26.74 -34.25 -61.54
N ALA D 1177 27.82 -33.76 -60.94
CA ALA D 1177 29.06 -34.51 -60.92
C ALA D 1177 28.89 -35.83 -60.16
N ALA D 1178 28.23 -35.79 -59.01
CA ALA D 1178 28.00 -37.00 -58.23
C ALA D 1178 27.15 -37.99 -59.00
N GLU D 1179 26.14 -37.50 -59.73
CA GLU D 1179 25.46 -38.34 -60.70
C GLU D 1179 26.49 -38.95 -61.65
N ALA D 1180 27.46 -38.15 -62.10
CA ALA D 1180 28.60 -38.68 -62.82
C ALA D 1180 29.46 -39.56 -61.92
N GLY D 1181 29.25 -39.50 -60.60
CA GLY D 1181 30.00 -40.31 -59.68
C GLY D 1181 31.44 -39.87 -59.52
N GLU D 1182 31.76 -38.64 -59.93
CA GLU D 1182 33.14 -38.16 -59.86
C GLU D 1182 33.64 -38.06 -58.42
N ILE D 1183 32.75 -38.02 -57.45
CA ILE D 1183 33.12 -37.98 -56.04
C ILE D 1183 31.91 -38.41 -55.22
N GLN D 1184 32.16 -38.92 -54.03
CA GLN D 1184 31.09 -39.40 -53.17
C GLN D 1184 30.95 -38.60 -51.89
N GLU D 1185 31.98 -37.86 -51.50
CA GLU D 1185 31.93 -36.95 -50.35
C GLU D 1185 32.64 -35.67 -50.73
N VAL D 1186 32.82 -34.78 -49.76
CA VAL D 1186 33.28 -33.43 -50.10
C VAL D 1186 34.33 -32.94 -49.11
N PRO D 1187 35.47 -32.45 -49.60
CA PRO D 1187 36.41 -31.75 -48.71
C PRO D 1187 35.85 -30.40 -48.30
N VAL D 1188 35.34 -30.31 -47.08
CA VAL D 1188 34.67 -29.09 -46.64
C VAL D 1188 34.78 -28.90 -45.14
N ARG D 1189 34.88 -27.66 -44.71
CA ARG D 1189 35.06 -27.32 -43.30
C ARG D 1189 33.82 -27.68 -42.50
N SER D 1190 33.93 -27.56 -41.18
CA SER D 1190 32.83 -27.85 -40.27
C SER D 1190 33.13 -27.20 -38.93
N PRO D 1191 32.10 -26.79 -38.19
CA PRO D 1191 32.34 -26.38 -36.80
C PRO D 1191 33.01 -27.46 -35.99
N LEU D 1192 32.61 -28.72 -36.21
CA LEU D 1192 33.20 -29.82 -35.47
C LEU D 1192 34.72 -29.86 -35.60
N THR D 1193 35.24 -29.39 -36.73
CA THR D 1193 36.68 -29.35 -36.96
C THR D 1193 37.16 -27.91 -36.88
N CYS D 1194 36.34 -27.03 -36.32
CA CYS D 1194 36.74 -25.66 -36.11
C CYS D 1194 37.70 -25.58 -34.93
N GLN D 1195 38.85 -24.94 -35.14
CA GLN D 1195 39.85 -24.90 -34.08
C GLN D 1195 39.41 -23.98 -32.94
N THR D 1196 38.70 -22.91 -33.27
CA THR D 1196 38.44 -21.85 -32.31
C THR D 1196 37.89 -22.44 -31.01
N ARG D 1197 38.65 -22.25 -29.92
CA ARG D 1197 38.26 -22.78 -28.62
C ARG D 1197 36.77 -22.60 -28.36
N TYR D 1198 36.29 -21.35 -28.41
CA TYR D 1198 34.88 -21.04 -28.28
C TYR D 1198 34.53 -20.07 -29.41
N GLY D 1199 33.54 -20.43 -30.20
CA GLY D 1199 33.24 -19.76 -31.45
C GLY D 1199 33.72 -20.58 -32.63
N VAL D 1200 33.29 -20.15 -33.82
CA VAL D 1200 33.57 -20.90 -35.04
C VAL D 1200 34.09 -19.95 -36.10
N CYS D 1201 35.04 -20.44 -36.87
CA CYS D 1201 35.51 -19.70 -38.03
C CYS D 1201 34.40 -19.59 -39.05
N GLN D 1202 34.32 -18.41 -39.69
CA GLN D 1202 33.51 -18.29 -40.89
C GLN D 1202 33.73 -19.50 -41.78
N LYS D 1203 35.00 -19.78 -42.11
CA LYS D 1203 35.33 -21.01 -42.80
C LYS D 1203 34.94 -22.23 -41.98
N CYS D 1204 35.22 -22.20 -40.67
CA CYS D 1204 34.80 -23.30 -39.81
C CYS D 1204 33.28 -23.40 -39.76
N TYR D 1205 32.59 -22.25 -39.71
CA TYR D 1205 31.13 -22.26 -39.80
C TYR D 1205 30.65 -22.32 -41.25
N GLY D 1206 30.94 -21.29 -42.04
CA GLY D 1206 30.58 -21.26 -43.45
C GLY D 1206 29.79 -20.01 -43.82
N TYR D 1207 28.70 -20.21 -44.57
CA TYR D 1207 28.05 -19.18 -45.38
C TYR D 1207 26.74 -18.68 -44.77
N ASP D 1208 25.83 -19.60 -44.46
CA ASP D 1208 24.41 -19.28 -44.32
C ASP D 1208 24.18 -18.03 -43.50
N LEU D 1209 23.51 -17.07 -44.11
CA LEU D 1209 22.90 -15.96 -43.40
C LEU D 1209 21.47 -15.79 -43.91
N SER D 1210 20.69 -14.95 -43.24
CA SER D 1210 19.45 -14.50 -43.86
C SER D 1210 19.73 -13.67 -45.10
N MET D 1211 20.87 -13.01 -45.14
CA MET D 1211 21.46 -12.50 -46.37
C MET D 1211 22.41 -13.55 -46.92
N ALA D 1212 22.86 -13.34 -48.16
CA ALA D 1212 23.63 -14.39 -48.83
C ALA D 1212 25.05 -14.53 -48.28
N ARG D 1213 25.86 -13.48 -48.38
CA ARG D 1213 27.28 -13.52 -48.04
C ARG D 1213 27.51 -14.26 -46.73
N PRO D 1214 28.64 -14.96 -46.58
CA PRO D 1214 28.85 -15.76 -45.37
C PRO D 1214 28.76 -14.92 -44.12
N VAL D 1215 28.53 -15.61 -43.00
CA VAL D 1215 28.27 -14.96 -41.73
C VAL D 1215 29.33 -13.91 -41.42
N SER D 1216 28.90 -12.86 -40.71
CA SER D 1216 29.81 -11.82 -40.24
C SER D 1216 30.32 -12.14 -38.84
N ILE D 1217 31.56 -11.71 -38.57
CA ILE D 1217 32.15 -11.94 -37.26
C ILE D 1217 31.32 -11.23 -36.20
N GLY D 1218 31.09 -11.92 -35.08
CA GLY D 1218 30.32 -11.36 -33.99
C GLY D 1218 28.89 -11.84 -33.91
N GLU D 1219 28.50 -12.82 -34.72
CA GLU D 1219 27.10 -13.22 -34.81
C GLU D 1219 26.84 -14.39 -33.87
N ALA D 1220 25.81 -14.26 -33.04
CA ALA D 1220 25.50 -15.26 -32.01
C ALA D 1220 24.83 -16.46 -32.67
N VAL D 1221 25.67 -17.33 -33.24
CA VAL D 1221 25.17 -18.45 -34.04
C VAL D 1221 24.46 -19.47 -33.16
N GLY D 1222 24.97 -19.70 -31.95
CA GLY D 1222 24.38 -20.73 -31.11
C GLY D 1222 22.91 -20.48 -30.84
N ILE D 1223 22.54 -19.23 -30.60
CA ILE D 1223 21.14 -18.89 -30.39
C ILE D 1223 20.33 -19.22 -31.62
N VAL D 1224 20.86 -18.86 -32.79
CA VAL D 1224 20.17 -19.13 -34.04
C VAL D 1224 19.91 -20.62 -34.20
N ALA D 1225 20.92 -21.42 -33.89
CA ALA D 1225 20.77 -22.87 -34.00
C ALA D 1225 19.71 -23.37 -33.03
N ALA D 1226 19.75 -22.88 -31.78
CA ALA D 1226 18.78 -23.32 -30.79
C ALA D 1226 17.36 -23.06 -31.30
N GLN D 1227 17.13 -21.86 -31.81
CA GLN D 1227 15.82 -21.53 -32.36
C GLN D 1227 15.49 -22.45 -33.53
N SER D 1228 16.34 -22.45 -34.55
CA SER D 1228 16.09 -23.24 -35.75
C SER D 1228 15.77 -24.68 -35.44
N ILE D 1229 16.34 -25.24 -34.38
CA ILE D 1229 16.12 -26.65 -34.10
C ILE D 1229 14.91 -26.86 -33.20
N GLY D 1230 14.75 -26.04 -32.17
CA GLY D 1230 13.66 -26.27 -31.24
C GLY D 1230 12.32 -25.93 -31.84
N GLU D 1231 12.28 -24.87 -32.65
CA GLU D 1231 11.03 -24.48 -33.30
C GLU D 1231 10.40 -25.64 -34.05
N PRO D 1232 11.13 -26.38 -34.89
CA PRO D 1232 10.51 -27.48 -35.63
C PRO D 1232 9.90 -28.53 -34.75
N GLY D 1233 10.41 -28.72 -33.53
CA GLY D 1233 9.89 -29.75 -32.65
C GLY D 1233 8.43 -29.53 -32.35
N THR D 1234 7.95 -28.31 -32.58
CA THR D 1234 6.55 -27.99 -32.35
C THR D 1234 5.61 -28.88 -33.14
N GLN D 1235 6.03 -29.32 -34.32
CA GLN D 1235 5.15 -30.03 -35.25
C GLN D 1235 5.48 -31.52 -35.37
N LEU D 1236 6.50 -31.99 -34.67
CA LEU D 1236 6.98 -33.35 -34.86
C LEU D 1236 5.97 -34.38 -34.37
N GLY D 1255 9.13 -41.21 -32.56
CA GLY D 1255 9.21 -39.93 -33.25
C GLY D 1255 10.02 -38.89 -32.50
N LEU D 1256 9.32 -37.96 -31.84
CA LEU D 1256 9.98 -36.92 -31.07
C LEU D 1256 10.88 -37.47 -29.96
N PRO D 1257 10.45 -38.43 -29.15
CA PRO D 1257 11.36 -38.99 -28.14
C PRO D 1257 12.63 -39.53 -28.76
N ARG D 1258 12.58 -39.95 -30.03
CA ARG D 1258 13.80 -40.34 -30.73
C ARG D 1258 14.85 -39.23 -30.64
N VAL D 1259 14.50 -38.02 -31.09
CA VAL D 1259 15.45 -36.91 -31.01
C VAL D 1259 15.72 -36.54 -29.56
N ILE D 1260 14.69 -36.67 -28.71
CA ILE D 1260 14.85 -36.33 -27.30
C ILE D 1260 16.05 -37.06 -26.72
N GLU D 1261 16.01 -38.39 -26.75
CA GLU D 1261 17.16 -39.17 -26.30
C GLU D 1261 18.34 -39.02 -27.23
N LEU D 1262 18.12 -38.67 -28.50
CA LEU D 1262 19.23 -38.40 -29.40
C LEU D 1262 20.13 -37.31 -28.85
N PHE D 1263 19.56 -36.38 -28.08
CA PHE D 1263 20.39 -35.32 -27.53
C PHE D 1263 20.89 -35.69 -26.13
N GLU D 1264 20.08 -36.42 -25.37
CA GLU D 1264 20.51 -36.94 -24.08
C GLU D 1264 21.13 -38.32 -24.27
N ALA D 1265 22.44 -38.42 -24.09
CA ALA D 1265 23.13 -39.71 -24.14
C ALA D 1265 22.44 -40.69 -23.19
N ARG D 1266 21.91 -41.78 -23.74
CA ARG D 1266 21.12 -42.70 -22.94
C ARG D 1266 21.31 -44.10 -23.51
N ARG D 1267 20.55 -45.05 -22.97
CA ARG D 1267 20.47 -46.39 -23.55
C ARG D 1267 19.19 -46.49 -24.34
N PRO D 1268 19.24 -46.57 -25.66
CA PRO D 1268 18.01 -46.85 -26.40
C PRO D 1268 17.41 -48.17 -25.97
N LYS D 1269 16.09 -48.19 -25.82
CA LYS D 1269 15.41 -49.41 -25.42
C LYS D 1269 15.67 -50.52 -26.43
N ALA D 1270 15.27 -50.31 -27.69
CA ALA D 1270 15.50 -51.28 -28.75
C ALA D 1270 16.90 -51.07 -29.30
N LYS D 1271 17.88 -51.46 -28.50
CA LYS D 1271 19.28 -51.30 -28.88
C LYS D 1271 19.70 -52.46 -29.77
N ALA D 1272 20.57 -52.15 -30.73
CA ALA D 1272 21.07 -53.14 -31.69
C ALA D 1272 22.53 -53.40 -31.40
N VAL D 1273 22.89 -54.67 -31.23
CA VAL D 1273 24.27 -55.02 -30.93
C VAL D 1273 25.15 -54.60 -32.10
N ILE D 1274 26.17 -53.80 -31.79
CA ILE D 1274 27.10 -53.34 -32.80
C ILE D 1274 28.31 -54.27 -32.80
N SER D 1275 29.03 -54.27 -33.91
CA SER D 1275 30.20 -55.13 -34.07
C SER D 1275 31.32 -54.60 -33.19
N GLU D 1276 31.57 -55.28 -32.06
CA GLU D 1276 32.67 -54.86 -31.19
C GLU D 1276 34.00 -54.91 -31.93
N ILE D 1277 34.17 -55.86 -32.84
CA ILE D 1277 35.41 -56.03 -33.58
C ILE D 1277 35.17 -55.67 -35.03
N ASP D 1278 36.27 -55.48 -35.76
CA ASP D 1278 36.24 -55.26 -37.21
C ASP D 1278 36.78 -56.52 -37.89
N GLY D 1279 35.89 -57.50 -38.07
CA GLY D 1279 36.26 -58.75 -38.71
C GLY D 1279 35.12 -59.26 -39.54
N VAL D 1280 34.93 -60.58 -39.56
CA VAL D 1280 33.80 -61.17 -40.26
C VAL D 1280 32.80 -61.64 -39.22
N VAL D 1281 31.61 -62.05 -39.66
CA VAL D 1281 30.54 -62.44 -38.75
C VAL D 1281 30.29 -63.93 -38.91
N ARG D 1282 30.10 -64.62 -37.79
CA ARG D 1282 29.74 -66.03 -37.81
C ARG D 1282 28.70 -66.27 -36.73
N ILE D 1283 27.49 -66.57 -37.14
CA ILE D 1283 26.39 -66.75 -36.22
C ILE D 1283 26.21 -68.23 -35.94
N GLU D 1284 25.89 -68.54 -34.70
CA GLU D 1284 25.34 -69.82 -34.33
C GLU D 1284 23.85 -69.62 -34.11
N GLU D 1285 23.05 -70.43 -34.80
CA GLU D 1285 21.61 -70.19 -34.89
C GLU D 1285 20.85 -70.88 -33.77
N THR D 1286 21.49 -71.06 -32.62
CA THR D 1286 20.90 -71.77 -31.49
C THR D 1286 19.45 -71.36 -31.27
N GLU D 1287 18.60 -72.35 -31.02
CA GLU D 1287 17.16 -72.11 -30.93
C GLU D 1287 16.84 -70.99 -29.95
N GLU D 1288 17.36 -71.08 -28.72
CA GLU D 1288 17.03 -70.11 -27.69
C GLU D 1288 17.49 -68.72 -28.10
N LYS D 1289 18.81 -68.52 -28.20
CA LYS D 1289 19.37 -67.27 -28.65
C LYS D 1289 20.58 -67.54 -29.53
N LEU D 1290 20.68 -66.83 -30.65
CA LEU D 1290 21.84 -66.98 -31.48
C LEU D 1290 23.09 -66.53 -30.75
N SER D 1291 24.23 -67.01 -31.22
CA SER D 1291 25.53 -66.58 -30.71
C SER D 1291 26.32 -66.09 -31.92
N VAL D 1292 26.23 -64.81 -32.20
CA VAL D 1292 26.89 -64.22 -33.35
C VAL D 1292 28.23 -63.67 -32.89
N PHE D 1293 29.30 -64.11 -33.55
CA PHE D 1293 30.65 -63.69 -33.18
C PHE D 1293 31.24 -62.86 -34.29
N VAL D 1294 31.79 -61.70 -33.92
CA VAL D 1294 32.71 -61.01 -34.81
C VAL D 1294 34.03 -61.76 -34.72
N GLU D 1295 34.24 -62.68 -35.66
CA GLU D 1295 35.42 -63.51 -35.67
C GLU D 1295 36.45 -62.91 -36.62
N SER D 1296 37.68 -62.81 -36.12
CA SER D 1296 38.82 -62.35 -36.89
C SER D 1296 40.00 -63.25 -36.55
N GLU D 1297 41.11 -63.03 -37.25
CA GLU D 1297 42.24 -63.95 -37.17
C GLU D 1297 42.82 -64.07 -35.76
N GLY D 1298 42.25 -63.38 -34.78
CA GLY D 1298 42.70 -63.55 -33.41
C GLY D 1298 41.65 -64.11 -32.48
N PHE D 1299 40.37 -63.84 -32.75
CA PHE D 1299 39.33 -64.16 -31.78
C PHE D 1299 37.98 -63.78 -32.34
N SER D 1300 36.92 -64.31 -31.72
CA SER D 1300 35.56 -63.97 -32.10
C SER D 1300 34.85 -63.37 -30.90
N LYS D 1301 34.15 -62.28 -31.14
CA LYS D 1301 33.43 -61.54 -30.12
C LYS D 1301 32.01 -62.08 -30.03
N GLU D 1302 31.64 -62.55 -28.85
CA GLU D 1302 30.31 -63.07 -28.60
C GLU D 1302 29.27 -61.97 -28.67
N TYR D 1303 28.10 -62.32 -29.19
CA TYR D 1303 26.95 -61.44 -29.23
C TYR D 1303 25.74 -62.36 -29.09
N LYS D 1304 25.18 -62.43 -27.90
CA LYS D 1304 24.10 -63.38 -27.67
C LYS D 1304 22.79 -62.73 -28.09
N LEU D 1305 22.31 -63.08 -29.27
CA LEU D 1305 21.17 -62.41 -29.89
C LEU D 1305 19.88 -63.07 -29.44
N PRO D 1306 18.99 -62.34 -28.77
CA PRO D 1306 17.70 -62.90 -28.38
C PRO D 1306 16.87 -63.33 -29.59
N LYS D 1307 15.73 -63.96 -29.34
CA LYS D 1307 14.89 -64.44 -30.42
C LYS D 1307 14.46 -63.30 -31.34
N GLU D 1308 13.99 -62.20 -30.75
CA GLU D 1308 13.48 -61.08 -31.53
C GLU D 1308 14.60 -60.29 -32.21
N ALA D 1309 15.86 -60.48 -31.82
CA ALA D 1309 16.95 -59.69 -32.37
C ALA D 1309 16.93 -59.75 -33.89
N ARG D 1310 16.62 -58.62 -34.52
CA ARG D 1310 16.52 -58.52 -35.98
C ARG D 1310 17.87 -58.08 -36.51
N LEU D 1311 18.64 -59.03 -37.02
CA LEU D 1311 20.00 -58.76 -37.46
C LEU D 1311 20.06 -58.69 -38.98
N LEU D 1312 20.88 -57.78 -39.49
CA LEU D 1312 21.03 -57.57 -40.92
C LEU D 1312 22.28 -58.21 -41.49
N VAL D 1313 23.35 -58.28 -40.72
CA VAL D 1313 24.63 -58.80 -41.21
C VAL D 1313 24.53 -60.30 -41.40
N LYS D 1314 25.31 -60.83 -42.33
CA LYS D 1314 25.34 -62.24 -42.65
C LYS D 1314 26.54 -62.93 -41.99
N ASP D 1315 26.44 -64.25 -41.86
CA ASP D 1315 27.56 -65.06 -41.40
C ASP D 1315 28.70 -65.02 -42.40
N GLY D 1316 29.93 -64.95 -41.90
CA GLY D 1316 31.13 -64.97 -42.72
C GLY D 1316 31.52 -63.60 -43.24
N ASP D 1317 30.53 -62.74 -43.47
CA ASP D 1317 30.80 -61.42 -44.01
C ASP D 1317 31.68 -60.63 -43.06
N TYR D 1318 32.71 -60.01 -43.63
CA TYR D 1318 33.52 -59.06 -42.87
C TYR D 1318 32.67 -57.87 -42.47
N VAL D 1319 32.81 -57.44 -41.22
CA VAL D 1319 32.01 -56.33 -40.69
C VAL D 1319 32.93 -55.37 -39.97
N GLU D 1320 32.75 -54.07 -40.24
CA GLU D 1320 33.50 -53.05 -39.53
C GLU D 1320 33.13 -53.06 -38.05
N ALA D 1321 34.10 -52.67 -37.22
CA ALA D 1321 33.84 -52.57 -35.79
C ALA D 1321 32.69 -51.60 -35.55
N GLY D 1322 31.98 -51.80 -34.45
CA GLY D 1322 30.83 -50.97 -34.14
C GLY D 1322 29.67 -51.11 -35.10
N GLN D 1323 29.79 -51.98 -36.10
CA GLN D 1323 28.69 -52.19 -37.02
C GLN D 1323 27.49 -52.75 -36.27
N PRO D 1324 26.31 -52.16 -36.42
CA PRO D 1324 25.13 -52.68 -35.72
C PRO D 1324 24.81 -54.09 -36.21
N LEU D 1325 25.01 -55.06 -35.33
CA LEU D 1325 24.77 -56.45 -35.71
C LEU D 1325 23.28 -56.74 -35.84
N THR D 1326 22.46 -56.10 -35.03
CA THR D 1326 21.02 -56.30 -35.05
C THR D 1326 20.35 -55.07 -35.66
N ARG D 1327 19.03 -55.12 -35.77
CA ARG D 1327 18.23 -54.01 -36.25
C ARG D 1327 17.58 -53.32 -35.06
N GLY D 1328 17.87 -52.05 -34.88
CA GLY D 1328 17.39 -51.30 -33.75
C GLY D 1328 18.30 -50.11 -33.47
N ALA D 1329 18.31 -49.70 -32.19
CA ALA D 1329 19.07 -48.54 -31.75
C ALA D 1329 20.40 -48.98 -31.14
N ILE D 1330 21.18 -47.99 -30.68
CA ILE D 1330 22.52 -48.22 -30.17
C ILE D 1330 22.77 -47.30 -28.98
N ASP D 1331 23.51 -47.79 -27.99
CA ASP D 1331 23.97 -46.93 -26.91
C ASP D 1331 25.03 -46.00 -27.46
N PRO D 1332 24.87 -44.69 -27.30
CA PRO D 1332 25.88 -43.76 -27.84
C PRO D 1332 27.27 -44.01 -27.30
N HIS D 1333 27.37 -44.43 -26.03
CA HIS D 1333 28.69 -44.59 -25.42
C HIS D 1333 29.49 -45.67 -26.13
N GLN D 1334 28.85 -46.80 -26.42
CA GLN D 1334 29.52 -47.84 -27.19
C GLN D 1334 29.89 -47.36 -28.58
N LEU D 1335 29.05 -46.49 -29.17
CA LEU D 1335 29.40 -45.90 -30.45
C LEU D 1335 30.70 -45.10 -30.37
N LEU D 1336 30.77 -44.19 -29.40
CA LEU D 1336 31.99 -43.42 -29.22
C LEU D 1336 33.17 -44.35 -28.98
N GLU D 1337 32.96 -45.39 -28.18
CA GLU D 1337 34.04 -46.29 -27.84
C GLU D 1337 34.59 -46.96 -29.09
N ALA D 1338 33.70 -47.54 -29.90
CA ALA D 1338 34.15 -48.26 -31.09
C ALA D 1338 34.80 -47.32 -32.09
N LYS D 1339 34.14 -46.20 -32.38
CA LYS D 1339 34.59 -45.30 -33.45
C LYS D 1339 35.34 -44.09 -32.94
N GLY D 1340 35.19 -43.72 -31.68
CA GLY D 1340 35.72 -42.47 -31.22
C GLY D 1340 34.81 -41.33 -31.60
N PRO D 1341 35.33 -40.10 -31.55
CA PRO D 1341 34.44 -38.94 -31.71
C PRO D 1341 33.77 -38.83 -33.07
N GLU D 1342 34.56 -38.74 -34.14
CA GLU D 1342 34.04 -38.23 -35.40
C GLU D 1342 32.93 -39.11 -35.98
N ALA D 1343 33.13 -40.43 -35.95
CA ALA D 1343 32.10 -41.31 -36.48
C ALA D 1343 30.80 -41.18 -35.71
N VAL D 1344 30.88 -41.11 -34.38
CA VAL D 1344 29.68 -40.92 -33.59
C VAL D 1344 29.02 -39.58 -33.93
N GLU D 1345 29.84 -38.55 -34.15
CA GLU D 1345 29.30 -37.25 -34.53
C GLU D 1345 28.49 -37.37 -35.81
N ARG D 1346 29.07 -37.99 -36.82
CA ARG D 1346 28.37 -38.18 -38.09
C ARG D 1346 27.08 -38.95 -37.89
N TYR D 1347 27.16 -40.07 -37.17
CA TYR D 1347 25.98 -40.84 -36.81
C TYR D 1347 24.88 -39.92 -36.28
N LEU D 1348 25.17 -39.22 -35.18
CA LEU D 1348 24.15 -38.46 -34.48
C LEU D 1348 23.58 -37.37 -35.35
N VAL D 1349 24.42 -36.69 -36.12
CA VAL D 1349 23.90 -35.70 -37.06
C VAL D 1349 22.92 -36.37 -38.02
N GLU D 1350 23.24 -37.60 -38.42
CA GLU D 1350 22.34 -38.33 -39.31
C GLU D 1350 20.98 -38.54 -38.64
N GLU D 1351 20.96 -39.02 -37.40
CA GLU D 1351 19.66 -39.28 -36.79
C GLU D 1351 18.92 -37.99 -36.53
N ILE D 1352 19.65 -36.89 -36.32
CA ILE D 1352 18.98 -35.61 -36.12
C ILE D 1352 18.30 -35.16 -37.39
N GLN D 1353 19.01 -35.20 -38.52
CA GLN D 1353 18.42 -34.78 -39.77
C GLN D 1353 17.35 -35.75 -40.26
N LYS D 1354 17.41 -37.02 -39.85
CA LYS D 1354 16.45 -37.99 -40.35
C LYS D 1354 15.03 -37.64 -39.92
N VAL D 1355 14.85 -37.23 -38.67
CA VAL D 1355 13.51 -36.85 -38.22
C VAL D 1355 13.02 -35.62 -38.95
N TYR D 1356 13.87 -34.60 -39.06
CA TYR D 1356 13.46 -33.36 -39.71
C TYR D 1356 13.07 -33.59 -41.17
N ARG D 1357 13.85 -34.40 -41.88
CA ARG D 1357 13.47 -34.76 -43.25
C ARG D 1357 12.20 -35.58 -43.26
N ALA D 1358 12.06 -36.50 -42.31
CA ALA D 1358 10.84 -37.28 -42.19
C ALA D 1358 9.64 -36.40 -41.85
N GLN D 1359 9.88 -35.23 -41.27
CA GLN D 1359 8.81 -34.28 -40.96
C GLN D 1359 8.87 -33.05 -41.86
N GLY D 1360 9.59 -33.15 -42.97
CA GLY D 1360 9.64 -32.08 -43.94
C GLY D 1360 10.50 -30.90 -43.57
N VAL D 1361 11.21 -30.94 -42.43
CA VAL D 1361 12.01 -29.80 -42.03
C VAL D 1361 13.23 -29.68 -42.91
N LYS D 1362 13.51 -28.47 -43.35
CA LYS D 1362 14.67 -28.17 -44.19
C LYS D 1362 15.59 -27.26 -43.39
N LEU D 1363 16.79 -27.75 -43.08
CA LEU D 1363 17.71 -27.02 -42.23
C LEU D 1363 19.14 -27.38 -42.60
N HIS D 1364 19.98 -26.35 -42.73
CA HIS D 1364 21.38 -26.59 -43.03
C HIS D 1364 22.06 -27.22 -41.83
N ASP D 1365 22.97 -28.16 -42.10
CA ASP D 1365 23.52 -28.99 -41.05
C ASP D 1365 24.46 -28.24 -40.11
N LYS D 1366 24.84 -27.01 -40.46
CA LYS D 1366 25.66 -26.17 -39.60
C LYS D 1366 25.21 -26.27 -38.14
N HIS D 1367 23.91 -26.18 -37.94
CA HIS D 1367 23.36 -26.08 -36.58
C HIS D 1367 23.71 -27.31 -35.77
N ILE D 1368 23.45 -28.50 -36.34
CA ILE D 1368 23.74 -29.73 -35.63
C ILE D 1368 25.24 -29.87 -35.40
N GLU D 1369 26.05 -29.39 -36.37
CA GLU D 1369 27.48 -29.38 -36.18
C GLU D 1369 27.85 -28.66 -34.89
N ILE D 1370 27.34 -27.43 -34.75
CA ILE D 1370 27.61 -26.69 -33.52
C ILE D 1370 27.10 -27.45 -32.33
N VAL D 1371 25.89 -28.01 -32.45
CA VAL D 1371 25.25 -28.66 -31.31
C VAL D 1371 26.14 -29.77 -30.77
N VAL D 1372 26.58 -30.67 -31.64
CA VAL D 1372 27.38 -31.81 -31.20
C VAL D 1372 28.76 -31.36 -30.75
N ARG D 1373 29.41 -30.47 -31.51
CA ARG D 1373 30.74 -30.03 -31.14
C ARG D 1373 30.71 -29.42 -29.75
N GLN D 1374 29.58 -28.83 -29.37
CA GLN D 1374 29.48 -28.26 -28.03
C GLN D 1374 29.13 -29.33 -27.01
N MET D 1375 28.25 -30.26 -27.36
CA MET D 1375 27.82 -31.29 -26.42
C MET D 1375 28.97 -32.18 -25.98
N MET D 1376 29.93 -32.44 -26.86
CA MET D 1376 30.98 -33.41 -26.57
C MET D 1376 32.34 -32.72 -26.55
N LYS D 1377 32.41 -31.59 -25.83
CA LYS D 1377 33.65 -30.82 -25.74
C LYS D 1377 34.47 -31.15 -24.50
N TYR D 1378 34.13 -32.20 -23.76
CA TYR D 1378 34.90 -32.61 -22.60
C TYR D 1378 35.42 -34.02 -22.75
N VAL D 1379 36.60 -34.23 -22.19
CA VAL D 1379 37.24 -35.53 -22.10
C VAL D 1379 37.74 -35.70 -20.68
N GLU D 1380 37.89 -36.95 -20.25
CA GLU D 1380 38.33 -37.26 -18.89
C GLU D 1380 39.74 -37.82 -18.94
N VAL D 1381 40.61 -37.28 -18.12
CA VAL D 1381 42.01 -37.67 -18.13
C VAL D 1381 42.12 -39.13 -17.70
N THR D 1382 43.18 -39.78 -18.16
CA THR D 1382 43.49 -41.14 -17.74
C THR D 1382 44.93 -41.19 -17.29
N ASP D 1383 45.75 -40.25 -17.76
CA ASP D 1383 47.10 -40.06 -17.26
C ASP D 1383 47.19 -38.73 -16.55
N PRO D 1384 47.27 -38.70 -15.22
CA PRO D 1384 47.39 -37.42 -14.53
C PRO D 1384 48.64 -36.69 -14.99
N GLY D 1385 48.50 -35.38 -15.14
CA GLY D 1385 49.65 -34.54 -15.44
C GLY D 1385 50.00 -33.74 -14.21
N ASP D 1386 49.61 -32.47 -14.21
CA ASP D 1386 49.63 -31.70 -12.97
C ASP D 1386 48.53 -32.14 -12.03
N SER D 1387 47.37 -32.51 -12.58
CA SER D 1387 46.22 -32.93 -11.80
C SER D 1387 45.93 -34.40 -12.03
N ARG D 1388 44.92 -34.89 -11.31
CA ARG D 1388 44.64 -36.31 -11.32
C ARG D 1388 44.07 -36.74 -12.68
N LEU D 1389 44.34 -37.99 -13.04
CA LEU D 1389 43.79 -38.54 -14.26
C LEU D 1389 42.26 -38.53 -14.21
N LEU D 1390 41.70 -38.96 -13.09
CA LEU D 1390 40.26 -39.13 -12.99
C LEU D 1390 39.56 -37.79 -12.89
N GLU D 1391 39.40 -37.11 -14.03
CA GLU D 1391 38.85 -35.77 -14.10
C GLU D 1391 38.37 -35.53 -15.53
N GLY D 1392 37.06 -35.27 -15.69
CA GLY D 1392 36.44 -35.13 -17.00
C GLY D 1392 35.85 -33.76 -17.30
N GLN D 1393 36.49 -33.03 -18.20
CA GLN D 1393 36.22 -31.61 -18.39
C GLN D 1393 36.84 -31.15 -19.72
N VAL D 1394 36.77 -29.84 -19.99
CA VAL D 1394 36.86 -29.30 -21.35
C VAL D 1394 38.05 -29.83 -22.12
N LEU D 1395 37.79 -30.51 -23.23
CA LEU D 1395 38.86 -31.03 -24.07
C LEU D 1395 39.82 -29.93 -24.52
N GLU D 1396 39.28 -28.86 -25.11
CA GLU D 1396 40.13 -27.76 -25.54
C GLU D 1396 41.03 -27.31 -24.40
N LYS D 1397 40.46 -27.17 -23.21
CA LYS D 1397 41.29 -27.03 -22.03
C LYS D 1397 42.36 -28.10 -22.00
N TRP D 1398 42.06 -29.30 -22.51
CA TRP D 1398 42.97 -30.42 -22.30
C TRP D 1398 44.14 -30.42 -23.26
N ASP D 1399 43.90 -30.12 -24.53
CA ASP D 1399 45.02 -30.00 -25.44
C ASP D 1399 45.81 -28.72 -25.18
N VAL D 1400 45.15 -27.68 -24.67
CA VAL D 1400 45.89 -26.51 -24.22
C VAL D 1400 46.84 -26.91 -23.08
N GLU D 1401 46.34 -27.70 -22.15
CA GLU D 1401 47.18 -28.18 -21.05
C GLU D 1401 48.30 -29.06 -21.58
N ALA D 1402 48.00 -29.91 -22.56
CA ALA D 1402 49.03 -30.78 -23.12
C ALA D 1402 50.15 -29.95 -23.72
N LEU D 1403 49.78 -28.93 -24.49
CA LEU D 1403 50.79 -28.01 -25.02
C LEU D 1403 51.58 -27.39 -23.89
N ASN D 1404 50.89 -26.96 -22.83
CA ASN D 1404 51.57 -26.34 -21.70
C ASN D 1404 52.60 -27.29 -21.11
N GLU D 1405 52.19 -28.52 -20.82
CA GLU D 1405 53.01 -29.47 -20.09
C GLU D 1405 54.16 -30.04 -20.91
N ARG D 1406 53.95 -30.20 -22.21
CA ARG D 1406 54.97 -30.81 -23.07
C ARG D 1406 55.52 -29.83 -24.09
N LEU D 1407 54.68 -28.95 -24.64
CA LEU D 1407 55.19 -27.89 -25.50
C LEU D 1407 55.74 -26.73 -24.68
N ILE D 1408 54.86 -26.05 -23.95
CA ILE D 1408 55.30 -24.93 -23.13
C ILE D 1408 56.17 -25.44 -21.98
N ALA D 1409 55.70 -26.46 -21.29
CA ALA D 1409 56.50 -27.10 -20.25
C ALA D 1409 57.32 -28.21 -20.87
N GLU D 1410 58.62 -28.19 -20.59
CA GLU D 1410 59.45 -29.35 -20.85
C GLU D 1410 59.19 -30.41 -19.80
N GLY D 1411 59.40 -31.67 -20.16
CA GLY D 1411 58.99 -32.76 -19.31
C GLY D 1411 57.64 -33.27 -19.76
N LYS D 1412 57.62 -34.41 -20.43
CA LYS D 1412 56.45 -34.87 -21.13
C LYS D 1412 55.51 -35.55 -20.15
N THR D 1413 54.85 -34.74 -19.32
CA THR D 1413 53.83 -35.24 -18.41
C THR D 1413 52.53 -35.36 -19.18
N PRO D 1414 52.18 -36.54 -19.65
CA PRO D 1414 51.03 -36.66 -20.54
C PRO D 1414 49.70 -36.66 -19.80
N VAL D 1415 48.77 -35.83 -20.25
CA VAL D 1415 47.40 -35.91 -19.76
C VAL D 1415 46.62 -36.84 -20.67
N ALA D 1416 46.74 -38.15 -20.43
CA ALA D 1416 45.98 -39.11 -21.22
C ALA D 1416 44.52 -39.04 -20.83
N TRP D 1417 43.64 -39.04 -21.83
CA TRP D 1417 42.22 -38.92 -21.58
C TRP D 1417 41.44 -39.77 -22.58
N LYS D 1418 40.19 -40.03 -22.25
CA LYS D 1418 39.19 -40.53 -23.16
C LYS D 1418 38.08 -39.50 -23.30
N PRO D 1419 37.71 -39.12 -24.52
CA PRO D 1419 36.62 -38.17 -24.69
C PRO D 1419 35.34 -38.66 -24.03
N LEU D 1420 34.58 -37.73 -23.47
CA LEU D 1420 33.43 -38.06 -22.65
C LEU D 1420 32.17 -37.91 -23.45
N LEU D 1421 31.47 -39.03 -23.67
CA LEU D 1421 30.10 -38.97 -24.15
C LEU D 1421 29.21 -38.63 -22.97
N MET D 1422 28.63 -37.45 -22.99
CA MET D 1422 27.93 -36.90 -21.84
C MET D 1422 26.54 -36.45 -22.24
N GLY D 1423 25.56 -36.79 -21.40
CA GLY D 1423 24.21 -36.32 -21.65
C GLY D 1423 24.18 -34.81 -21.75
N VAL D 1424 23.53 -34.31 -22.80
CA VAL D 1424 23.55 -32.87 -23.06
C VAL D 1424 23.02 -32.13 -21.85
N THR D 1425 21.98 -32.66 -21.20
CA THR D 1425 21.55 -32.13 -19.93
C THR D 1425 22.73 -32.07 -18.98
N LYS D 1426 23.42 -33.21 -18.82
CA LYS D 1426 24.60 -33.24 -17.97
C LYS D 1426 25.67 -32.28 -18.49
N SER D 1427 25.89 -32.28 -19.80
CA SER D 1427 26.92 -31.42 -20.37
C SER D 1427 26.71 -29.97 -19.94
N ALA D 1428 25.47 -29.49 -19.98
CA ALA D 1428 25.19 -28.16 -19.45
C ALA D 1428 25.42 -28.13 -17.94
N LEU D 1429 24.88 -29.11 -17.23
CA LEU D 1429 25.11 -29.21 -15.80
C LEU D 1429 26.61 -29.30 -15.51
N SER D 1430 27.32 -30.07 -16.34
CA SER D 1430 28.78 -30.09 -16.31
C SER D 1430 29.27 -28.79 -16.93
N THR D 1431 29.29 -27.73 -16.13
CA THR D 1431 29.60 -26.41 -16.63
C THR D 1431 30.70 -25.73 -15.83
N LYS D 1432 31.26 -24.63 -16.36
CA LYS D 1432 32.34 -23.94 -15.64
C LYS D 1432 31.79 -22.82 -14.77
N SER D 1433 31.11 -21.85 -15.36
CA SER D 1433 30.72 -20.67 -14.62
C SER D 1433 29.76 -21.03 -13.48
N TRP D 1434 30.03 -20.45 -12.31
CA TRP D 1434 29.17 -20.67 -11.16
C TRP D 1434 27.86 -19.91 -11.28
N LEU D 1435 27.82 -18.86 -12.09
CA LEU D 1435 26.58 -18.11 -12.29
C LEU D 1435 25.49 -19.02 -12.81
N SER D 1436 25.67 -19.56 -14.01
CA SER D 1436 24.70 -20.49 -14.56
C SER D 1436 24.58 -21.73 -13.70
N ALA D 1437 25.71 -22.24 -13.21
CA ALA D 1437 25.65 -23.42 -12.34
C ALA D 1437 24.75 -23.16 -11.15
N ALA D 1438 24.90 -22.00 -10.51
CA ALA D 1438 24.01 -21.62 -9.42
C ALA D 1438 22.61 -21.29 -9.91
N SER D 1439 22.32 -21.48 -11.19
CA SER D 1439 21.04 -21.04 -11.71
C SER D 1439 19.87 -21.80 -11.12
N PHE D 1440 19.83 -23.11 -11.33
CA PHE D 1440 18.60 -23.85 -11.03
C PHE D 1440 18.66 -24.64 -9.73
N GLN D 1441 19.58 -25.59 -9.62
CA GLN D 1441 19.50 -26.60 -8.57
C GLN D 1441 19.59 -26.02 -7.17
N ASN D 1442 20.76 -25.47 -6.82
CA ASN D 1442 20.96 -24.93 -5.48
C ASN D 1442 22.12 -23.95 -5.53
N THR D 1443 21.81 -22.66 -5.41
CA THR D 1443 22.86 -21.68 -5.23
C THR D 1443 23.65 -21.96 -3.97
N THR D 1444 23.00 -22.56 -2.97
CA THR D 1444 23.70 -22.89 -1.74
C THR D 1444 24.91 -23.75 -2.02
N HIS D 1445 24.70 -24.96 -2.52
CA HIS D 1445 25.81 -25.88 -2.73
C HIS D 1445 26.73 -25.36 -3.83
N VAL D 1446 26.15 -24.84 -4.92
CA VAL D 1446 26.95 -24.35 -6.02
C VAL D 1446 27.95 -23.32 -5.53
N LEU D 1447 27.47 -22.35 -4.75
CA LEU D 1447 28.35 -21.34 -4.20
C LEU D 1447 29.24 -21.94 -3.12
N THR D 1448 28.80 -23.03 -2.50
CA THR D 1448 29.68 -23.75 -1.58
C THR D 1448 30.98 -24.09 -2.29
N GLU D 1449 30.88 -24.74 -3.44
CA GLU D 1449 32.10 -25.00 -4.21
C GLU D 1449 32.73 -23.70 -4.71
N ALA D 1450 31.91 -22.76 -5.18
CA ALA D 1450 32.44 -21.51 -5.71
C ALA D 1450 33.31 -20.79 -4.70
N ALA D 1451 33.08 -20.99 -3.41
CA ALA D 1451 33.82 -20.33 -2.35
C ALA D 1451 34.91 -21.20 -1.75
N ILE D 1452 34.70 -22.51 -1.65
CA ILE D 1452 35.68 -23.40 -1.06
C ILE D 1452 37.01 -23.19 -1.75
N ALA D 1453 36.98 -23.07 -3.07
CA ALA D 1453 38.14 -22.75 -3.86
C ALA D 1453 37.98 -21.36 -4.43
N GLY D 1454 39.06 -20.58 -4.40
CA GLY D 1454 39.02 -19.27 -5.02
C GLY D 1454 38.56 -19.41 -6.44
N LYS D 1455 37.33 -19.00 -6.71
CA LYS D 1455 36.68 -19.18 -8.00
C LYS D 1455 36.89 -17.93 -8.84
N LYS D 1456 37.35 -18.11 -10.07
CA LYS D 1456 37.51 -17.00 -11.00
C LYS D 1456 36.69 -17.31 -12.25
N ASP D 1457 35.45 -16.87 -12.24
CA ASP D 1457 34.53 -17.10 -13.36
C ASP D 1457 34.75 -16.02 -14.41
N GLU D 1458 35.27 -16.42 -15.55
CA GLU D 1458 35.44 -15.50 -16.67
C GLU D 1458 34.08 -15.09 -17.21
N LEU D 1459 33.99 -13.87 -17.73
CA LEU D 1459 32.73 -13.35 -18.27
C LEU D 1459 32.53 -13.90 -19.67
N ILE D 1460 32.19 -15.19 -19.73
CA ILE D 1460 31.96 -15.90 -20.98
C ILE D 1460 30.65 -16.64 -20.88
N GLY D 1461 29.91 -16.66 -21.98
CA GLY D 1461 28.58 -17.25 -21.97
C GLY D 1461 27.51 -16.19 -21.80
N LEU D 1462 26.45 -16.30 -22.59
CA LEU D 1462 25.46 -15.23 -22.62
C LEU D 1462 24.76 -15.06 -21.27
N LYS D 1463 24.44 -16.15 -20.58
CA LYS D 1463 23.66 -16.03 -19.36
C LYS D 1463 24.35 -15.10 -18.36
N GLU D 1464 25.53 -15.51 -17.87
CA GLU D 1464 26.19 -14.73 -16.84
C GLU D 1464 26.51 -13.32 -17.34
N ASN D 1465 26.88 -13.20 -18.61
CA ASN D 1465 27.03 -11.88 -19.21
C ASN D 1465 25.76 -11.06 -19.09
N VAL D 1466 24.60 -11.72 -19.07
CA VAL D 1466 23.33 -11.01 -19.05
C VAL D 1466 22.96 -10.60 -17.63
N ILE D 1467 23.08 -11.53 -16.68
CA ILE D 1467 22.75 -11.15 -15.30
C ILE D 1467 23.56 -9.93 -14.90
N LEU D 1468 24.86 -9.92 -15.23
CA LEU D 1468 25.65 -8.72 -15.09
C LEU D 1468 25.09 -7.57 -15.93
N GLY D 1469 24.28 -7.89 -16.94
CA GLY D 1469 23.77 -6.86 -17.81
C GLY D 1469 24.78 -6.35 -18.82
N ARG D 1470 25.97 -6.92 -18.85
CA ARG D 1470 26.96 -6.53 -19.83
C ARG D 1470 26.52 -6.95 -21.23
N LEU D 1471 26.98 -6.21 -22.22
CA LEU D 1471 26.66 -6.54 -23.60
C LEU D 1471 27.08 -7.96 -23.92
N ILE D 1472 26.18 -8.71 -24.55
CA ILE D 1472 26.55 -10.01 -25.10
C ILE D 1472 27.60 -9.71 -26.16
N PRO D 1473 28.62 -10.54 -26.33
CA PRO D 1473 29.67 -10.25 -27.33
C PRO D 1473 29.11 -10.05 -28.72
N ALA D 1474 28.01 -10.71 -29.05
CA ALA D 1474 27.38 -10.68 -30.36
C ALA D 1474 26.74 -9.32 -30.56
N GLY D 1475 25.99 -9.20 -31.68
CA GLY D 1475 25.36 -7.94 -32.01
C GLY D 1475 26.42 -6.88 -32.19
N THR D 1476 26.20 -5.69 -31.64
CA THR D 1476 27.26 -4.69 -31.65
C THR D 1476 28.32 -4.98 -30.59
N GLY D 1477 28.06 -5.92 -29.69
CA GLY D 1477 29.04 -6.29 -28.68
C GLY D 1477 30.41 -6.60 -29.26
N SER D 1478 30.50 -6.84 -30.56
CA SER D 1478 31.78 -7.02 -31.24
C SER D 1478 32.65 -5.78 -31.07
N ASP D 1479 33.77 -5.93 -30.37
CA ASP D 1479 34.70 -4.83 -30.21
C ASP D 1479 35.24 -4.34 -31.55
N PHE D 1480 35.39 -5.25 -32.52
CA PHE D 1480 35.93 -4.86 -33.82
C PHE D 1480 35.07 -3.80 -34.49
N VAL D 1481 33.79 -3.72 -34.14
CA VAL D 1481 32.87 -2.79 -34.76
C VAL D 1481 32.22 -1.88 -33.74
N ARG D 1482 32.15 -2.33 -32.49
CA ARG D 1482 31.28 -1.66 -31.53
C ARG D 1482 31.59 -0.18 -31.40
N PHE D 1483 32.85 0.21 -31.56
CA PHE D 1483 33.21 1.62 -31.57
C PHE D 1483 33.93 1.92 -32.87
N THR D 1484 33.37 2.84 -33.66
CA THR D 1484 33.98 3.26 -34.91
C THR D 1484 33.61 4.73 -35.10
N GLN D 1485 34.50 5.62 -34.65
CA GLN D 1485 34.23 7.04 -34.72
C GLN D 1485 34.06 7.49 -36.16
N VAL D 1486 33.01 8.27 -36.41
CA VAL D 1486 32.69 8.82 -37.71
C VAL D 1486 33.15 10.27 -37.73
N VAL D 1487 33.88 10.66 -38.77
CA VAL D 1487 34.58 11.93 -38.75
C VAL D 1487 34.58 12.52 -40.15
N ASP D 1488 34.44 13.83 -40.22
CA ASP D 1488 34.54 14.57 -41.46
C ASP D 1488 35.95 15.12 -41.64
N GLN D 1489 36.30 15.45 -42.88
CA GLN D 1489 37.63 15.99 -43.15
C GLN D 1489 37.90 17.23 -42.31
N LYS D 1490 36.87 18.02 -42.02
CA LYS D 1490 37.04 19.16 -41.14
C LYS D 1490 37.43 18.71 -39.74
N THR D 1491 36.85 17.62 -39.26
CA THR D 1491 37.29 17.04 -37.99
C THR D 1491 38.74 16.58 -38.07
N LEU D 1492 39.13 15.99 -39.21
CA LEU D 1492 40.52 15.57 -39.37
C LEU D 1492 41.46 16.76 -39.27
N LYS D 1493 41.10 17.87 -39.92
CA LYS D 1493 41.94 19.07 -39.83
C LYS D 1493 41.94 19.64 -38.41
N ALA D 1494 40.79 19.56 -37.72
CA ALA D 1494 40.75 20.01 -36.33
C ALA D 1494 41.74 19.22 -35.47
N ILE D 1495 41.74 17.90 -35.63
CA ILE D 1495 42.70 17.08 -34.90
C ILE D 1495 44.12 17.37 -35.36
N GLU D 1496 44.30 17.72 -36.63
CA GLU D 1496 45.62 18.11 -37.11
C GLU D 1496 46.14 19.34 -36.37
N GLU D 1497 45.32 20.38 -36.23
CA GLU D 1497 45.80 21.54 -35.50
C GLU D 1497 45.93 21.23 -34.01
N ALA D 1498 45.10 20.34 -33.48
CA ALA D 1498 45.25 19.93 -32.09
C ALA D 1498 46.61 19.26 -31.86
N ARG D 1499 47.03 18.42 -32.80
CA ARG D 1499 48.37 17.83 -32.72
C ARG D 1499 49.43 18.92 -32.87
N LYS D 1500 49.25 19.82 -33.82
CA LYS D 1500 50.22 20.88 -34.05
C LYS D 1500 50.39 21.77 -32.83
N GLU D 1501 49.36 21.82 -31.98
CA GLU D 1501 49.40 22.67 -30.79
C GLU D 1501 50.50 22.27 -29.82
N ALA D 1502 51.07 21.08 -29.95
CA ALA D 1502 52.06 20.59 -29.00
C ALA D 1502 53.40 21.33 -29.09
N VAL D 1503 53.62 22.13 -30.12
CA VAL D 1503 54.88 22.85 -30.26
C VAL D 1503 54.98 23.90 -29.17
N GLU D 1504 56.05 23.85 -28.38
CA GLU D 1504 56.25 24.80 -27.30
C GLU D 1504 57.23 25.89 -27.72
N ALA D 1505 57.00 27.10 -27.22
CA ALA D 1505 57.86 28.24 -27.55
C ALA D 1505 57.82 28.54 -29.04
N ALA E 2 13.57 0.23 -49.56
CA ALA E 2 13.65 0.68 -48.18
C ALA E 2 14.67 1.82 -48.04
N GLU E 3 15.95 1.47 -48.12
CA GLU E 3 16.90 2.56 -47.93
C GLU E 3 17.80 2.72 -49.15
N PRO E 4 17.94 3.95 -49.64
CA PRO E 4 18.71 4.17 -50.89
C PRO E 4 20.15 3.72 -50.74
N GLY E 5 20.67 3.12 -51.80
CA GLY E 5 22.09 2.78 -51.86
C GLY E 5 22.56 1.96 -50.68
N ILE E 6 21.67 1.16 -50.11
CA ILE E 6 22.06 0.28 -49.00
C ILE E 6 23.14 -0.69 -49.48
N ASP E 7 23.03 -1.15 -50.74
CA ASP E 7 24.08 -1.95 -51.32
C ASP E 7 25.39 -1.17 -51.45
N LYS E 8 25.30 0.09 -51.91
CA LYS E 8 26.50 0.90 -52.03
C LYS E 8 27.16 1.09 -50.67
N LEU E 9 26.39 1.54 -49.68
CA LEU E 9 26.93 1.72 -48.34
C LEU E 9 27.49 0.41 -47.81
N PHE E 10 26.82 -0.70 -48.13
CA PHE E 10 27.31 -2.00 -47.72
C PHE E 10 28.71 -2.23 -48.27
N GLY E 11 28.89 -1.92 -49.56
CA GLY E 11 30.20 -2.05 -50.16
C GLY E 11 31.24 -1.15 -49.51
N MET E 12 30.86 0.10 -49.21
CA MET E 12 31.78 0.98 -48.51
C MET E 12 31.93 0.62 -47.03
N VAL E 13 31.09 -0.28 -46.51
CA VAL E 13 31.15 -0.65 -45.10
C VAL E 13 31.58 -2.11 -45.00
N ASP E 14 32.63 -2.34 -44.22
CA ASP E 14 33.18 -3.69 -44.13
C ASP E 14 32.19 -4.66 -43.49
N SER E 15 31.52 -4.23 -42.44
CA SER E 15 30.58 -5.08 -41.72
C SER E 15 29.25 -4.35 -41.56
N LYS E 16 28.16 -5.12 -41.65
CA LYS E 16 26.85 -4.53 -41.48
C LYS E 16 26.73 -3.82 -40.14
N TYR E 17 27.22 -4.47 -39.09
CA TYR E 17 27.19 -3.83 -37.77
C TYR E 17 28.08 -2.60 -37.72
N ARG E 18 29.20 -2.59 -38.45
CA ARG E 18 29.98 -1.36 -38.52
C ARG E 18 29.19 -0.24 -39.17
N LEU E 19 28.45 -0.56 -40.24
CA LEU E 19 27.59 0.45 -40.86
C LEU E 19 26.54 0.93 -39.87
N THR E 20 25.95 0.01 -39.11
CA THR E 20 24.97 0.37 -38.10
C THR E 20 25.55 1.33 -37.07
N VAL E 21 26.72 0.97 -36.52
CA VAL E 21 27.35 1.80 -35.49
C VAL E 21 27.71 3.16 -36.06
N VAL E 22 28.24 3.18 -37.29
CA VAL E 22 28.60 4.44 -37.92
C VAL E 22 27.38 5.34 -38.07
N VAL E 23 26.28 4.79 -38.56
CA VAL E 23 25.07 5.58 -38.77
C VAL E 23 24.58 6.14 -37.44
N ALA E 24 24.53 5.29 -36.42
CA ALA E 24 24.04 5.75 -35.12
C ALA E 24 24.95 6.82 -34.53
N LYS E 25 26.27 6.66 -34.65
CA LYS E 25 27.19 7.66 -34.14
C LYS E 25 26.98 8.98 -34.85
N ARG E 26 26.84 8.95 -36.18
CA ARG E 26 26.61 10.17 -36.94
C ARG E 26 25.30 10.83 -36.53
N ALA E 27 24.25 10.04 -36.34
CA ALA E 27 22.96 10.59 -35.96
C ALA E 27 23.03 11.27 -34.59
N GLN E 28 23.62 10.59 -33.61
CA GLN E 28 23.76 11.20 -32.30
C GLN E 28 24.68 12.40 -32.34
N GLN E 29 25.63 12.43 -33.29
CA GLN E 29 26.42 13.62 -33.52
C GLN E 29 25.53 14.78 -33.96
N LEU E 30 24.72 14.55 -34.99
CA LEU E 30 23.76 15.56 -35.43
C LEU E 30 22.93 16.05 -34.25
N LEU E 31 22.51 15.13 -33.39
CA LEU E 31 21.65 15.48 -32.26
C LEU E 31 22.38 16.38 -31.27
N ARG E 32 23.50 15.87 -30.73
CA ARG E 32 24.10 16.47 -29.54
C ARG E 32 24.59 17.89 -29.81
N HIS E 33 25.39 18.07 -30.87
CA HIS E 33 25.99 19.36 -31.16
C HIS E 33 25.05 20.28 -31.90
N GLY E 34 23.74 20.06 -31.76
CA GLY E 34 22.79 20.77 -32.57
C GLY E 34 22.78 20.11 -33.93
N PHE E 35 21.69 20.22 -34.65
CA PHE E 35 21.67 19.34 -35.80
C PHE E 35 22.65 19.77 -36.90
N LYS E 36 23.34 20.90 -36.77
CA LYS E 36 24.17 21.43 -37.85
C LYS E 36 25.35 20.54 -38.19
N ASN E 37 25.44 19.36 -37.60
CA ASN E 37 26.58 18.47 -37.82
C ASN E 37 26.42 17.73 -39.14
N THR E 38 26.13 18.46 -40.22
CA THR E 38 25.85 17.86 -41.51
C THR E 38 26.80 18.42 -42.57
N VAL E 39 26.92 17.68 -43.67
CA VAL E 39 27.94 17.97 -44.67
C VAL E 39 27.34 18.10 -46.06
N LEU E 40 26.13 17.57 -46.26
CA LEU E 40 25.46 17.64 -47.55
C LEU E 40 24.13 18.36 -47.43
N GLU E 41 23.94 19.08 -46.33
CA GLU E 41 22.64 19.67 -46.05
C GLU E 41 22.24 20.70 -47.10
N PRO E 42 23.11 21.62 -47.54
CA PRO E 42 22.61 22.84 -48.20
C PRO E 42 21.83 22.60 -49.48
N GLU E 43 22.46 21.97 -50.47
CA GLU E 43 21.88 21.95 -51.80
C GLU E 43 20.85 20.83 -51.96
N GLU E 44 21.26 19.58 -51.76
CA GLU E 44 20.33 18.49 -51.59
C GLU E 44 20.22 18.14 -50.12
N ARG E 45 19.05 17.69 -49.73
CA ARG E 45 18.79 17.60 -48.30
C ARG E 45 17.51 16.81 -48.07
N PRO E 46 17.35 16.17 -46.92
CA PRO E 46 16.06 15.53 -46.60
C PRO E 46 15.00 16.60 -46.44
N LYS E 47 13.84 16.36 -47.05
CA LYS E 47 12.79 17.35 -47.10
C LYS E 47 11.45 16.72 -46.77
N MET E 48 10.63 17.45 -46.01
CA MET E 48 9.36 16.92 -45.53
C MET E 48 8.32 16.98 -46.64
N GLN E 49 7.09 16.64 -46.27
CA GLN E 49 5.97 16.61 -47.21
C GLN E 49 5.00 17.75 -46.98
N THR E 50 4.51 17.90 -45.75
CA THR E 50 3.69 19.06 -45.42
C THR E 50 4.46 20.35 -45.62
N LEU E 51 5.78 20.30 -45.47
CA LEU E 51 6.65 21.45 -45.67
C LEU E 51 8.06 20.92 -45.93
N GLU E 52 9.03 21.83 -45.88
CA GLU E 52 10.42 21.45 -45.98
C GLU E 52 11.06 21.16 -44.63
N GLY E 53 10.25 20.81 -43.63
CA GLY E 53 10.74 20.61 -42.28
C GLY E 53 11.80 19.54 -42.17
N LEU E 54 11.86 18.63 -43.13
CA LEU E 54 12.80 17.52 -43.05
C LEU E 54 14.21 18.03 -43.33
N PHE E 55 14.33 19.27 -43.80
CA PHE E 55 15.65 19.88 -43.84
C PHE E 55 16.26 20.01 -42.45
N ASP E 56 15.45 19.97 -41.39
CA ASP E 56 16.02 20.25 -40.08
C ASP E 56 16.40 18.98 -39.33
N ASP E 57 15.42 18.22 -38.84
CA ASP E 57 15.73 16.88 -38.35
C ASP E 57 14.48 16.09 -37.99
N PRO E 58 13.57 15.85 -38.92
CA PRO E 58 12.47 14.93 -38.63
C PRO E 58 13.00 13.55 -38.30
N ASN E 59 14.06 13.14 -39.00
CA ASN E 59 14.66 11.82 -38.84
C ASN E 59 16.14 11.92 -39.22
N ALA E 60 17.00 11.91 -38.20
CA ALA E 60 18.43 12.09 -38.43
C ALA E 60 19.03 10.92 -39.20
N VAL E 61 18.51 9.71 -38.97
CA VAL E 61 19.16 8.52 -39.52
C VAL E 61 19.25 8.61 -41.04
N THR E 62 18.24 9.20 -41.68
CA THR E 62 18.33 9.44 -43.11
C THR E 62 19.47 10.37 -43.43
N TRP E 63 19.67 11.39 -42.59
CA TRP E 63 20.79 12.30 -42.75
C TRP E 63 22.11 11.54 -42.71
N ALA E 64 22.28 10.66 -41.72
CA ALA E 64 23.51 9.90 -41.61
C ALA E 64 23.71 8.99 -42.81
N MET E 65 22.63 8.33 -43.25
CA MET E 65 22.72 7.46 -44.42
C MET E 65 23.16 8.26 -45.64
N LYS E 66 22.55 9.43 -45.85
CA LYS E 66 22.89 10.23 -47.01
C LYS E 66 24.34 10.69 -46.96
N GLU E 67 24.77 11.20 -45.81
CA GLU E 67 26.15 11.64 -45.69
C GLU E 67 27.11 10.49 -45.93
N LEU E 68 26.74 9.29 -45.48
CA LEU E 68 27.55 8.11 -45.75
C LEU E 68 27.60 7.82 -47.25
N LEU E 69 26.45 7.95 -47.92
CA LEU E 69 26.45 7.83 -49.37
C LEU E 69 27.41 8.83 -49.99
N THR E 70 27.59 9.97 -49.33
CA THR E 70 28.65 10.90 -49.69
C THR E 70 29.96 10.45 -49.08
N GLY E 71 31.06 10.88 -49.68
CA GLY E 71 32.36 10.57 -49.13
C GLY E 71 32.78 11.65 -48.17
N ARG E 72 31.82 12.51 -47.78
CA ARG E 72 32.12 13.62 -46.90
C ARG E 72 32.61 13.15 -45.53
N LEU E 73 31.95 12.15 -44.97
CA LEU E 73 32.31 11.66 -43.66
C LEU E 73 33.31 10.51 -43.76
N VAL E 74 34.19 10.42 -42.76
CA VAL E 74 35.15 9.34 -42.65
C VAL E 74 35.00 8.73 -41.27
N PHE E 75 34.60 7.46 -41.23
CA PHE E 75 34.39 6.75 -39.98
C PHE E 75 35.54 5.79 -39.76
N GLY E 76 36.25 5.97 -38.66
CA GLY E 76 37.32 5.06 -38.27
C GLY E 76 36.92 4.32 -37.01
N GLU E 77 37.07 3.00 -37.02
CA GLU E 77 36.75 2.23 -35.83
C GLU E 77 37.61 2.68 -34.66
N ASN E 78 38.87 3.04 -34.96
CA ASN E 78 39.72 3.80 -34.04
C ASN E 78 40.55 4.73 -34.92
N LEU E 79 40.06 5.95 -35.11
CA LEU E 79 40.65 6.90 -36.05
C LEU E 79 41.29 8.10 -35.36
N VAL E 80 40.70 8.58 -34.26
CA VAL E 80 41.19 9.78 -33.58
C VAL E 80 41.10 9.57 -32.07
N PRO E 81 41.99 10.19 -31.28
CA PRO E 81 41.81 10.14 -29.82
C PRO E 81 40.52 10.82 -29.39
N GLU E 82 39.72 10.11 -28.60
CA GLU E 82 38.35 10.57 -28.33
C GLU E 82 38.34 11.93 -27.62
N ASP E 83 39.25 12.13 -26.67
CA ASP E 83 39.26 13.38 -25.91
C ASP E 83 39.39 14.58 -26.85
N ARG E 84 40.40 14.58 -27.71
CA ARG E 84 40.61 15.70 -28.61
C ARG E 84 39.51 15.82 -29.66
N LEU E 85 38.98 14.69 -30.14
CA LEU E 85 37.90 14.75 -31.12
C LEU E 85 36.70 15.47 -30.50
N GLN E 86 36.27 15.04 -29.32
CA GLN E 86 35.15 15.73 -28.67
C GLN E 86 35.49 17.18 -28.35
N LYS E 87 36.72 17.45 -27.92
CA LYS E 87 37.10 18.82 -27.59
C LYS E 87 37.00 19.73 -28.81
N GLU E 88 37.45 19.24 -29.97
CA GLU E 88 37.42 20.06 -31.17
C GLU E 88 36.00 20.19 -31.71
N MET E 89 35.21 19.11 -31.59
CA MET E 89 33.78 19.23 -31.88
C MET E 89 33.15 20.33 -31.05
N GLU E 90 33.50 20.41 -29.76
CA GLU E 90 32.85 21.36 -28.89
C GLU E 90 33.37 22.79 -29.10
N ARG E 91 34.64 22.95 -29.49
CA ARG E 91 35.08 24.29 -29.82
C ARG E 91 34.46 24.78 -31.11
N LEU E 92 34.40 23.92 -32.13
CA LEU E 92 34.08 24.34 -33.48
C LEU E 92 32.59 24.21 -33.81
N TYR E 93 31.77 23.77 -32.86
CA TYR E 93 30.32 23.71 -33.05
C TYR E 93 29.61 24.52 -31.97
N PRO E 94 29.30 25.79 -32.22
CA PRO E 94 28.38 26.50 -31.33
C PRO E 94 26.92 26.12 -31.52
N VAL E 95 26.63 25.21 -32.45
CA VAL E 95 25.27 24.73 -32.64
C VAL E 95 24.76 24.00 -31.41
N GLU E 96 25.67 23.47 -30.59
CA GLU E 96 25.34 22.85 -29.32
C GLU E 96 24.14 21.89 -29.43
N ARG F 62 26.01 52.59 -15.99
CA ARG F 62 24.90 52.53 -15.05
C ARG F 62 25.39 52.16 -13.66
N LEU F 63 25.00 52.95 -12.67
CA LEU F 63 25.43 52.79 -11.29
C LEU F 63 24.31 52.20 -10.45
N VAL F 64 24.65 51.23 -9.60
CA VAL F 64 23.73 50.62 -8.66
C VAL F 64 24.41 50.56 -7.30
N LYS F 65 23.58 50.46 -6.27
CA LYS F 65 24.07 50.41 -4.90
C LYS F 65 23.15 49.52 -4.09
N GLY F 66 23.66 49.06 -2.96
CA GLY F 66 22.84 48.26 -2.06
C GLY F 66 23.68 47.73 -0.93
N TYR F 67 23.08 46.84 -0.17
CA TYR F 67 23.76 46.17 0.93
C TYR F 67 23.88 44.69 0.61
N LEU F 68 25.10 44.17 0.71
CA LEU F 68 25.36 42.81 0.26
C LEU F 68 24.64 41.81 1.15
N GLU F 69 23.95 40.87 0.51
CA GLU F 69 23.31 39.73 1.17
C GLU F 69 23.80 38.49 0.45
N ILE F 70 24.66 37.72 1.11
CA ILE F 70 25.28 36.55 0.49
C ILE F 70 24.36 35.35 0.71
N SER F 71 23.94 34.72 -0.37
CA SER F 71 23.05 33.58 -0.30
C SER F 71 23.83 32.33 0.11
N GLN F 72 23.16 31.18 0.06
CA GLN F 72 23.81 29.93 0.46
C GLN F 72 24.66 29.36 -0.67
N ASP F 73 24.45 29.82 -1.90
CA ASP F 73 25.14 29.28 -3.07
C ASP F 73 26.44 30.01 -3.38
N GLY F 74 26.88 30.92 -2.51
CA GLY F 74 28.11 31.65 -2.74
C GLY F 74 27.96 32.95 -3.51
N TYR F 75 26.79 33.22 -4.06
CA TYR F 75 26.50 34.48 -4.72
C TYR F 75 25.56 35.31 -3.84
N GLY F 76 25.53 36.62 -4.10
CA GLY F 76 24.79 37.53 -3.26
C GLY F 76 23.98 38.52 -4.08
N PHE F 77 23.22 39.34 -3.36
CA PHE F 77 22.39 40.37 -3.95
C PHE F 77 22.63 41.69 -3.24
N LEU F 78 22.37 42.78 -3.95
CA LEU F 78 22.46 44.12 -3.37
C LEU F 78 21.05 44.61 -3.09
N THR F 79 20.79 44.97 -1.84
CA THR F 79 19.45 45.27 -1.40
C THR F 79 19.20 46.77 -1.36
N GLU F 80 17.94 47.12 -1.15
CA GLU F 80 17.50 48.50 -0.99
C GLU F 80 17.26 48.78 0.50
N ASN F 81 16.73 49.95 0.81
CA ASN F 81 16.47 50.31 2.19
C ASN F 81 15.40 49.44 2.85
N LEU F 82 14.46 48.89 2.07
CA LEU F 82 13.42 48.05 2.63
C LEU F 82 13.97 46.76 3.23
N HIS F 83 15.22 46.41 2.93
CA HIS F 83 15.88 45.26 3.53
C HIS F 83 15.13 43.97 3.18
N ASN F 84 14.81 43.82 1.90
CA ASN F 84 14.13 42.62 1.43
C ASN F 84 14.49 42.38 -0.03
N LEU F 85 14.27 41.14 -0.47
CA LEU F 85 14.41 40.84 -1.88
C LEU F 85 13.50 41.76 -2.69
N GLU F 86 14.08 42.42 -3.68
CA GLU F 86 13.37 43.37 -4.50
C GLU F 86 13.76 43.13 -5.95
N SER F 87 12.88 43.53 -6.87
CA SER F 87 13.14 43.28 -8.28
C SER F 87 14.39 44.01 -8.78
N ARG F 88 14.80 45.09 -8.13
CA ARG F 88 15.92 45.90 -8.59
C ARG F 88 17.23 45.51 -7.95
N VAL F 89 17.25 44.50 -7.08
CA VAL F 89 18.50 44.07 -6.47
C VAL F 89 19.48 43.69 -7.58
N ALA F 90 20.76 43.88 -7.30
CA ALA F 90 21.83 43.62 -8.27
C ALA F 90 22.54 42.32 -7.91
N ILE F 91 22.77 41.49 -8.92
CA ILE F 91 23.45 40.21 -8.71
C ILE F 91 24.94 40.46 -8.44
N VAL F 92 25.50 39.68 -7.52
CA VAL F 92 26.93 39.72 -7.21
C VAL F 92 27.43 38.30 -7.25
N SER F 93 28.38 38.02 -8.14
CA SER F 93 28.89 36.67 -8.29
C SER F 93 29.79 36.30 -7.11
N ALA F 94 29.84 35.00 -6.82
CA ALA F 94 30.76 34.51 -5.79
C ALA F 94 32.19 34.94 -6.09
N GLY F 95 32.52 35.07 -7.38
CA GLY F 95 33.87 35.51 -7.73
C GLY F 95 34.20 36.86 -7.15
N LEU F 96 33.28 37.82 -7.27
CA LEU F 96 33.53 39.15 -6.71
C LEU F 96 33.61 39.09 -5.19
N ILE F 97 32.74 38.28 -4.56
CA ILE F 97 32.75 38.17 -3.10
C ILE F 97 34.10 37.68 -2.62
N LYS F 98 34.63 36.65 -3.28
CA LYS F 98 35.95 36.15 -2.91
C LYS F 98 37.03 37.17 -3.29
N GLN F 99 36.80 37.92 -4.35
CA GLN F 99 37.79 38.90 -4.81
C GLN F 99 38.00 40.01 -3.80
N TYR F 100 36.91 40.47 -3.17
CA TYR F 100 36.98 41.59 -2.25
C TYR F 100 36.70 41.19 -0.80
N ALA F 101 36.61 39.90 -0.51
CA ALA F 101 36.31 39.42 0.84
C ALA F 101 35.03 40.05 1.37
N LEU F 102 34.05 40.23 0.48
CA LEU F 102 32.81 40.87 0.87
C LEU F 102 32.05 39.98 1.84
N ARG F 103 31.26 40.63 2.70
CA ARG F 103 30.58 39.96 3.79
C ARG F 103 29.15 40.46 3.88
N ALA F 104 28.29 39.66 4.50
CA ALA F 104 26.88 40.02 4.61
C ALA F 104 26.73 41.38 5.30
N GLY F 105 25.84 42.21 4.76
CA GLY F 105 25.65 43.54 5.27
C GLY F 105 26.60 44.58 4.71
N ASP F 106 27.60 44.16 3.95
CA ASP F 106 28.53 45.11 3.37
C ASP F 106 27.82 45.95 2.32
N TYR F 107 27.99 47.27 2.42
CA TYR F 107 27.39 48.19 1.46
C TYR F 107 28.27 48.23 0.22
N VAL F 108 27.68 47.91 -0.92
CA VAL F 108 28.39 47.82 -2.19
C VAL F 108 27.78 48.84 -3.15
N VAL F 109 28.65 49.63 -3.78
CA VAL F 109 28.29 50.52 -4.86
C VAL F 109 29.14 50.14 -6.07
N GLY F 110 28.51 50.00 -7.22
CA GLY F 110 29.26 49.61 -8.41
C GLY F 110 28.45 49.84 -9.66
N GLN F 111 29.16 49.96 -10.77
CA GLN F 111 28.50 50.11 -12.05
C GLN F 111 27.95 48.77 -12.49
N ALA F 112 26.72 48.78 -13.01
CA ALA F 112 26.03 47.57 -13.41
C ALA F 112 25.53 47.74 -14.84
N ARG F 113 24.98 46.66 -15.37
CA ARG F 113 24.40 46.64 -16.71
C ARG F 113 22.99 46.05 -16.68
N PRO F 114 22.16 46.40 -17.65
CA PRO F 114 20.85 45.74 -17.77
C PRO F 114 21.02 44.25 -17.93
N PRO F 115 20.12 43.45 -17.36
CA PRO F 115 20.28 41.99 -17.46
C PRO F 115 20.19 41.54 -18.91
N ARG F 116 21.02 40.55 -19.25
CA ARG F 116 20.94 39.96 -20.57
C ARG F 116 19.60 39.22 -20.72
N GLU F 117 19.37 38.69 -21.91
CA GLU F 117 18.20 37.84 -22.11
C GLU F 117 18.31 36.62 -21.20
N ASN F 118 17.18 36.23 -20.62
CA ASN F 118 17.03 35.14 -19.65
C ASN F 118 17.51 35.57 -18.27
N GLU F 119 18.00 36.79 -18.10
CA GLU F 119 18.41 37.31 -16.80
C GLU F 119 17.31 38.22 -16.27
N ARG F 120 16.92 38.00 -15.01
CA ARG F 120 15.85 38.75 -14.39
C ARG F 120 16.35 39.91 -13.53
N TYR F 121 17.61 39.91 -13.13
CA TYR F 121 18.16 40.93 -12.27
C TYR F 121 19.46 41.46 -12.85
N ALA F 122 19.71 42.75 -12.62
CA ALA F 122 20.94 43.37 -13.11
C ALA F 122 22.16 42.73 -12.45
N THR F 123 23.26 42.70 -13.19
CA THR F 123 24.50 42.11 -12.72
C THR F 123 25.52 43.21 -12.49
N LEU F 124 26.23 43.13 -11.37
CA LEU F 124 27.25 44.12 -11.03
C LEU F 124 28.52 43.77 -11.81
N LEU F 125 28.80 44.57 -12.85
CA LEU F 125 29.98 44.33 -13.65
C LEU F 125 31.25 44.58 -12.86
N LYS F 126 31.30 45.70 -12.13
CA LYS F 126 32.51 46.12 -11.44
C LYS F 126 32.14 46.71 -10.08
N VAL F 127 32.91 46.33 -9.06
CA VAL F 127 32.69 46.85 -7.72
C VAL F 127 33.51 48.13 -7.56
N GLU F 128 32.84 49.21 -7.17
CA GLU F 128 33.47 50.51 -7.07
C GLU F 128 33.82 50.89 -5.64
N ALA F 129 32.85 50.91 -4.73
CA ALA F 129 33.10 51.24 -3.34
C ALA F 129 32.34 50.27 -2.44
N VAL F 130 33.02 49.78 -1.41
CA VAL F 130 32.44 48.88 -0.44
C VAL F 130 32.38 49.62 0.89
N ASN F 131 31.21 49.65 1.51
CA ASN F 131 31.01 50.41 2.74
C ASN F 131 31.48 51.84 2.57
N ASN F 132 31.30 52.39 1.37
CA ASN F 132 31.72 53.73 0.97
C ASN F 132 33.22 53.86 0.71
N LEU F 133 33.99 52.77 0.64
CA LEU F 133 35.44 52.88 0.51
C LEU F 133 35.99 51.98 -0.58
N ASP F 134 37.24 52.26 -0.95
CA ASP F 134 37.89 51.58 -2.04
C ASP F 134 38.21 50.14 -1.61
N PRO F 135 37.79 49.13 -2.39
CA PRO F 135 37.54 47.82 -1.76
C PRO F 135 38.79 47.03 -1.38
N GLU F 136 40.00 47.45 -1.76
CA GLU F 136 41.19 46.70 -1.36
C GLU F 136 41.25 46.53 0.15
N ALA F 137 40.79 47.54 0.90
CA ALA F 137 40.86 47.48 2.35
C ALA F 137 40.03 46.34 2.91
N ALA F 138 39.02 45.87 2.17
CA ALA F 138 38.24 44.72 2.64
C ALA F 138 39.10 43.47 2.73
N LYS F 139 40.10 43.34 1.85
CA LYS F 139 40.96 42.15 1.86
C LYS F 139 41.75 42.05 3.15
N ASN F 140 42.33 43.17 3.59
CA ASN F 140 43.23 43.20 4.74
C ASN F 140 42.60 44.11 5.80
N ARG F 141 41.75 43.54 6.63
CA ARG F 141 41.13 44.26 7.73
C ARG F 141 40.85 43.27 8.85
N PRO F 142 40.86 43.70 10.09
CA PRO F 142 40.47 42.80 11.18
C PRO F 142 38.97 42.56 11.16
N ARG F 143 38.59 41.29 11.23
CA ARG F 143 37.19 40.93 11.18
C ARG F 143 36.47 41.47 12.42
N PHE F 144 35.23 41.91 12.21
CA PHE F 144 34.47 42.49 13.32
C PHE F 144 34.46 41.54 14.51
N ASP F 145 34.36 40.25 14.26
CA ASP F 145 34.27 39.27 15.34
C ASP F 145 35.56 39.18 16.14
N GLU F 146 36.70 39.53 15.54
CA GLU F 146 37.97 39.51 16.23
C GLU F 146 38.33 40.85 16.86
N LEU F 147 37.48 41.85 16.75
CA LEU F 147 37.72 43.14 17.39
C LEU F 147 37.68 42.99 18.90
N THR F 148 38.57 43.70 19.58
CA THR F 148 38.64 43.61 21.04
C THR F 148 37.49 44.39 21.67
N PRO F 149 36.61 43.75 22.43
CA PRO F 149 35.58 44.50 23.15
C PRO F 149 36.12 45.08 24.44
N GLN F 150 35.77 46.34 24.68
CA GLN F 150 36.08 47.00 25.94
C GLN F 150 34.89 47.86 26.35
N PHE F 151 35.00 48.47 27.52
CA PHE F 151 33.89 49.22 28.08
C PHE F 151 33.72 50.54 27.34
N PRO F 152 32.52 51.12 27.40
CA PRO F 152 32.32 52.40 26.71
C PRO F 152 33.20 53.48 27.30
N ASP F 153 34.13 53.97 26.49
CA ASP F 153 35.18 54.86 26.95
C ASP F 153 34.96 56.29 26.50
N ARG F 154 34.00 56.54 25.62
CA ARG F 154 33.71 57.88 25.12
C ARG F 154 32.26 58.19 25.44
N GLN F 155 32.04 58.92 26.53
CA GLN F 155 30.70 59.32 26.93
C GLN F 155 30.08 60.17 25.84
N ILE F 156 28.76 60.19 25.80
CA ILE F 156 28.02 60.96 24.81
C ILE F 156 27.00 61.80 25.55
N ARG F 157 27.23 63.11 25.60
CA ARG F 157 26.29 64.01 26.24
C ARG F 157 25.00 64.09 25.44
N LEU F 158 23.90 64.32 26.15
CA LEU F 158 22.57 64.34 25.56
C LEU F 158 22.00 65.74 25.70
N GLU F 159 21.47 66.28 24.61
CA GLU F 159 20.70 67.51 24.68
C GLU F 159 19.81 67.61 23.45
N THR F 160 18.51 67.77 23.70
CA THR F 160 17.53 67.96 22.64
C THR F 160 16.65 69.14 23.03
N THR F 161 16.56 70.12 22.13
CA THR F 161 15.89 71.38 22.46
C THR F 161 14.43 71.20 22.86
N PRO F 162 13.58 70.48 22.13
CA PRO F 162 12.16 70.43 22.47
C PRO F 162 11.85 69.83 23.83
N ASP F 163 12.65 68.89 24.30
CA ASP F 163 12.55 68.42 25.67
C ASP F 163 13.95 68.06 26.18
N GLU F 164 14.65 69.05 26.74
CA GLU F 164 15.99 68.80 27.25
C GLU F 164 15.96 68.37 28.70
N LEU F 165 14.81 68.48 29.37
CA LEU F 165 14.63 67.78 30.63
C LEU F 165 14.95 66.31 30.47
N SER F 166 14.42 65.69 29.40
CA SER F 166 14.68 64.28 29.18
C SER F 166 16.18 64.02 29.06
N THR F 167 16.87 64.82 28.25
CA THR F 167 18.28 64.56 28.00
C THR F 167 19.10 64.76 29.26
N ARG F 168 18.87 65.86 30.00
CA ARG F 168 19.64 66.07 31.22
C ARG F 168 19.34 65.01 32.26
N VAL F 169 18.08 64.60 32.38
CA VAL F 169 17.76 63.56 33.36
C VAL F 169 18.42 62.25 32.98
N ILE F 170 18.41 61.89 31.70
CA ILE F 170 19.09 60.69 31.25
C ILE F 170 20.58 60.77 31.56
N ASP F 171 21.19 61.92 31.26
CA ASP F 171 22.62 62.08 31.52
C ASP F 171 22.92 61.94 33.00
N LEU F 172 22.08 62.52 33.86
CA LEU F 172 22.25 62.41 35.30
C LEU F 172 21.91 61.02 35.83
N LEU F 173 21.17 60.23 35.07
CA LEU F 173 20.76 58.90 35.51
C LEU F 173 21.55 57.80 34.84
N ALA F 174 21.87 57.96 33.56
CA ALA F 174 22.59 56.94 32.81
C ALA F 174 23.41 57.62 31.73
N PRO F 175 24.72 57.73 31.92
CA PRO F 175 25.59 58.25 30.87
C PRO F 175 25.64 57.27 29.68
N ILE F 176 25.86 57.83 28.49
CA ILE F 176 25.97 57.06 27.26
C ILE F 176 27.38 57.23 26.71
N GLY F 177 28.04 56.12 26.44
CA GLY F 177 29.33 56.12 25.78
C GLY F 177 29.25 55.44 24.42
N ARG F 178 30.41 55.23 23.83
CA ARG F 178 30.50 54.51 22.57
C ARG F 178 30.77 53.04 22.86
N GLY F 179 29.97 52.17 22.27
CA GLY F 179 29.97 50.77 22.63
C GLY F 179 28.99 50.43 23.73
N GLN F 180 28.04 51.33 24.00
CA GLN F 180 27.07 51.15 25.07
C GLN F 180 26.11 50.03 24.70
N ARG F 181 25.84 49.13 25.65
CA ARG F 181 24.81 48.10 25.46
C ARG F 181 23.65 48.40 26.41
N GLY F 182 22.78 49.32 25.97
CA GLY F 182 21.76 49.83 26.85
C GLY F 182 20.33 49.39 26.58
N LEU F 183 19.47 49.60 27.57
CA LEU F 183 18.08 49.18 27.51
C LEU F 183 17.22 50.14 28.32
N ILE F 184 16.03 50.45 27.82
CA ILE F 184 15.03 51.21 28.56
C ILE F 184 13.83 50.30 28.81
N VAL F 185 13.44 50.21 30.07
CA VAL F 185 12.47 49.23 30.55
C VAL F 185 11.27 49.99 31.09
N ALA F 186 10.13 49.81 30.44
CA ALA F 186 8.95 50.60 30.76
C ALA F 186 7.71 49.79 30.45
N PRO F 187 6.63 50.01 31.19
CA PRO F 187 5.34 49.44 30.80
C PRO F 187 4.79 50.14 29.57
N PRO F 188 3.75 49.59 28.95
CA PRO F 188 3.17 50.24 27.77
C PRO F 188 2.64 51.63 28.11
N LYS F 189 2.77 52.55 27.15
CA LYS F 189 2.28 53.91 27.33
C LYS F 189 2.99 54.62 28.47
N ALA F 190 4.32 54.68 28.39
CA ALA F 190 5.12 55.31 29.43
C ALA F 190 6.12 56.33 28.87
N GLY F 191 5.96 56.72 27.61
CA GLY F 191 6.93 57.59 26.97
C GLY F 191 8.14 56.85 26.45
N LYS F 192 8.21 55.54 26.67
CA LYS F 192 9.26 54.70 26.09
C LYS F 192 9.57 55.13 24.66
N THR F 193 8.55 55.12 23.80
CA THR F 193 8.77 55.51 22.41
C THR F 193 9.14 56.98 22.29
N THR F 194 8.45 57.84 23.03
CA THR F 194 8.76 59.27 22.97
C THR F 194 10.17 59.54 23.48
N LEU F 195 10.59 58.83 24.53
CA LEU F 195 11.97 58.95 24.99
C LEU F 195 12.95 58.52 23.92
N LEU F 196 12.64 57.43 23.21
CA LEU F 196 13.50 57.02 22.11
C LEU F 196 13.58 58.11 21.05
N LYS F 197 12.46 58.77 20.77
CA LYS F 197 12.47 59.88 19.82
C LYS F 197 13.37 61.01 20.30
N LYS F 198 13.26 61.37 21.57
CA LYS F 198 14.09 62.43 22.11
C LYS F 198 15.57 62.06 21.99
N ILE F 199 15.89 60.81 22.31
CA ILE F 199 17.28 60.37 22.23
C ILE F 199 17.78 60.42 20.80
N ALA F 200 16.95 60.00 19.85
CA ALA F 200 17.33 60.08 18.44
C ALA F 200 17.64 61.52 18.04
N ASN F 201 16.76 62.43 18.42
CA ASN F 201 16.98 63.84 18.11
C ASN F 201 18.26 64.34 18.77
N ALA F 202 18.48 63.96 20.02
CA ALA F 202 19.67 64.42 20.74
C ALA F 202 20.94 63.89 20.09
N VAL F 203 20.93 62.62 19.66
CA VAL F 203 22.11 62.07 19.01
C VAL F 203 22.37 62.76 17.68
N LEU F 204 21.31 63.01 16.93
CA LEU F 204 21.46 63.67 15.63
C LEU F 204 21.78 65.15 15.76
N LYS F 205 22.02 65.61 16.99
CA LYS F 205 22.45 66.99 17.22
C LYS F 205 23.81 66.98 17.91
N ASN F 206 24.03 65.98 18.75
CA ASN F 206 25.26 65.86 19.52
C ASN F 206 26.30 64.99 18.83
N GLU F 207 25.87 63.95 18.11
CA GLU F 207 26.78 63.08 17.37
C GLU F 207 26.26 62.90 15.95
N PRO F 208 26.31 63.96 15.14
CA PRO F 208 26.04 63.79 13.70
C PRO F 208 27.03 62.85 13.02
N ASP F 209 28.28 62.81 13.48
CA ASP F 209 29.28 61.95 12.87
C ASP F 209 28.93 60.48 12.97
N ILE F 210 28.09 60.11 13.92
CA ILE F 210 27.82 58.70 14.18
C ILE F 210 26.64 58.27 13.31
N LYS F 211 26.83 57.20 12.56
CA LYS F 211 25.76 56.65 11.74
C LYS F 211 24.62 56.23 12.66
N VAL F 212 23.53 56.99 12.64
CA VAL F 212 22.38 56.73 13.49
C VAL F 212 21.41 55.88 12.70
N ILE F 213 21.21 54.65 13.14
CA ILE F 213 20.29 53.73 12.51
C ILE F 213 19.11 53.53 13.44
N VAL F 214 17.90 53.74 12.92
CA VAL F 214 16.68 53.60 13.70
C VAL F 214 15.96 52.36 13.18
N LEU F 215 15.88 51.34 14.03
CA LEU F 215 15.24 50.07 13.68
C LEU F 215 13.96 49.94 14.51
N LEU F 216 12.83 49.79 13.82
CA LEU F 216 11.52 49.71 14.45
C LEU F 216 10.89 48.36 14.10
N ILE F 217 10.70 47.51 15.10
CA ILE F 217 10.24 46.14 14.90
C ILE F 217 8.86 45.97 15.51
N ASP F 218 7.89 45.53 14.70
CA ASP F 218 6.60 45.06 15.16
C ASP F 218 5.74 46.17 15.75
N GLU F 219 6.01 47.43 15.42
CA GLU F 219 5.39 48.57 16.07
C GLU F 219 4.44 49.32 15.14
N ARG F 220 3.96 50.45 15.64
CA ARG F 220 2.77 51.09 15.09
C ARG F 220 3.13 51.88 13.83
N PRO F 221 2.45 51.64 12.72
CA PRO F 221 2.89 52.28 11.45
C PRO F 221 2.96 53.80 11.50
N GLU F 222 1.95 54.44 12.10
CA GLU F 222 1.97 55.90 12.16
C GLU F 222 3.14 56.40 12.99
N GLU F 223 3.57 55.64 13.99
CA GLU F 223 4.81 55.96 14.69
C GLU F 223 6.01 55.84 13.75
N VAL F 224 6.00 54.84 12.87
CA VAL F 224 7.06 54.72 11.87
C VAL F 224 7.12 55.97 11.02
N THR F 225 5.96 56.44 10.56
CA THR F 225 5.94 57.67 9.77
C THR F 225 6.45 58.84 10.58
N ASP F 226 6.03 58.94 11.84
CA ASP F 226 6.42 60.07 12.67
C ASP F 226 7.93 60.12 12.85
N PHE F 227 8.55 58.97 13.12
CA PHE F 227 10.01 58.95 13.27
C PHE F 227 10.72 59.20 11.95
N ARG F 228 10.27 58.54 10.88
CA ARG F 228 10.83 58.79 9.56
C ARG F 228 10.85 60.28 9.26
N GLU F 229 9.77 60.98 9.61
CA GLU F 229 9.68 62.42 9.37
C GLU F 229 10.54 63.21 10.35
N SER F 230 10.61 62.76 11.60
CA SER F 230 11.26 63.51 12.66
C SER F 230 12.71 63.09 12.88
N VAL F 231 13.22 62.11 12.12
CA VAL F 231 14.60 61.68 12.27
C VAL F 231 15.56 62.50 11.41
N GLN F 232 15.05 63.42 10.61
CA GLN F 232 15.86 64.25 9.71
C GLN F 232 16.85 63.40 8.91
N GLY F 233 16.34 62.32 8.33
CA GLY F 233 17.05 61.58 7.31
C GLY F 233 17.89 60.42 7.77
N ALA F 234 18.08 60.23 9.08
CA ALA F 234 18.86 59.09 9.52
C ALA F 234 18.13 57.79 9.15
N GLU F 235 18.90 56.72 8.99
CA GLU F 235 18.37 55.47 8.46
C GLU F 235 17.30 54.93 9.41
N VAL F 236 16.05 55.03 8.99
CA VAL F 236 14.92 54.46 9.71
C VAL F 236 14.49 53.20 8.99
N ILE F 237 14.76 52.06 9.60
CA ILE F 237 14.32 50.76 9.10
C ILE F 237 13.22 50.27 10.02
N ALA F 238 12.07 49.94 9.44
CA ALA F 238 10.92 49.60 10.26
C ALA F 238 10.19 48.40 9.65
N SER F 239 9.48 47.68 10.52
CA SER F 239 8.67 46.54 10.11
C SER F 239 7.49 46.47 11.08
N THR F 240 6.36 47.03 10.66
CA THR F 240 5.22 47.21 11.54
C THR F 240 4.68 45.87 12.01
N PHE F 241 3.77 45.89 12.98
CA PHE F 241 3.19 44.65 13.47
C PHE F 241 2.34 43.93 12.43
N ASP F 242 1.95 44.62 11.35
CA ASP F 242 1.24 43.94 10.29
C ASP F 242 2.13 42.89 9.63
N GLU F 243 3.43 43.00 9.79
CA GLU F 243 4.36 42.07 9.17
C GLU F 243 4.47 40.81 10.02
N PRO F 244 4.72 39.66 9.40
CA PRO F 244 4.97 38.44 10.18
C PRO F 244 6.31 38.52 10.88
N PRO F 245 6.55 37.69 11.89
CA PRO F 245 7.86 37.72 12.55
C PRO F 245 9.00 37.43 11.59
N GLN F 246 8.73 36.70 10.51
CA GLN F 246 9.76 36.43 9.53
C GLN F 246 10.36 37.72 8.99
N ASN F 247 9.51 38.66 8.57
CA ASN F 247 9.99 39.94 8.08
C ASN F 247 10.79 40.67 9.15
N HIS F 248 10.28 40.67 10.38
CA HIS F 248 10.97 41.34 11.47
C HIS F 248 12.37 40.80 11.64
N ILE F 249 12.51 39.48 11.73
CA ILE F 249 13.82 38.87 11.95
C ILE F 249 14.74 39.17 10.77
N ARG F 250 14.24 39.02 9.55
CA ARG F 250 15.07 39.26 8.38
C ARG F 250 15.62 40.68 8.39
N VAL F 251 14.74 41.66 8.56
CA VAL F 251 15.16 43.06 8.52
C VAL F 251 16.13 43.35 9.66
N ALA F 252 15.83 42.86 10.86
CA ALA F 252 16.69 43.12 11.99
C ALA F 252 18.08 42.57 11.77
N GLU F 253 18.17 41.33 11.27
CA GLU F 253 19.48 40.72 11.04
C GLU F 253 20.24 41.45 9.95
N PHE F 254 19.54 41.86 8.89
CA PHE F 254 20.23 42.59 7.82
C PHE F 254 20.79 43.90 8.34
N VAL F 255 19.99 44.65 9.09
CA VAL F 255 20.46 45.91 9.66
C VAL F 255 21.63 45.65 10.60
N HIS F 256 21.52 44.59 11.41
CA HIS F 256 22.59 44.25 12.35
C HIS F 256 23.89 43.98 11.60
N GLU F 257 23.82 43.18 10.54
CA GLU F 257 25.02 42.85 9.78
C GLU F 257 25.60 44.11 9.13
N ARG F 258 24.74 44.97 8.60
CA ARG F 258 25.23 46.25 8.07
C ARG F 258 25.98 47.03 9.13
N ALA F 259 25.41 47.12 10.33
CA ALA F 259 26.05 47.86 11.40
C ALA F 259 27.40 47.26 11.77
N LYS F 260 27.46 45.94 11.86
CA LYS F 260 28.73 45.30 12.20
C LYS F 260 29.76 45.53 11.11
N ARG F 261 29.33 45.52 9.84
CA ARG F 261 30.28 45.80 8.76
C ARG F 261 30.79 47.23 8.83
N ILE F 262 29.91 48.18 9.14
CA ILE F 262 30.36 49.57 9.26
C ILE F 262 31.34 49.70 10.42
N VAL F 263 31.04 49.08 11.56
CA VAL F 263 31.95 49.15 12.69
C VAL F 263 33.26 48.44 12.36
N GLU F 264 33.19 47.37 11.55
CA GLU F 264 34.38 46.69 11.09
C GLU F 264 35.30 47.65 10.37
N GLU F 265 34.74 48.71 9.80
CA GLU F 265 35.51 49.78 9.20
C GLU F 265 35.86 50.86 10.22
N GLY F 266 35.90 50.51 11.50
CA GLY F 266 36.17 51.50 12.53
C GLY F 266 35.08 52.53 12.70
N GLY F 267 33.84 52.21 12.32
CA GLY F 267 32.77 53.16 12.41
C GLY F 267 32.02 53.10 13.73
N HIS F 268 31.52 54.25 14.15
CA HIS F 268 30.65 54.36 15.32
C HIS F 268 29.22 54.32 14.81
N VAL F 269 28.41 53.40 15.33
CA VAL F 269 27.06 53.19 14.84
C VAL F 269 26.10 53.23 16.01
N MET F 270 24.98 53.94 15.84
CA MET F 270 23.88 53.96 16.80
C MET F 270 22.73 53.16 16.21
N ILE F 271 22.22 52.21 16.98
CA ILE F 271 21.01 51.48 16.65
C ILE F 271 19.97 51.78 17.72
N LEU F 272 18.93 52.49 17.35
CA LEU F 272 17.81 52.78 18.25
C LEU F 272 16.71 51.77 17.95
N LEU F 273 16.65 50.71 18.75
CA LEU F 273 15.77 49.58 18.48
C LEU F 273 14.59 49.62 19.44
N ASP F 274 13.46 50.13 18.97
CA ASP F 274 12.24 50.07 19.74
C ASP F 274 11.69 48.65 19.68
N SER F 275 11.18 48.16 20.81
CA SER F 275 10.57 46.84 20.86
C SER F 275 11.55 45.72 20.57
N ILE F 276 12.65 45.66 21.32
CA ILE F 276 13.50 44.47 21.29
C ILE F 276 12.74 43.27 21.82
N THR F 277 11.81 43.51 22.74
CA THR F 277 10.99 42.41 23.25
C THR F 277 10.19 41.78 22.12
N ARG F 278 9.65 42.58 21.22
CA ARG F 278 8.92 42.04 20.09
C ARG F 278 9.85 41.29 19.15
N LEU F 279 11.11 41.75 19.04
CA LEU F 279 12.09 40.98 18.28
C LEU F 279 12.30 39.61 18.90
N ALA F 280 12.41 39.55 20.23
CA ALA F 280 12.54 38.27 20.90
C ALA F 280 11.29 37.42 20.69
N ARG F 281 10.11 38.06 20.67
CA ARG F 281 8.89 37.33 20.40
C ARG F 281 8.93 36.68 19.03
N ALA F 282 9.39 37.42 18.02
CA ALA F 282 9.55 36.85 16.69
C ALA F 282 10.56 35.72 16.71
N ASN F 283 11.67 35.91 17.44
CA ASN F 283 12.68 34.86 17.53
C ASN F 283 12.08 33.57 18.09
N ASN F 284 11.30 33.69 19.16
CA ASN F 284 10.66 32.53 19.75
C ASN F 284 9.69 31.89 18.78
N LEU F 285 8.90 32.71 18.09
CA LEU F 285 7.96 32.19 17.10
C LEU F 285 8.69 31.49 15.96
N VAL F 286 9.97 31.83 15.75
CA VAL F 286 10.72 31.23 14.65
C VAL F 286 11.49 30.00 15.11
N THR F 287 11.80 29.90 16.40
CA THR F 287 12.59 28.78 16.89
C THR F 287 11.81 27.48 16.68
N PRO F 288 12.37 26.50 15.97
CA PRO F 288 11.53 25.42 15.40
C PRO F 288 11.04 24.43 16.45
N PRO F 289 11.90 23.86 17.33
CA PRO F 289 11.34 23.30 18.57
C PRO F 289 12.13 23.60 19.83
N THR F 290 13.38 23.14 19.90
CA THR F 290 14.23 23.25 21.07
C THR F 290 13.76 22.35 22.22
N GLY F 291 12.63 21.67 22.04
CA GLY F 291 12.11 20.79 23.07
C GLY F 291 11.26 21.47 24.13
N ARG F 292 11.73 21.46 25.38
CA ARG F 292 10.92 21.92 26.50
C ARG F 292 10.61 23.40 26.38
N THR F 293 9.70 23.88 27.23
CA THR F 293 9.32 25.28 27.28
C THR F 293 9.89 25.92 28.54
N LEU F 294 10.58 27.05 28.37
CA LEU F 294 11.01 27.84 29.53
C LEU F 294 9.79 28.43 30.23
N SER F 295 9.93 28.70 31.52
CA SER F 295 8.84 29.28 32.28
C SER F 295 8.41 30.60 31.66
N GLY F 296 7.10 30.76 31.47
CA GLY F 296 6.54 31.94 30.85
C GLY F 296 6.20 31.79 29.38
N GLY F 297 6.50 30.64 28.78
CA GLY F 297 6.23 30.42 27.37
C GLY F 297 7.39 30.69 26.45
N LEU F 298 8.55 31.04 26.97
CA LEU F 298 9.73 31.29 26.15
C LEU F 298 10.40 29.98 25.76
N ASP F 299 11.22 30.06 24.71
CA ASP F 299 11.99 28.91 24.25
C ASP F 299 13.45 29.06 24.63
N SER F 300 14.07 27.93 25.00
CA SER F 300 15.42 27.97 25.55
C SER F 300 16.43 28.45 24.53
N ALA F 301 16.24 28.13 23.25
CA ALA F 301 17.19 28.48 22.21
C ALA F 301 16.76 29.68 21.39
N ALA F 302 15.55 30.20 21.62
CA ALA F 302 15.09 31.37 20.89
C ALA F 302 15.88 32.61 21.28
N LEU F 303 16.08 32.83 22.58
CA LEU F 303 16.73 34.04 23.08
C LEU F 303 18.22 34.10 22.76
N TYR F 304 18.82 33.01 22.27
CA TYR F 304 20.22 33.07 21.87
C TYR F 304 20.44 34.11 20.79
N PHE F 305 19.57 34.13 19.79
CA PHE F 305 19.75 35.09 18.70
C PHE F 305 19.56 36.52 19.17
N PRO F 306 18.51 36.86 19.93
CA PRO F 306 18.45 38.21 20.50
C PRO F 306 19.62 38.55 21.40
N LYS F 307 20.09 37.59 22.20
CA LYS F 307 21.22 37.85 23.08
C LYS F 307 22.46 38.22 22.27
N ARG F 308 22.77 37.43 21.25
CA ARG F 308 23.91 37.72 20.39
C ARG F 308 23.73 39.06 19.69
N PHE F 309 22.50 39.31 19.21
CA PHE F 309 22.18 40.54 18.53
C PHE F 309 22.50 41.75 19.41
N LEU F 310 22.08 41.70 20.68
CA LEU F 310 22.33 42.81 21.58
C LEU F 310 23.80 42.87 21.99
N GLY F 311 24.40 41.72 22.30
CA GLY F 311 25.78 41.68 22.72
C GLY F 311 26.77 42.14 21.69
N ALA F 312 26.36 42.18 20.41
CA ALA F 312 27.23 42.77 19.40
C ALA F 312 27.66 44.18 19.79
N ALA F 313 26.76 44.94 20.41
CA ALA F 313 27.11 46.27 20.89
C ALA F 313 28.30 46.21 21.83
N ARG F 314 29.33 47.01 21.53
CA ARG F 314 30.58 46.95 22.27
C ARG F 314 31.44 48.13 21.85
N ASN F 315 32.47 48.40 22.64
CA ASN F 315 33.46 49.40 22.31
C ASN F 315 34.72 48.69 21.81
N ILE F 316 35.31 49.24 20.77
CA ILE F 316 36.43 48.62 20.07
C ILE F 316 37.69 49.43 20.35
N ARG F 317 38.78 48.73 20.68
CA ARG F 317 40.06 49.35 20.89
C ARG F 317 40.74 49.72 19.58
N GLY F 318 40.30 49.13 18.46
CA GLY F 318 40.92 49.36 17.16
C GLY F 318 40.13 50.33 16.31
N GLY F 319 39.19 51.04 16.92
CA GLY F 319 38.41 52.05 16.22
C GLY F 319 36.96 51.67 16.10
N GLY F 320 36.09 52.68 16.04
CA GLY F 320 34.67 52.46 15.89
C GLY F 320 34.03 51.96 17.17
N SER F 321 32.71 51.85 17.11
CA SER F 321 31.93 51.32 18.22
C SER F 321 30.57 50.92 17.70
N LEU F 322 29.95 49.95 18.36
CA LEU F 322 28.58 49.58 18.08
C LEU F 322 27.77 49.83 19.34
N THR F 323 26.83 50.77 19.28
CA THR F 323 26.01 51.12 20.40
C THR F 323 24.56 50.82 20.03
N ILE F 324 23.94 49.91 20.77
CA ILE F 324 22.55 49.54 20.56
C ILE F 324 21.77 49.93 21.80
N LEU F 325 20.83 50.85 21.65
CA LEU F 325 19.89 51.21 22.71
C LEU F 325 18.52 50.70 22.32
N ALA F 326 17.94 49.85 23.17
CA ALA F 326 16.70 49.16 22.83
C ALA F 326 15.67 49.41 23.92
N THR F 327 14.40 49.28 23.53
CA THR F 327 13.28 49.56 24.43
C THR F 327 12.67 48.26 24.91
N ALA F 328 12.49 48.14 26.22
CA ALA F 328 11.97 46.94 26.85
C ALA F 328 10.62 47.22 27.48
N LEU F 329 9.69 46.27 27.31
CA LEU F 329 8.35 46.35 27.88
C LEU F 329 8.29 45.45 29.11
N VAL F 330 7.64 45.94 30.16
CA VAL F 330 7.48 45.20 31.42
C VAL F 330 6.14 45.55 32.03
N GLU F 331 5.87 44.92 33.18
CA GLU F 331 4.58 45.08 33.85
C GLU F 331 3.43 44.79 32.90
N THR F 332 3.64 43.85 31.98
CA THR F 332 2.68 43.52 30.95
C THR F 332 1.79 42.33 31.32
N GLY F 333 1.97 41.77 32.51
CA GLY F 333 1.17 40.64 32.94
C GLY F 333 1.57 39.30 32.37
N SER F 334 2.69 39.23 31.65
CA SER F 334 3.17 37.99 31.07
C SER F 334 4.55 37.66 31.64
N ARG F 335 4.70 36.45 32.17
CA ARG F 335 6.01 36.00 32.63
C ARG F 335 7.03 36.05 31.50
N MET F 336 6.57 35.88 30.26
CA MET F 336 7.45 35.94 29.10
C MET F 336 8.21 37.27 29.04
N ASP F 337 7.48 38.39 29.19
CA ASP F 337 8.14 39.69 29.14
C ASP F 337 9.14 39.84 30.27
N ASP F 338 8.76 39.43 31.48
CA ASP F 338 9.67 39.57 32.62
C ASP F 338 10.92 38.74 32.42
N VAL F 339 10.77 37.53 31.91
CA VAL F 339 11.92 36.64 31.70
C VAL F 339 12.85 37.22 30.65
N ILE F 340 12.28 37.77 29.57
CA ILE F 340 13.12 38.41 28.56
C ILE F 340 13.88 39.58 29.18
N PHE F 341 13.19 40.40 29.97
CA PHE F 341 13.86 41.55 30.59
C PHE F 341 15.03 41.10 31.46
N GLU F 342 14.78 40.13 32.35
CA GLU F 342 15.84 39.69 33.25
C GLU F 342 16.96 39.02 32.47
N GLU F 343 16.62 38.36 31.36
CA GLU F 343 17.64 37.75 30.51
C GLU F 343 18.53 38.78 29.84
N PHE F 344 17.95 39.89 29.40
CA PHE F 344 18.73 40.89 28.69
C PHE F 344 19.48 41.81 29.63
N LYS F 345 18.97 42.02 30.84
CA LYS F 345 19.65 42.87 31.81
C LYS F 345 21.02 42.32 32.15
N GLY F 346 21.13 41.00 32.27
CA GLY F 346 22.43 40.39 32.53
C GLY F 346 23.43 40.55 31.40
N THR F 347 22.97 40.98 30.24
CA THR F 347 23.84 41.24 29.10
C THR F 347 24.09 42.72 28.85
N GLY F 348 23.14 43.58 29.19
CA GLY F 348 23.30 45.00 28.93
C GLY F 348 24.12 45.71 29.99
N ASN F 349 24.69 46.85 29.60
CA ASN F 349 25.50 47.67 30.48
C ASN F 349 24.75 48.89 31.01
N MET F 350 23.51 49.10 30.57
CA MET F 350 22.79 50.32 30.85
C MET F 350 21.31 49.98 30.96
N GLU F 351 20.66 50.52 32.00
CA GLU F 351 19.23 50.35 32.17
C GLU F 351 18.62 51.68 32.59
N LEU F 352 17.45 51.99 32.03
CA LEU F 352 16.64 53.12 32.48
C LEU F 352 15.21 52.64 32.68
N HIS F 353 14.74 52.68 33.92
CA HIS F 353 13.40 52.22 34.26
C HIS F 353 12.42 53.38 34.27
N LEU F 354 11.27 53.18 33.63
CA LEU F 354 10.20 54.17 33.60
C LEU F 354 9.04 53.65 34.42
N SER F 355 8.37 54.56 35.13
CA SER F 355 7.27 54.20 36.01
C SER F 355 5.93 54.48 35.35
N ARG F 356 5.06 53.47 35.34
CA ARG F 356 3.71 53.66 34.84
C ARG F 356 2.96 54.72 35.63
N ARG F 357 3.15 54.74 36.95
CA ARG F 357 2.43 55.66 37.80
C ARG F 357 2.83 57.10 37.54
N LEU F 358 4.10 57.35 37.24
CA LEU F 358 4.53 58.71 36.88
C LEU F 358 3.84 59.18 35.61
N GLU F 359 3.70 58.31 34.61
CA GLU F 359 2.91 58.67 33.44
C GLU F 359 1.46 58.94 33.82
N GLU F 360 0.89 58.09 34.67
CA GLU F 360 -0.50 58.27 35.05
C GLU F 360 -0.74 59.65 35.65
N ARG F 361 0.26 60.20 36.34
CA ARG F 361 0.21 61.56 36.84
C ARG F 361 0.60 62.59 35.79
N ARG F 362 0.98 62.13 34.59
CA ARG F 362 1.38 63.01 33.48
C ARG F 362 2.65 63.78 33.83
N ILE F 363 3.57 63.13 34.54
CA ILE F 363 4.86 63.72 34.90
C ILE F 363 5.90 63.10 33.98
N PHE F 364 6.54 63.95 33.16
CA PHE F 364 7.47 63.46 32.15
C PHE F 364 8.81 64.17 32.24
N PRO F 365 9.92 63.48 31.93
CA PRO F 365 9.93 62.04 31.68
C PRO F 365 9.66 61.19 32.92
N ALA F 366 8.79 60.20 32.77
CA ALA F 366 8.33 59.35 33.88
C ALA F 366 9.35 58.28 34.26
N ILE F 367 10.54 58.71 34.72
CA ILE F 367 11.63 57.79 34.96
C ILE F 367 11.60 57.31 36.40
N ASP F 368 11.92 56.03 36.61
CA ASP F 368 12.18 55.50 37.94
C ASP F 368 13.66 55.66 38.22
N ILE F 369 14.00 56.76 38.91
CA ILE F 369 15.40 57.15 39.06
C ILE F 369 16.19 56.08 39.79
N LEU F 370 15.64 55.55 40.88
CA LEU F 370 16.41 54.63 41.72
C LEU F 370 16.81 53.38 40.97
N LYS F 371 15.91 52.85 40.12
CA LYS F 371 16.23 51.67 39.34
C LYS F 371 17.16 51.95 38.17
N SER F 372 17.30 53.20 37.76
CA SER F 372 18.07 53.52 36.57
C SER F 372 19.56 53.63 36.89
N GLY F 373 20.37 53.42 35.86
CA GLY F 373 21.81 53.57 35.98
C GLY F 373 22.53 52.80 34.89
N THR F 374 23.83 53.01 34.85
CA THR F 374 24.71 52.26 33.96
C THR F 374 25.75 51.52 34.80
N ARG F 375 26.67 50.88 34.11
CA ARG F 375 27.79 50.20 34.73
C ARG F 375 29.09 50.83 34.23
N ARG F 376 30.01 51.11 35.17
CA ARG F 376 31.28 51.73 34.84
C ARG F 376 31.10 53.19 34.40
N GLU F 377 30.21 53.89 35.11
CA GLU F 377 30.02 55.31 34.83
C GLU F 377 31.32 56.09 34.96
N GLU F 378 32.20 55.66 35.86
CA GLU F 378 33.48 56.35 36.01
C GLU F 378 34.22 56.45 34.70
N LEU F 379 34.08 55.45 33.82
CA LEU F 379 34.70 55.51 32.52
C LEU F 379 34.03 56.52 31.59
N LEU F 380 32.81 56.95 31.92
CA LEU F 380 32.09 57.92 31.12
C LEU F 380 31.96 59.27 31.81
N LEU F 381 32.25 59.37 33.10
CA LEU F 381 32.09 60.61 33.84
C LEU F 381 33.34 60.91 34.65
N GLY F 382 33.71 62.19 34.70
CA GLY F 382 34.80 62.61 35.54
C GLY F 382 34.48 62.42 37.01
N GLU F 383 35.52 62.57 37.84
CA GLU F 383 35.34 62.37 39.28
C GLU F 383 34.38 63.40 39.86
N GLU F 384 34.47 64.66 39.43
CA GLU F 384 33.53 65.66 39.91
C GLU F 384 32.10 65.27 39.54
N VAL F 385 31.88 64.87 38.30
CA VAL F 385 30.54 64.45 37.88
C VAL F 385 30.15 63.15 38.58
N THR F 386 31.12 62.25 38.79
CA THR F 386 30.82 61.00 39.49
C THR F 386 30.34 61.26 40.91
N HIS F 387 31.03 62.15 41.62
CA HIS F 387 30.60 62.49 42.98
C HIS F 387 29.29 63.24 42.96
N LYS F 388 29.08 64.09 41.95
CA LYS F 388 27.80 64.78 41.81
C LYS F 388 26.66 63.79 41.69
N MET F 389 26.79 62.81 40.78
CA MET F 389 25.72 61.85 40.60
C MET F 389 25.54 61.00 41.85
N TRP F 390 26.65 60.64 42.51
CA TRP F 390 26.54 59.85 43.73
C TRP F 390 25.77 60.61 44.80
N LEU F 391 26.09 61.90 44.97
CA LEU F 391 25.34 62.74 45.90
C LEU F 391 23.86 62.77 45.52
N LEU F 392 23.58 62.96 44.24
CA LEU F 392 22.20 63.10 43.80
C LEU F 392 21.41 61.83 44.08
N ARG F 393 22.02 60.67 43.80
CA ARG F 393 21.35 59.40 44.09
C ARG F 393 21.16 59.21 45.59
N LYS F 394 22.18 59.53 46.38
CA LYS F 394 22.02 59.42 47.83
C LYS F 394 20.85 60.25 48.31
N VAL F 395 20.74 61.50 47.83
CA VAL F 395 19.64 62.36 48.25
C VAL F 395 18.31 61.76 47.81
N LEU F 396 18.22 61.30 46.56
CA LEU F 396 16.96 60.82 46.04
C LEU F 396 16.71 59.33 46.32
N ALA F 397 17.73 58.61 46.78
CA ALA F 397 17.61 57.15 46.88
C ALA F 397 16.48 56.75 47.81
N ASP F 398 16.31 57.46 48.93
CA ASP F 398 15.45 57.01 50.00
C ASP F 398 13.96 57.22 49.73
N MET F 399 13.62 58.02 48.72
CA MET F 399 12.28 58.60 48.63
C MET F 399 11.53 58.20 47.36
N ASP F 400 10.25 58.61 47.32
CA ASP F 400 9.25 58.00 46.45
C ASP F 400 9.45 58.41 44.98
N PRO F 401 9.11 57.52 44.02
CA PRO F 401 9.39 57.80 42.61
C PRO F 401 8.78 59.07 42.03
N ALA F 402 7.45 59.19 42.06
CA ALA F 402 6.83 60.32 41.37
C ALA F 402 7.32 61.64 41.95
N GLU F 403 7.35 61.74 43.29
CA GLU F 403 7.88 62.91 44.00
C GLU F 403 9.32 63.18 43.58
N ALA F 404 10.09 62.11 43.39
CA ALA F 404 11.47 62.29 42.97
C ALA F 404 11.51 62.98 41.63
N MET F 405 10.77 62.47 40.64
CA MET F 405 10.78 63.11 39.33
C MET F 405 10.25 64.53 39.43
N GLU F 406 9.22 64.74 40.24
CA GLU F 406 8.66 66.08 40.36
C GLU F 406 9.72 67.08 40.82
N MET F 407 10.43 66.79 41.92
CA MET F 407 11.42 67.79 42.34
C MET F 407 12.65 67.78 41.44
N LEU F 408 13.00 66.64 40.84
CA LEU F 408 14.12 66.65 39.89
C LEU F 408 13.82 67.58 38.72
N LEU F 409 12.60 67.49 38.20
CA LEU F 409 12.17 68.40 37.14
C LEU F 409 12.18 69.84 37.62
N ALA F 410 11.66 70.09 38.81
CA ALA F 410 11.60 71.46 39.31
C ALA F 410 13.00 72.04 39.46
N ARG F 411 13.96 71.23 39.94
CA ARG F 411 15.32 71.73 40.14
C ARG F 411 16.06 71.88 38.84
N LEU F 412 15.91 70.93 37.92
CA LEU F 412 16.55 71.00 36.62
C LEU F 412 15.88 72.01 35.70
N ALA F 413 14.61 72.33 35.95
CA ALA F 413 13.92 73.31 35.10
C ALA F 413 14.54 74.68 35.22
N ARG F 414 15.11 75.01 36.38
CA ARG F 414 15.66 76.34 36.58
C ARG F 414 16.78 76.63 35.59
N THR F 415 17.67 75.67 35.37
CA THR F 415 18.84 75.90 34.53
C THR F 415 19.26 74.57 33.91
N LYS F 416 20.28 74.66 33.06
CA LYS F 416 20.93 73.46 32.55
C LYS F 416 21.62 72.73 33.70
N ASN F 417 21.79 71.42 33.54
CA ASN F 417 22.30 70.57 34.61
C ASN F 417 23.59 71.09 35.23
N ASN F 418 24.51 71.60 34.41
CA ASN F 418 25.77 72.08 34.96
C ASN F 418 25.55 73.18 35.98
N LYS F 419 24.72 74.19 35.62
CA LYS F 419 24.37 75.22 36.58
C LYS F 419 23.52 74.67 37.71
N GLU F 420 22.62 73.72 37.41
CA GLU F 420 21.84 73.10 38.46
C GLU F 420 22.74 72.52 39.55
N PHE F 421 23.92 72.05 39.16
CA PHE F 421 24.95 71.73 40.17
C PHE F 421 25.43 73.00 40.87
N LEU F 422 25.77 74.03 40.10
CA LEU F 422 26.28 75.27 40.66
C LEU F 422 25.18 76.03 41.39
N ARG G 62 -31.85 41.08 -16.17
CA ARG G 62 -31.90 40.73 -14.75
C ARG G 62 -30.65 41.22 -14.03
N LEU G 63 -30.84 41.86 -12.89
CA LEU G 63 -29.76 42.46 -12.12
C LEU G 63 -29.57 41.71 -10.81
N VAL G 64 -28.31 41.63 -10.36
CA VAL G 64 -27.96 41.05 -9.09
C VAL G 64 -26.90 41.95 -8.45
N LYS G 65 -26.71 41.77 -7.14
CA LYS G 65 -25.74 42.55 -6.40
C LYS G 65 -25.23 41.71 -5.24
N GLY G 66 -24.07 42.07 -4.72
CA GLY G 66 -23.51 41.37 -3.60
C GLY G 66 -22.10 41.85 -3.32
N TYR G 67 -21.43 41.10 -2.47
CA TYR G 67 -20.05 41.38 -2.12
C TYR G 67 -19.16 40.25 -2.62
N LEU G 68 -18.04 40.61 -3.25
CA LEU G 68 -17.20 39.63 -3.91
C LEU G 68 -16.46 38.78 -2.87
N GLU G 69 -16.48 37.48 -3.09
CA GLU G 69 -15.72 36.51 -2.30
C GLU G 69 -14.99 35.62 -3.28
N ILE G 70 -13.68 35.80 -3.42
CA ILE G 70 -12.90 35.08 -4.41
C ILE G 70 -12.50 33.73 -3.82
N SER G 71 -12.76 32.66 -4.57
CA SER G 71 -12.44 31.32 -4.13
C SER G 71 -10.97 30.99 -4.44
N GLN G 72 -10.52 29.86 -3.91
CA GLN G 72 -9.14 29.44 -4.16
C GLN G 72 -8.86 29.23 -5.64
N ASP G 73 -9.88 28.87 -6.41
CA ASP G 73 -9.72 28.49 -7.80
C ASP G 73 -9.72 29.68 -8.75
N GLY G 74 -9.64 30.90 -8.22
CA GLY G 74 -9.61 32.09 -9.06
C GLY G 74 -10.95 32.67 -9.41
N TYR G 75 -12.04 31.98 -9.09
CA TYR G 75 -13.38 32.50 -9.29
C TYR G 75 -14.00 32.85 -7.94
N GLY G 76 -15.09 33.59 -7.97
CA GLY G 76 -15.71 34.09 -6.76
C GLY G 76 -17.22 34.01 -6.81
N PHE G 77 -17.83 34.46 -5.72
CA PHE G 77 -19.28 34.52 -5.60
C PHE G 77 -19.69 35.85 -5.00
N LEU G 78 -20.92 36.25 -5.28
CA LEU G 78 -21.50 37.45 -4.70
C LEU G 78 -22.41 37.05 -3.55
N THR G 79 -22.21 37.66 -2.40
CA THR G 79 -22.92 37.29 -1.17
C THR G 79 -23.92 38.36 -0.78
N GLU G 80 -24.82 37.98 0.12
CA GLU G 80 -25.79 38.88 0.71
C GLU G 80 -25.34 39.31 2.10
N ASN G 81 -26.24 39.96 2.84
CA ASN G 81 -25.93 40.45 4.18
C ASN G 81 -25.53 39.34 5.14
N LEU G 82 -26.07 38.14 4.98
CA LEU G 82 -25.77 37.06 5.91
C LEU G 82 -24.30 36.67 5.88
N HIS G 83 -23.56 37.08 4.86
CA HIS G 83 -22.11 36.89 4.82
C HIS G 83 -21.76 35.42 4.93
N ASN G 84 -22.22 34.64 3.97
CA ASN G 84 -21.92 33.21 3.90
C ASN G 84 -22.21 32.75 2.48
N LEU G 85 -22.16 31.44 2.28
CA LEU G 85 -22.62 30.88 1.02
C LEU G 85 -24.14 30.83 1.00
N GLU G 86 -24.72 31.32 -0.08
CA GLU G 86 -26.17 31.28 -0.27
C GLU G 86 -26.46 30.63 -1.61
N SER G 87 -27.69 30.13 -1.76
CA SER G 87 -28.11 29.60 -3.04
C SER G 87 -28.21 30.67 -4.10
N ARG G 88 -28.46 31.92 -3.70
CA ARG G 88 -28.64 33.03 -4.62
C ARG G 88 -27.35 33.74 -4.96
N VAL G 89 -26.21 33.28 -4.44
CA VAL G 89 -24.95 33.91 -4.77
C VAL G 89 -24.72 33.80 -6.28
N ALA G 90 -24.12 34.83 -6.85
CA ALA G 90 -23.87 34.90 -8.28
C ALA G 90 -22.43 34.51 -8.54
N ILE G 91 -22.23 33.61 -9.52
CA ILE G 91 -20.89 33.22 -9.93
C ILE G 91 -20.18 34.42 -10.54
N VAL G 92 -18.88 34.52 -10.30
CA VAL G 92 -18.03 35.49 -10.95
C VAL G 92 -16.80 34.75 -11.44
N SER G 93 -16.59 34.74 -12.75
CA SER G 93 -15.46 34.04 -13.33
C SER G 93 -14.16 34.75 -12.98
N ALA G 94 -13.07 33.96 -12.95
CA ALA G 94 -11.76 34.56 -12.74
C ALA G 94 -11.48 35.65 -13.77
N GLY G 95 -12.01 35.48 -14.98
CA GLY G 95 -11.84 36.52 -15.99
C GLY G 95 -12.27 37.88 -15.49
N LEU G 96 -13.57 38.06 -15.23
CA LEU G 96 -14.09 39.35 -14.81
C LEU G 96 -13.23 39.93 -13.67
N ILE G 97 -12.82 39.07 -12.74
CA ILE G 97 -11.94 39.51 -11.66
C ILE G 97 -10.66 40.10 -12.24
N LYS G 98 -10.09 39.45 -13.25
CA LYS G 98 -8.83 39.92 -13.80
C LYS G 98 -9.01 41.23 -14.56
N GLN G 99 -10.04 41.33 -15.40
CA GLN G 99 -10.23 42.59 -16.13
C GLN G 99 -10.48 43.73 -15.16
N TYR G 100 -11.45 43.58 -14.26
CA TYR G 100 -11.83 44.67 -13.36
C TYR G 100 -10.96 44.75 -12.12
N ALA G 101 -9.98 43.86 -11.98
CA ALA G 101 -9.06 43.89 -10.84
C ALA G 101 -9.82 43.88 -9.52
N LEU G 102 -10.90 43.10 -9.46
CA LEU G 102 -11.71 43.05 -8.26
C LEU G 102 -10.95 42.36 -7.14
N ARG G 103 -11.39 42.61 -5.90
CA ARG G 103 -10.72 42.11 -4.72
C ARG G 103 -11.77 41.67 -3.71
N ALA G 104 -11.36 40.79 -2.80
CA ALA G 104 -12.28 40.27 -1.81
C ALA G 104 -12.91 41.40 -1.01
N GLY G 105 -14.22 41.30 -0.79
CA GLY G 105 -14.97 42.34 -0.12
C GLY G 105 -15.50 43.41 -1.04
N ASP G 106 -15.09 43.41 -2.31
CA ASP G 106 -15.60 44.39 -3.25
C ASP G 106 -17.09 44.19 -3.45
N TYR G 107 -17.83 45.29 -3.47
CA TYR G 107 -19.27 45.25 -3.71
C TYR G 107 -19.50 45.35 -5.22
N VAL G 108 -20.12 44.32 -5.79
CA VAL G 108 -20.35 44.22 -7.22
C VAL G 108 -21.84 44.21 -7.49
N VAL G 109 -22.26 45.05 -8.42
CA VAL G 109 -23.62 45.07 -8.93
C VAL G 109 -23.53 44.88 -10.44
N GLY G 110 -24.36 44.02 -10.99
CA GLY G 110 -24.32 43.79 -12.42
C GLY G 110 -25.49 42.98 -12.90
N GLN G 111 -25.78 43.12 -14.18
CA GLN G 111 -26.90 42.39 -14.77
C GLN G 111 -26.51 40.93 -14.88
N ALA G 112 -27.37 40.06 -14.36
CA ALA G 112 -27.12 38.63 -14.37
C ALA G 112 -28.20 37.96 -15.19
N ARG G 113 -28.01 36.67 -15.43
CA ARG G 113 -28.94 35.86 -16.18
C ARG G 113 -29.31 34.62 -15.37
N PRO G 114 -30.46 34.02 -15.62
CA PRO G 114 -30.75 32.72 -15.01
C PRO G 114 -29.70 31.71 -15.40
N PRO G 115 -29.28 30.85 -14.47
CA PRO G 115 -28.23 29.88 -14.81
C PRO G 115 -28.71 28.92 -15.89
N ARG G 116 -27.79 28.52 -16.75
CA ARG G 116 -28.12 27.57 -17.80
C ARG G 116 -28.42 26.20 -17.20
N GLU G 117 -28.92 25.30 -18.04
CA GLU G 117 -29.05 23.92 -17.64
C GLU G 117 -27.67 23.37 -17.26
N ASN G 118 -27.62 22.66 -16.13
CA ASN G 118 -26.41 22.14 -15.50
C ASN G 118 -25.69 23.22 -14.70
N GLU G 119 -26.22 24.43 -14.60
CA GLU G 119 -25.66 25.48 -13.76
C GLU G 119 -26.51 25.64 -12.50
N ARG G 120 -25.84 25.74 -11.35
CA ARG G 120 -26.54 25.85 -10.08
C ARG G 120 -26.65 27.28 -9.57
N TYR G 121 -25.78 28.18 -10.03
CA TYR G 121 -25.78 29.56 -9.56
C TYR G 121 -25.87 30.49 -10.76
N ALA G 122 -26.64 31.56 -10.60
CA ALA G 122 -26.73 32.57 -11.63
C ALA G 122 -25.36 33.16 -11.89
N THR G 123 -25.11 33.52 -13.14
CA THR G 123 -23.82 34.04 -13.56
C THR G 123 -23.94 35.52 -13.91
N LEU G 124 -22.94 36.29 -13.47
CA LEU G 124 -22.91 37.72 -13.78
C LEU G 124 -22.49 37.90 -15.22
N LEU G 125 -23.47 38.20 -16.08
CA LEU G 125 -23.18 38.40 -17.49
C LEU G 125 -22.25 39.59 -17.69
N LYS G 126 -22.44 40.65 -16.90
CA LYS G 126 -21.70 41.88 -17.07
C LYS G 126 -21.55 42.57 -15.73
N VAL G 127 -20.45 43.29 -15.56
CA VAL G 127 -20.22 44.10 -14.37
C VAL G 127 -20.60 45.54 -14.67
N GLU G 128 -21.47 46.11 -13.83
CA GLU G 128 -21.93 47.48 -14.00
C GLU G 128 -21.24 48.44 -13.04
N ALA G 129 -21.28 48.16 -11.74
CA ALA G 129 -20.65 49.02 -10.75
C ALA G 129 -19.93 48.17 -9.72
N VAL G 130 -18.76 48.64 -9.29
CA VAL G 130 -18.00 48.01 -8.22
C VAL G 130 -17.88 49.02 -7.09
N ASN G 131 -18.31 48.62 -5.89
CA ASN G 131 -18.33 49.52 -4.74
C ASN G 131 -19.10 50.80 -5.04
N ASN G 132 -20.20 50.68 -5.78
CA ASN G 132 -21.10 51.77 -6.16
C ASN G 132 -20.48 52.72 -7.15
N LEU G 133 -19.33 52.40 -7.73
CA LEU G 133 -18.69 53.24 -8.72
C LEU G 133 -18.32 52.39 -9.93
N ASP G 134 -18.13 53.07 -11.05
CA ASP G 134 -17.92 52.38 -12.31
C ASP G 134 -16.62 51.57 -12.25
N PRO G 135 -16.56 50.44 -12.95
CA PRO G 135 -15.44 49.50 -12.73
C PRO G 135 -14.07 50.05 -13.08
N GLU G 136 -13.98 51.11 -13.89
CA GLU G 136 -12.66 51.55 -14.37
C GLU G 136 -11.72 51.88 -13.22
N ALA G 137 -12.23 52.59 -12.20
CA ALA G 137 -11.37 53.00 -11.10
C ALA G 137 -10.76 51.80 -10.39
N ALA G 138 -11.38 50.62 -10.54
CA ALA G 138 -10.81 49.42 -9.93
C ALA G 138 -9.44 49.11 -10.49
N LYS G 139 -9.25 49.27 -11.80
CA LYS G 139 -7.95 48.92 -12.40
C LYS G 139 -6.85 49.81 -11.87
N ASN G 140 -7.10 51.11 -11.78
CA ASN G 140 -6.08 52.10 -11.39
C ASN G 140 -6.49 52.68 -10.05
N ARG G 141 -5.97 52.10 -8.97
CA ARG G 141 -6.20 52.63 -7.64
C ARG G 141 -5.12 52.10 -6.71
N PRO G 142 -4.67 52.88 -5.73
CA PRO G 142 -3.70 52.37 -4.77
C PRO G 142 -4.34 51.30 -3.89
N ARG G 143 -3.59 50.23 -3.67
CA ARG G 143 -4.10 49.13 -2.86
C ARG G 143 -4.20 49.54 -1.41
N PHE G 144 -5.20 48.99 -0.73
CA PHE G 144 -5.45 49.38 0.65
C PHE G 144 -4.21 49.13 1.52
N ASP G 145 -3.56 47.98 1.33
CA ASP G 145 -2.35 47.68 2.09
C ASP G 145 -1.26 48.73 1.85
N GLU G 146 -1.32 49.42 0.71
CA GLU G 146 -0.31 50.40 0.34
C GLU G 146 -0.65 51.80 0.84
N LEU G 147 -1.83 51.99 1.43
CA LEU G 147 -2.23 53.31 1.89
C LEU G 147 -1.36 53.74 3.07
N THR G 148 -0.97 55.00 3.07
CA THR G 148 -0.12 55.52 4.14
C THR G 148 -0.95 55.70 5.40
N PRO G 149 -0.61 55.04 6.50
CA PRO G 149 -1.33 55.27 7.75
C PRO G 149 -0.86 56.52 8.45
N GLN G 150 -1.80 57.21 9.07
CA GLN G 150 -1.51 58.39 9.87
C GLN G 150 -2.37 58.36 11.14
N PHE G 151 -2.12 59.33 11.99
CA PHE G 151 -2.91 59.45 13.20
C PHE G 151 -4.32 59.94 12.85
N PRO G 152 -5.31 59.61 13.67
CA PRO G 152 -6.67 60.07 13.38
C PRO G 152 -6.73 61.59 13.46
N ASP G 153 -6.88 62.22 12.29
CA ASP G 153 -6.74 63.66 12.17
C ASP G 153 -8.07 64.38 12.08
N ARG G 154 -9.18 63.66 12.12
CA ARG G 154 -10.50 64.27 12.00
C ARG G 154 -11.35 63.77 13.16
N GLN G 155 -11.41 64.56 14.22
CA GLN G 155 -12.21 64.22 15.38
C GLN G 155 -13.67 64.09 14.97
N ILE G 156 -14.37 63.17 15.63
CA ILE G 156 -15.79 62.96 15.44
C ILE G 156 -16.46 63.28 16.77
N ARG G 157 -17.13 64.43 16.83
CA ARG G 157 -17.80 64.80 18.08
C ARG G 157 -19.14 64.09 18.17
N LEU G 158 -19.51 63.70 19.39
CA LEU G 158 -20.56 62.73 19.63
C LEU G 158 -21.75 63.40 20.28
N GLU G 159 -22.95 62.92 19.98
CA GLU G 159 -24.14 63.21 20.78
C GLU G 159 -25.25 62.27 20.38
N THR G 160 -25.98 61.76 21.37
CA THR G 160 -27.21 61.01 21.14
C THR G 160 -28.26 61.55 22.10
N THR G 161 -29.41 61.92 21.55
CA THR G 161 -30.45 62.58 22.34
C THR G 161 -30.88 61.79 23.56
N PRO G 162 -31.19 60.49 23.48
CA PRO G 162 -31.64 59.76 24.68
C PRO G 162 -30.60 59.65 25.78
N ASP G 163 -29.31 59.78 25.47
CA ASP G 163 -28.30 59.94 26.51
C ASP G 163 -27.17 60.82 25.99
N GLU G 164 -27.26 62.13 26.22
CA GLU G 164 -26.16 63.02 25.90
C GLU G 164 -25.12 63.03 27.01
N LEU G 165 -25.50 62.61 28.22
CA LEU G 165 -24.51 62.42 29.28
C LEU G 165 -23.39 61.51 28.81
N SER G 166 -23.75 60.34 28.28
CA SER G 166 -22.75 59.36 27.88
C SER G 166 -21.84 59.92 26.79
N THR G 167 -22.44 60.48 25.73
CA THR G 167 -21.65 60.95 24.60
C THR G 167 -20.72 62.09 25.02
N ARG G 168 -21.23 63.02 25.84
CA ARG G 168 -20.41 64.15 26.24
C ARG G 168 -19.28 63.70 27.16
N VAL G 169 -19.56 62.74 28.06
CA VAL G 169 -18.50 62.20 28.89
C VAL G 169 -17.44 61.52 28.05
N ILE G 170 -17.86 60.78 27.02
CA ILE G 170 -16.90 60.13 26.13
C ILE G 170 -16.04 61.18 25.44
N ASP G 171 -16.67 62.23 24.92
CA ASP G 171 -15.90 63.30 24.27
C ASP G 171 -14.90 63.91 25.22
N LEU G 172 -15.29 64.14 26.48
CA LEU G 172 -14.39 64.65 27.49
C LEU G 172 -13.35 63.63 27.94
N LEU G 173 -13.56 62.35 27.62
CA LEU G 173 -12.66 61.29 28.06
C LEU G 173 -11.84 60.72 26.91
N ALA G 174 -12.49 60.48 25.77
CA ALA G 174 -11.79 59.98 24.59
C ALA G 174 -12.42 60.58 23.34
N PRO G 175 -11.96 61.75 22.92
CA PRO G 175 -12.36 62.25 21.61
C PRO G 175 -12.06 61.23 20.53
N ILE G 176 -12.92 61.19 19.54
CA ILE G 176 -12.83 60.21 18.47
C ILE G 176 -12.43 60.92 17.18
N GLY G 177 -11.49 60.34 16.46
CA GLY G 177 -11.12 60.79 15.14
C GLY G 177 -11.38 59.73 14.10
N ARG G 178 -11.10 60.09 12.85
CA ARG G 178 -11.26 59.18 11.73
C ARG G 178 -10.01 58.33 11.58
N GLY G 179 -10.20 57.01 11.47
CA GLY G 179 -9.09 56.08 11.54
C GLY G 179 -8.77 55.62 12.93
N GLN G 180 -9.67 55.83 13.89
CA GLN G 180 -9.42 55.52 15.29
C GLN G 180 -9.38 54.02 15.50
N ARG G 181 -8.38 53.55 16.25
CA ARG G 181 -8.30 52.15 16.67
C ARG G 181 -8.61 52.05 18.16
N GLY G 182 -9.90 52.20 18.48
CA GLY G 182 -10.31 52.28 19.86
C GLY G 182 -10.92 51.03 20.48
N LEU G 183 -11.04 51.04 21.81
CA LEU G 183 -11.51 49.91 22.57
C LEU G 183 -12.17 50.40 23.85
N ILE G 184 -13.27 49.74 24.23
CA ILE G 184 -13.92 49.98 25.51
C ILE G 184 -13.80 48.71 26.33
N VAL G 185 -13.30 48.86 27.56
CA VAL G 185 -12.92 47.73 28.40
C VAL G 185 -13.78 47.77 29.65
N ALA G 186 -14.49 46.68 29.91
CA ALA G 186 -15.44 46.63 31.00
C ALA G 186 -15.69 45.17 31.36
N PRO G 187 -16.00 44.89 32.62
CA PRO G 187 -16.45 43.55 32.99
C PRO G 187 -17.84 43.26 32.46
N PRO G 188 -18.32 42.03 32.60
CA PRO G 188 -19.68 41.71 32.15
C PRO G 188 -20.73 42.57 32.85
N LYS G 189 -21.79 42.91 32.12
CA LYS G 189 -22.87 43.73 32.67
C LYS G 189 -22.33 45.07 33.16
N ALA G 190 -21.69 45.81 32.27
CA ALA G 190 -21.19 47.14 32.58
C ALA G 190 -21.63 48.17 31.55
N GLY G 191 -22.69 47.87 30.79
CA GLY G 191 -23.20 48.81 29.81
C GLY G 191 -22.42 48.85 28.51
N LYS G 192 -21.35 48.05 28.40
CA LYS G 192 -20.54 48.05 27.18
C LYS G 192 -21.43 47.90 25.96
N THR G 193 -22.40 46.98 26.01
CA THR G 193 -23.33 46.83 24.90
C THR G 193 -24.20 48.07 24.75
N THR G 194 -24.75 48.57 25.86
CA THR G 194 -25.57 49.77 25.80
C THR G 194 -24.75 50.98 25.36
N LEU G 195 -23.52 51.08 25.85
CA LEU G 195 -22.65 52.16 25.39
C LEU G 195 -22.40 52.07 23.90
N LEU G 196 -22.14 50.87 23.38
CA LEU G 196 -21.95 50.71 21.95
C LEU G 196 -23.21 51.13 21.20
N LYS G 197 -24.38 50.82 21.77
CA LYS G 197 -25.63 51.28 21.17
C LYS G 197 -25.68 52.79 21.11
N LYS G 198 -25.29 53.45 22.20
CA LYS G 198 -25.28 54.92 22.19
C LYS G 198 -24.33 55.45 21.14
N ILE G 199 -23.15 54.84 21.00
CA ILE G 199 -22.19 55.31 20.00
C ILE G 199 -22.76 55.12 18.60
N ALA G 200 -23.41 53.98 18.35
CA ALA G 200 -24.03 53.75 17.05
C ALA G 200 -25.05 54.85 16.75
N ASN G 201 -25.92 55.12 17.72
CA ASN G 201 -26.93 56.16 17.52
C ASN G 201 -26.29 57.53 17.29
N ALA G 202 -25.26 57.85 18.07
CA ALA G 202 -24.63 59.16 17.97
C ALA G 202 -23.91 59.32 16.63
N VAL G 203 -23.27 58.27 16.14
CA VAL G 203 -22.61 58.34 14.83
C VAL G 203 -23.65 58.46 13.73
N LEU G 204 -24.77 57.77 13.87
CA LEU G 204 -25.84 57.90 12.88
C LEU G 204 -26.56 59.22 12.95
N LYS G 205 -26.07 60.16 13.76
CA LYS G 205 -26.64 61.50 13.83
C LYS G 205 -25.58 62.54 13.55
N ASN G 206 -24.34 62.27 13.97
CA ASN G 206 -23.22 63.18 13.79
C ASN G 206 -22.50 62.96 12.46
N GLU G 207 -22.35 61.71 12.04
CA GLU G 207 -21.63 61.38 10.81
C GLU G 207 -22.45 60.39 9.98
N PRO G 208 -23.57 60.84 9.40
CA PRO G 208 -24.28 59.98 8.44
C PRO G 208 -23.44 59.61 7.24
N ASP G 209 -22.51 60.46 6.83
CA ASP G 209 -21.67 60.16 5.67
C ASP G 209 -20.80 58.93 5.90
N ILE G 210 -20.48 58.64 7.14
CA ILE G 210 -19.59 57.52 7.45
C ILE G 210 -20.38 56.22 7.36
N LYS G 211 -19.91 55.31 6.52
CA LYS G 211 -20.56 54.01 6.38
C LYS G 211 -20.51 53.30 7.72
N VAL G 212 -21.66 53.22 8.39
CA VAL G 212 -21.75 52.66 9.73
C VAL G 212 -22.02 51.17 9.59
N ILE G 213 -21.00 50.36 9.84
CA ILE G 213 -21.11 48.91 9.88
C ILE G 213 -20.99 48.48 11.33
N VAL G 214 -21.91 47.64 11.78
CA VAL G 214 -21.89 47.09 13.13
C VAL G 214 -21.70 45.58 13.02
N LEU G 215 -20.77 45.05 13.80
CA LEU G 215 -20.47 43.63 13.80
C LEU G 215 -20.69 43.07 15.19
N LEU G 216 -21.61 42.12 15.32
CA LEU G 216 -21.93 41.49 16.61
C LEU G 216 -21.53 40.02 16.52
N ILE G 217 -20.49 39.66 17.24
CA ILE G 217 -19.91 38.33 17.19
C ILE G 217 -20.22 37.63 18.51
N ASP G 218 -20.81 36.43 18.43
CA ASP G 218 -20.89 35.53 19.58
C ASP G 218 -21.71 36.13 20.70
N GLU G 219 -22.64 37.04 20.39
CA GLU G 219 -23.32 37.86 21.38
C GLU G 219 -24.81 37.52 21.40
N ARG G 220 -25.50 38.04 22.41
CA ARG G 220 -26.88 37.65 22.67
C ARG G 220 -27.77 37.94 21.46
N PRO G 221 -28.57 36.97 21.00
CA PRO G 221 -29.39 37.20 19.80
C PRO G 221 -30.38 38.35 19.94
N GLU G 222 -31.16 38.36 21.01
CA GLU G 222 -32.13 39.42 21.20
C GLU G 222 -31.48 40.79 21.21
N GLU G 223 -30.24 40.89 21.69
CA GLU G 223 -29.52 42.15 21.54
C GLU G 223 -29.27 42.46 20.08
N VAL G 224 -28.99 41.44 19.29
CA VAL G 224 -28.85 41.64 17.85
C VAL G 224 -30.12 42.29 17.31
N THR G 225 -31.27 41.69 17.63
CA THR G 225 -32.54 42.17 17.09
C THR G 225 -32.84 43.58 17.59
N ASP G 226 -32.59 43.85 18.88
CA ASP G 226 -32.75 45.20 19.42
C ASP G 226 -31.94 46.21 18.62
N PHE G 227 -30.67 45.88 18.36
CA PHE G 227 -29.85 46.75 17.54
C PHE G 227 -30.42 46.85 16.12
N ARG G 228 -31.14 45.83 15.66
CA ARG G 228 -31.67 45.90 14.30
C ARG G 228 -32.69 47.01 14.19
N GLU G 229 -33.64 47.07 15.12
CA GLU G 229 -34.61 48.15 14.96
C GLU G 229 -34.11 49.46 15.56
N SER G 230 -32.96 49.42 16.25
CA SER G 230 -32.39 50.61 16.87
C SER G 230 -31.20 51.16 16.10
N VAL G 231 -30.63 50.38 15.17
CA VAL G 231 -29.52 50.87 14.34
C VAL G 231 -30.01 51.74 13.18
N GLN G 232 -31.31 51.70 12.88
CA GLN G 232 -31.90 52.51 11.81
C GLN G 232 -31.19 52.27 10.48
N GLY G 233 -31.10 51.00 10.10
CA GLY G 233 -30.74 50.63 8.76
C GLY G 233 -29.26 50.61 8.43
N ALA G 234 -28.40 51.13 9.30
CA ALA G 234 -26.98 51.04 9.04
C ALA G 234 -26.56 49.57 9.02
N GLU G 235 -25.65 49.23 8.09
CA GLU G 235 -25.26 47.84 7.90
C GLU G 235 -24.85 47.26 9.24
N VAL G 236 -25.49 46.16 9.64
CA VAL G 236 -25.05 45.40 10.80
C VAL G 236 -24.94 43.95 10.37
N ILE G 237 -23.82 43.32 10.69
CA ILE G 237 -23.59 41.91 10.43
C ILE G 237 -23.40 41.23 11.78
N ALA G 238 -24.20 40.21 12.04
CA ALA G 238 -24.27 39.65 13.39
C ALA G 238 -24.07 38.15 13.35
N SER G 239 -23.51 37.62 14.44
CA SER G 239 -23.30 36.18 14.58
C SER G 239 -23.37 35.89 16.08
N THR G 240 -24.54 35.40 16.51
CA THR G 240 -24.80 35.20 17.93
C THR G 240 -23.90 34.09 18.49
N PHE G 241 -24.00 33.85 19.79
CA PHE G 241 -23.23 32.76 20.37
C PHE G 241 -23.74 31.39 19.97
N ASP G 242 -24.91 31.31 19.35
CA ASP G 242 -25.40 30.04 18.86
C ASP G 242 -24.58 29.53 17.68
N GLU G 243 -23.83 30.42 17.02
CA GLU G 243 -23.05 30.01 15.86
C GLU G 243 -21.70 29.47 16.30
N PRO G 244 -21.11 28.56 15.52
CA PRO G 244 -19.76 28.08 15.86
C PRO G 244 -18.72 29.15 15.58
N PRO G 245 -17.51 29.02 16.14
CA PRO G 245 -16.48 30.05 15.90
C PRO G 245 -16.15 30.21 14.44
N GLN G 246 -16.31 29.16 13.64
CA GLN G 246 -16.01 29.26 12.22
C GLN G 246 -16.90 30.30 11.54
N ASN G 247 -18.19 30.29 11.86
CA ASN G 247 -19.07 31.32 11.33
C ASN G 247 -18.62 32.71 11.76
N HIS G 248 -18.24 32.85 13.03
CA HIS G 248 -17.75 34.14 13.51
C HIS G 248 -16.57 34.61 12.68
N ILE G 249 -15.58 33.74 12.49
CA ILE G 249 -14.36 34.13 11.77
C ILE G 249 -14.70 34.49 10.33
N ARG G 250 -15.48 33.64 9.66
CA ARG G 250 -15.83 33.90 8.27
C ARG G 250 -16.53 35.23 8.11
N VAL G 251 -17.57 35.45 8.92
CA VAL G 251 -18.35 36.68 8.80
C VAL G 251 -17.49 37.89 9.10
N ALA G 252 -16.69 37.82 10.16
CA ALA G 252 -15.86 38.96 10.53
C ALA G 252 -14.86 39.27 9.43
N GLU G 253 -14.23 38.25 8.85
CA GLU G 253 -13.27 38.48 7.78
C GLU G 253 -13.94 39.09 6.57
N PHE G 254 -15.15 38.61 6.24
CA PHE G 254 -15.85 39.16 5.08
C PHE G 254 -16.19 40.63 5.30
N VAL G 255 -16.72 40.96 6.48
CA VAL G 255 -17.05 42.35 6.78
C VAL G 255 -15.79 43.20 6.75
N HIS G 256 -14.70 42.67 7.31
CA HIS G 256 -13.44 43.39 7.34
C HIS G 256 -12.97 43.70 5.93
N GLU G 257 -13.00 42.70 5.04
CA GLU G 257 -12.57 42.91 3.67
C GLU G 257 -13.46 43.94 2.98
N ARG G 258 -14.77 43.86 3.19
CA ARG G 258 -15.66 44.87 2.64
C ARG G 258 -15.25 46.27 3.09
N ALA G 259 -14.98 46.42 4.38
CA ALA G 259 -14.59 47.72 4.90
C ALA G 259 -13.31 48.21 4.27
N LYS G 260 -12.31 47.33 4.15
CA LYS G 260 -11.05 47.74 3.54
C LYS G 260 -11.26 48.13 2.09
N ARG G 261 -12.12 47.41 1.38
CA ARG G 261 -12.36 47.75 -0.02
C ARG G 261 -13.04 49.10 -0.15
N ILE G 262 -13.99 49.39 0.74
CA ILE G 262 -14.65 50.69 0.71
C ILE G 262 -13.66 51.80 1.02
N VAL G 263 -12.83 51.62 2.04
CA VAL G 263 -11.84 52.64 2.38
C VAL G 263 -10.83 52.78 1.27
N GLU G 264 -10.54 51.69 0.55
CA GLU G 264 -9.68 51.76 -0.62
C GLU G 264 -10.20 52.78 -1.62
N GLU G 265 -11.51 53.00 -1.63
CA GLU G 265 -12.11 54.06 -2.41
C GLU G 265 -12.19 55.36 -1.61
N GLY G 266 -11.37 55.50 -0.57
CA GLY G 266 -11.37 56.71 0.23
C GLY G 266 -12.58 56.86 1.12
N GLY G 267 -13.32 55.79 1.37
CA GLY G 267 -14.49 55.88 2.21
C GLY G 267 -14.14 55.86 3.68
N HIS G 268 -14.90 56.62 4.46
CA HIS G 268 -14.80 56.59 5.91
C HIS G 268 -15.74 55.51 6.40
N VAL G 269 -15.18 54.42 6.89
CA VAL G 269 -15.93 53.26 7.33
C VAL G 269 -15.81 53.16 8.84
N MET G 270 -16.94 52.91 9.50
CA MET G 270 -17.03 52.87 10.95
C MET G 270 -17.51 51.49 11.35
N ILE G 271 -16.73 50.79 12.17
CA ILE G 271 -17.02 49.42 12.56
C ILE G 271 -17.18 49.38 14.07
N LEU G 272 -18.40 49.08 14.52
CA LEU G 272 -18.70 48.88 15.93
C LEU G 272 -18.76 47.37 16.18
N LEU G 273 -17.75 46.85 16.87
CA LEU G 273 -17.61 45.42 17.08
C LEU G 273 -17.80 45.08 18.56
N ASP G 274 -18.97 44.56 18.90
CA ASP G 274 -19.16 43.96 20.21
C ASP G 274 -18.46 42.61 20.27
N SER G 275 -17.97 42.24 21.44
CA SER G 275 -17.44 40.90 21.65
C SER G 275 -16.23 40.62 20.78
N ILE G 276 -15.28 41.55 20.73
CA ILE G 276 -14.03 41.29 20.05
C ILE G 276 -13.26 40.20 20.77
N THR G 277 -13.38 40.14 22.10
CA THR G 277 -12.76 39.05 22.84
C THR G 277 -13.33 37.70 22.40
N ARG G 278 -14.63 37.66 22.11
CA ARG G 278 -15.22 36.42 21.60
C ARG G 278 -14.67 36.09 20.22
N LEU G 279 -14.40 37.12 19.43
CA LEU G 279 -13.72 36.90 18.15
C LEU G 279 -12.35 36.27 18.36
N ALA G 280 -11.60 36.77 19.35
CA ALA G 280 -10.30 36.17 19.65
C ALA G 280 -10.48 34.74 20.14
N ARG G 281 -11.55 34.47 20.88
CA ARG G 281 -11.83 33.11 21.33
C ARG G 281 -12.03 32.20 20.14
N ALA G 282 -12.80 32.65 19.15
CA ALA G 282 -12.98 31.88 17.93
C ALA G 282 -11.65 31.68 17.21
N ASN G 283 -10.83 32.73 17.13
CA ASN G 283 -9.53 32.61 16.49
C ASN G 283 -8.70 31.52 17.15
N ASN G 284 -8.64 31.54 18.48
CA ASN G 284 -7.88 30.52 19.21
C ASN G 284 -8.45 29.13 18.95
N LEU G 285 -9.78 29.01 19.00
CA LEU G 285 -10.39 27.71 18.79
C LEU G 285 -10.14 27.19 17.38
N VAL G 286 -9.92 28.08 16.42
CA VAL G 286 -9.72 27.66 15.05
C VAL G 286 -8.26 27.31 14.79
N THR G 287 -7.33 27.95 15.50
CA THR G 287 -5.93 27.74 15.22
C THR G 287 -5.57 26.27 15.42
N PRO G 288 -4.96 25.62 14.42
CA PRO G 288 -4.95 24.15 14.42
C PRO G 288 -3.98 23.55 15.44
N PRO G 289 -2.68 23.98 15.52
CA PRO G 289 -1.97 23.69 16.77
C PRO G 289 -1.13 24.84 17.32
N THR G 290 -0.13 25.29 16.55
CA THR G 290 0.79 26.33 16.98
C THR G 290 1.72 25.83 18.09
N GLY G 291 1.57 24.58 18.51
CA GLY G 291 2.51 23.98 19.44
C GLY G 291 2.31 24.39 20.88
N ARG G 292 3.05 25.40 21.33
CA ARG G 292 2.94 25.87 22.70
C ARG G 292 1.72 26.77 22.92
N THR G 293 1.47 27.05 24.19
CA THR G 293 0.33 27.87 24.61
C THR G 293 0.81 28.96 25.56
N LEU G 294 0.31 30.17 25.36
CA LEU G 294 0.61 31.27 26.26
C LEU G 294 -0.08 31.06 27.61
N SER G 295 0.40 31.77 28.62
CA SER G 295 -0.24 31.68 29.93
C SER G 295 -1.70 32.11 29.83
N GLY G 296 -2.56 31.39 30.53
CA GLY G 296 -3.99 31.62 30.50
C GLY G 296 -4.73 30.79 29.47
N GLY G 297 -4.02 29.99 28.67
CA GLY G 297 -4.65 29.15 27.68
C GLY G 297 -4.71 29.71 26.28
N LEU G 298 -4.02 30.82 26.03
CA LEU G 298 -4.03 31.46 24.71
C LEU G 298 -2.99 30.85 23.79
N ASP G 299 -3.36 30.71 22.52
CA ASP G 299 -2.45 30.19 21.52
C ASP G 299 -1.46 31.25 21.08
N SER G 300 -0.26 30.79 20.71
CA SER G 300 0.83 31.70 20.39
C SER G 300 0.61 32.41 19.05
N ALA G 301 -0.15 31.81 18.14
CA ALA G 301 -0.29 32.33 16.79
C ALA G 301 -1.73 32.69 16.42
N ALA G 302 -2.72 32.26 17.20
CA ALA G 302 -4.10 32.61 16.90
C ALA G 302 -4.33 34.12 16.92
N LEU G 303 -3.70 34.81 17.87
CA LEU G 303 -3.94 36.23 18.10
C LEU G 303 -3.39 37.12 16.99
N TYR G 304 -2.50 36.60 16.14
CA TYR G 304 -2.01 37.39 15.02
C TYR G 304 -3.17 37.91 14.17
N PHE G 305 -4.15 37.06 13.91
CA PHE G 305 -5.26 37.46 13.05
C PHE G 305 -6.11 38.54 13.70
N PRO G 306 -6.53 38.42 14.96
CA PRO G 306 -7.18 39.57 15.61
C PRO G 306 -6.32 40.82 15.61
N LYS G 307 -5.00 40.69 15.83
CA LYS G 307 -4.17 41.89 15.84
C LYS G 307 -4.19 42.58 14.49
N ARG G 308 -4.01 41.82 13.42
CA ARG G 308 -4.04 42.41 12.09
C ARG G 308 -5.41 43.02 11.81
N PHE G 309 -6.47 42.28 12.17
CA PHE G 309 -7.82 42.77 12.01
C PHE G 309 -8.01 44.14 12.65
N LEU G 310 -7.60 44.27 13.92
CA LEU G 310 -7.78 45.54 14.61
C LEU G 310 -6.88 46.61 14.03
N GLY G 311 -5.61 46.28 13.77
CA GLY G 311 -4.69 47.25 13.23
C GLY G 311 -5.05 47.75 11.85
N ALA G 312 -5.97 47.06 11.18
CA ALA G 312 -6.49 47.60 9.91
C ALA G 312 -7.04 49.01 10.10
N ALA G 313 -7.72 49.25 11.21
CA ALA G 313 -8.20 50.60 11.52
C ALA G 313 -7.05 51.58 11.49
N ARG G 314 -7.22 52.68 10.75
CA ARG G 314 -6.15 53.65 10.59
C ARG G 314 -6.70 54.87 9.89
N ASN G 315 -5.92 55.94 9.94
CA ASN G 315 -6.22 57.16 9.18
C ASN G 315 -5.37 57.16 7.91
N ILE G 316 -6.02 57.37 6.79
CA ILE G 316 -5.37 57.36 5.48
C ILE G 316 -5.09 58.81 5.07
N ARG G 317 -3.82 59.08 4.77
CA ARG G 317 -3.38 60.40 4.34
C ARG G 317 -3.84 60.73 2.93
N GLY G 318 -4.34 59.74 2.20
CA GLY G 318 -4.82 59.97 0.85
C GLY G 318 -6.33 60.06 0.80
N GLY G 319 -6.97 60.04 1.97
CA GLY G 319 -8.42 60.15 2.03
C GLY G 319 -9.07 58.92 2.63
N GLY G 320 -10.26 59.09 3.18
CA GLY G 320 -10.96 57.98 3.81
C GLY G 320 -10.32 57.63 5.14
N SER G 321 -10.95 56.66 5.81
CA SER G 321 -10.45 56.20 7.09
C SER G 321 -11.19 54.94 7.47
N LEU G 322 -10.56 54.14 8.33
CA LEU G 322 -11.21 52.99 8.95
C LEU G 322 -11.15 53.17 10.45
N THR G 323 -12.30 53.44 11.06
CA THR G 323 -12.39 53.63 12.50
C THR G 323 -13.14 52.45 13.09
N ILE G 324 -12.45 51.67 13.93
CA ILE G 324 -13.02 50.48 14.55
C ILE G 324 -13.03 50.72 16.06
N LEU G 325 -14.22 50.61 16.65
CA LEU G 325 -14.38 50.64 18.10
C LEU G 325 -15.02 49.32 18.54
N ALA G 326 -14.41 48.68 19.54
CA ALA G 326 -14.80 47.34 19.94
C ALA G 326 -14.96 47.27 21.45
N THR G 327 -15.73 46.27 21.89
CA THR G 327 -16.00 46.06 23.31
C THR G 327 -15.09 44.97 23.85
N ALA G 328 -14.42 45.24 24.96
CA ALA G 328 -13.50 44.31 25.58
C ALA G 328 -14.03 43.89 26.96
N LEU G 329 -13.87 42.62 27.28
CA LEU G 329 -14.32 42.05 28.54
C LEU G 329 -13.11 41.79 29.43
N VAL G 330 -13.21 42.20 30.69
CA VAL G 330 -12.14 42.03 31.67
C VAL G 330 -12.76 41.67 33.02
N GLU G 331 -11.89 41.38 33.99
CA GLU G 331 -12.33 40.99 35.32
C GLU G 331 -13.29 39.82 35.26
N THR G 332 -13.02 38.89 34.34
CA THR G 332 -13.88 37.75 34.09
C THR G 332 -13.40 36.49 34.80
N GLY G 333 -12.32 36.55 35.56
CA GLY G 333 -11.80 35.40 36.26
C GLY G 333 -10.92 34.49 35.46
N SER G 334 -10.55 34.87 34.24
CA SER G 334 -9.68 34.07 33.39
C SER G 334 -8.51 34.92 32.91
N ARG G 335 -7.30 34.37 33.03
CA ARG G 335 -6.12 35.06 32.51
C ARG G 335 -6.26 35.36 31.02
N MET G 336 -7.07 34.56 30.32
CA MET G 336 -7.18 34.69 28.87
C MET G 336 -7.72 36.08 28.47
N ASP G 337 -8.83 36.50 29.09
CA ASP G 337 -9.39 37.81 28.76
C ASP G 337 -8.42 38.93 29.11
N ASP G 338 -7.76 38.84 30.26
CA ASP G 338 -6.84 39.90 30.66
C ASP G 338 -5.65 39.99 29.72
N VAL G 339 -5.12 38.84 29.30
CA VAL G 339 -4.02 38.84 28.33
C VAL G 339 -4.48 39.47 27.03
N ILE G 340 -5.68 39.13 26.57
CA ILE G 340 -6.21 39.72 25.35
C ILE G 340 -6.32 41.24 25.51
N PHE G 341 -6.84 41.70 26.64
CA PHE G 341 -6.98 43.13 26.88
C PHE G 341 -5.62 43.82 26.80
N GLU G 342 -4.64 43.32 27.54
CA GLU G 342 -3.34 43.97 27.54
C GLU G 342 -2.72 43.95 26.14
N GLU G 343 -2.90 42.86 25.40
CA GLU G 343 -2.33 42.80 24.07
C GLU G 343 -2.98 43.78 23.10
N PHE G 344 -4.30 43.93 23.15
CA PHE G 344 -4.97 44.86 22.25
C PHE G 344 -4.78 46.32 22.67
N LYS G 345 -4.59 46.56 23.96
CA LYS G 345 -4.26 47.91 24.42
C LYS G 345 -3.00 48.42 23.75
N GLY G 346 -2.03 47.53 23.52
CA GLY G 346 -0.82 47.93 22.83
C GLY G 346 -1.01 48.23 21.37
N THR G 347 -2.15 47.85 20.79
CA THR G 347 -2.48 48.13 19.41
C THR G 347 -3.51 49.23 19.24
N GLY G 348 -4.40 49.39 20.21
CA GLY G 348 -5.42 50.41 20.12
C GLY G 348 -4.91 51.78 20.53
N ASN G 349 -5.51 52.80 19.91
CA ASN G 349 -5.21 54.19 20.23
C ASN G 349 -6.22 54.79 21.19
N MET G 350 -7.20 54.02 21.65
CA MET G 350 -8.20 54.50 22.57
C MET G 350 -8.58 53.38 23.53
N GLU G 351 -8.70 53.73 24.80
CA GLU G 351 -9.25 52.85 25.81
C GLU G 351 -10.20 53.65 26.68
N LEU G 352 -11.42 53.12 26.84
CA LEU G 352 -12.39 53.70 27.77
C LEU G 352 -12.75 52.62 28.78
N HIS G 353 -12.43 52.86 30.04
CA HIS G 353 -12.64 51.88 31.09
C HIS G 353 -13.97 52.13 31.78
N LEU G 354 -14.76 51.06 31.91
CA LEU G 354 -16.01 51.09 32.67
C LEU G 354 -15.84 50.23 33.91
N SER G 355 -16.35 50.71 35.04
CA SER G 355 -16.17 50.04 36.31
C SER G 355 -17.42 49.25 36.67
N ARG G 356 -17.21 47.99 37.10
CA ARG G 356 -18.33 47.16 37.53
C ARG G 356 -19.05 47.74 38.73
N ARG G 357 -18.30 48.33 39.67
CA ARG G 357 -18.90 48.89 40.86
C ARG G 357 -19.82 50.04 40.56
N LEU G 358 -19.46 50.90 39.60
CA LEU G 358 -20.33 51.99 39.18
C LEU G 358 -21.65 51.44 38.65
N GLU G 359 -21.60 50.36 37.87
CA GLU G 359 -22.83 49.69 37.45
C GLU G 359 -23.60 49.17 38.65
N GLU G 360 -22.91 48.53 39.59
CA GLU G 360 -23.60 47.95 40.73
C GLU G 360 -24.36 49.00 41.52
N ARG G 361 -23.83 50.21 41.58
CA ARG G 361 -24.53 51.33 42.19
C ARG G 361 -25.59 51.91 41.26
N ARG G 362 -25.63 51.45 40.01
CA ARG G 362 -26.61 51.90 39.02
C ARG G 362 -26.33 53.33 38.58
N ILE G 363 -25.06 53.70 38.53
CA ILE G 363 -24.62 55.02 38.08
C ILE G 363 -24.14 54.87 36.65
N PHE G 364 -24.76 55.59 35.72
CA PHE G 364 -24.45 55.44 34.32
C PHE G 364 -24.15 56.78 33.65
N PRO G 365 -23.20 56.82 32.70
CA PRO G 365 -22.38 55.68 32.29
C PRO G 365 -21.33 55.33 33.35
N ALA G 366 -21.11 54.04 33.58
CA ALA G 366 -20.19 53.56 34.62
C ALA G 366 -18.73 53.61 34.19
N ILE G 367 -18.21 54.80 33.89
CA ILE G 367 -16.89 54.92 33.30
C ILE G 367 -15.84 55.07 34.40
N ASP G 368 -14.70 54.43 34.22
CA ASP G 368 -13.50 54.66 35.03
C ASP G 368 -12.68 55.74 34.34
N ILE G 369 -12.88 56.99 34.77
CA ILE G 369 -12.34 58.14 34.06
C ILE G 369 -10.82 58.08 34.02
N LEU G 370 -10.19 57.80 35.17
CA LEU G 370 -8.73 57.90 35.25
C LEU G 370 -8.06 56.96 34.27
N LYS G 371 -8.58 55.74 34.15
CA LYS G 371 -8.01 54.80 33.19
C LYS G 371 -8.37 55.15 31.76
N SER G 372 -9.49 55.82 31.54
CA SER G 372 -9.92 56.15 30.18
C SER G 372 -9.11 57.31 29.64
N GLY G 373 -8.87 57.27 28.33
CA GLY G 373 -8.07 58.26 27.66
C GLY G 373 -7.61 57.72 26.32
N THR G 374 -7.15 58.65 25.48
CA THR G 374 -6.67 58.34 24.15
C THR G 374 -5.18 58.69 24.08
N ARG G 375 -4.66 58.66 22.85
CA ARG G 375 -3.31 59.11 22.54
C ARG G 375 -3.35 60.11 21.40
N ARG G 376 -2.64 61.23 21.56
CA ARG G 376 -2.60 62.30 20.56
C ARG G 376 -3.92 63.06 20.49
N GLU G 377 -4.48 63.35 21.67
CA GLU G 377 -5.68 64.18 21.73
C GLU G 377 -5.46 65.53 21.06
N GLU G 378 -4.24 66.05 21.11
CA GLU G 378 -3.96 67.34 20.50
C GLU G 378 -4.35 67.36 19.03
N LEU G 379 -4.29 66.20 18.37
CA LEU G 379 -4.68 66.13 16.97
C LEU G 379 -6.19 66.11 16.78
N LEU G 380 -6.95 65.82 17.85
CA LEU G 380 -8.40 65.79 17.78
C LEU G 380 -9.08 66.94 18.51
N LEU G 381 -8.34 67.71 19.30
CA LEU G 381 -8.93 68.79 20.07
C LEU G 381 -8.09 70.06 19.95
N GLY G 382 -8.75 71.20 20.04
CA GLY G 382 -8.04 72.47 20.09
C GLY G 382 -7.34 72.69 21.41
N GLU G 383 -6.55 73.77 21.46
CA GLU G 383 -5.78 74.06 22.66
C GLU G 383 -6.69 74.34 23.85
N GLU G 384 -7.77 75.09 23.64
CA GLU G 384 -8.69 75.37 24.73
C GLU G 384 -9.28 74.07 25.27
N VAL G 385 -9.70 73.18 24.37
CA VAL G 385 -10.27 71.90 24.81
C VAL G 385 -9.20 71.05 25.45
N THR G 386 -7.96 71.10 24.94
CA THR G 386 -6.88 70.32 25.52
C THR G 386 -6.61 70.76 26.96
N HIS G 387 -6.48 72.08 27.17
CA HIS G 387 -6.29 72.58 28.52
C HIS G 387 -7.49 72.26 29.40
N LYS G 388 -8.69 72.36 28.86
CA LYS G 388 -9.89 72.06 29.64
C LYS G 388 -9.87 70.63 30.12
N MET G 389 -9.60 69.68 29.22
CA MET G 389 -9.60 68.27 29.64
C MET G 389 -8.45 67.99 30.58
N TRP G 390 -7.29 68.64 30.36
CA TRP G 390 -6.18 68.45 31.28
C TRP G 390 -6.55 68.93 32.68
N LEU G 391 -7.21 70.09 32.77
CA LEU G 391 -7.70 70.58 34.05
C LEU G 391 -8.71 69.60 34.64
N LEU G 392 -9.62 69.10 33.81
CA LEU G 392 -10.67 68.22 34.31
C LEU G 392 -10.08 66.93 34.86
N ARG G 393 -9.08 66.37 34.20
CA ARG G 393 -8.42 65.17 34.71
C ARG G 393 -7.63 65.47 35.97
N LYS G 394 -6.90 66.59 36.00
CA LYS G 394 -6.19 66.96 37.21
C LYS G 394 -7.14 67.02 38.40
N VAL G 395 -8.29 67.67 38.20
CA VAL G 395 -9.29 67.72 39.26
C VAL G 395 -9.82 66.33 39.58
N LEU G 396 -10.10 65.54 38.54
CA LEU G 396 -10.71 64.23 38.70
C LEU G 396 -9.69 63.12 38.93
N ALA G 397 -8.40 63.40 38.71
CA ALA G 397 -7.40 62.36 38.87
C ALA G 397 -7.43 61.78 40.28
N ASP G 398 -7.72 62.62 41.29
CA ASP G 398 -7.58 62.22 42.68
C ASP G 398 -8.84 61.59 43.27
N MET G 399 -9.98 61.67 42.59
CA MET G 399 -11.25 61.32 43.22
C MET G 399 -11.58 59.85 43.00
N ASP G 400 -12.41 59.30 43.89
CA ASP G 400 -12.77 57.90 43.79
C ASP G 400 -13.61 57.65 42.53
N PRO G 401 -13.48 56.46 41.91
CA PRO G 401 -14.16 56.21 40.64
C PRO G 401 -15.65 56.55 40.67
N ALA G 402 -16.38 55.87 41.56
CA ALA G 402 -17.82 56.03 41.62
C ALA G 402 -18.18 57.47 41.94
N GLU G 403 -17.58 58.02 42.99
CA GLU G 403 -17.89 59.38 43.40
C GLU G 403 -17.46 60.38 42.34
N ALA G 404 -16.31 60.14 41.71
CA ALA G 404 -15.87 61.03 40.65
C ALA G 404 -16.90 61.08 39.52
N MET G 405 -17.38 59.92 39.10
CA MET G 405 -18.43 59.88 38.09
C MET G 405 -19.69 60.59 38.58
N GLU G 406 -20.04 60.44 39.86
CA GLU G 406 -21.22 61.09 40.37
C GLU G 406 -21.09 62.61 40.26
N MET G 407 -19.96 63.17 40.70
CA MET G 407 -19.78 64.60 40.61
C MET G 407 -19.77 65.05 39.14
N LEU G 408 -19.14 64.27 38.27
CA LEU G 408 -19.10 64.63 36.86
C LEU G 408 -20.50 64.69 36.27
N LEU G 409 -21.32 63.69 36.56
CA LEU G 409 -22.68 63.67 36.02
C LEU G 409 -23.49 64.83 36.59
N ALA G 410 -23.34 65.11 37.87
CA ALA G 410 -24.07 66.24 38.46
C ALA G 410 -23.69 67.55 37.80
N ARG G 411 -22.39 67.74 37.52
CA ARG G 411 -21.95 68.98 36.91
C ARG G 411 -22.40 69.08 35.46
N LEU G 412 -22.21 68.02 34.69
CA LEU G 412 -22.54 68.00 33.27
C LEU G 412 -24.04 67.98 33.02
N ALA G 413 -24.82 67.42 33.95
CA ALA G 413 -26.27 67.40 33.78
C ALA G 413 -26.83 68.81 33.68
N ARG G 414 -26.19 69.79 34.31
CA ARG G 414 -26.72 71.15 34.28
C ARG G 414 -26.81 71.68 32.86
N THR G 415 -25.79 71.46 32.04
CA THR G 415 -25.74 72.10 30.73
C THR G 415 -25.00 71.21 29.75
N LYS G 416 -25.22 71.50 28.47
CA LYS G 416 -24.34 71.06 27.41
C LYS G 416 -22.88 71.26 27.81
N ASN G 417 -22.03 70.34 27.38
CA ASN G 417 -20.63 70.31 27.77
C ASN G 417 -19.93 71.64 27.53
N ASN G 418 -20.17 72.26 26.37
CA ASN G 418 -19.50 73.51 26.06
C ASN G 418 -19.87 74.62 27.05
N LYS G 419 -21.13 74.66 27.50
CA LYS G 419 -21.47 75.60 28.57
C LYS G 419 -20.98 75.11 29.93
N GLU G 420 -20.90 73.80 30.15
CA GLU G 420 -20.29 73.32 31.39
C GLU G 420 -18.85 73.80 31.51
N PHE G 421 -18.17 73.96 30.37
CA PHE G 421 -16.88 74.62 30.37
C PHE G 421 -16.99 76.05 30.88
N LEU G 422 -18.00 76.77 30.44
CA LEU G 422 -18.16 78.17 30.80
C LEU G 422 -18.75 78.30 32.19
N ARG H 62 -53.03 -2.25 18.58
CA ARG H 62 -52.07 -1.99 19.65
C ARG H 62 -51.45 -0.60 19.50
N LEU H 63 -51.56 0.20 20.55
CA LEU H 63 -51.08 1.58 20.54
C LEU H 63 -49.80 1.70 21.36
N VAL H 64 -48.86 2.48 20.83
CA VAL H 64 -47.60 2.77 21.51
C VAL H 64 -47.39 4.28 21.47
N LYS H 65 -46.49 4.74 22.34
CA LYS H 65 -46.17 6.15 22.40
C LYS H 65 -44.73 6.28 22.84
N GLY H 66 -44.17 7.46 22.62
CA GLY H 66 -42.83 7.74 23.09
C GLY H 66 -42.35 9.06 22.53
N TYR H 67 -41.06 9.30 22.73
CA TYR H 67 -40.39 10.48 22.21
C TYR H 67 -39.38 10.05 21.17
N LEU H 68 -39.40 10.72 20.02
CA LEU H 68 -38.58 10.29 18.90
C LEU H 68 -37.11 10.58 19.16
N GLU H 69 -36.28 9.56 18.96
CA GLU H 69 -34.83 9.68 18.97
C GLU H 69 -34.34 9.18 17.63
N ILE H 70 -33.90 10.09 16.77
CA ILE H 70 -33.42 9.71 15.45
C ILE H 70 -31.95 9.29 15.57
N SER H 71 -31.64 8.09 15.10
CA SER H 71 -30.30 7.54 15.16
C SER H 71 -29.50 7.97 13.92
N GLN H 72 -28.26 7.50 13.85
CA GLN H 72 -27.40 7.88 12.73
C GLN H 72 -27.81 7.21 11.43
N ASP H 73 -28.69 6.20 11.50
CA ASP H 73 -29.01 5.34 10.36
C ASP H 73 -30.24 5.78 9.58
N GLY H 74 -30.87 6.90 9.95
CA GLY H 74 -32.07 7.33 9.27
C GLY H 74 -33.36 6.82 9.89
N TYR H 75 -33.29 5.85 10.79
CA TYR H 75 -34.44 5.33 11.52
C TYR H 75 -34.29 5.67 13.00
N GLY H 76 -35.43 5.79 13.69
CA GLY H 76 -35.45 6.29 15.04
C GLY H 76 -36.21 5.37 15.97
N PHE H 77 -36.21 5.73 17.25
CA PHE H 77 -36.83 4.93 18.28
C PHE H 77 -37.70 5.80 19.18
N LEU H 78 -38.77 5.21 19.71
CA LEU H 78 -39.65 5.90 20.64
C LEU H 78 -39.28 5.46 22.06
N THR H 79 -38.98 6.44 22.91
CA THR H 79 -38.52 6.19 24.26
C THR H 79 -39.57 6.61 25.28
N GLU H 80 -39.36 6.20 26.53
CA GLU H 80 -40.20 6.60 27.63
C GLU H 80 -39.50 7.68 28.46
N ASN H 81 -40.05 7.98 29.64
CA ASN H 81 -39.49 8.97 30.54
C ASN H 81 -38.04 8.70 30.91
N LEU H 82 -37.63 7.43 31.01
CA LEU H 82 -36.26 7.11 31.41
C LEU H 82 -35.22 7.69 30.49
N HIS H 83 -35.58 8.02 29.25
CA HIS H 83 -34.69 8.74 28.33
C HIS H 83 -33.42 7.93 28.06
N ASN H 84 -33.61 6.71 27.56
CA ASN H 84 -32.51 5.89 27.11
C ASN H 84 -33.07 4.79 26.23
N LEU H 85 -32.18 3.92 25.74
CA LEU H 85 -32.61 2.78 24.95
C LEU H 85 -33.27 1.75 25.84
N GLU H 86 -34.29 1.07 25.31
CA GLU H 86 -34.94 -0.01 26.02
C GLU H 86 -35.31 -1.11 25.03
N SER H 87 -35.85 -2.20 25.58
CA SER H 87 -36.40 -3.26 24.73
C SER H 87 -37.76 -2.89 24.16
N ARG H 88 -38.53 -2.04 24.85
CA ARG H 88 -39.89 -1.72 24.46
C ARG H 88 -39.96 -0.50 23.54
N VAL H 89 -38.83 0.12 23.23
CA VAL H 89 -38.85 1.24 22.30
C VAL H 89 -39.43 0.78 20.97
N ALA H 90 -40.13 1.69 20.29
CA ALA H 90 -40.81 1.39 19.04
C ALA H 90 -39.98 1.91 17.88
N ILE H 91 -39.80 1.06 16.87
CA ILE H 91 -39.04 1.42 15.67
C ILE H 91 -39.86 2.39 14.83
N VAL H 92 -39.18 3.38 14.25
CA VAL H 92 -39.80 4.33 13.32
C VAL H 92 -38.90 4.38 12.09
N SER H 93 -39.46 4.03 10.93
CA SER H 93 -38.69 4.01 9.70
C SER H 93 -38.42 5.43 9.20
N ALA H 94 -37.32 5.58 8.47
CA ALA H 94 -37.00 6.87 7.87
C ALA H 94 -38.14 7.38 7.01
N GLY H 95 -38.90 6.46 6.41
CA GLY H 95 -40.04 6.87 5.60
C GLY H 95 -41.05 7.68 6.39
N LEU H 96 -41.40 7.19 7.58
CA LEU H 96 -42.36 7.93 8.41
C LEU H 96 -41.77 9.27 8.84
N ILE H 97 -40.49 9.29 9.21
CA ILE H 97 -39.85 10.52 9.63
C ILE H 97 -39.96 11.57 8.54
N LYS H 98 -39.65 11.16 7.31
CA LYS H 98 -39.72 12.09 6.18
C LYS H 98 -41.17 12.44 5.86
N GLN H 99 -42.09 11.49 6.05
CA GLN H 99 -43.50 11.73 5.78
C GLN H 99 -44.07 12.82 6.68
N TYR H 100 -43.71 12.79 7.96
CA TYR H 100 -44.31 13.69 8.93
C TYR H 100 -43.31 14.71 9.47
N ALA H 101 -42.11 14.78 8.90
CA ALA H 101 -41.09 15.73 9.33
C ALA H 101 -40.83 15.63 10.83
N LEU H 102 -40.63 14.41 11.31
CA LEU H 102 -40.39 14.18 12.73
C LEU H 102 -38.90 14.34 13.05
N ARG H 103 -38.62 14.76 14.29
CA ARG H 103 -37.27 15.05 14.72
C ARG H 103 -37.04 14.47 16.10
N ALA H 104 -35.78 14.48 16.54
CA ALA H 104 -35.46 14.07 17.90
C ALA H 104 -36.23 14.93 18.89
N GLY H 105 -36.84 14.27 19.88
CA GLY H 105 -37.67 14.94 20.84
C GLY H 105 -39.11 15.06 20.45
N ASP H 106 -39.47 14.72 19.22
CA ASP H 106 -40.87 14.75 18.81
C ASP H 106 -41.62 13.62 19.52
N TYR H 107 -42.74 13.98 20.14
CA TYR H 107 -43.57 13.01 20.86
C TYR H 107 -44.52 12.36 19.86
N VAL H 108 -44.42 11.04 19.72
CA VAL H 108 -45.17 10.29 18.72
C VAL H 108 -46.04 9.27 19.43
N VAL H 109 -47.33 9.29 19.10
CA VAL H 109 -48.31 8.30 19.56
C VAL H 109 -48.96 7.70 18.34
N GLY H 110 -49.10 6.38 18.32
CA GLY H 110 -49.71 5.75 17.16
C GLY H 110 -49.89 4.26 17.37
N GLN H 111 -50.75 3.68 16.53
CA GLN H 111 -50.96 2.25 16.55
C GLN H 111 -49.71 1.54 16.02
N ALA H 112 -49.30 0.49 16.71
CA ALA H 112 -48.10 -0.25 16.38
C ALA H 112 -48.45 -1.72 16.28
N ARG H 113 -47.46 -2.53 15.91
CA ARG H 113 -47.65 -3.96 15.75
C ARG H 113 -46.56 -4.73 16.46
N PRO H 114 -46.83 -5.99 16.84
CA PRO H 114 -45.76 -6.87 17.32
C PRO H 114 -44.74 -7.12 16.22
N PRO H 115 -43.47 -7.25 16.58
CA PRO H 115 -42.43 -7.47 15.57
C PRO H 115 -42.68 -8.78 14.85
N ARG H 116 -42.30 -8.82 13.58
CA ARG H 116 -42.20 -10.10 12.89
C ARG H 116 -41.01 -10.87 13.44
N GLU H 117 -40.90 -12.13 13.03
CA GLU H 117 -39.72 -12.91 13.36
C GLU H 117 -38.48 -12.23 12.80
N ASN H 118 -37.40 -12.28 13.57
CA ASN H 118 -36.12 -11.65 13.28
C ASN H 118 -36.17 -10.16 13.58
N GLU H 119 -37.31 -9.62 13.99
CA GLU H 119 -37.42 -8.25 14.44
C GLU H 119 -37.38 -8.22 15.95
N ARG H 120 -36.61 -7.29 16.50
CA ARG H 120 -36.33 -7.25 17.93
C ARG H 120 -37.17 -6.21 18.67
N TYR H 121 -37.70 -5.20 17.98
CA TYR H 121 -38.53 -4.18 18.59
C TYR H 121 -39.80 -3.98 17.77
N ALA H 122 -40.84 -3.48 18.43
CA ALA H 122 -42.09 -3.20 17.75
C ALA H 122 -41.90 -2.06 16.75
N THR H 123 -42.70 -2.11 15.69
CA THR H 123 -42.67 -1.10 14.63
C THR H 123 -43.96 -0.31 14.65
N LEU H 124 -43.85 1.00 14.41
CA LEU H 124 -45.01 1.87 14.37
C LEU H 124 -45.72 1.66 13.04
N LEU H 125 -46.83 0.93 13.08
CA LEU H 125 -47.59 0.68 11.85
C LEU H 125 -48.13 1.98 11.27
N LYS H 126 -48.58 2.89 12.13
CA LYS H 126 -49.18 4.13 11.67
C LYS H 126 -48.93 5.23 12.69
N VAL H 127 -48.73 6.45 12.19
CA VAL H 127 -48.60 7.62 13.05
C VAL H 127 -49.98 8.27 13.19
N GLU H 128 -50.39 8.46 14.44
CA GLU H 128 -51.68 9.07 14.75
C GLU H 128 -51.55 10.50 15.25
N ALA H 129 -50.64 10.75 16.19
CA ALA H 129 -50.44 12.07 16.74
C ALA H 129 -48.96 12.33 16.96
N VAL H 130 -48.53 13.56 16.67
CA VAL H 130 -47.18 14.02 16.95
C VAL H 130 -47.29 15.27 17.82
N ASN H 131 -46.58 15.27 18.94
CA ASN H 131 -46.63 16.38 19.90
C ASN H 131 -48.07 16.70 20.29
N ASN H 132 -48.88 15.66 20.44
CA ASN H 132 -50.28 15.73 20.88
C ASN H 132 -51.17 16.38 19.83
N LEU H 133 -50.69 16.54 18.59
CA LEU H 133 -51.49 17.14 17.53
C LEU H 133 -51.31 16.32 16.25
N ASP H 134 -52.11 16.66 15.25
CA ASP H 134 -52.13 15.89 14.02
C ASP H 134 -50.79 16.01 13.29
N PRO H 135 -50.34 14.95 12.62
CA PRO H 135 -49.03 15.01 11.96
C PRO H 135 -48.93 16.00 10.81
N GLU H 136 -50.06 16.40 10.22
CA GLU H 136 -50.00 17.25 9.03
C GLU H 136 -49.31 18.57 9.32
N ALA H 137 -49.59 19.15 10.48
CA ALA H 137 -48.95 20.42 10.84
C ALA H 137 -47.43 20.29 10.87
N ALA H 138 -46.91 19.08 11.12
CA ALA H 138 -45.47 18.89 11.09
C ALA H 138 -44.89 19.26 9.74
N LYS H 139 -45.66 19.07 8.68
CA LYS H 139 -45.22 19.49 7.35
C LYS H 139 -45.00 20.99 7.30
N ASN H 140 -45.95 21.76 7.81
CA ASN H 140 -46.01 23.21 7.65
C ASN H 140 -45.95 23.85 9.04
N ARG H 141 -44.75 24.15 9.51
CA ARG H 141 -44.57 24.84 10.78
C ARG H 141 -43.19 25.46 10.81
N PRO H 142 -43.03 26.60 11.48
CA PRO H 142 -41.70 27.22 11.53
C PRO H 142 -40.78 26.42 12.44
N ARG H 143 -39.55 26.23 11.96
CA ARG H 143 -38.61 25.39 12.68
C ARG H 143 -38.13 26.13 13.93
N PHE H 144 -37.79 25.36 14.96
CA PHE H 144 -37.52 25.96 16.26
C PHE H 144 -36.36 26.94 16.19
N ASP H 145 -35.28 26.56 15.51
CA ASP H 145 -34.07 27.38 15.50
C ASP H 145 -34.28 28.72 14.82
N GLU H 146 -35.32 28.86 14.00
CA GLU H 146 -35.61 30.10 13.30
C GLU H 146 -36.71 30.93 13.96
N LEU H 147 -37.20 30.49 15.12
CA LEU H 147 -38.17 31.29 15.86
C LEU H 147 -37.49 32.56 16.37
N THR H 148 -38.14 33.70 16.17
CA THR H 148 -37.52 34.97 16.53
C THR H 148 -37.43 35.07 18.05
N PRO H 149 -36.24 35.20 18.63
CA PRO H 149 -36.14 35.36 20.08
C PRO H 149 -36.45 36.79 20.49
N GLN H 150 -37.07 36.91 21.67
CA GLN H 150 -37.41 38.19 22.23
C GLN H 150 -37.08 38.17 23.72
N PHE H 151 -37.25 39.30 24.37
CA PHE H 151 -37.16 39.32 25.81
C PHE H 151 -38.43 38.72 26.40
N PRO H 152 -38.36 38.20 27.62
CA PRO H 152 -39.57 37.70 28.27
C PRO H 152 -40.52 38.86 28.52
N ASP H 153 -41.62 38.87 27.78
CA ASP H 153 -42.60 39.94 27.86
C ASP H 153 -43.84 39.53 28.65
N ARG H 154 -43.78 38.40 29.36
CA ARG H 154 -44.93 37.87 30.08
C ARG H 154 -44.44 37.32 31.42
N GLN H 155 -44.60 38.10 32.47
CA GLN H 155 -44.14 37.70 33.79
C GLN H 155 -45.01 36.57 34.33
N ILE H 156 -44.45 35.80 35.26
CA ILE H 156 -45.17 34.73 35.93
C ILE H 156 -45.12 34.99 37.43
N ARG H 157 -46.27 35.28 38.01
CA ARG H 157 -46.35 35.51 39.44
C ARG H 157 -46.17 34.20 40.20
N LEU H 158 -45.51 34.31 41.35
CA LEU H 158 -45.16 33.14 42.16
C LEU H 158 -45.95 33.20 43.46
N GLU H 159 -46.64 32.11 43.79
CA GLU H 159 -47.18 31.93 45.12
C GLU H 159 -47.24 30.44 45.41
N THR H 160 -46.53 30.03 46.45
CA THR H 160 -46.61 28.67 46.96
C THR H 160 -46.93 28.75 48.44
N THR H 161 -48.01 28.09 48.85
CA THR H 161 -48.51 28.22 50.21
C THR H 161 -47.50 27.82 51.28
N PRO H 162 -46.83 26.67 51.22
CA PRO H 162 -45.90 26.30 52.30
C PRO H 162 -44.74 27.25 52.48
N ASP H 163 -44.36 27.99 51.45
CA ASP H 163 -43.47 29.14 51.63
C ASP H 163 -43.83 30.22 50.62
N GLU H 164 -44.72 31.12 51.00
CA GLU H 164 -45.03 32.25 50.15
C GLU H 164 -44.04 33.39 50.35
N LEU H 165 -43.31 33.37 51.46
CA LEU H 165 -42.21 34.32 51.64
C LEU H 165 -41.14 34.10 50.59
N SER H 166 -40.82 32.84 50.30
CA SER H 166 -39.81 32.54 49.29
C SER H 166 -40.23 33.06 47.93
N THR H 167 -41.43 32.70 47.49
CA THR H 167 -41.92 33.16 46.18
C THR H 167 -42.04 34.68 46.16
N ARG H 168 -42.47 35.26 47.27
CA ARG H 168 -42.59 36.72 47.36
C ARG H 168 -41.24 37.39 47.18
N VAL H 169 -40.21 36.89 47.86
CA VAL H 169 -38.88 37.49 47.76
C VAL H 169 -38.33 37.29 46.36
N ILE H 170 -38.60 36.13 45.76
CA ILE H 170 -38.18 35.90 44.38
C ILE H 170 -38.83 36.93 43.46
N ASP H 171 -40.12 37.16 43.63
CA ASP H 171 -40.81 38.16 42.83
C ASP H 171 -40.22 39.54 43.02
N LEU H 172 -39.93 39.91 44.27
CA LEU H 172 -39.37 41.22 44.55
C LEU H 172 -37.90 41.35 44.18
N LEU H 173 -37.24 40.24 43.88
CA LEU H 173 -35.83 40.26 43.50
C LEU H 173 -35.62 39.94 42.02
N ALA H 174 -36.42 39.02 41.47
CA ALA H 174 -36.23 38.57 40.09
C ALA H 174 -37.56 38.10 39.51
N PRO H 175 -38.35 39.01 38.95
CA PRO H 175 -39.60 38.60 38.32
C PRO H 175 -39.33 37.64 37.17
N ILE H 176 -40.17 36.62 37.07
CA ILE H 176 -40.00 35.54 36.10
C ILE H 176 -40.93 35.79 34.93
N GLY H 177 -40.40 35.62 33.72
CA GLY H 177 -41.19 35.72 32.51
C GLY H 177 -41.18 34.40 31.75
N ARG H 178 -41.87 34.42 30.61
CA ARG H 178 -41.88 33.28 29.71
C ARG H 178 -40.73 33.45 28.72
N GLY H 179 -39.92 32.41 28.57
CA GLY H 179 -38.65 32.53 27.88
C GLY H 179 -37.52 33.01 28.75
N GLN H 180 -37.69 32.96 30.07
CA GLN H 180 -36.67 33.43 31.00
C GLN H 180 -35.44 32.52 30.92
N ARG H 181 -34.26 33.13 30.79
CA ARG H 181 -33.01 32.38 30.90
C ARG H 181 -32.38 32.72 32.25
N GLY H 182 -32.86 32.02 33.28
CA GLY H 182 -32.48 32.35 34.65
C GLY H 182 -31.54 31.38 35.33
N LEU H 183 -30.93 31.83 36.42
CA LEU H 183 -29.99 31.01 37.18
C LEU H 183 -30.04 31.38 38.65
N ILE H 184 -30.01 30.37 39.51
CA ILE H 184 -29.85 30.55 40.95
C ILE H 184 -28.47 30.05 41.33
N VAL H 185 -27.70 30.92 41.99
CA VAL H 185 -26.29 30.69 42.29
C VAL H 185 -26.12 30.64 43.79
N ALA H 186 -25.58 29.53 44.29
CA ALA H 186 -25.48 29.30 45.72
C ALA H 186 -24.32 28.34 45.98
N PRO H 187 -23.68 28.44 47.13
CA PRO H 187 -22.75 27.39 47.56
C PRO H 187 -23.51 26.14 47.98
N PRO H 188 -22.81 25.07 48.30
CA PRO H 188 -23.50 23.85 48.76
C PRO H 188 -24.32 24.11 50.02
N LYS H 189 -25.48 23.48 50.09
CA LYS H 189 -26.35 23.55 51.27
C LYS H 189 -26.79 24.99 51.55
N ALA H 190 -27.46 25.59 50.57
CA ALA H 190 -27.98 26.94 50.72
C ALA H 190 -29.45 27.03 50.32
N GLY H 191 -30.17 25.91 50.30
CA GLY H 191 -31.56 25.92 49.89
C GLY H 191 -31.76 25.97 48.40
N LYS H 192 -30.68 26.05 47.64
CA LYS H 192 -30.74 26.01 46.18
C LYS H 192 -31.75 24.98 45.70
N THR H 193 -31.58 23.73 46.12
CA THR H 193 -32.51 22.68 45.74
C THR H 193 -33.90 22.93 46.29
N THR H 194 -33.99 23.33 47.56
CA THR H 194 -35.30 23.59 48.15
C THR H 194 -35.97 24.77 47.48
N LEU H 195 -35.20 25.81 47.14
CA LEU H 195 -35.77 26.94 46.44
C LEU H 195 -36.30 26.52 45.07
N LEU H 196 -35.56 25.68 44.36
CA LEU H 196 -36.06 25.16 43.09
C LEU H 196 -37.36 24.39 43.30
N LYS H 197 -37.43 23.61 44.37
CA LYS H 197 -38.67 22.92 44.70
C LYS H 197 -39.82 23.90 44.89
N LYS H 198 -39.57 25.00 45.62
CA LYS H 198 -40.61 25.99 45.84
C LYS H 198 -41.04 26.61 44.53
N ILE H 199 -40.10 26.91 43.65
CA ILE H 199 -40.45 27.46 42.34
C ILE H 199 -41.33 26.47 41.59
N ALA H 200 -40.96 25.20 41.59
CA ALA H 200 -41.75 24.19 40.91
C ALA H 200 -43.16 24.14 41.46
N ASN H 201 -43.27 24.07 42.79
CA ASN H 201 -44.58 23.99 43.42
C ASN H 201 -45.41 25.23 43.09
N ALA H 202 -44.76 26.40 43.07
CA ALA H 202 -45.46 27.65 42.79
C ALA H 202 -45.95 27.68 41.35
N VAL H 203 -45.11 27.19 40.42
CA VAL H 203 -45.50 27.15 39.02
C VAL H 203 -46.67 26.20 38.82
N LEU H 204 -46.67 25.08 39.54
CA LEU H 204 -47.72 24.07 39.38
C LEU H 204 -49.08 24.54 39.87
N LYS H 205 -49.23 25.76 40.40
CA LYS H 205 -50.54 26.33 40.68
C LYS H 205 -50.70 27.66 39.97
N ASN H 206 -49.60 28.41 39.85
CA ASN H 206 -49.61 29.69 39.16
C ASN H 206 -49.65 29.51 37.65
N GLU H 207 -48.99 28.48 37.13
CA GLU H 207 -49.02 28.18 35.70
C GLU H 207 -49.22 26.67 35.52
N PRO H 208 -50.42 26.17 35.86
CA PRO H 208 -50.73 24.77 35.54
C PRO H 208 -50.69 24.46 34.05
N ASP H 209 -51.04 25.42 33.21
CA ASP H 209 -51.06 25.19 31.77
C ASP H 209 -49.70 24.83 31.22
N ILE H 210 -48.64 25.41 31.76
CA ILE H 210 -47.34 25.33 31.11
C ILE H 210 -46.76 23.97 31.39
N LYS H 211 -46.24 23.32 30.36
CA LYS H 211 -45.61 22.02 30.52
C LYS H 211 -44.37 22.20 31.40
N VAL H 212 -44.42 21.64 32.59
CA VAL H 212 -43.34 21.76 33.57
C VAL H 212 -42.50 20.49 33.48
N ILE H 213 -41.22 20.65 33.15
CA ILE H 213 -40.27 19.55 33.07
C ILE H 213 -39.21 19.77 34.14
N VAL H 214 -38.91 18.72 34.89
CA VAL H 214 -37.89 18.75 35.92
C VAL H 214 -36.77 17.83 35.49
N LEU H 215 -35.55 18.37 35.38
CA LEU H 215 -34.38 17.61 34.98
C LEU H 215 -33.36 17.66 36.11
N LEU H 216 -33.12 16.53 36.76
CA LEU H 216 -32.15 16.43 37.85
C LEU H 216 -30.94 15.65 37.35
N ILE H 217 -29.79 16.31 37.33
CA ILE H 217 -28.58 15.76 36.73
C ILE H 217 -27.54 15.59 37.82
N ASP H 218 -26.97 14.39 37.93
CA ASP H 218 -25.81 14.12 38.77
C ASP H 218 -26.11 14.36 40.24
N GLU H 219 -27.36 14.27 40.64
CA GLU H 219 -27.81 14.70 41.96
C GLU H 219 -28.29 13.51 42.80
N ARG H 220 -28.81 13.86 43.97
CA ARG H 220 -29.07 12.87 45.01
C ARG H 220 -30.31 12.05 44.66
N PRO H 221 -30.22 10.72 44.62
CA PRO H 221 -31.41 9.92 44.25
C PRO H 221 -32.61 10.18 45.14
N GLU H 222 -32.39 10.33 46.45
CA GLU H 222 -33.50 10.61 47.35
C GLU H 222 -34.14 11.96 47.05
N GLU H 223 -33.36 12.94 46.59
CA GLU H 223 -33.96 14.18 46.11
C GLU H 223 -34.83 13.91 44.90
N VAL H 224 -34.39 13.00 44.02
CA VAL H 224 -35.21 12.62 42.88
C VAL H 224 -36.54 12.08 43.37
N THR H 225 -36.52 11.18 44.35
CA THR H 225 -37.76 10.64 44.89
C THR H 225 -38.63 11.74 45.49
N ASP H 226 -38.01 12.63 46.26
CA ASP H 226 -38.76 13.67 46.95
C ASP H 226 -39.42 14.62 45.97
N PHE H 227 -38.73 14.94 44.87
CA PHE H 227 -39.30 15.84 43.90
C PHE H 227 -40.35 15.13 43.05
N ARG H 228 -40.08 13.88 42.68
CA ARG H 228 -41.07 13.05 42.03
C ARG H 228 -42.39 13.04 42.79
N GLU H 229 -42.32 12.79 44.09
CA GLU H 229 -43.54 12.80 44.91
C GLU H 229 -44.08 14.20 45.12
N SER H 230 -43.21 15.20 45.27
CA SER H 230 -43.66 16.55 45.58
C SER H 230 -43.98 17.37 44.35
N VAL H 231 -43.69 16.87 43.15
CA VAL H 231 -44.00 17.61 41.92
C VAL H 231 -45.44 17.42 41.49
N GLN H 232 -46.14 16.43 42.04
CA GLN H 232 -47.53 16.16 41.68
C GLN H 232 -47.65 15.81 40.20
N GLY H 233 -46.79 14.90 39.75
CA GLY H 233 -46.93 14.27 38.45
C GLY H 233 -46.27 14.96 37.28
N ALA H 234 -45.74 16.17 37.46
CA ALA H 234 -45.09 16.83 36.35
C ALA H 234 -43.86 16.04 35.92
N GLU H 235 -43.43 16.26 34.68
CA GLU H 235 -42.40 15.41 34.08
C GLU H 235 -41.09 15.62 34.83
N VAL H 236 -40.75 14.66 35.69
CA VAL H 236 -39.49 14.67 36.43
C VAL H 236 -38.55 13.70 35.73
N ILE H 237 -37.48 14.23 35.17
CA ILE H 237 -36.41 13.45 34.57
C ILE H 237 -35.18 13.62 35.45
N ALA H 238 -34.53 12.52 35.79
CA ALA H 238 -33.40 12.60 36.69
C ALA H 238 -32.31 11.63 36.25
N SER H 239 -31.08 11.97 36.64
CA SER H 239 -29.93 11.09 36.40
C SER H 239 -28.92 11.40 37.52
N THR H 240 -28.94 10.56 38.56
CA THR H 240 -28.23 10.84 39.80
C THR H 240 -26.72 10.84 39.61
N PHE H 241 -25.98 11.17 40.66
CA PHE H 241 -24.52 11.10 40.60
C PHE H 241 -24.01 9.69 40.46
N ASP H 242 -24.85 8.68 40.70
CA ASP H 242 -24.42 7.31 40.50
C ASP H 242 -24.23 6.99 39.02
N GLU H 243 -24.85 7.78 38.14
CA GLU H 243 -24.72 7.57 36.72
C GLU H 243 -23.40 8.17 36.22
N PRO H 244 -22.84 7.64 35.13
CA PRO H 244 -21.70 8.30 34.50
C PRO H 244 -22.15 9.56 33.80
N PRO H 245 -21.21 10.44 33.45
CA PRO H 245 -21.62 11.66 32.72
C PRO H 245 -22.30 11.36 31.41
N GLN H 246 -22.01 10.20 30.82
CA GLN H 246 -22.64 9.83 29.56
C GLN H 246 -24.16 9.82 29.67
N ASN H 247 -24.67 9.14 30.70
CA ASN H 247 -26.11 9.09 30.91
C ASN H 247 -26.66 10.49 31.13
N HIS H 248 -25.94 11.30 31.91
CA HIS H 248 -26.38 12.66 32.18
C HIS H 248 -26.54 13.44 30.88
N ILE H 249 -25.52 13.44 30.04
CA ILE H 249 -25.55 14.19 28.78
C ILE H 249 -26.68 13.68 27.90
N ARG H 250 -26.80 12.35 27.78
CA ARG H 250 -27.82 11.79 26.90
C ARG H 250 -29.21 12.22 27.34
N VAL H 251 -29.52 12.04 28.62
CA VAL H 251 -30.85 12.37 29.11
C VAL H 251 -31.11 13.86 28.96
N ALA H 252 -30.12 14.69 29.29
CA ALA H 252 -30.31 16.13 29.19
C ALA H 252 -30.60 16.55 27.76
N GLU H 253 -29.82 16.04 26.80
CA GLU H 253 -30.04 16.41 25.41
C GLU H 253 -31.40 15.94 24.92
N PHE H 254 -31.80 14.73 25.31
CA PHE H 254 -33.10 14.23 24.88
C PHE H 254 -34.23 15.09 25.42
N VAL H 255 -34.15 15.43 26.71
CA VAL H 255 -35.17 16.29 27.31
C VAL H 255 -35.17 17.65 26.61
N HIS H 256 -33.99 18.19 26.33
CA HIS H 256 -33.90 19.49 25.68
C HIS H 256 -34.57 19.45 24.31
N GLU H 257 -34.29 18.41 23.54
CA GLU H 257 -34.85 18.32 22.20
C GLU H 257 -36.37 18.18 22.27
N ARG H 258 -36.86 17.36 23.19
CA ARG H 258 -38.30 17.30 23.41
C ARG H 258 -38.87 18.68 23.70
N ALA H 259 -38.22 19.42 24.58
CA ALA H 259 -38.73 20.73 24.97
C ALA H 259 -38.76 21.69 23.78
N LYS H 260 -37.70 21.68 22.97
CA LYS H 260 -37.71 22.56 21.80
C LYS H 260 -38.79 22.16 20.83
N ARG H 261 -39.01 20.86 20.66
CA ARG H 261 -40.07 20.42 19.76
C ARG H 261 -41.43 20.89 20.25
N ILE H 262 -41.66 20.82 21.56
CA ILE H 262 -42.94 21.28 22.09
C ILE H 262 -43.08 22.78 21.94
N VAL H 263 -42.02 23.53 22.26
CA VAL H 263 -42.11 24.99 22.17
C VAL H 263 -42.35 25.42 20.74
N GLU H 264 -41.78 24.69 19.78
CA GLU H 264 -42.05 25.00 18.38
C GLU H 264 -43.55 24.98 18.08
N GLU H 265 -44.31 24.19 18.83
CA GLU H 265 -45.75 24.12 18.67
C GLU H 265 -46.46 25.27 19.37
N GLY H 266 -45.77 26.38 19.62
CA GLY H 266 -46.33 27.46 20.40
C GLY H 266 -46.47 27.10 21.86
N GLY H 267 -45.78 26.07 22.33
CA GLY H 267 -45.93 25.62 23.70
C GLY H 267 -45.05 26.37 24.67
N HIS H 268 -45.50 26.37 25.93
CA HIS H 268 -44.75 26.96 27.04
C HIS H 268 -44.12 25.81 27.81
N VAL H 269 -42.83 25.94 28.09
CA VAL H 269 -42.11 24.95 28.87
C VAL H 269 -41.27 25.67 29.90
N MET H 270 -41.28 25.16 31.14
CA MET H 270 -40.26 25.49 32.13
C MET H 270 -39.48 24.23 32.44
N ILE H 271 -38.17 24.30 32.25
CA ILE H 271 -37.25 23.23 32.63
C ILE H 271 -36.53 23.68 33.89
N LEU H 272 -36.80 22.99 34.98
CA LEU H 272 -36.16 23.27 36.25
C LEU H 272 -35.00 22.29 36.38
N LEU H 273 -33.79 22.78 36.14
CA LEU H 273 -32.59 21.95 36.04
C LEU H 273 -31.73 22.14 37.28
N ASP H 274 -31.78 21.18 38.19
CA ASP H 274 -30.84 21.13 39.29
C ASP H 274 -29.47 20.74 38.75
N SER H 275 -28.42 21.38 39.26
CA SER H 275 -27.06 21.00 38.94
C SER H 275 -26.73 21.18 37.47
N ILE H 276 -26.90 22.40 36.95
CA ILE H 276 -26.39 22.69 35.61
C ILE H 276 -24.87 22.63 35.60
N THR H 277 -24.23 22.97 36.72
CA THR H 277 -22.78 22.89 36.77
C THR H 277 -22.31 21.44 36.68
N ARG H 278 -23.05 20.51 37.29
CA ARG H 278 -22.71 19.10 37.13
C ARG H 278 -22.91 18.66 35.69
N LEU H 279 -23.91 19.22 35.00
CA LEU H 279 -24.04 18.98 33.57
C LEU H 279 -22.81 19.48 32.82
N ALA H 280 -22.32 20.65 33.18
CA ALA H 280 -21.11 21.16 32.56
C ALA H 280 -19.92 20.27 32.88
N ARG H 281 -19.89 19.71 34.08
CA ARG H 281 -18.83 18.77 34.45
C ARG H 281 -18.88 17.55 33.55
N ALA H 282 -20.09 17.03 33.31
CA ALA H 282 -20.25 15.90 32.42
C ALA H 282 -19.80 16.26 31.01
N ASN H 283 -20.13 17.48 30.56
CA ASN H 283 -19.69 17.93 29.25
C ASN H 283 -18.17 17.96 29.17
N ASN H 284 -17.52 18.51 30.20
CA ASN H 284 -16.07 18.58 30.24
C ASN H 284 -15.46 17.19 30.22
N LEU H 285 -16.03 16.26 30.98
CA LEU H 285 -15.54 14.90 31.02
C LEU H 285 -15.72 14.20 29.68
N VAL H 286 -16.82 14.50 28.99
CA VAL H 286 -17.11 13.84 27.73
C VAL H 286 -16.26 14.41 26.61
N THR H 287 -15.86 15.68 26.71
CA THR H 287 -15.15 16.31 25.60
C THR H 287 -13.84 15.55 25.36
N PRO H 288 -13.58 15.08 24.14
CA PRO H 288 -12.56 14.04 23.95
C PRO H 288 -11.14 14.56 24.13
N PRO H 289 -10.72 15.66 23.47
CA PRO H 289 -9.57 16.39 24.04
C PRO H 289 -9.75 17.90 24.08
N THR H 290 -9.92 18.52 22.91
CA THR H 290 -9.90 19.97 22.74
C THR H 290 -8.51 20.52 23.00
N GLY H 291 -7.56 19.67 23.38
CA GLY H 291 -6.19 20.11 23.52
C GLY H 291 -5.89 20.76 24.85
N ARG H 292 -6.01 22.07 24.86
CA ARG H 292 -5.42 22.91 25.89
C ARG H 292 -6.43 23.14 27.02
N THR H 293 -5.91 23.27 28.24
CA THR H 293 -6.75 23.33 29.43
C THR H 293 -7.02 24.77 29.81
N LEU H 294 -8.30 25.11 29.96
CA LEU H 294 -8.67 26.40 30.51
C LEU H 294 -8.30 26.47 31.98
N SER H 295 -8.11 27.69 32.48
CA SER H 295 -7.82 27.89 33.89
C SER H 295 -8.92 27.28 34.74
N GLY H 296 -8.52 26.53 35.76
CA GLY H 296 -9.45 25.85 36.64
C GLY H 296 -9.71 24.41 36.28
N GLY H 297 -9.12 23.91 35.20
CA GLY H 297 -9.33 22.55 34.76
C GLY H 297 -10.46 22.36 33.77
N LEU H 298 -11.12 23.43 33.37
CA LEU H 298 -12.17 23.36 32.37
C LEU H 298 -11.60 23.10 30.99
N ASP H 299 -12.48 22.72 30.07
CA ASP H 299 -12.09 22.54 28.68
C ASP H 299 -12.69 23.63 27.82
N SER H 300 -11.92 24.05 26.81
CA SER H 300 -12.30 25.22 26.02
C SER H 300 -13.62 25.02 25.30
N ALA H 301 -13.85 23.84 24.73
CA ALA H 301 -15.00 23.60 23.87
C ALA H 301 -16.11 22.83 24.57
N ALA H 302 -15.85 22.29 25.76
CA ALA H 302 -16.90 21.59 26.48
C ALA H 302 -18.08 22.50 26.79
N LEU H 303 -17.80 23.73 27.20
CA LEU H 303 -18.85 24.67 27.59
C LEU H 303 -19.69 25.14 26.42
N TYR H 304 -19.28 24.87 25.18
CA TYR H 304 -20.11 25.24 24.04
C TYR H 304 -21.47 24.58 24.13
N PHE H 305 -21.50 23.28 24.46
CA PHE H 305 -22.76 22.57 24.52
C PHE H 305 -23.64 23.08 25.66
N PRO H 306 -23.15 23.24 26.89
CA PRO H 306 -23.98 23.88 27.92
C PRO H 306 -24.44 25.26 27.53
N LYS H 307 -23.58 26.06 26.89
CA LYS H 307 -23.98 27.40 26.48
C LYS H 307 -25.13 27.36 25.51
N ARG H 308 -25.04 26.52 24.48
CA ARG H 308 -26.13 26.38 23.52
C ARG H 308 -27.39 25.88 24.23
N PHE H 309 -27.23 24.87 25.08
CA PHE H 309 -28.34 24.33 25.83
C PHE H 309 -29.08 25.43 26.58
N LEU H 310 -28.34 26.28 27.29
CA LEU H 310 -28.97 27.32 28.09
C LEU H 310 -29.56 28.41 27.21
N GLY H 311 -28.79 28.90 26.23
CA GLY H 311 -29.26 29.95 25.36
C GLY H 311 -30.44 29.56 24.51
N ALA H 312 -30.74 28.27 24.40
CA ALA H 312 -31.95 27.85 23.71
C ALA H 312 -33.19 28.46 24.36
N ALA H 313 -33.22 28.52 25.69
CA ALA H 313 -34.31 29.19 26.38
C ALA H 313 -34.44 30.62 25.89
N ARG H 314 -35.68 31.04 25.62
CA ARG H 314 -35.89 32.32 24.97
C ARG H 314 -37.38 32.60 24.88
N ASN H 315 -37.70 33.85 24.59
CA ASN H 315 -39.07 34.28 24.36
C ASN H 315 -39.33 34.29 22.87
N ILE H 316 -40.35 33.53 22.46
CA ILE H 316 -40.73 33.40 21.05
C ILE H 316 -41.78 34.46 20.75
N ARG H 317 -41.54 35.25 19.71
CA ARG H 317 -42.49 36.28 19.30
C ARG H 317 -43.70 35.72 18.57
N GLY H 318 -43.67 34.44 18.21
CA GLY H 318 -44.74 33.83 17.45
C GLY H 318 -45.57 32.85 18.25
N GLY H 319 -45.34 32.80 19.56
CA GLY H 319 -46.06 31.88 20.42
C GLY H 319 -45.14 30.89 21.08
N GLY H 320 -45.57 30.35 22.22
CA GLY H 320 -44.75 29.42 22.97
C GLY H 320 -43.54 30.09 23.57
N SER H 321 -42.92 29.38 24.51
CA SER H 321 -41.75 29.91 25.18
C SER H 321 -40.98 28.77 25.78
N LEU H 322 -39.66 28.92 25.83
CA LEU H 322 -38.78 27.99 26.51
C LEU H 322 -38.08 28.75 27.63
N THR H 323 -38.44 28.45 28.87
CA THR H 323 -37.82 29.04 30.05
C THR H 323 -37.08 27.94 30.79
N ILE H 324 -35.83 28.20 31.13
CA ILE H 324 -35.00 27.26 31.86
C ILE H 324 -34.49 27.95 33.12
N LEU H 325 -34.80 27.37 34.27
CA LEU H 325 -34.27 27.85 35.55
C LEU H 325 -33.36 26.77 36.10
N ALA H 326 -32.10 27.12 36.31
CA ALA H 326 -31.09 26.12 36.65
C ALA H 326 -30.36 26.53 37.92
N THR H 327 -29.77 25.54 38.57
CA THR H 327 -29.11 25.76 39.86
C THR H 327 -27.59 25.71 39.68
N ALA H 328 -26.90 26.71 40.21
CA ALA H 328 -25.47 26.86 40.02
C ALA H 328 -24.73 26.77 41.35
N LEU H 329 -23.55 26.15 41.32
CA LEU H 329 -22.70 26.01 42.49
C LEU H 329 -21.58 27.04 42.45
N VAL H 330 -21.26 27.63 43.60
CA VAL H 330 -20.17 28.58 43.74
C VAL H 330 -19.58 28.46 45.13
N GLU H 331 -18.48 29.18 45.35
CA GLU H 331 -17.76 29.15 46.62
C GLU H 331 -17.42 27.71 47.01
N THR H 332 -17.10 26.90 46.00
CA THR H 332 -16.78 25.50 46.20
C THR H 332 -15.28 25.25 46.33
N GLY H 333 -14.47 26.31 46.31
CA GLY H 333 -13.03 26.15 46.37
C GLY H 333 -12.38 25.76 45.06
N SER H 334 -13.15 25.66 43.98
CA SER H 334 -12.64 25.25 42.68
C SER H 334 -12.84 26.38 41.68
N ARG H 335 -11.74 26.76 41.01
CA ARG H 335 -11.84 27.75 39.96
C ARG H 335 -12.80 27.29 38.87
N MET H 336 -12.94 25.98 38.71
CA MET H 336 -13.82 25.43 37.68
C MET H 336 -15.25 25.93 37.85
N ASP H 337 -15.79 25.81 39.06
CA ASP H 337 -17.17 26.25 39.30
C ASP H 337 -17.32 27.73 39.06
N ASP H 338 -16.34 28.52 39.52
CA ASP H 338 -16.43 29.97 39.39
C ASP H 338 -16.41 30.39 37.92
N VAL H 339 -15.54 29.76 37.14
CA VAL H 339 -15.48 30.04 35.71
C VAL H 339 -16.81 29.67 35.05
N ILE H 340 -17.37 28.52 35.42
CA ILE H 340 -18.67 28.14 34.85
C ILE H 340 -19.72 29.19 35.19
N PHE H 341 -19.76 29.62 36.44
CA PHE H 341 -20.73 30.63 36.84
C PHE H 341 -20.56 31.90 36.01
N GLU H 342 -19.34 32.42 35.94
CA GLU H 342 -19.12 33.66 35.20
C GLU H 342 -19.48 33.49 33.73
N GLU H 343 -19.12 32.34 33.15
CA GLU H 343 -19.42 32.10 31.75
C GLU H 343 -20.91 32.06 31.47
N PHE H 344 -21.69 31.42 32.33
CA PHE H 344 -23.13 31.36 32.12
C PHE H 344 -23.81 32.68 32.43
N LYS H 345 -23.26 33.46 33.36
CA LYS H 345 -23.86 34.74 33.69
C LYS H 345 -23.92 35.65 32.48
N GLY H 346 -22.96 35.50 31.56
CA GLY H 346 -22.95 36.29 30.35
C GLY H 346 -23.96 35.86 29.31
N THR H 347 -24.66 34.75 29.55
CA THR H 347 -25.71 34.29 28.64
C THR H 347 -27.10 34.39 29.24
N GLY H 348 -27.22 34.38 30.58
CA GLY H 348 -28.51 34.42 31.21
C GLY H 348 -29.02 35.84 31.45
N ASN H 349 -30.30 35.92 31.81
CA ASN H 349 -30.99 37.19 32.01
C ASN H 349 -31.43 37.39 33.45
N MET H 350 -31.30 36.37 34.30
CA MET H 350 -31.78 36.39 35.67
C MET H 350 -30.74 35.72 36.55
N GLU H 351 -30.39 36.37 37.66
CA GLU H 351 -29.51 35.77 38.65
C GLU H 351 -30.07 36.00 40.03
N LEU H 352 -30.15 34.93 40.82
CA LEU H 352 -30.56 35.02 42.22
C LEU H 352 -29.48 34.41 43.07
N HIS H 353 -28.91 35.21 43.97
CA HIS H 353 -27.76 34.78 44.77
C HIS H 353 -28.19 34.37 46.16
N LEU H 354 -27.69 33.21 46.60
CA LEU H 354 -27.95 32.70 47.93
C LEU H 354 -26.66 32.79 48.74
N SER H 355 -26.78 33.20 50.00
CA SER H 355 -25.63 33.40 50.87
C SER H 355 -25.47 32.22 51.83
N ARG H 356 -24.25 31.69 51.89
CA ARG H 356 -23.96 30.59 52.80
C ARG H 356 -24.09 31.01 54.25
N ARG H 357 -23.71 32.24 54.57
CA ARG H 357 -23.77 32.72 55.95
C ARG H 357 -25.20 32.85 56.44
N LEU H 358 -26.12 33.27 55.57
CA LEU H 358 -27.53 33.30 55.93
C LEU H 358 -28.05 31.91 56.25
N GLU H 359 -27.67 30.91 55.46
CA GLU H 359 -28.04 29.53 55.78
C GLU H 359 -27.42 29.10 57.10
N GLU H 360 -26.16 29.46 57.34
CA GLU H 360 -25.51 29.12 58.60
C GLU H 360 -26.27 29.71 59.78
N ARG H 361 -26.91 30.86 59.58
CA ARG H 361 -27.78 31.44 60.59
C ARG H 361 -29.20 30.89 60.53
N ARG H 362 -29.49 30.01 59.57
CA ARG H 362 -30.80 29.37 59.46
C ARG H 362 -31.87 30.39 59.09
N ILE H 363 -31.49 31.44 58.36
CA ILE H 363 -32.41 32.46 57.88
C ILE H 363 -32.76 32.10 56.45
N PHE H 364 -34.03 31.81 56.20
CA PHE H 364 -34.47 31.40 54.87
C PHE H 364 -35.61 32.28 54.37
N PRO H 365 -35.71 32.51 53.05
CA PRO H 365 -34.72 32.04 52.09
C PRO H 365 -33.42 32.84 52.18
N ALA H 366 -32.29 32.14 52.19
CA ALA H 366 -30.98 32.76 52.44
C ALA H 366 -30.47 33.53 51.22
N ILE H 367 -31.25 34.49 50.74
CA ILE H 367 -30.97 35.12 49.46
C ILE H 367 -30.05 36.32 49.65
N ASP H 368 -29.09 36.46 48.74
CA ASP H 368 -28.31 37.70 48.64
C ASP H 368 -29.09 38.66 47.74
N ILE H 369 -29.88 39.52 48.39
CA ILE H 369 -30.79 40.40 47.66
C ILE H 369 -30.02 41.26 46.68
N LEU H 370 -28.92 41.87 47.12
CA LEU H 370 -28.23 42.86 46.31
C LEU H 370 -27.71 42.24 45.01
N LYS H 371 -27.13 41.05 45.10
CA LYS H 371 -26.68 40.37 43.90
C LYS H 371 -27.83 39.81 43.08
N SER H 372 -29.01 39.69 43.68
CA SER H 372 -30.16 39.13 42.98
C SER H 372 -30.79 40.15 42.05
N GLY H 373 -31.21 39.68 40.88
CA GLY H 373 -31.83 40.57 39.91
C GLY H 373 -31.87 39.92 38.54
N THR H 374 -32.58 40.60 37.64
CA THR H 374 -32.74 40.18 36.26
C THR H 374 -32.29 41.30 35.34
N ARG H 375 -32.63 41.15 34.07
CA ARG H 375 -32.38 42.19 33.07
C ARG H 375 -33.68 42.48 32.33
N ARG H 376 -33.96 43.76 32.10
CA ARG H 376 -35.20 44.19 31.44
C ARG H 376 -36.41 43.89 32.33
N GLU H 377 -36.29 44.22 33.61
CA GLU H 377 -37.40 44.07 34.54
C GLU H 377 -38.62 44.86 34.09
N GLU H 378 -38.40 45.99 33.41
CA GLU H 378 -39.51 46.81 32.96
C GLU H 378 -40.47 46.00 32.09
N LEU H 379 -39.97 45.01 31.36
CA LEU H 379 -40.82 44.17 30.54
C LEU H 379 -41.65 43.20 31.36
N LEU H 380 -41.25 42.93 32.60
CA LEU H 380 -41.96 42.00 33.46
C LEU H 380 -42.71 42.69 34.60
N LEU H 381 -42.53 44.00 34.79
CA LEU H 381 -43.19 44.72 35.86
C LEU H 381 -43.77 46.03 35.36
N GLY H 382 -44.91 46.41 35.93
CA GLY H 382 -45.46 47.73 35.67
C GLY H 382 -44.64 48.82 36.33
N GLU H 383 -44.99 50.07 36.02
CA GLU H 383 -44.23 51.18 36.55
C GLU H 383 -44.31 51.24 38.07
N GLU H 384 -45.50 51.08 38.64
CA GLU H 384 -45.62 51.12 40.09
C GLU H 384 -44.78 50.03 40.73
N VAL H 385 -44.87 48.81 40.22
CA VAL H 385 -44.08 47.71 40.76
C VAL H 385 -42.59 47.96 40.54
N THR H 386 -42.23 48.43 39.35
CA THR H 386 -40.82 48.69 39.06
C THR H 386 -40.24 49.68 40.06
N HIS H 387 -40.97 50.76 40.32
CA HIS H 387 -40.46 51.79 41.22
C HIS H 387 -40.51 51.31 42.67
N LYS H 388 -41.52 50.51 43.04
CA LYS H 388 -41.53 49.94 44.37
C LYS H 388 -40.31 49.06 44.61
N MET H 389 -39.99 48.20 43.64
CA MET H 389 -38.81 47.38 43.74
C MET H 389 -37.54 48.22 43.78
N TRP H 390 -37.51 49.29 42.98
CA TRP H 390 -36.34 50.18 43.00
C TRP H 390 -36.17 50.81 44.38
N LEU H 391 -37.26 51.27 44.99
CA LEU H 391 -37.22 51.79 46.35
C LEU H 391 -36.75 50.71 47.32
N LEU H 392 -37.26 49.49 47.17
CA LEU H 392 -36.92 48.43 48.10
C LEU H 392 -35.44 48.09 48.03
N ARG H 393 -34.88 48.07 46.82
CA ARG H 393 -33.44 47.82 46.69
C ARG H 393 -32.62 48.99 47.24
N LYS H 394 -33.04 50.22 46.95
CA LYS H 394 -32.32 51.37 47.48
C LYS H 394 -32.26 51.32 49.00
N VAL H 395 -33.38 51.00 49.64
CA VAL H 395 -33.38 50.84 51.09
C VAL H 395 -32.50 49.67 51.51
N LEU H 396 -32.66 48.52 50.84
CA LEU H 396 -31.93 47.32 51.20
C LEU H 396 -30.54 47.26 50.59
N ALA H 397 -30.22 48.18 49.67
CA ALA H 397 -28.89 48.18 49.07
C ALA H 397 -27.81 48.34 50.13
N ASP H 398 -28.04 49.20 51.10
CA ASP H 398 -27.03 49.53 52.10
C ASP H 398 -26.96 48.55 53.25
N MET H 399 -27.89 47.60 53.34
CA MET H 399 -28.03 46.79 54.54
C MET H 399 -27.24 45.49 54.41
N ASP H 400 -26.82 44.96 55.56
CA ASP H 400 -25.99 43.77 55.56
C ASP H 400 -26.80 42.55 55.11
N PRO H 401 -26.15 41.59 54.42
CA PRO H 401 -26.91 40.47 53.82
C PRO H 401 -27.84 39.76 54.80
N ALA H 402 -27.29 39.21 55.88
CA ALA H 402 -28.11 38.47 56.83
C ALA H 402 -29.15 39.38 57.45
N GLU H 403 -28.73 40.56 57.91
CA GLU H 403 -29.64 41.48 58.56
C GLU H 403 -30.66 42.04 57.58
N ALA H 404 -30.24 42.28 56.33
CA ALA H 404 -31.18 42.73 55.31
C ALA H 404 -32.25 41.68 55.05
N MET H 405 -31.85 40.41 54.94
CA MET H 405 -32.82 39.34 54.75
C MET H 405 -33.75 39.23 55.95
N GLU H 406 -33.21 39.36 57.17
CA GLU H 406 -34.06 39.31 58.34
C GLU H 406 -35.08 40.45 58.32
N MET H 407 -34.63 41.65 57.96
CA MET H 407 -35.55 42.78 57.83
C MET H 407 -36.66 42.48 56.83
N LEU H 408 -36.28 42.01 55.64
CA LEU H 408 -37.28 41.76 54.61
C LEU H 408 -38.25 40.66 55.03
N LEU H 409 -37.73 39.60 55.64
CA LEU H 409 -38.58 38.50 56.06
C LEU H 409 -39.57 38.96 57.13
N ALA H 410 -39.11 39.76 58.08
CA ALA H 410 -40.01 40.29 59.10
C ALA H 410 -41.07 41.18 58.47
N ARG H 411 -40.67 42.01 57.51
CA ARG H 411 -41.61 42.93 56.89
C ARG H 411 -42.64 42.20 56.04
N LEU H 412 -42.23 41.11 55.39
CA LEU H 412 -43.11 40.32 54.55
C LEU H 412 -43.93 39.29 55.31
N ALA H 413 -43.47 38.88 56.50
CA ALA H 413 -44.24 37.93 57.28
C ALA H 413 -45.60 38.49 57.68
N ARG H 414 -45.72 39.82 57.71
CA ARG H 414 -46.97 40.44 58.16
C ARG H 414 -48.12 40.15 57.21
N THR H 415 -47.94 40.38 55.91
CA THR H 415 -49.04 40.27 54.97
C THR H 415 -48.49 39.87 53.60
N LYS H 416 -49.41 39.81 52.64
CA LYS H 416 -49.04 39.54 51.26
C LYS H 416 -48.27 40.72 50.68
N ASN H 417 -47.48 40.45 49.64
CA ASN H 417 -46.58 41.44 49.07
C ASN H 417 -47.29 42.74 48.73
N ASN H 418 -48.39 42.64 47.97
CA ASN H 418 -49.09 43.85 47.57
C ASN H 418 -49.58 44.61 48.80
N LYS H 419 -50.00 43.88 49.83
CA LYS H 419 -50.31 44.53 51.10
C LYS H 419 -49.08 45.16 51.73
N GLU H 420 -47.92 44.48 51.65
CA GLU H 420 -46.70 45.07 52.16
C GLU H 420 -46.38 46.39 51.48
N PHE H 421 -46.76 46.54 50.21
CA PHE H 421 -46.56 47.83 49.55
C PHE H 421 -47.35 48.92 50.23
N LEU H 422 -48.60 48.64 50.58
CA LEU H 422 -49.45 49.62 51.25
C LEU H 422 -49.06 49.78 52.71
N ARG I 62 -16.78 -33.49 52.46
CA ARG I 62 -15.91 -32.35 52.75
C ARG I 62 -16.62 -31.04 52.40
N LEU I 63 -16.58 -30.09 53.34
CA LEU I 63 -17.25 -28.82 53.20
C LEU I 63 -16.22 -27.70 53.04
N VAL I 64 -16.58 -26.71 52.23
CA VAL I 64 -15.79 -25.51 52.04
C VAL I 64 -16.71 -24.31 52.13
N LYS I 65 -16.11 -23.15 52.37
CA LYS I 65 -16.85 -21.91 52.48
C LYS I 65 -15.97 -20.78 51.96
N GLY I 66 -16.61 -19.68 51.57
CA GLY I 66 -15.88 -18.54 51.10
C GLY I 66 -16.83 -17.50 50.55
N TYR I 67 -16.24 -16.53 49.87
CA TYR I 67 -17.01 -15.48 49.23
C TYR I 67 -16.81 -15.55 47.73
N LEU I 68 -17.92 -15.50 46.98
CA LEU I 68 -17.86 -15.74 45.55
C LEU I 68 -17.17 -14.60 44.84
N GLU I 69 -16.24 -14.94 43.96
CA GLU I 69 -15.57 -14.00 43.06
C GLU I 69 -15.69 -14.57 41.65
N ILE I 70 -16.50 -13.94 40.82
CA ILE I 70 -16.78 -14.45 39.49
C ILE I 70 -15.71 -13.93 38.53
N SER I 71 -15.12 -14.83 37.75
CA SER I 71 -14.06 -14.47 36.82
C SER I 71 -14.65 -14.11 35.46
N GLN I 72 -13.79 -13.60 34.57
CA GLN I 72 -14.24 -13.15 33.26
C GLN I 72 -14.81 -14.29 32.43
N ASP I 73 -14.44 -15.54 32.76
CA ASP I 73 -14.82 -16.69 31.96
C ASP I 73 -16.14 -17.31 32.39
N GLY I 74 -16.85 -16.69 33.32
CA GLY I 74 -18.11 -17.22 33.80
C GLY I 74 -18.01 -18.18 34.95
N TYR I 75 -16.80 -18.60 35.33
CA TYR I 75 -16.58 -19.41 36.51
C TYR I 75 -15.97 -18.55 37.61
N GLY I 76 -16.14 -18.99 38.86
CA GLY I 76 -15.74 -18.20 40.00
C GLY I 76 -14.97 -19.02 41.03
N PHE I 77 -14.56 -18.32 42.07
CA PHE I 77 -13.79 -18.93 43.15
C PHE I 77 -14.36 -18.49 44.49
N LEU I 78 -14.17 -19.34 45.51
CA LEU I 78 -14.59 -19.02 46.87
C LEU I 78 -13.35 -18.62 47.65
N THR I 79 -13.40 -17.42 48.25
CA THR I 79 -12.23 -16.82 48.85
C THR I 79 -12.25 -16.96 50.37
N GLU I 80 -11.11 -16.65 50.97
CA GLU I 80 -10.92 -16.64 52.41
C GLU I 80 -11.00 -15.20 52.92
N ASN I 81 -10.71 -15.01 54.21
CA ASN I 81 -10.78 -13.68 54.80
C ASN I 81 -9.76 -12.71 54.22
N LEU I 82 -8.62 -13.20 53.74
CA LEU I 82 -7.59 -12.33 53.22
C LEU I 82 -8.02 -11.61 51.95
N HIS I 83 -9.11 -12.04 51.32
CA HIS I 83 -9.66 -11.36 50.14
C HIS I 83 -8.64 -11.32 49.01
N ASN I 84 -8.13 -12.49 48.64
CA ASN I 84 -7.20 -12.59 47.53
C ASN I 84 -7.24 -14.02 47.00
N LEU I 85 -6.70 -14.20 45.80
CA LEU I 85 -6.52 -15.54 45.26
C LEU I 85 -5.67 -16.34 46.24
N GLU I 86 -6.15 -17.53 46.57
CA GLU I 86 -5.47 -18.39 47.52
C GLU I 86 -5.49 -19.81 46.96
N SER I 87 -4.55 -20.64 47.39
CA SER I 87 -4.50 -22.00 46.89
C SER I 87 -5.73 -22.81 47.29
N ARG I 88 -6.33 -22.52 48.44
CA ARG I 88 -7.47 -23.27 48.94
C ARG I 88 -8.80 -22.77 48.40
N VAL I 89 -8.77 -21.78 47.50
CA VAL I 89 -10.01 -21.31 46.90
C VAL I 89 -10.71 -22.47 46.21
N ALA I 90 -12.03 -22.50 46.32
CA ALA I 90 -12.85 -23.57 45.76
C ALA I 90 -13.43 -23.12 44.43
N ILE I 91 -13.33 -23.98 43.42
CA ILE I 91 -13.86 -23.67 42.10
C ILE I 91 -15.38 -23.71 42.14
N VAL I 92 -16.01 -22.79 41.43
CA VAL I 92 -17.45 -22.79 41.24
C VAL I 92 -17.71 -22.63 39.75
N SER I 93 -18.34 -23.64 39.15
CA SER I 93 -18.58 -23.63 37.71
C SER I 93 -19.60 -22.56 37.36
N ALA I 94 -19.50 -22.06 36.13
CA ALA I 94 -20.51 -21.13 35.63
C ALA I 94 -21.90 -21.73 35.73
N GLY I 95 -22.00 -23.05 35.61
CA GLY I 95 -23.30 -23.69 35.74
C GLY I 95 -23.95 -23.41 37.07
N LEU I 96 -23.20 -23.56 38.17
CA LEU I 96 -23.76 -23.27 39.49
C LEU I 96 -24.12 -21.80 39.61
N ILE I 97 -23.30 -20.91 39.07
CA ILE I 97 -23.57 -19.48 39.15
C ILE I 97 -24.90 -19.16 38.48
N LYS I 98 -25.11 -19.71 37.28
CA LYS I 98 -26.36 -19.47 36.57
C LYS I 98 -27.53 -20.17 37.27
N GLN I 99 -27.25 -21.29 37.93
CA GLN I 99 -28.27 -21.99 38.70
C GLN I 99 -28.80 -21.14 39.84
N TYR I 100 -27.90 -20.60 40.65
CA TYR I 100 -28.26 -19.94 41.89
C TYR I 100 -28.25 -18.42 41.77
N ALA I 101 -28.12 -17.88 40.56
CA ALA I 101 -28.14 -16.44 40.33
C ALA I 101 -27.12 -15.74 41.22
N LEU I 102 -26.01 -16.43 41.49
CA LEU I 102 -25.02 -15.90 42.39
C LEU I 102 -24.37 -14.67 41.79
N ARG I 103 -23.77 -13.85 42.66
CA ARG I 103 -23.19 -12.59 42.24
C ARG I 103 -21.96 -12.33 43.10
N ALA I 104 -21.08 -11.47 42.58
CA ALA I 104 -19.82 -11.21 43.26
C ALA I 104 -20.07 -10.75 44.69
N GLY I 105 -19.26 -11.27 45.62
CA GLY I 105 -19.44 -11.00 47.03
C GLY I 105 -20.36 -11.96 47.74
N ASP I 106 -21.04 -12.83 47.01
CA ASP I 106 -21.95 -13.77 47.65
C ASP I 106 -21.16 -14.78 48.48
N TYR I 107 -21.57 -14.93 49.73
CA TYR I 107 -20.94 -15.89 50.63
C TYR I 107 -21.55 -17.26 50.38
N VAL I 108 -20.71 -18.21 49.96
CA VAL I 108 -21.14 -19.54 49.54
C VAL I 108 -20.51 -20.56 50.46
N VAL I 109 -21.35 -21.46 50.97
CA VAL I 109 -20.92 -22.61 51.77
C VAL I 109 -21.48 -23.86 51.10
N GLY I 110 -20.67 -24.90 51.02
CA GLY I 110 -21.17 -26.13 50.42
C GLY I 110 -20.12 -27.21 50.43
N GLN I 111 -20.58 -28.45 50.27
CA GLN I 111 -19.67 -29.58 50.17
C GLN I 111 -18.76 -29.40 48.96
N ALA I 112 -17.48 -29.74 49.16
CA ALA I 112 -16.50 -29.73 48.08
C ALA I 112 -15.69 -31.01 48.17
N ARG I 113 -14.94 -31.28 47.09
CA ARG I 113 -14.14 -32.48 46.99
C ARG I 113 -12.69 -32.12 46.69
N PRO I 114 -11.74 -32.97 47.04
CA PRO I 114 -10.35 -32.73 46.65
C PRO I 114 -10.23 -32.66 45.14
N PRO I 115 -9.34 -31.81 44.62
CA PRO I 115 -9.22 -31.70 43.16
C PRO I 115 -8.81 -33.02 42.55
N ARG I 116 -9.39 -33.33 41.39
CA ARG I 116 -8.97 -34.52 40.67
C ARG I 116 -7.53 -34.36 40.18
N GLU I 117 -7.02 -35.41 39.57
CA GLU I 117 -5.73 -35.31 38.89
C GLU I 117 -5.82 -34.24 37.81
N ASN I 118 -4.81 -33.38 37.75
CA ASN I 118 -4.71 -32.22 36.86
C ASN I 118 -5.51 -31.04 37.36
N GLU I 119 -6.25 -31.17 38.47
CA GLU I 119 -6.97 -30.05 39.07
C GLU I 119 -6.12 -29.46 40.19
N ARG I 120 -5.95 -28.15 40.15
CA ARG I 120 -5.15 -27.45 41.15
C ARG I 120 -5.97 -26.93 42.32
N TYR I 121 -7.28 -26.87 42.19
CA TYR I 121 -8.15 -26.33 43.21
C TYR I 121 -9.33 -27.26 43.44
N ALA I 122 -9.73 -27.39 44.69
CA ALA I 122 -10.88 -28.21 45.03
C ALA I 122 -12.14 -27.62 44.39
N THR I 123 -13.07 -28.48 44.03
CA THR I 123 -14.29 -28.07 43.36
C THR I 123 -15.48 -28.24 44.29
N LEU I 124 -16.40 -27.28 44.22
CA LEU I 124 -17.61 -27.30 45.05
C LEU I 124 -18.55 -28.35 44.50
N LEU I 125 -18.75 -29.44 45.26
CA LEU I 125 -19.59 -30.53 44.79
C LEU I 125 -21.06 -30.13 44.79
N LYS I 126 -21.49 -29.34 45.77
CA LYS I 126 -22.88 -28.94 45.87
C LYS I 126 -22.97 -27.64 46.64
N VAL I 127 -23.90 -26.78 46.25
CA VAL I 127 -24.15 -25.53 46.95
C VAL I 127 -25.19 -25.77 48.04
N GLU I 128 -24.86 -25.38 49.26
CA GLU I 128 -25.72 -25.59 50.42
C GLU I 128 -26.34 -24.30 50.93
N ALA I 129 -25.53 -23.29 51.23
CA ALA I 129 -26.04 -22.02 51.73
C ALA I 129 -25.33 -20.89 51.04
N VAL I 130 -26.10 -19.85 50.69
CA VAL I 130 -25.57 -18.63 50.10
C VAL I 130 -25.90 -17.48 51.04
N ASN I 131 -24.87 -16.76 51.50
CA ASN I 131 -25.02 -15.70 52.49
C ASN I 131 -25.77 -16.21 53.72
N ASN I 132 -25.46 -17.42 54.16
CA ASN I 132 -25.99 -18.05 55.36
C ASN I 132 -27.42 -18.56 55.19
N LEU I 133 -27.97 -18.52 53.98
CA LEU I 133 -29.33 -18.96 53.73
C LEU I 133 -29.35 -19.91 52.54
N ASP I 134 -30.50 -20.54 52.34
CA ASP I 134 -30.65 -21.53 51.28
C ASP I 134 -30.55 -20.86 49.91
N PRO I 135 -30.05 -21.58 48.89
CA PRO I 135 -29.85 -20.95 47.58
C PRO I 135 -31.15 -20.50 46.90
N GLU I 136 -32.30 -21.07 47.27
CA GLU I 136 -33.52 -20.78 46.54
C GLU I 136 -33.81 -19.28 46.47
N ALA I 137 -33.76 -18.61 47.63
CA ALA I 137 -34.08 -17.18 47.66
C ALA I 137 -33.16 -16.38 46.76
N ALA I 138 -31.96 -16.90 46.47
CA ALA I 138 -31.04 -16.19 45.59
C ALA I 138 -31.60 -16.05 44.18
N LYS I 139 -32.36 -17.05 43.71
CA LYS I 139 -32.98 -16.91 42.40
C LYS I 139 -33.94 -15.73 42.35
N ASN I 140 -34.84 -15.63 43.32
CA ASN I 140 -35.92 -14.64 43.33
C ASN I 140 -35.65 -13.65 44.45
N ARG I 141 -35.08 -12.50 44.10
CA ARG I 141 -34.78 -11.45 45.06
C ARG I 141 -34.53 -10.16 44.31
N PRO I 142 -34.97 -9.02 44.83
CA PRO I 142 -34.62 -7.75 44.21
C PRO I 142 -33.12 -7.51 44.26
N ARG I 143 -32.58 -6.98 43.18
CA ARG I 143 -31.16 -6.71 43.12
C ARG I 143 -30.82 -5.46 43.92
N PHE I 144 -29.63 -5.48 44.53
CA PHE I 144 -29.21 -4.37 45.37
C PHE I 144 -29.35 -3.04 44.64
N ASP I 145 -28.92 -3.00 43.38
CA ASP I 145 -29.02 -1.76 42.62
C ASP I 145 -30.45 -1.32 42.41
N GLU I 146 -31.40 -2.25 42.46
CA GLU I 146 -32.80 -1.94 42.29
C GLU I 146 -33.47 -1.54 43.59
N LEU I 147 -32.79 -1.70 44.72
CA LEU I 147 -33.35 -1.30 46.01
C LEU I 147 -33.51 0.21 46.07
N THR I 148 -34.56 0.66 46.73
CA THR I 148 -34.85 2.09 46.82
C THR I 148 -33.90 2.75 47.81
N PRO I 149 -33.09 3.71 47.38
CA PRO I 149 -32.26 4.45 48.35
C PRO I 149 -33.03 5.63 48.95
N GLN I 150 -32.98 5.71 50.27
CA GLN I 150 -33.67 6.76 51.02
C GLN I 150 -32.81 7.20 52.19
N PHE I 151 -33.39 8.07 53.01
CA PHE I 151 -32.67 8.54 54.17
C PHE I 151 -32.62 7.46 55.24
N PRO I 152 -31.61 7.49 56.10
CA PRO I 152 -31.62 6.60 57.27
C PRO I 152 -32.69 7.04 58.24
N ASP I 153 -33.74 6.23 58.36
CA ASP I 153 -34.90 6.58 59.15
C ASP I 153 -34.87 5.97 60.55
N ARG I 154 -33.82 5.22 60.88
CA ARG I 154 -33.73 4.50 62.13
C ARG I 154 -32.34 4.72 62.72
N GLN I 155 -32.30 5.34 63.90
CA GLN I 155 -31.08 5.83 64.50
C GLN I 155 -30.42 4.76 65.36
N ILE I 156 -29.16 5.02 65.72
CA ILE I 156 -28.38 4.17 66.59
C ILE I 156 -27.83 5.05 67.70
N ARG I 157 -28.00 4.65 68.95
CA ARG I 157 -27.42 5.40 70.05
C ARG I 157 -26.05 4.83 70.38
N LEU I 158 -25.07 5.73 70.49
CA LEU I 158 -23.67 5.35 70.68
C LEU I 158 -23.35 5.39 72.16
N GLU I 159 -22.74 4.31 72.65
CA GLU I 159 -22.18 4.30 73.99
C GLU I 159 -21.11 3.23 74.08
N THR I 160 -19.91 3.64 74.50
CA THR I 160 -18.80 2.72 74.74
C THR I 160 -18.22 3.05 76.10
N THR I 161 -18.07 2.02 76.93
CA THR I 161 -17.66 2.23 78.32
C THR I 161 -16.31 2.94 78.46
N PRO I 162 -15.23 2.51 77.80
CA PRO I 162 -13.93 3.15 78.03
C PRO I 162 -13.85 4.61 77.62
N ASP I 163 -14.71 5.07 76.72
CA ASP I 163 -14.86 6.49 76.48
C ASP I 163 -16.31 6.79 76.11
N GLU I 164 -17.14 7.08 77.11
CA GLU I 164 -18.52 7.47 76.87
C GLU I 164 -18.62 8.93 76.49
N LEU I 165 -17.64 9.74 76.89
CA LEU I 165 -17.60 11.13 76.46
C LEU I 165 -17.69 11.23 74.95
N SER I 166 -16.84 10.48 74.24
CA SER I 166 -16.80 10.58 72.79
C SER I 166 -18.10 10.12 72.16
N THR I 167 -18.63 8.97 72.60
CA THR I 167 -19.85 8.47 72.01
C THR I 167 -21.02 9.42 72.24
N ARG I 168 -21.13 9.96 73.46
CA ARG I 168 -22.20 10.92 73.73
C ARG I 168 -22.03 12.18 72.90
N VAL I 169 -20.80 12.67 72.77
CA VAL I 169 -20.57 13.86 71.97
C VAL I 169 -20.98 13.60 70.53
N ILE I 170 -20.68 12.42 70.01
CA ILE I 170 -21.13 12.06 68.67
C ILE I 170 -22.64 12.06 68.60
N ASP I 171 -23.28 11.45 69.61
CA ASP I 171 -24.73 11.40 69.66
C ASP I 171 -25.32 12.80 69.57
N LEU I 172 -24.70 13.75 70.25
CA LEU I 172 -25.19 15.12 70.29
C LEU I 172 -24.80 15.93 69.08
N LEU I 173 -23.75 15.54 68.36
CA LEU I 173 -23.27 16.27 67.20
C LEU I 173 -23.77 15.64 65.90
N ALA I 174 -23.45 14.36 65.70
CA ALA I 174 -23.84 13.67 64.47
C ALA I 174 -24.48 12.34 64.82
N PRO I 175 -25.78 12.33 65.13
CA PRO I 175 -26.48 11.06 65.33
C PRO I 175 -26.37 10.16 64.12
N ILE I 176 -26.34 8.86 64.39
CA ILE I 176 -26.15 7.87 63.35
C ILE I 176 -27.44 7.09 63.18
N GLY I 177 -27.87 6.94 61.92
CA GLY I 177 -28.90 6.00 61.54
C GLY I 177 -28.33 4.91 60.65
N ARG I 178 -29.21 3.98 60.30
CA ARG I 178 -28.84 2.83 59.50
C ARG I 178 -29.03 3.19 58.03
N GLY I 179 -28.02 2.93 57.21
CA GLY I 179 -27.95 3.48 55.88
C GLY I 179 -27.17 4.77 55.78
N GLN I 180 -26.41 5.11 56.82
CA GLN I 180 -25.68 6.37 56.90
C GLN I 180 -24.52 6.38 55.92
N ARG I 181 -24.33 7.51 55.23
CA ARG I 181 -23.11 7.78 54.45
C ARG I 181 -22.27 8.80 55.20
N GLY I 182 -21.55 8.32 56.21
CA GLY I 182 -20.82 9.24 57.07
C GLY I 182 -19.32 9.32 56.87
N LEU I 183 -18.75 10.46 57.30
CA LEU I 183 -17.34 10.77 57.12
C LEU I 183 -16.85 11.56 58.32
N ILE I 184 -15.63 11.28 58.75
CA ILE I 184 -14.96 12.05 59.79
C ILE I 184 -13.71 12.67 59.19
N VAL I 185 -13.56 13.97 59.41
CA VAL I 185 -12.56 14.79 58.75
C VAL I 185 -11.64 15.39 59.80
N ALA I 186 -10.35 15.14 59.68
CA ALA I 186 -9.41 15.53 60.71
C ALA I 186 -8.02 15.63 60.08
N PRO I 187 -7.15 16.48 60.62
CA PRO I 187 -5.74 16.42 60.27
C PRO I 187 -5.09 15.19 60.89
N PRO I 188 -3.87 14.84 60.47
CA PRO I 188 -3.19 13.70 61.08
C PRO I 188 -3.01 13.91 62.58
N LYS I 189 -3.13 12.82 63.34
CA LYS I 189 -2.97 12.87 64.79
C LYS I 189 -4.01 13.80 65.41
N ALA I 190 -5.29 13.48 65.20
CA ALA I 190 -6.38 14.29 65.70
C ALA I 190 -7.52 13.44 66.26
N GLY I 191 -7.24 12.22 66.70
CA GLY I 191 -8.26 11.35 67.25
C GLY I 191 -9.01 10.51 66.25
N LYS I 192 -8.62 10.54 64.98
CA LYS I 192 -9.35 9.81 63.95
C LYS I 192 -9.40 8.32 64.24
N THR I 193 -8.24 7.67 64.28
CA THR I 193 -8.23 6.21 64.41
C THR I 193 -8.81 5.78 65.75
N THR I 194 -8.45 6.48 66.82
CA THR I 194 -9.00 6.15 68.14
C THR I 194 -10.52 6.34 68.16
N LEU I 195 -11.00 7.42 67.55
CA LEU I 195 -12.44 7.64 67.49
C LEU I 195 -13.12 6.51 66.73
N LEU I 196 -12.55 6.08 65.60
CA LEU I 196 -13.15 4.99 64.85
C LEU I 196 -13.18 3.72 65.70
N LYS I 197 -12.13 3.48 66.48
CA LYS I 197 -12.14 2.36 67.40
C LYS I 197 -13.29 2.47 68.39
N LYS I 198 -13.50 3.67 68.94
CA LYS I 198 -14.59 3.88 69.87
C LYS I 198 -15.94 3.59 69.21
N ILE I 199 -16.12 4.04 67.98
CA ILE I 199 -17.38 3.79 67.28
C ILE I 199 -17.57 2.31 67.05
N ALA I 200 -16.51 1.61 66.64
CA ALA I 200 -16.63 0.17 66.45
C ALA I 200 -17.07 -0.50 67.73
N ASN I 201 -16.42 -0.18 68.84
CA ASN I 201 -16.79 -0.80 70.10
C ASN I 201 -18.22 -0.44 70.50
N ALA I 202 -18.60 0.83 70.33
CA ALA I 202 -19.95 1.26 70.71
C ALA I 202 -21.00 0.56 69.88
N VAL I 203 -20.73 0.35 68.59
CA VAL I 203 -21.65 -0.41 67.75
C VAL I 203 -21.74 -1.85 68.25
N LEU I 204 -20.60 -2.45 68.54
CA LEU I 204 -20.59 -3.83 68.96
C LEU I 204 -21.16 -4.02 70.35
N LYS I 205 -21.65 -2.95 70.96
CA LYS I 205 -22.32 -3.01 72.25
C LYS I 205 -23.77 -2.56 72.08
N ASN I 206 -24.01 -1.69 71.11
CA ASN I 206 -25.32 -1.11 70.87
C ASN I 206 -26.05 -1.80 69.72
N GLU I 207 -25.33 -2.29 68.73
CA GLU I 207 -25.92 -2.90 67.54
C GLU I 207 -25.21 -4.23 67.26
N PRO I 208 -25.32 -5.20 68.18
CA PRO I 208 -24.69 -6.51 67.92
C PRO I 208 -25.25 -7.23 66.72
N ASP I 209 -26.54 -7.07 66.41
CA ASP I 209 -27.16 -7.80 65.33
C ASP I 209 -26.56 -7.47 63.97
N ILE I 210 -26.01 -6.27 63.82
CA ILE I 210 -25.54 -5.80 62.52
C ILE I 210 -24.19 -6.41 62.21
N LYS I 211 -24.04 -6.88 60.97
CA LYS I 211 -22.76 -7.37 60.48
C LYS I 211 -21.81 -6.18 60.44
N VAL I 212 -20.93 -6.11 61.43
CA VAL I 212 -19.96 -5.05 61.55
C VAL I 212 -18.71 -5.47 60.79
N ILE I 213 -18.32 -4.66 59.82
CA ILE I 213 -17.13 -4.92 59.01
C ILE I 213 -16.16 -3.77 59.22
N VAL I 214 -14.91 -4.11 59.54
CA VAL I 214 -13.85 -3.14 59.74
C VAL I 214 -12.88 -3.27 58.56
N LEU I 215 -12.79 -2.23 57.76
CA LEU I 215 -11.90 -2.19 56.60
C LEU I 215 -10.82 -1.16 56.85
N LEU I 216 -9.56 -1.58 56.71
CA LEU I 216 -8.40 -0.72 56.93
C LEU I 216 -7.55 -0.74 55.66
N ILE I 217 -7.44 0.42 55.02
CA ILE I 217 -6.78 0.53 53.72
C ILE I 217 -5.52 1.37 53.87
N ASP I 218 -4.39 0.84 53.41
CA ASP I 218 -3.15 1.60 53.28
C ASP I 218 -2.63 2.07 54.63
N GLU I 219 -3.08 1.46 55.72
CA GLU I 219 -2.86 1.96 57.07
C GLU I 219 -1.85 1.09 57.83
N ARG I 220 -1.71 1.39 59.12
CA ARG I 220 -0.55 0.96 59.88
C ARG I 220 -0.73 -0.48 60.37
N PRO I 221 0.27 -1.35 60.23
CA PRO I 221 0.09 -2.75 60.64
C PRO I 221 -0.28 -2.91 62.11
N GLU I 222 0.42 -2.19 62.99
CA GLU I 222 0.09 -2.26 64.41
C GLU I 222 -1.35 -1.83 64.68
N GLU I 223 -1.89 -0.88 63.92
CA GLU I 223 -3.29 -0.53 64.08
C GLU I 223 -4.19 -1.69 63.68
N VAL I 224 -3.82 -2.39 62.60
CA VAL I 224 -4.56 -3.60 62.22
C VAL I 224 -4.58 -4.58 63.38
N THR I 225 -3.42 -4.83 63.98
CA THR I 225 -3.38 -5.77 65.09
C THR I 225 -4.25 -5.30 66.25
N ASP I 226 -4.16 -4.01 66.58
CA ASP I 226 -4.90 -3.50 67.73
C ASP I 226 -6.39 -3.62 67.50
N PHE I 227 -6.86 -3.32 66.30
CA PHE I 227 -8.30 -3.38 66.03
C PHE I 227 -8.77 -4.83 65.92
N ARG I 228 -8.00 -5.67 65.23
CA ARG I 228 -8.29 -7.09 65.21
C ARG I 228 -8.51 -7.61 66.62
N GLU I 229 -7.63 -7.25 67.54
CA GLU I 229 -7.73 -7.72 68.91
C GLU I 229 -8.86 -7.03 69.66
N SER I 230 -9.12 -5.78 69.36
CA SER I 230 -10.08 -4.97 70.09
C SER I 230 -11.45 -4.94 69.44
N VAL I 231 -11.61 -5.54 68.26
CA VAL I 231 -12.92 -5.60 67.61
C VAL I 231 -13.77 -6.72 68.15
N GLN I 232 -13.23 -7.56 69.04
CA GLN I 232 -13.93 -8.73 69.57
C GLN I 232 -14.70 -9.47 68.48
N GLY I 233 -13.99 -9.83 67.42
CA GLY I 233 -14.46 -10.80 66.46
C GLY I 233 -15.16 -10.26 65.23
N ALA I 234 -15.56 -8.99 65.21
CA ALA I 234 -16.19 -8.47 64.01
C ALA I 234 -15.18 -8.46 62.86
N GLU I 235 -15.70 -8.59 61.65
CA GLU I 235 -14.84 -8.80 60.48
C GLU I 235 -13.93 -7.61 60.30
N VAL I 236 -12.64 -7.81 60.57
CA VAL I 236 -11.61 -6.82 60.33
C VAL I 236 -10.84 -7.23 59.09
N ILE I 237 -10.95 -6.44 58.03
CA ILE I 237 -10.17 -6.61 56.81
C ILE I 237 -9.23 -5.42 56.70
N ALA I 238 -7.96 -5.69 56.43
CA ALA I 238 -6.96 -4.63 56.42
C ALA I 238 -5.97 -4.87 55.28
N SER I 239 -5.36 -3.78 54.83
CA SER I 239 -4.31 -3.85 53.81
C SER I 239 -3.38 -2.65 54.07
N THR I 240 -2.26 -2.92 54.73
CA THR I 240 -1.38 -1.87 55.21
C THR I 240 -0.78 -1.07 54.07
N PHE I 241 -0.12 0.04 54.40
CA PHE I 241 0.61 0.79 53.41
C PHE I 241 1.76 0.01 52.79
N ASP I 242 2.20 -1.06 53.43
CA ASP I 242 3.20 -1.92 52.82
C ASP I 242 2.66 -2.58 51.56
N GLU I 243 1.35 -2.63 51.42
CA GLU I 243 0.75 -3.27 50.25
C GLU I 243 0.67 -2.27 49.09
N PRO I 244 0.70 -2.74 47.85
CA PRO I 244 0.55 -1.82 46.71
C PRO I 244 -0.89 -1.37 46.57
N PRO I 245 -1.14 -0.31 45.79
CA PRO I 245 -2.53 0.16 45.64
C PRO I 245 -3.45 -0.89 45.09
N GLN I 246 -2.93 -1.78 44.24
CA GLN I 246 -3.78 -2.75 43.58
C GLN I 246 -4.40 -3.71 44.59
N ASN I 247 -3.60 -4.18 45.55
CA ASN I 247 -4.15 -5.00 46.63
C ASN I 247 -5.23 -4.25 47.37
N HIS I 248 -4.99 -2.97 47.65
CA HIS I 248 -5.96 -2.16 48.37
C HIS I 248 -7.28 -2.12 47.61
N ILE I 249 -7.23 -1.79 46.33
CA ILE I 249 -8.45 -1.68 45.53
C ILE I 249 -9.17 -3.02 45.48
N ARG I 250 -8.42 -4.08 45.23
CA ARG I 250 -9.01 -5.42 45.15
C ARG I 250 -9.75 -5.77 46.43
N VAL I 251 -9.08 -5.63 47.57
CA VAL I 251 -9.69 -6.01 48.84
C VAL I 251 -10.91 -5.13 49.11
N ALA I 252 -10.78 -3.83 48.87
CA ALA I 252 -11.89 -2.92 49.14
C ALA I 252 -13.10 -3.28 48.32
N GLU I 253 -12.90 -3.54 47.03
CA GLU I 253 -14.04 -3.83 46.16
C GLU I 253 -14.66 -5.18 46.53
N PHE I 254 -13.83 -6.15 46.89
CA PHE I 254 -14.37 -7.45 47.30
C PHE I 254 -15.23 -7.30 48.54
N VAL I 255 -14.72 -6.59 49.54
CA VAL I 255 -15.50 -6.35 50.75
C VAL I 255 -16.78 -5.61 50.41
N HIS I 256 -16.69 -4.64 49.51
CA HIS I 256 -17.85 -3.87 49.11
C HIS I 256 -18.91 -4.78 48.52
N GLU I 257 -18.51 -5.65 47.60
CA GLU I 257 -19.46 -6.53 46.95
C GLU I 257 -20.09 -7.48 47.94
N ARG I 258 -19.29 -8.02 48.86
CA ARG I 258 -19.85 -8.86 49.91
C ARG I 258 -20.91 -8.11 50.71
N ALA I 259 -20.61 -6.87 51.09
CA ALA I 259 -21.55 -6.09 51.88
C ALA I 259 -22.85 -5.86 51.10
N LYS I 260 -22.73 -5.52 49.83
CA LYS I 260 -23.95 -5.32 49.03
C LYS I 260 -24.74 -6.59 48.92
N ARG I 261 -24.06 -7.73 48.77
CA ARG I 261 -24.78 -9.01 48.70
C ARG I 261 -25.52 -9.28 50.00
N ILE I 262 -24.88 -9.01 51.13
CA ILE I 262 -25.55 -9.24 52.41
C ILE I 262 -26.75 -8.33 52.55
N VAL I 263 -26.58 -7.05 52.24
CA VAL I 263 -27.70 -6.12 52.35
C VAL I 263 -28.81 -6.48 51.39
N GLU I 264 -28.47 -7.11 50.26
CA GLU I 264 -29.50 -7.59 49.36
C GLU I 264 -30.50 -8.48 50.08
N GLU I 265 -30.03 -9.22 51.08
CA GLU I 265 -30.87 -10.12 51.86
C GLU I 265 -31.59 -9.39 52.98
N GLY I 266 -31.79 -8.08 52.85
CA GLY I 266 -32.34 -7.29 53.93
C GLY I 266 -31.41 -7.13 55.11
N GLY I 267 -30.12 -7.37 54.94
CA GLY I 267 -29.23 -7.35 56.07
C GLY I 267 -28.72 -5.95 56.39
N HIS I 268 -28.35 -5.77 57.66
CA HIS I 268 -27.79 -4.51 58.14
C HIS I 268 -26.28 -4.64 58.23
N VAL I 269 -25.57 -3.73 57.58
CA VAL I 269 -24.11 -3.74 57.56
C VAL I 269 -23.59 -2.36 57.90
N MET I 270 -22.45 -2.30 58.59
CA MET I 270 -21.59 -1.12 58.63
C MET I 270 -20.22 -1.49 58.11
N ILE I 271 -19.64 -0.61 57.29
CA ILE I 271 -18.23 -0.69 56.93
C ILE I 271 -17.52 0.50 57.55
N LEU I 272 -16.58 0.21 58.45
CA LEU I 272 -15.74 1.20 59.07
C LEU I 272 -14.45 1.26 58.28
N LEU I 273 -14.32 2.28 57.45
CA LEU I 273 -13.20 2.40 56.52
C LEU I 273 -12.27 3.51 56.97
N ASP I 274 -11.16 3.13 57.61
CA ASP I 274 -10.09 4.08 57.83
C ASP I 274 -9.45 4.40 56.49
N SER I 275 -9.10 5.67 56.30
CA SER I 275 -8.34 6.08 55.13
C SER I 275 -9.11 5.86 53.82
N ILE I 276 -10.30 6.45 53.71
CA ILE I 276 -10.95 6.51 52.40
C ILE I 276 -10.13 7.37 51.47
N THR I 277 -9.41 8.35 52.00
CA THR I 277 -8.55 9.18 51.16
C THR I 277 -7.44 8.35 50.55
N ARG I 278 -6.86 7.42 51.31
CA ARG I 278 -5.84 6.55 50.75
C ARG I 278 -6.44 5.62 49.70
N LEU I 279 -7.70 5.21 49.90
CA LEU I 279 -8.39 4.44 48.87
C LEU I 279 -8.54 5.27 47.60
N ALA I 280 -8.89 6.55 47.75
CA ALA I 280 -8.98 7.42 46.58
C ALA I 280 -7.62 7.59 45.91
N ARG I 281 -6.56 7.63 46.71
CA ARG I 281 -5.21 7.69 46.15
C ARG I 281 -4.94 6.46 45.30
N ALA I 282 -5.29 5.28 45.81
CA ALA I 282 -5.11 4.06 45.03
C ALA I 282 -5.94 4.09 43.76
N ASN I 283 -7.18 4.60 43.85
CA ASN I 283 -8.02 4.72 42.67
C ASN I 283 -7.37 5.64 41.63
N ASN I 284 -6.80 6.76 42.08
CA ASN I 284 -6.09 7.65 41.17
C ASN I 284 -4.94 6.94 40.50
N LEU I 285 -4.13 6.22 41.28
CA LEU I 285 -2.95 5.61 40.71
C LEU I 285 -3.30 4.46 39.78
N VAL I 286 -4.47 3.85 39.98
CA VAL I 286 -4.89 2.74 39.12
C VAL I 286 -5.53 3.29 37.85
N THR I 287 -5.93 4.56 37.84
CA THR I 287 -6.56 5.14 36.66
C THR I 287 -5.50 5.35 35.57
N PRO I 288 -5.59 4.64 34.44
CA PRO I 288 -4.39 4.53 33.59
C PRO I 288 -4.10 5.80 32.80
N PRO I 289 -5.11 6.50 32.19
CA PRO I 289 -4.79 7.85 31.71
C PRO I 289 -5.82 8.93 32.07
N THR I 290 -7.03 8.78 31.53
CA THR I 290 -8.12 9.75 31.62
C THR I 290 -7.80 11.08 30.92
N GLY I 291 -6.61 11.22 30.34
CA GLY I 291 -6.23 12.48 29.72
C GLY I 291 -5.73 13.51 30.71
N ARG I 292 -6.52 14.56 30.94
CA ARG I 292 -6.08 15.69 31.73
C ARG I 292 -6.05 15.35 33.22
N THR I 293 -5.22 16.08 33.97
CA THR I 293 -5.12 15.90 35.42
C THR I 293 -5.83 17.05 36.13
N LEU I 294 -6.63 16.70 37.13
CA LEU I 294 -7.29 17.71 37.94
C LEU I 294 -6.27 18.48 38.77
N SER I 295 -6.66 19.70 39.16
CA SER I 295 -5.78 20.51 39.99
C SER I 295 -5.49 19.81 41.31
N GLY I 296 -4.28 19.99 41.82
CA GLY I 296 -3.84 19.33 43.02
C GLY I 296 -3.26 17.95 42.80
N GLY I 297 -3.22 17.48 41.55
CA GLY I 297 -2.64 16.19 41.25
C GLY I 297 -3.63 15.06 41.10
N LEU I 298 -4.92 15.36 41.12
CA LEU I 298 -5.96 14.33 41.03
C LEU I 298 -6.35 14.08 39.58
N ASP I 299 -6.89 12.88 39.36
CA ASP I 299 -7.42 12.53 38.05
C ASP I 299 -8.92 12.69 37.97
N SER I 300 -9.41 13.04 36.78
CA SER I 300 -10.81 13.37 36.60
C SER I 300 -11.72 12.17 36.83
N ALA I 301 -11.37 11.00 36.28
CA ALA I 301 -12.23 9.84 36.32
C ALA I 301 -11.90 8.89 37.45
N ALA I 302 -10.75 9.08 38.10
CA ALA I 302 -10.38 8.19 39.19
C ALA I 302 -11.38 8.25 40.32
N LEU I 303 -11.87 9.44 40.66
CA LEU I 303 -12.78 9.61 41.78
C LEU I 303 -14.15 9.02 41.54
N TYR I 304 -14.48 8.63 40.31
CA TYR I 304 -15.78 8.01 40.07
C TYR I 304 -15.92 6.73 40.89
N PHE I 305 -14.87 5.93 40.94
CA PHE I 305 -14.94 4.68 41.70
C PHE I 305 -15.08 4.93 43.19
N PRO I 306 -14.25 5.78 43.82
CA PRO I 306 -14.51 6.08 45.24
C PRO I 306 -15.87 6.68 45.48
N LYS I 307 -16.35 7.52 44.57
CA LYS I 307 -17.67 8.13 44.74
C LYS I 307 -18.76 7.08 44.74
N ARG I 308 -18.75 6.19 43.76
CA ARG I 308 -19.73 5.11 43.71
C ARG I 308 -19.58 4.23 44.94
N PHE I 309 -18.34 3.92 45.29
CA PHE I 309 -18.04 3.11 46.47
C PHE I 309 -18.72 3.68 47.70
N LEU I 310 -18.56 4.98 47.94
CA LEU I 310 -19.12 5.60 49.13
C LEU I 310 -20.64 5.76 49.01
N GLY I 311 -21.12 6.16 47.84
CA GLY I 311 -22.53 6.38 47.63
C GLY I 311 -23.37 5.13 47.61
N ALA I 312 -22.74 3.96 47.56
CA ALA I 312 -23.50 2.72 47.67
C ALA I 312 -24.26 2.66 48.99
N ALA I 313 -23.65 3.13 50.08
CA ALA I 313 -24.33 3.19 51.37
C ALA I 313 -25.63 3.97 51.25
N ARG I 314 -26.70 3.40 51.80
CA ARG I 314 -28.04 3.94 51.56
C ARG I 314 -29.02 3.24 52.47
N ASN I 315 -30.15 3.91 52.71
CA ASN I 315 -31.26 3.33 53.45
C ASN I 315 -32.22 2.67 52.47
N ILE I 316 -32.65 1.47 52.79
CA ILE I 316 -33.48 0.67 51.91
C ILE I 316 -34.88 0.58 52.51
N ARG I 317 -35.89 0.89 51.70
CA ARG I 317 -37.28 0.73 52.07
C ARG I 317 -37.75 -0.71 51.94
N GLY I 318 -36.87 -1.62 51.55
CA GLY I 318 -37.21 -3.03 51.44
C GLY I 318 -36.51 -3.86 52.51
N GLY I 319 -35.87 -3.19 53.46
CA GLY I 319 -35.19 -3.88 54.54
C GLY I 319 -33.69 -3.81 54.43
N GLY I 320 -32.99 -3.90 55.56
CA GLY I 320 -31.55 -3.87 55.56
C GLY I 320 -31.01 -2.56 55.02
N SER I 321 -29.71 -2.36 55.22
CA SER I 321 -29.05 -1.19 54.67
C SER I 321 -27.55 -1.30 54.85
N LEU I 322 -26.83 -0.47 54.12
CA LEU I 322 -25.39 -0.34 54.22
C LEU I 322 -25.06 1.03 54.78
N THR I 323 -24.34 1.06 55.90
CA THR I 323 -23.88 2.28 56.52
C THR I 323 -22.36 2.29 56.47
N ILE I 324 -21.78 3.26 55.78
CA ILE I 324 -20.32 3.33 55.65
C ILE I 324 -19.85 4.56 56.38
N LEU I 325 -19.00 4.36 57.38
CA LEU I 325 -18.35 5.43 58.10
C LEU I 325 -16.88 5.38 57.76
N ALA I 326 -16.38 6.43 57.10
CA ALA I 326 -15.03 6.44 56.59
C ALA I 326 -14.31 7.65 57.13
N THR I 327 -12.98 7.58 57.12
CA THR I 327 -12.15 8.63 57.72
C THR I 327 -11.47 9.43 56.63
N ALA I 328 -11.55 10.76 56.74
CA ALA I 328 -10.99 11.68 55.77
C ALA I 328 -9.88 12.51 56.40
N LEU I 329 -8.81 12.73 55.63
CA LEU I 329 -7.67 13.52 56.06
C LEU I 329 -7.72 14.88 55.38
N VAL I 330 -7.41 15.93 56.14
CA VAL I 330 -7.41 17.30 55.62
C VAL I 330 -6.27 18.08 56.26
N GLU I 331 -6.06 19.29 55.75
CA GLU I 331 -5.03 20.18 56.28
C GLU I 331 -3.65 19.54 56.18
N THR I 332 -3.45 18.74 55.14
CA THR I 332 -2.21 18.01 54.93
C THR I 332 -1.22 18.78 54.07
N GLY I 333 -1.55 20.00 53.67
CA GLY I 333 -0.70 20.78 52.81
C GLY I 333 -0.77 20.42 51.34
N SER I 334 -1.60 19.44 50.97
CA SER I 334 -1.74 19.01 49.59
C SER I 334 -3.15 19.33 49.13
N ARG I 335 -3.25 20.03 47.98
CA ARG I 335 -4.55 20.30 47.41
C ARG I 335 -5.31 19.01 47.14
N MET I 336 -4.58 17.92 46.90
CA MET I 336 -5.21 16.62 46.63
C MET I 336 -6.13 16.20 47.78
N ASP I 337 -5.63 16.25 49.02
CA ASP I 337 -6.45 15.82 50.14
C ASP I 337 -7.68 16.69 50.30
N ASP I 338 -7.52 18.01 50.19
CA ASP I 338 -8.64 18.92 50.37
C ASP I 338 -9.68 18.72 49.27
N VAL I 339 -9.22 18.49 48.03
CA VAL I 339 -10.15 18.25 46.93
C VAL I 339 -10.93 16.97 47.16
N ILE I 340 -10.26 15.92 47.63
CA ILE I 340 -10.97 14.68 47.94
C ILE I 340 -12.00 14.93 49.02
N PHE I 341 -11.62 15.67 50.07
CA PHE I 341 -12.55 16.00 51.13
C PHE I 341 -13.79 16.69 50.57
N GLU I 342 -13.58 17.74 49.78
CA GLU I 342 -14.71 18.48 49.24
C GLU I 342 -15.57 17.61 48.35
N GLU I 343 -14.94 16.77 47.53
CA GLU I 343 -15.68 15.92 46.62
C GLU I 343 -16.56 14.91 47.35
N PHE I 344 -16.04 14.27 48.39
CA PHE I 344 -16.85 13.33 49.15
C PHE I 344 -17.90 14.02 50.00
N LYS I 345 -17.63 15.25 50.44
CA LYS I 345 -18.60 15.96 51.28
C LYS I 345 -19.93 16.13 50.56
N GLY I 346 -19.89 16.41 49.26
CA GLY I 346 -21.12 16.54 48.49
C GLY I 346 -21.88 15.25 48.32
N THR I 347 -21.27 14.11 48.65
CA THR I 347 -21.94 12.82 48.58
C THR I 347 -22.36 12.29 49.94
N GLY I 348 -21.69 12.70 51.01
CA GLY I 348 -21.99 12.19 52.32
C GLY I 348 -23.09 12.95 53.02
N ASN I 349 -23.76 12.25 53.94
CA ASN I 349 -24.80 12.83 54.77
C ASN I 349 -24.31 13.12 56.19
N MET I 350 -23.06 12.80 56.50
CA MET I 350 -22.52 13.06 57.83
C MET I 350 -21.07 13.51 57.70
N GLU I 351 -20.76 14.60 58.39
CA GLU I 351 -19.40 15.08 58.54
C GLU I 351 -19.14 15.38 60.01
N LEU I 352 -18.08 14.80 60.55
CA LEU I 352 -17.64 15.07 61.92
C LEU I 352 -16.20 15.55 61.88
N HIS I 353 -15.97 16.79 62.30
CA HIS I 353 -14.65 17.39 62.22
C HIS I 353 -13.90 17.26 63.54
N LEU I 354 -12.62 16.92 63.44
CA LEU I 354 -11.71 16.92 64.57
C LEU I 354 -10.63 17.95 64.30
N SER I 355 -10.25 18.70 65.32
CA SER I 355 -9.29 19.79 65.16
C SER I 355 -7.91 19.38 65.66
N ARG I 356 -6.88 19.73 64.87
CA ARG I 356 -5.51 19.44 65.27
C ARG I 356 -5.10 20.21 66.51
N ARG I 357 -5.50 21.47 66.61
CA ARG I 357 -5.15 22.25 67.79
C ARG I 357 -5.78 21.65 69.04
N LEU I 358 -7.02 21.14 68.90
CA LEU I 358 -7.71 20.54 70.02
C LEU I 358 -7.02 19.28 70.49
N GLU I 359 -6.43 18.54 69.55
CA GLU I 359 -5.51 17.47 69.91
C GLU I 359 -4.28 18.01 70.63
N GLU I 360 -3.68 19.08 70.09
CA GLU I 360 -2.39 19.53 70.60
C GLU I 360 -2.46 19.89 72.07
N ARG I 361 -3.63 20.28 72.56
CA ARG I 361 -3.84 20.57 73.97
C ARG I 361 -4.12 19.33 74.79
N ARG I 362 -4.21 18.16 74.15
CA ARG I 362 -4.38 16.88 74.84
C ARG I 362 -5.73 16.82 75.55
N ILE I 363 -6.76 17.39 74.92
CA ILE I 363 -8.15 17.32 75.38
C ILE I 363 -8.95 16.56 74.34
N PHE I 364 -9.62 15.52 74.81
CA PHE I 364 -10.27 14.58 73.92
C PHE I 364 -11.71 14.33 74.33
N PRO I 365 -12.59 14.00 73.37
CA PRO I 365 -12.24 13.79 71.96
C PRO I 365 -12.10 15.10 71.18
N ALA I 366 -11.02 15.26 70.42
CA ALA I 366 -10.68 16.53 69.76
C ALA I 366 -11.64 16.87 68.63
N ILE I 367 -12.91 17.09 68.95
CA ILE I 367 -13.91 17.31 67.92
C ILE I 367 -14.10 18.80 67.67
N ASP I 368 -14.27 19.17 66.40
CA ASP I 368 -14.66 20.53 66.01
C ASP I 368 -16.19 20.56 65.92
N ILE I 369 -16.80 21.08 66.98
CA ILE I 369 -18.25 20.98 67.14
C ILE I 369 -18.96 21.73 66.02
N LEU I 370 -18.53 22.96 65.73
CA LEU I 370 -19.30 23.82 64.85
C LEU I 370 -19.39 23.24 63.44
N LYS I 371 -18.27 22.71 62.92
CA LYS I 371 -18.25 22.19 61.56
C LYS I 371 -18.98 20.86 61.44
N SER I 372 -19.15 20.14 62.55
CA SER I 372 -19.72 18.81 62.50
C SER I 372 -21.23 18.86 62.56
N GLY I 373 -21.85 17.83 62.02
CA GLY I 373 -23.30 17.74 61.95
C GLY I 373 -23.70 16.77 60.87
N THR I 374 -24.99 16.43 60.88
CA THR I 374 -25.58 15.53 59.90
C THR I 374 -26.63 16.28 59.10
N ARG I 375 -27.30 15.55 58.22
CA ARG I 375 -28.37 16.09 57.39
C ARG I 375 -29.64 15.29 57.65
N ARG I 376 -30.74 16.00 57.91
CA ARG I 376 -32.03 15.38 58.25
C ARG I 376 -32.00 14.75 59.64
N GLU I 377 -31.49 15.51 60.62
CA GLU I 377 -31.54 15.03 62.00
C GLU I 377 -32.97 14.77 62.45
N GLU I 378 -33.94 15.46 61.86
CA GLU I 378 -35.33 15.25 62.25
C GLU I 378 -35.74 13.79 62.04
N LEU I 379 -35.09 13.08 61.12
CA LEU I 379 -35.44 11.70 60.84
C LEU I 379 -34.81 10.71 61.82
N LEU I 380 -33.78 11.12 62.56
CA LEU I 380 -33.12 10.25 63.52
C LEU I 380 -33.35 10.66 64.97
N LEU I 381 -33.95 11.82 65.21
CA LEU I 381 -34.12 12.33 66.57
C LEU I 381 -35.58 12.72 66.80
N GLY I 382 -36.01 12.61 68.05
CA GLY I 382 -37.27 13.20 68.44
C GLY I 382 -37.20 14.72 68.49
N GLU I 383 -38.37 15.33 68.60
CA GLU I 383 -38.41 16.79 68.63
C GLU I 383 -37.73 17.35 69.87
N GLU I 384 -37.89 16.68 71.01
CA GLU I 384 -37.21 17.15 72.23
C GLU I 384 -35.70 17.12 72.03
N VAL I 385 -35.17 16.02 71.52
CA VAL I 385 -33.74 15.91 71.29
C VAL I 385 -33.31 16.91 70.21
N THR I 386 -34.12 17.09 69.18
CA THR I 386 -33.79 18.03 68.11
C THR I 386 -33.67 19.45 68.65
N HIS I 387 -34.63 19.87 69.48
CA HIS I 387 -34.59 21.22 70.03
C HIS I 387 -33.49 21.37 71.06
N LYS I 388 -33.23 20.32 71.84
CA LYS I 388 -32.08 20.34 72.73
C LYS I 388 -30.79 20.58 71.95
N MET I 389 -30.62 19.84 70.84
CA MET I 389 -29.43 20.00 70.03
C MET I 389 -29.38 21.39 69.42
N TRP I 390 -30.52 21.93 69.00
CA TRP I 390 -30.56 23.26 68.43
C TRP I 390 -30.13 24.30 69.48
N LEU I 391 -30.66 24.16 70.70
CA LEU I 391 -30.27 25.05 71.79
C LEU I 391 -28.77 24.96 72.05
N LEU I 392 -28.24 23.74 72.11
CA LEU I 392 -26.83 23.55 72.42
C LEU I 392 -25.94 24.16 71.34
N ARG I 393 -26.30 23.95 70.06
CA ARG I 393 -25.51 24.55 68.98
C ARG I 393 -25.60 26.06 69.00
N LYS I 394 -26.78 26.61 69.29
CA LYS I 394 -26.88 28.06 69.44
C LYS I 394 -25.93 28.56 70.53
N VAL I 395 -25.87 27.84 71.65
CA VAL I 395 -24.97 28.24 72.74
C VAL I 395 -23.51 28.12 72.32
N LEU I 396 -23.18 27.08 71.54
CA LEU I 396 -21.79 26.78 71.21
C LEU I 396 -21.29 27.47 69.95
N ALA I 397 -22.20 28.03 69.13
CA ALA I 397 -21.77 28.59 67.86
C ALA I 397 -20.81 29.75 68.06
N ASP I 398 -21.02 30.54 69.12
CA ASP I 398 -20.34 31.80 69.28
C ASP I 398 -18.94 31.68 69.87
N MET I 399 -18.57 30.52 70.41
CA MET I 399 -17.39 30.46 71.27
C MET I 399 -16.43 29.36 70.80
N ASP I 400 -15.17 29.49 71.20
CA ASP I 400 -14.05 28.92 70.45
C ASP I 400 -14.00 27.39 70.50
N PRO I 401 -13.32 26.76 69.51
CA PRO I 401 -13.26 25.29 69.44
C PRO I 401 -12.70 24.60 70.67
N ALA I 402 -11.47 24.93 71.06
CA ALA I 402 -10.86 24.26 72.22
C ALA I 402 -11.65 24.58 73.48
N GLU I 403 -11.98 25.84 73.67
CA GLU I 403 -12.80 26.23 74.81
C GLU I 403 -14.15 25.52 74.77
N ALA I 404 -14.79 25.49 73.59
CA ALA I 404 -16.08 24.82 73.45
C ALA I 404 -15.99 23.35 73.81
N MET I 405 -14.95 22.68 73.33
CA MET I 405 -14.88 21.24 73.56
C MET I 405 -14.59 20.95 75.02
N GLU I 406 -13.68 21.71 75.62
CA GLU I 406 -13.36 21.50 77.04
C GLU I 406 -14.59 21.75 77.89
N MET I 407 -15.31 22.83 77.61
CA MET I 407 -16.51 23.16 78.36
C MET I 407 -17.56 22.07 78.22
N LEU I 408 -17.76 21.59 76.98
CA LEU I 408 -18.72 20.52 76.76
C LEU I 408 -18.31 19.25 77.48
N LEU I 409 -17.02 18.93 77.46
CA LEU I 409 -16.52 17.76 78.16
C LEU I 409 -16.78 17.88 79.66
N ALA I 410 -16.54 19.07 80.22
CA ALA I 410 -16.81 19.30 81.63
C ALA I 410 -18.28 19.10 81.94
N ARG I 411 -19.16 19.62 81.10
CA ARG I 411 -20.60 19.46 81.35
C ARG I 411 -21.02 18.00 81.20
N LEU I 412 -20.55 17.32 80.16
CA LEU I 412 -20.93 15.95 79.87
C LEU I 412 -20.23 14.94 80.76
N ALA I 413 -19.09 15.30 81.35
CA ALA I 413 -18.45 14.40 82.30
C ALA I 413 -19.32 14.17 83.52
N ARG I 414 -20.20 15.13 83.84
CA ARG I 414 -21.03 15.01 85.03
C ARG I 414 -21.97 13.82 84.93
N THR I 415 -22.74 13.73 83.85
CA THR I 415 -23.80 12.74 83.75
C THR I 415 -23.94 12.29 82.30
N LYS I 416 -24.65 11.18 82.14
CA LYS I 416 -25.02 10.72 80.80
C LYS I 416 -25.86 11.79 80.12
N ASN I 417 -25.90 11.74 78.80
CA ASN I 417 -26.56 12.79 78.01
C ASN I 417 -27.96 13.13 78.49
N ASN I 418 -28.78 12.12 78.78
CA ASN I 418 -30.17 12.40 79.12
C ASN I 418 -30.27 13.22 80.41
N LYS I 419 -29.38 12.96 81.37
CA LYS I 419 -29.38 13.75 82.60
C LYS I 419 -28.77 15.13 82.38
N GLU I 420 -27.69 15.23 81.61
CA GLU I 420 -27.14 16.55 81.30
C GLU I 420 -28.18 17.40 80.60
N PHE I 421 -29.09 16.76 79.86
CA PHE I 421 -30.30 17.45 79.40
C PHE I 421 -31.16 17.89 80.58
N LEU I 422 -31.31 17.03 81.58
CA LEU I 422 -32.13 17.34 82.74
C LEU I 422 -31.32 18.14 83.76
N ARG J 62 40.54 -24.00 53.61
CA ARG J 62 40.43 -22.55 53.43
C ARG J 62 39.00 -22.09 53.73
N LEU J 63 38.88 -21.10 54.61
CA LEU J 63 37.60 -20.61 55.10
C LEU J 63 37.26 -19.29 54.42
N VAL J 64 35.98 -19.11 54.10
CA VAL J 64 35.47 -17.88 53.52
C VAL J 64 34.19 -17.49 54.25
N LYS J 65 33.84 -16.21 54.12
CA LYS J 65 32.68 -15.68 54.82
C LYS J 65 32.10 -14.54 54.00
N GLY J 66 30.83 -14.24 54.24
CA GLY J 66 30.18 -13.16 53.55
C GLY J 66 28.70 -13.15 53.85
N TYR J 67 28.00 -12.31 53.09
CA TYR J 67 26.54 -12.23 53.20
C TYR J 67 25.96 -12.63 51.85
N LEU J 68 24.92 -13.45 51.88
CA LEU J 68 24.41 -14.06 50.66
C LEU J 68 23.66 -13.07 49.79
N GLU J 69 24.01 -13.05 48.51
CA GLU J 69 23.29 -12.36 47.45
C GLU J 69 22.84 -13.44 46.46
N ILE J 70 21.55 -13.77 46.48
CA ILE J 70 21.04 -14.80 45.58
C ILE J 70 20.82 -14.19 44.20
N SER J 71 21.43 -14.79 43.19
CA SER J 71 21.21 -14.31 41.84
C SER J 71 19.88 -14.83 41.32
N GLN J 72 19.42 -14.25 40.21
CA GLN J 72 18.19 -14.71 39.58
C GLN J 72 18.27 -16.18 39.22
N ASP J 73 19.48 -16.72 39.06
CA ASP J 73 19.70 -18.05 38.53
C ASP J 73 19.65 -19.14 39.59
N GLY J 74 19.34 -18.79 40.84
CA GLY J 74 19.25 -19.78 41.90
C GLY J 74 20.55 -20.04 42.63
N TYR J 75 21.68 -19.55 42.12
CA TYR J 75 22.94 -19.59 42.83
C TYR J 75 23.23 -18.20 43.37
N GLY J 76 24.13 -18.13 44.35
CA GLY J 76 24.38 -16.88 45.05
C GLY J 76 25.87 -16.60 45.15
N PHE J 77 26.17 -15.41 45.68
CA PHE J 77 27.53 -15.03 45.97
C PHE J 77 27.63 -14.50 47.40
N LEU J 78 28.80 -14.73 48.00
CA LEU J 78 29.12 -14.18 49.31
C LEU J 78 29.90 -12.88 49.11
N THR J 79 29.44 -11.82 49.76
CA THR J 79 29.98 -10.49 49.53
C THR J 79 30.86 -10.04 50.70
N GLU J 80 31.49 -8.89 50.53
CA GLU J 80 32.27 -8.24 51.57
C GLU J 80 31.51 -7.03 52.11
N ASN J 81 32.15 -6.30 53.02
CA ASN J 81 31.55 -5.13 53.63
C ASN J 81 31.20 -4.05 52.61
N LEU J 82 31.91 -3.98 51.49
CA LEU J 82 31.60 -2.98 50.48
C LEU J 82 30.25 -3.21 49.84
N HIS J 83 29.63 -4.37 50.06
CA HIS J 83 28.29 -4.66 49.56
C HIS J 83 28.20 -4.40 48.06
N ASN J 84 29.10 -5.04 47.33
CA ASN J 84 29.07 -4.99 45.88
C ASN J 84 29.74 -6.25 45.36
N LEU J 85 29.47 -6.58 44.10
CA LEU J 85 30.18 -7.69 43.49
C LEU J 85 31.67 -7.45 43.62
N GLU J 86 32.36 -8.41 44.22
CA GLU J 86 33.79 -8.28 44.48
C GLU J 86 34.47 -9.53 43.92
N SER J 87 35.73 -9.36 43.52
CA SER J 87 36.46 -10.48 42.95
C SER J 87 36.56 -11.65 43.91
N ARG J 88 36.55 -11.38 45.22
CA ARG J 88 36.74 -12.41 46.23
C ARG J 88 35.42 -13.04 46.67
N VAL J 89 34.30 -12.65 46.05
CA VAL J 89 33.03 -13.28 46.40
C VAL J 89 33.12 -14.78 46.11
N ALA J 90 32.35 -15.56 46.87
CA ALA J 90 32.34 -17.01 46.75
C ALA J 90 31.04 -17.47 46.13
N ILE J 91 31.14 -18.38 45.15
CA ILE J 91 29.98 -18.97 44.50
C ILE J 91 29.26 -19.90 45.48
N VAL J 92 27.94 -19.94 45.39
CA VAL J 92 27.12 -20.86 46.18
C VAL J 92 26.11 -21.50 45.23
N SER J 93 26.16 -22.83 45.13
CA SER J 93 25.22 -23.56 44.30
C SER J 93 23.81 -23.48 44.86
N ALA J 94 22.84 -23.45 43.95
CA ALA J 94 21.44 -23.46 44.38
C ALA J 94 21.15 -24.67 45.25
N GLY J 95 21.85 -25.78 45.01
CA GLY J 95 21.59 -26.96 45.83
C GLY J 95 21.76 -26.67 47.30
N LEU J 96 22.94 -26.12 47.67
CA LEU J 96 23.20 -25.75 49.06
C LEU J 96 22.11 -24.85 49.60
N ILE J 97 21.71 -23.84 48.84
CA ILE J 97 20.67 -22.93 49.28
C ILE J 97 19.42 -23.72 49.61
N LYS J 98 19.13 -24.75 48.82
CA LYS J 98 17.94 -25.55 49.03
C LYS J 98 18.04 -26.42 50.28
N GLN J 99 19.23 -26.98 50.55
CA GLN J 99 19.36 -27.76 51.78
C GLN J 99 19.19 -26.86 52.99
N TYR J 100 19.88 -25.73 53.01
CA TYR J 100 19.90 -24.84 54.17
C TYR J 100 18.76 -23.82 54.15
N ALA J 101 17.88 -23.89 53.14
CA ALA J 101 16.72 -23.00 53.07
C ALA J 101 17.17 -21.55 53.21
N LEU J 102 18.38 -21.31 52.72
CA LEU J 102 19.09 -20.07 52.99
C LEU J 102 18.53 -18.92 52.15
N ARG J 103 18.87 -17.70 52.55
CA ARG J 103 18.26 -16.53 51.93
C ARG J 103 19.29 -15.41 51.76
N ALA J 104 18.97 -14.51 50.84
CA ALA J 104 19.83 -13.37 50.58
C ALA J 104 20.00 -12.54 51.83
N GLY J 105 21.22 -12.05 52.03
CA GLY J 105 21.56 -11.26 53.19
C GLY J 105 21.95 -12.08 54.39
N ASP J 106 21.62 -13.37 54.40
CA ASP J 106 22.08 -14.25 55.45
C ASP J 106 23.60 -14.29 55.43
N TYR J 107 24.19 -14.17 56.61
CA TYR J 107 25.62 -14.26 56.76
C TYR J 107 26.05 -15.72 56.75
N VAL J 108 26.92 -16.08 55.83
CA VAL J 108 27.39 -17.46 55.66
C VAL J 108 28.88 -17.51 55.89
N VAL J 109 29.32 -18.46 56.70
CA VAL J 109 30.72 -18.80 56.87
C VAL J 109 30.89 -20.27 56.54
N GLY J 110 31.92 -20.61 55.79
CA GLY J 110 32.15 -22.00 55.47
C GLY J 110 33.49 -22.19 54.81
N GLN J 111 33.99 -23.41 54.92
CA GLN J 111 35.23 -23.75 54.26
C GLN J 111 35.03 -23.72 52.75
N ALA J 112 36.02 -23.18 52.04
CA ALA J 112 35.98 -23.09 50.59
C ALA J 112 37.27 -23.64 50.02
N ARG J 113 37.30 -23.75 48.70
CA ARG J 113 38.46 -24.20 47.97
C ARG J 113 38.81 -23.19 46.89
N PRO J 114 40.07 -23.14 46.47
CA PRO J 114 40.41 -22.29 45.33
C PRO J 114 39.63 -22.70 44.10
N PRO J 115 39.21 -21.75 43.27
CA PRO J 115 38.43 -22.11 42.08
C PRO J 115 39.24 -23.01 41.16
N ARG J 116 38.57 -23.99 40.57
CA ARG J 116 39.24 -24.87 39.63
C ARG J 116 39.61 -24.10 38.36
N GLU J 117 40.28 -24.80 37.45
CA GLU J 117 40.54 -24.23 36.13
C GLU J 117 39.22 -23.89 35.46
N ASN J 118 39.16 -22.70 34.86
CA ASN J 118 37.99 -22.12 34.19
C ASN J 118 36.99 -21.55 35.19
N GLU J 119 37.24 -21.64 36.50
CA GLU J 119 36.38 -21.01 37.50
C GLU J 119 36.96 -19.67 37.88
N ARG J 120 36.12 -18.62 37.82
CA ARG J 120 36.55 -17.28 38.17
C ARG J 120 36.37 -16.96 39.65
N TYR J 121 35.61 -17.77 40.38
CA TYR J 121 35.29 -17.50 41.76
C TYR J 121 35.41 -18.78 42.57
N ALA J 122 35.95 -18.67 43.77
CA ALA J 122 36.06 -19.83 44.64
C ALA J 122 34.68 -20.38 44.94
N THR J 123 34.62 -21.69 45.22
CA THR J 123 33.37 -22.36 45.50
C THR J 123 33.36 -22.85 46.94
N LEU J 124 32.30 -22.50 47.66
CA LEU J 124 32.14 -22.94 49.05
C LEU J 124 31.95 -24.44 49.06
N LEU J 125 33.01 -25.16 49.44
CA LEU J 125 32.95 -26.60 49.51
C LEU J 125 31.88 -27.04 50.51
N LYS J 126 31.82 -26.38 51.66
CA LYS J 126 30.89 -26.75 52.71
C LYS J 126 30.43 -25.52 53.46
N VAL J 127 29.19 -25.57 53.96
CA VAL J 127 28.67 -24.52 54.82
C VAL J 127 28.91 -24.91 56.27
N GLU J 128 29.50 -23.99 57.03
CA GLU J 128 29.81 -24.22 58.44
C GLU J 128 28.84 -23.53 59.38
N ALA J 129 28.66 -22.22 59.22
CA ALA J 129 27.73 -21.46 60.05
C ALA J 129 26.95 -20.50 59.19
N VAL J 130 25.66 -20.39 59.47
CA VAL J 130 24.79 -19.41 58.83
C VAL J 130 24.33 -18.43 59.90
N ASN J 131 24.61 -17.15 59.68
CA ASN J 131 24.26 -16.10 60.63
C ASN J 131 24.84 -16.38 62.01
N ASN J 132 26.07 -16.91 62.04
CA ASN J 132 26.82 -17.19 63.26
C ASN J 132 26.28 -18.39 64.02
N LEU J 133 25.39 -19.18 63.44
CA LEU J 133 24.84 -20.35 64.10
C LEU J 133 24.85 -21.52 63.13
N ASP J 134 24.64 -22.72 63.69
CA ASP J 134 24.66 -23.92 62.87
C ASP J 134 23.50 -23.89 61.87
N PRO J 135 23.69 -24.46 60.68
CA PRO J 135 22.66 -24.32 59.64
C PRO J 135 21.34 -25.00 59.97
N GLU J 136 21.30 -25.93 60.93
CA GLU J 136 20.07 -26.70 61.15
C GLU J 136 18.88 -25.79 61.40
N ALA J 137 19.00 -24.83 62.32
CA ALA J 137 17.87 -23.97 62.63
C ALA J 137 17.40 -23.19 61.41
N ALA J 138 18.27 -23.00 60.42
CA ALA J 138 17.86 -22.30 59.20
C ALA J 138 16.72 -23.04 58.52
N LYS J 139 16.74 -24.37 58.52
CA LYS J 139 15.65 -25.13 57.92
C LYS J 139 14.34 -24.89 58.65
N ASN J 140 14.38 -24.89 59.98
CA ASN J 140 13.19 -24.76 60.82
C ASN J 140 13.27 -23.45 61.61
N ARG J 141 12.49 -22.46 61.16
CA ARG J 141 12.44 -21.18 61.82
C ARG J 141 11.28 -20.38 61.25
N PRO J 142 10.59 -19.58 62.07
CA PRO J 142 9.53 -18.72 61.52
C PRO J 142 10.12 -17.68 60.59
N ARG J 143 9.31 -17.23 59.64
CA ARG J 143 9.85 -16.39 58.58
C ARG J 143 9.65 -14.92 58.94
N PHE J 144 10.63 -14.10 58.58
CA PHE J 144 10.61 -12.70 59.00
C PHE J 144 9.30 -12.02 58.66
N ASP J 145 8.87 -12.12 57.40
CA ASP J 145 7.63 -11.48 57.00
C ASP J 145 6.43 -12.06 57.73
N GLU J 146 6.56 -13.27 58.28
CA GLU J 146 5.51 -13.87 59.09
C GLU J 146 5.57 -13.42 60.54
N LEU J 147 6.64 -12.73 60.95
CA LEU J 147 6.76 -12.28 62.33
C LEU J 147 5.69 -11.24 62.65
N THR J 148 5.19 -11.27 63.88
CA THR J 148 4.10 -10.38 64.28
C THR J 148 4.62 -8.97 64.49
N PRO J 149 4.11 -7.97 63.77
CA PRO J 149 4.52 -6.59 64.02
C PRO J 149 3.71 -5.96 65.14
N GLN J 150 4.44 -5.45 66.13
CA GLN J 150 3.83 -4.85 67.31
C GLN J 150 4.63 -3.63 67.73
N PHE J 151 4.24 -3.03 68.83
CA PHE J 151 4.93 -1.84 69.32
C PHE J 151 6.24 -2.21 69.99
N PRO J 152 7.19 -1.27 70.01
CA PRO J 152 8.33 -1.42 70.91
C PRO J 152 7.84 -1.31 72.34
N ASP J 153 8.05 -2.38 73.10
CA ASP J 153 7.58 -2.48 74.47
C ASP J 153 8.72 -2.46 75.48
N ARG J 154 9.93 -2.16 75.04
CA ARG J 154 11.13 -2.20 75.86
C ARG J 154 12.02 -1.02 75.51
N GLN J 155 12.20 -0.12 76.48
CA GLN J 155 12.89 1.15 76.30
C GLN J 155 14.39 0.93 76.11
N ILE J 156 15.02 1.91 75.48
CA ILE J 156 16.47 2.04 75.47
C ILE J 156 16.80 3.41 76.01
N ARG J 157 17.43 3.46 77.17
CA ARG J 157 17.87 4.73 77.71
C ARG J 157 19.09 5.22 76.93
N LEU J 158 19.13 6.53 76.73
CA LEU J 158 20.19 7.17 75.95
C LEU J 158 21.11 7.93 76.89
N GLU J 159 22.40 7.66 76.80
CA GLU J 159 23.40 8.45 77.51
C GLU J 159 24.73 8.33 76.79
N THR J 160 25.31 9.49 76.47
CA THR J 160 26.63 9.55 75.86
C THR J 160 27.43 10.62 76.60
N THR J 161 28.64 10.27 77.02
CA THR J 161 29.44 11.17 77.85
C THR J 161 29.73 12.51 77.20
N PRO J 162 30.24 12.60 75.96
CA PRO J 162 30.61 13.91 75.40
C PRO J 162 29.46 14.87 75.23
N ASP J 163 28.24 14.39 75.03
CA ASP J 163 27.07 15.24 75.06
C ASP J 163 25.89 14.46 75.64
N GLU J 164 25.72 14.52 76.95
CA GLU J 164 24.58 13.88 77.59
C GLU J 164 23.32 14.70 77.39
N LEU J 165 23.46 15.98 77.04
CA LEU J 165 22.30 16.84 76.88
C LEU J 165 21.47 16.45 75.67
N SER J 166 22.14 16.01 74.59
CA SER J 166 21.41 15.65 73.38
C SER J 166 20.59 14.38 73.59
N THR J 167 21.26 13.29 73.99
CA THR J 167 20.54 12.08 74.36
C THR J 167 19.50 12.38 75.42
N ARG J 168 19.80 13.34 76.28
CA ARG J 168 18.90 13.71 77.36
C ARG J 168 17.60 14.25 76.82
N VAL J 169 17.69 15.23 75.93
CA VAL J 169 16.49 15.86 75.38
C VAL J 169 15.76 14.87 74.49
N ILE J 170 16.50 13.94 73.87
CA ILE J 170 15.83 12.88 73.12
C ILE J 170 14.98 12.05 74.07
N ASP J 171 15.56 11.60 75.18
CA ASP J 171 14.80 10.79 76.13
C ASP J 171 13.63 11.56 76.72
N LEU J 172 13.81 12.85 77.00
CA LEU J 172 12.74 13.64 77.56
C LEU J 172 11.71 14.08 76.52
N LEU J 173 12.02 13.93 75.24
CA LEU J 173 11.13 14.26 74.13
C LEU J 173 10.73 13.02 73.34
N ALA J 174 11.72 12.26 72.86
CA ALA J 174 11.48 11.07 72.03
C ALA J 174 12.30 9.89 72.56
N PRO J 175 11.76 9.13 73.52
CA PRO J 175 12.44 7.90 73.95
C PRO J 175 12.35 6.77 72.93
N ILE J 176 13.36 5.90 72.97
CA ILE J 176 13.58 4.88 71.93
C ILE J 176 13.41 3.49 72.53
N GLY J 177 12.46 2.73 71.96
CA GLY J 177 12.32 1.33 72.25
C GLY J 177 13.03 0.49 71.20
N ARG J 178 12.95 -0.82 71.38
CA ARG J 178 13.56 -1.77 70.45
C ARG J 178 12.51 -2.19 69.44
N GLY J 179 12.89 -2.20 68.16
CA GLY J 179 11.93 -2.32 67.09
C GLY J 179 11.37 -1.00 66.60
N GLN J 180 12.07 0.11 66.84
CA GLN J 180 11.50 1.45 66.65
C GLN J 180 11.55 1.84 65.18
N ARG J 181 10.45 2.37 64.65
CA ARG J 181 10.40 2.91 63.29
C ARG J 181 10.49 4.43 63.39
N GLY J 182 11.72 4.94 63.40
CA GLY J 182 11.94 6.33 63.77
C GLY J 182 12.43 7.28 62.68
N LEU J 183 12.31 8.59 62.93
CA LEU J 183 12.79 9.61 62.00
C LEU J 183 13.11 10.90 62.74
N ILE J 184 14.22 11.54 62.35
CA ILE J 184 14.59 12.87 62.83
C ILE J 184 14.53 13.81 61.63
N VAL J 185 13.83 14.93 61.80
CA VAL J 185 13.49 15.82 60.71
C VAL J 185 14.12 17.18 60.98
N ALA J 186 14.94 17.64 60.04
CA ALA J 186 15.67 18.89 60.21
C ALA J 186 16.07 19.41 58.84
N PRO J 187 16.24 20.72 58.70
CA PRO J 187 16.82 21.26 57.46
C PRO J 187 18.31 20.99 57.41
N PRO J 188 18.97 21.37 56.31
CA PRO J 188 20.43 21.20 56.23
C PRO J 188 21.14 21.96 57.33
N LYS J 189 22.20 21.37 57.88
CA LYS J 189 23.02 22.05 58.89
C LYS J 189 22.21 22.38 60.14
N ALA J 190 21.70 21.33 60.81
CA ALA J 190 20.85 21.50 61.98
C ALA J 190 21.14 20.48 63.07
N GLY J 191 22.35 19.95 63.13
CA GLY J 191 22.68 18.96 64.14
C GLY J 191 22.12 17.58 63.86
N LYS J 192 21.55 17.38 62.67
CA LYS J 192 20.93 16.11 62.33
C LYS J 192 21.96 14.99 62.28
N THR J 193 23.00 15.17 61.45
CA THR J 193 24.02 14.14 61.34
C THR J 193 24.82 14.02 62.64
N THR J 194 25.14 15.14 63.27
CA THR J 194 25.80 15.08 64.57
C THR J 194 24.91 14.38 65.58
N LEU J 195 23.61 14.64 65.53
CA LEU J 195 22.68 13.95 66.42
C LEU J 195 22.71 12.46 66.18
N LEU J 196 22.73 12.05 64.91
CA LEU J 196 22.81 10.62 64.61
C LEU J 196 24.10 10.02 65.16
N LYS J 197 25.21 10.76 65.05
CA LYS J 197 26.45 10.31 65.66
C LYS J 197 26.28 10.11 67.16
N LYS J 198 25.62 11.05 67.82
CA LYS J 198 25.40 10.93 69.26
C LYS J 198 24.56 9.69 69.59
N ILE J 199 23.51 9.45 68.81
CA ILE J 199 22.69 8.26 69.05
C ILE J 199 23.52 7.00 68.84
N ALA J 200 24.35 6.99 67.80
CA ALA J 200 25.20 5.82 67.56
C ALA J 200 26.09 5.57 68.77
N ASN J 201 26.78 6.59 69.24
CA ASN J 201 27.69 6.40 70.36
C ASN J 201 26.93 5.99 71.62
N ALA J 202 25.79 6.64 71.88
CA ALA J 202 25.01 6.33 73.07
C ALA J 202 24.47 4.90 73.03
N VAL J 203 24.10 4.42 71.83
CA VAL J 203 23.73 3.02 71.68
C VAL J 203 24.93 2.13 71.98
N LEU J 204 26.09 2.50 71.47
CA LEU J 204 27.27 1.67 71.67
C LEU J 204 27.77 1.72 73.09
N LYS J 205 27.08 2.43 73.97
CA LYS J 205 27.44 2.49 75.39
C LYS J 205 26.31 1.91 76.22
N ASN J 206 25.08 2.09 75.76
CA ASN J 206 23.90 1.64 76.48
C ASN J 206 23.46 0.25 76.06
N GLU J 207 23.61 -0.11 74.79
CA GLU J 207 23.12 -1.38 74.27
C GLU J 207 24.22 -2.01 73.42
N PRO J 208 25.36 -2.37 74.03
CA PRO J 208 26.42 -3.04 73.27
C PRO J 208 26.02 -4.38 72.70
N ASP J 209 25.06 -5.08 73.32
CA ASP J 209 24.63 -6.39 72.84
C ASP J 209 23.95 -6.33 71.48
N ILE J 210 23.28 -5.24 71.17
CA ILE J 210 22.50 -5.15 69.94
C ILE J 210 23.41 -4.89 68.75
N LYS J 211 23.12 -5.58 67.65
CA LYS J 211 23.87 -5.39 66.42
C LYS J 211 23.56 -4.00 65.88
N VAL J 212 24.49 -3.09 66.07
CA VAL J 212 24.38 -1.71 65.62
C VAL J 212 24.92 -1.63 64.21
N ILE J 213 24.06 -1.26 63.27
CA ILE J 213 24.45 -1.04 61.89
C ILE J 213 24.15 0.40 61.53
N VAL J 214 25.13 1.07 60.94
CA VAL J 214 24.99 2.45 60.48
C VAL J 214 25.00 2.43 58.96
N LEU J 215 24.05 3.12 58.35
CA LEU J 215 23.97 3.22 56.89
C LEU J 215 24.05 4.68 56.49
N LEU J 216 24.96 4.98 55.56
CA LEU J 216 25.17 6.34 55.06
C LEU J 216 24.96 6.33 53.54
N ILE J 217 23.95 7.06 53.08
CA ILE J 217 23.55 7.04 51.68
C ILE J 217 23.69 8.45 51.10
N ASP J 218 24.35 8.56 49.95
CA ASP J 218 24.40 9.80 49.17
C ASP J 218 24.98 10.95 49.97
N GLU J 219 25.77 10.68 51.00
CA GLU J 219 26.21 11.68 51.96
C GLU J 219 27.72 11.92 51.85
N ARG J 220 28.22 12.70 52.79
CA ARG J 220 29.49 13.38 52.61
C ARG J 220 30.63 12.45 53.05
N PRO J 221 31.71 12.35 52.25
CA PRO J 221 32.75 11.35 52.57
C PRO J 221 33.37 11.53 53.94
N GLU J 222 33.66 12.78 54.32
CA GLU J 222 34.23 13.03 55.63
C GLU J 222 33.36 12.45 56.74
N GLU J 223 32.04 12.53 56.59
CA GLU J 223 31.15 11.97 57.59
C GLU J 223 31.37 10.47 57.67
N VAL J 224 31.52 9.84 56.51
CA VAL J 224 31.83 8.42 56.44
C VAL J 224 33.05 8.12 57.31
N THR J 225 34.17 8.77 57.01
CA THR J 225 35.41 8.47 57.73
C THR J 225 35.30 8.79 59.21
N ASP J 226 34.70 9.93 59.54
CA ASP J 226 34.55 10.32 60.93
C ASP J 226 33.72 9.31 61.69
N PHE J 227 32.77 8.68 61.01
CA PHE J 227 31.98 7.65 61.67
C PHE J 227 32.74 6.34 61.73
N ARG J 228 33.62 6.09 60.76
CA ARG J 228 34.42 4.86 60.84
C ARG J 228 35.30 4.91 62.06
N GLU J 229 35.92 6.07 62.29
CA GLU J 229 36.74 6.26 63.48
C GLU J 229 35.91 6.43 64.75
N SER J 230 34.72 7.03 64.66
CA SER J 230 33.92 7.35 65.84
C SER J 230 32.87 6.29 66.15
N VAL J 231 32.69 5.28 65.29
CA VAL J 231 31.75 4.20 65.59
C VAL J 231 32.42 3.07 66.36
N GLN J 232 33.74 3.05 66.42
CA GLN J 232 34.49 2.03 67.16
C GLN J 232 34.18 0.63 66.63
N GLY J 233 34.30 0.47 65.32
CA GLY J 233 34.28 -0.84 64.70
C GLY J 233 32.93 -1.41 64.35
N ALA J 234 31.84 -0.77 64.76
CA ALA J 234 30.52 -1.31 64.42
C ALA J 234 30.33 -1.28 62.91
N GLU J 235 29.62 -2.30 62.41
CA GLU J 235 29.40 -2.44 60.97
C GLU J 235 28.70 -1.20 60.46
N VAL J 236 29.40 -0.41 59.66
CA VAL J 236 28.79 0.72 58.97
C VAL J 236 28.95 0.47 57.48
N ILE J 237 27.87 0.64 56.73
CA ILE J 237 27.89 0.54 55.28
C ILE J 237 27.53 1.91 54.73
N ALA J 238 28.40 2.46 53.89
CA ALA J 238 28.27 3.85 53.46
C ALA J 238 28.39 3.93 51.95
N SER J 239 27.73 4.93 51.38
CA SER J 239 27.79 5.18 49.93
C SER J 239 27.59 6.68 49.74
N THR J 240 28.70 7.39 49.50
CA THR J 240 28.68 8.83 49.43
C THR J 240 27.87 9.31 48.22
N PHE J 241 27.70 10.61 48.10
CA PHE J 241 26.97 11.18 46.97
C PHE J 241 27.71 11.05 45.64
N ASP J 242 28.99 10.69 45.67
CA ASP J 242 29.70 10.46 44.42
C ASP J 242 29.19 9.22 43.69
N GLU J 243 28.58 8.29 44.42
CA GLU J 243 28.09 7.07 43.78
C GLU J 243 26.75 7.32 43.10
N PRO J 244 26.43 6.58 42.04
CA PRO J 244 25.14 6.74 41.38
C PRO J 244 24.03 6.15 42.23
N PRO J 245 22.77 6.55 41.98
CA PRO J 245 21.68 6.01 42.80
C PRO J 245 21.55 4.50 42.75
N GLN J 246 21.97 3.86 41.65
CA GLN J 246 21.92 2.40 41.61
C GLN J 246 22.79 1.78 42.69
N ASN J 247 24.01 2.29 42.88
CA ASN J 247 24.84 1.79 43.97
C ASN J 247 24.12 1.96 45.30
N HIS J 248 23.52 3.13 45.52
CA HIS J 248 22.83 3.39 46.78
C HIS J 248 21.71 2.39 47.01
N ILE J 249 20.85 2.19 46.00
CA ILE J 249 19.71 1.29 46.15
C ILE J 249 20.20 -0.13 46.41
N ARG J 250 21.20 -0.57 45.65
CA ARG J 250 21.74 -1.91 45.81
C ARG J 250 22.24 -2.12 47.24
N VAL J 251 23.10 -1.23 47.71
CA VAL J 251 23.69 -1.40 49.03
C VAL J 251 22.59 -1.36 50.09
N ALA J 252 21.64 -0.44 49.96
CA ALA J 252 20.59 -0.32 50.95
C ALA J 252 19.76 -1.59 51.03
N GLU J 253 19.38 -2.15 49.89
CA GLU J 253 18.59 -3.38 49.93
C GLU J 253 19.40 -4.53 50.50
N PHE J 254 20.69 -4.61 50.15
CA PHE J 254 21.53 -5.68 50.69
C PHE J 254 21.55 -5.63 52.21
N VAL J 255 21.84 -4.45 52.76
CA VAL J 255 21.92 -4.30 54.20
C VAL J 255 20.56 -4.55 54.82
N HIS J 256 19.51 -4.06 54.17
CA HIS J 256 18.15 -4.31 54.63
C HIS J 256 17.91 -5.80 54.81
N GLU J 257 18.26 -6.59 53.80
CA GLU J 257 17.95 -8.00 53.84
C GLU J 257 18.81 -8.71 54.87
N ARG J 258 20.08 -8.32 54.97
CA ARG J 258 20.91 -8.85 56.06
C ARG J 258 20.26 -8.62 57.41
N ALA J 259 19.76 -7.41 57.63
CA ALA J 259 19.16 -7.08 58.91
C ALA J 259 17.91 -7.92 59.16
N LYS J 260 17.08 -8.07 58.13
CA LYS J 260 15.89 -8.89 58.32
C LYS J 260 16.27 -10.32 58.64
N ARG J 261 17.35 -10.82 58.03
CA ARG J 261 17.80 -12.17 58.32
C ARG J 261 18.28 -12.28 59.75
N ILE J 262 19.00 -11.27 60.24
CA ILE J 262 19.45 -11.30 61.63
C ILE J 262 18.25 -11.31 62.57
N VAL J 263 17.27 -10.45 62.33
CA VAL J 263 16.10 -10.40 63.22
C VAL J 263 15.30 -11.69 63.10
N GLU J 264 15.38 -12.36 61.95
CA GLU J 264 14.71 -13.66 61.81
C GLU J 264 15.16 -14.62 62.90
N GLU J 265 16.40 -14.47 63.36
CA GLU J 265 16.93 -15.32 64.42
C GLU J 265 16.72 -14.72 65.80
N GLY J 266 15.71 -13.86 65.96
CA GLY J 266 15.45 -13.24 67.24
C GLY J 266 16.46 -12.22 67.67
N GLY J 267 17.23 -11.65 66.74
CA GLY J 267 18.24 -10.69 67.10
C GLY J 267 17.71 -9.25 67.11
N HIS J 268 18.39 -8.40 67.87
CA HIS J 268 18.08 -6.98 67.94
C HIS J 268 18.98 -6.20 67.02
N VAL J 269 18.40 -5.36 66.18
CA VAL J 269 19.18 -4.55 65.25
C VAL J 269 18.70 -3.11 65.25
N MET J 270 19.62 -2.18 65.01
CA MET J 270 19.33 -0.81 64.64
C MET J 270 19.99 -0.47 63.31
N ILE J 271 19.23 0.19 62.43
CA ILE J 271 19.77 0.81 61.24
C ILE J 271 19.74 2.33 61.45
N LEU J 272 20.92 2.91 61.60
CA LEU J 272 21.09 4.35 61.65
C LEU J 272 21.33 4.82 60.21
N LEU J 273 20.27 5.30 59.56
CA LEU J 273 20.28 5.62 58.15
C LEU J 273 20.32 7.13 57.97
N ASP J 274 21.50 7.66 57.70
CA ASP J 274 21.60 9.05 57.29
C ASP J 274 21.00 9.21 55.91
N SER J 275 20.20 10.26 55.73
CA SER J 275 19.67 10.60 54.42
C SER J 275 18.74 9.53 53.86
N ILE J 276 17.67 9.22 54.58
CA ILE J 276 16.63 8.38 53.99
C ILE J 276 15.98 9.10 52.82
N THR J 277 15.93 10.43 52.87
CA THR J 277 15.35 11.17 51.76
C THR J 277 16.20 11.04 50.50
N ARG J 278 17.53 11.05 50.65
CA ARG J 278 18.38 10.81 49.48
C ARG J 278 18.18 9.40 48.94
N LEU J 279 17.93 8.43 49.83
CA LEU J 279 17.59 7.09 49.36
C LEU J 279 16.30 7.11 48.56
N ALA J 280 15.31 7.87 49.03
CA ALA J 280 14.08 8.04 48.26
C ALA J 280 14.37 8.70 46.92
N ARG J 281 15.33 9.63 46.90
CA ARG J 281 15.75 10.26 45.65
C ARG J 281 16.30 9.23 44.68
N ALA J 282 17.12 8.31 45.18
CA ALA J 282 17.62 7.23 44.33
C ALA J 282 16.48 6.34 43.84
N ASN J 283 15.53 6.03 44.73
CA ASN J 283 14.37 5.25 44.31
C ASN J 283 13.60 5.95 43.19
N ASN J 284 13.37 7.25 43.34
CA ASN J 284 12.71 8.03 42.31
C ASN J 284 13.49 7.97 41.00
N LEU J 285 14.81 8.15 41.08
CA LEU J 285 15.63 8.14 39.88
C LEU J 285 15.64 6.77 39.23
N VAL J 286 15.43 5.71 40.00
CA VAL J 286 15.55 4.36 39.46
C VAL J 286 14.23 3.86 38.89
N THR J 287 13.10 4.24 39.50
CA THR J 287 11.81 3.70 39.09
C THR J 287 11.57 4.02 37.61
N PRO J 288 11.31 3.02 36.76
CA PRO J 288 11.54 3.20 35.32
C PRO J 288 10.54 4.14 34.66
N PRO J 289 9.21 3.99 34.85
CA PRO J 289 8.35 5.16 34.61
C PRO J 289 7.29 5.42 35.67
N THR J 290 6.40 4.45 35.88
CA THR J 290 5.24 4.58 36.74
C THR J 290 4.16 5.48 36.13
N GLY J 291 4.46 6.15 35.02
CA GLY J 291 3.45 6.95 34.37
C GLY J 291 3.32 8.35 34.96
N ARG J 292 2.34 8.53 35.83
CA ARG J 292 2.09 9.81 36.50
C ARG J 292 3.16 10.10 37.55
N THR J 293 3.41 11.40 37.80
CA THR J 293 4.42 11.82 38.77
C THR J 293 3.71 12.51 39.94
N LEU J 294 4.17 12.23 41.17
CA LEU J 294 3.56 12.88 42.34
C LEU J 294 3.95 14.35 42.37
N SER J 295 3.08 15.15 42.99
CA SER J 295 3.39 16.56 43.18
C SER J 295 4.71 16.71 43.92
N GLY J 296 5.53 17.65 43.45
CA GLY J 296 6.85 17.86 43.99
C GLY J 296 7.96 17.18 43.21
N GLY J 297 7.64 16.40 42.19
CA GLY J 297 8.63 15.66 41.44
C GLY J 297 8.86 14.25 41.93
N LEU J 298 8.03 13.76 42.84
CA LEU J 298 8.16 12.40 43.35
C LEU J 298 7.40 11.41 42.47
N ASP J 299 7.99 10.24 42.27
CA ASP J 299 7.35 9.14 41.55
C ASP J 299 6.51 8.31 42.50
N SER J 300 5.32 7.89 42.05
CA SER J 300 4.44 7.19 42.97
C SER J 300 5.00 5.85 43.42
N ALA J 301 5.50 5.03 42.50
CA ALA J 301 5.90 3.68 42.84
C ALA J 301 7.33 3.60 43.36
N ALA J 302 8.10 4.66 43.22
CA ALA J 302 9.41 4.70 43.85
C ALA J 302 9.29 4.66 45.37
N LEU J 303 8.39 5.46 45.94
CA LEU J 303 8.21 5.54 47.38
C LEU J 303 7.66 4.26 47.99
N TYR J 304 7.11 3.35 47.18
CA TYR J 304 6.67 2.08 47.73
C TYR J 304 7.84 1.35 48.34
N PHE J 305 8.98 1.39 47.68
CA PHE J 305 10.17 0.69 48.19
C PHE J 305 10.67 1.31 49.49
N PRO J 306 10.86 2.64 49.58
CA PRO J 306 11.21 3.22 50.90
C PRO J 306 10.15 2.97 51.96
N LYS J 307 8.87 3.01 51.59
CA LYS J 307 7.82 2.75 52.57
C LYS J 307 7.96 1.35 53.16
N ARG J 308 8.09 0.35 52.29
CA ARG J 308 8.34 -1.01 52.76
C ARG J 308 9.62 -1.06 53.59
N PHE J 309 10.68 -0.41 53.09
CA PHE J 309 11.97 -0.44 53.75
C PHE J 309 11.87 0.07 55.17
N LEU J 310 11.23 1.22 55.36
CA LEU J 310 11.10 1.78 56.70
C LEU J 310 10.14 0.96 57.55
N GLY J 311 9.01 0.54 56.96
CA GLY J 311 8.05 -0.29 57.66
C GLY J 311 8.61 -1.60 58.13
N ALA J 312 9.76 -2.00 57.59
CA ALA J 312 10.42 -3.20 58.10
C ALA J 312 10.67 -3.11 59.61
N ALA J 313 11.10 -1.94 60.09
CA ALA J 313 11.32 -1.77 61.52
C ALA J 313 10.05 -2.09 62.28
N ARG J 314 10.17 -2.92 63.30
CA ARG J 314 9.00 -3.41 64.02
C ARG J 314 9.46 -4.12 65.29
N ASN J 315 8.50 -4.33 66.18
CA ASN J 315 8.71 -5.12 67.37
C ASN J 315 8.17 -6.52 67.13
N ILE J 316 8.91 -7.52 67.60
CA ILE J 316 8.56 -8.92 67.38
C ILE J 316 8.24 -9.56 68.71
N ARG J 317 7.09 -10.23 68.78
CA ARG J 317 6.68 -10.98 69.95
C ARG J 317 7.36 -12.34 70.03
N GLY J 318 8.16 -12.70 69.04
CA GLY J 318 8.87 -13.96 69.03
C GLY J 318 10.36 -13.78 69.25
N GLY J 319 10.76 -12.57 69.64
CA GLY J 319 12.16 -12.30 69.91
C GLY J 319 12.79 -11.41 68.86
N GLY J 320 13.81 -10.64 69.25
CA GLY J 320 14.48 -9.75 68.34
C GLY J 320 13.54 -8.66 67.83
N SER J 321 14.14 -7.66 67.19
CA SER J 321 13.36 -6.61 66.55
C SER J 321 14.28 -5.72 65.75
N LEU J 322 13.70 -5.10 64.72
CA LEU J 322 14.40 -4.16 63.87
C LEU J 322 13.94 -2.75 64.21
N THR J 323 14.87 -1.92 64.64
CA THR J 323 14.67 -0.50 64.83
C THR J 323 15.40 0.21 63.72
N ILE J 324 14.75 1.21 63.13
CA ILE J 324 15.38 2.02 62.08
C ILE J 324 15.19 3.48 62.44
N LEU J 325 16.31 4.17 62.69
CA LEU J 325 16.31 5.61 62.91
C LEU J 325 17.02 6.25 61.74
N ALA J 326 16.34 7.16 61.06
CA ALA J 326 16.85 7.74 59.84
C ALA J 326 16.72 9.26 59.89
N THR J 327 17.53 9.92 59.06
CA THR J 327 17.61 11.38 59.07
C THR J 327 16.82 11.93 57.88
N ALA J 328 15.99 12.93 58.14
CA ALA J 328 15.09 13.49 57.14
C ALA J 328 15.41 14.96 56.91
N LEU J 329 15.28 15.40 55.67
CA LEU J 329 15.51 16.78 55.26
C LEU J 329 14.18 17.46 55.02
N VAL J 330 14.03 18.66 55.54
CA VAL J 330 12.84 19.48 55.33
C VAL J 330 13.25 20.93 55.21
N GLU J 331 12.30 21.77 54.80
CA GLU J 331 12.54 23.20 54.64
C GLU J 331 13.70 23.43 53.69
N THR J 332 13.81 22.58 52.67
CA THR J 332 14.87 22.67 51.68
C THR J 332 14.43 23.41 50.42
N GLY J 333 13.21 23.94 50.40
CA GLY J 333 12.72 24.69 49.26
C GLY J 333 12.17 23.85 48.13
N SER J 334 12.13 22.53 48.27
CA SER J 334 11.57 21.66 47.25
C SER J 334 10.39 20.91 47.83
N ARG J 335 9.27 20.90 47.10
CA ARG J 335 8.09 20.16 47.53
C ARG J 335 8.42 18.69 47.70
N MET J 336 9.46 18.22 47.01
CA MET J 336 9.82 16.81 47.02
C MET J 336 10.21 16.35 48.42
N ASP J 337 11.04 17.13 49.11
CA ASP J 337 11.45 16.77 50.46
C ASP J 337 10.26 16.77 51.42
N ASP J 338 9.38 17.76 51.30
CA ASP J 338 8.23 17.86 52.20
C ASP J 338 7.26 16.71 51.98
N VAL J 339 6.99 16.36 50.71
CA VAL J 339 6.09 15.25 50.43
C VAL J 339 6.67 13.97 50.99
N ILE J 340 7.99 13.75 50.83
CA ILE J 340 8.60 12.57 51.43
C ILE J 340 8.42 12.58 52.94
N PHE J 341 8.62 13.74 53.57
CA PHE J 341 8.49 13.83 55.03
C PHE J 341 7.08 13.42 55.45
N GLU J 342 6.08 14.04 54.86
CA GLU J 342 4.69 13.77 55.29
C GLU J 342 4.30 12.35 54.96
N GLU J 343 4.87 11.77 53.90
CA GLU J 343 4.57 10.39 53.55
C GLU J 343 5.17 9.40 54.54
N PHE J 344 6.41 9.62 54.97
CA PHE J 344 7.02 8.75 55.95
C PHE J 344 6.42 8.94 57.34
N LYS J 345 5.92 10.14 57.63
CA LYS J 345 5.44 10.45 58.97
C LYS J 345 4.30 9.52 59.39
N GLY J 346 3.47 9.10 58.43
CA GLY J 346 2.38 8.20 58.74
C GLY J 346 2.79 6.77 58.98
N THR J 347 3.98 6.38 58.52
CA THR J 347 4.51 5.04 58.78
C THR J 347 5.39 4.97 60.02
N GLY J 348 6.04 6.07 60.39
CA GLY J 348 6.92 6.05 61.54
C GLY J 348 6.22 6.34 62.85
N ASN J 349 6.85 5.90 63.93
CA ASN J 349 6.35 6.12 65.29
C ASN J 349 7.13 7.18 66.04
N MET J 350 8.18 7.73 65.44
CA MET J 350 9.03 8.67 66.13
C MET J 350 9.29 9.79 65.14
N GLU J 351 8.91 11.02 65.49
CA GLU J 351 9.42 12.17 64.77
C GLU J 351 10.13 13.06 65.78
N LEU J 352 11.36 13.45 65.48
CA LEU J 352 12.08 14.40 66.33
C LEU J 352 12.50 15.58 65.48
N HIS J 353 11.95 16.76 65.76
CA HIS J 353 12.14 17.93 64.92
C HIS J 353 13.28 18.80 65.45
N LEU J 354 14.16 19.22 64.54
CA LEU J 354 15.22 20.18 64.84
C LEU J 354 14.93 21.47 64.09
N SER J 355 15.17 22.60 64.74
CA SER J 355 14.86 23.91 64.18
C SER J 355 16.12 24.58 63.65
N ARG J 356 16.02 25.12 62.42
CA ARG J 356 17.15 25.81 61.82
C ARG J 356 17.51 27.08 62.59
N ARG J 357 16.50 27.80 63.08
CA ARG J 357 16.75 29.02 63.82
C ARG J 357 17.55 28.77 65.10
N LEU J 358 17.31 27.64 65.77
CA LEU J 358 18.10 27.29 66.94
C LEU J 358 19.55 27.05 66.58
N GLU J 359 19.81 26.39 65.45
CA GLU J 359 21.18 26.23 64.98
C GLU J 359 21.80 27.59 64.67
N GLU J 360 21.04 28.48 64.04
CA GLU J 360 21.58 29.80 63.73
C GLU J 360 22.07 30.50 64.98
N ARG J 361 21.39 30.29 66.11
CA ARG J 361 21.83 30.85 67.38
C ARG J 361 22.90 29.99 68.03
N ARG J 362 23.26 28.86 67.42
CA ARG J 362 24.29 27.97 67.95
C ARG J 362 23.86 27.34 69.27
N ILE J 363 22.56 27.13 69.43
CA ILE J 363 21.99 26.51 70.61
C ILE J 363 21.74 25.05 70.26
N PHE J 364 22.37 24.14 71.01
CA PHE J 364 22.31 22.73 70.67
C PHE J 364 21.96 21.86 71.87
N PRO J 365 21.29 20.72 71.66
CA PRO J 365 20.80 20.34 70.34
C PRO J 365 19.63 21.21 69.90
N ALA J 366 19.61 21.58 68.62
CA ALA J 366 18.60 22.50 68.10
C ALA J 366 17.27 21.81 67.88
N ILE J 367 16.69 21.25 68.94
CA ILE J 367 15.51 20.41 68.81
C ILE J 367 14.26 21.27 68.93
N ASP J 368 13.29 21.03 68.03
CA ASP J 368 11.95 21.61 68.15
C ASP J 368 11.13 20.72 69.07
N ILE J 369 11.07 21.11 70.33
CA ILE J 369 10.45 20.28 71.36
C ILE J 369 8.97 20.04 71.03
N LEU J 370 8.25 21.10 70.65
CA LEU J 370 6.80 20.99 70.55
C LEU J 370 6.38 19.98 69.49
N LYS J 371 7.04 19.99 68.33
CA LYS J 371 6.69 19.06 67.28
C LYS J 371 7.15 17.65 67.57
N SER J 372 8.08 17.48 68.50
CA SER J 372 8.70 16.18 68.74
C SER J 372 7.87 15.36 69.73
N GLY J 373 8.13 14.06 69.75
CA GLY J 373 7.29 13.12 70.47
C GLY J 373 7.44 11.74 69.87
N THR J 374 6.77 10.79 70.49
CA THR J 374 6.72 9.41 70.03
C THR J 374 5.27 9.06 69.76
N ARG J 375 4.98 7.77 69.74
CA ARG J 375 3.60 7.27 69.72
C ARG J 375 3.54 6.04 70.61
N ARG J 376 2.65 6.07 71.61
CA ARG J 376 2.59 5.05 72.67
C ARG J 376 3.76 5.15 73.66
N GLU J 377 3.94 6.35 74.22
CA GLU J 377 4.93 6.53 75.27
C GLU J 377 4.67 5.59 76.44
N GLU J 378 3.40 5.31 76.73
CA GLU J 378 3.05 4.47 77.87
C GLU J 378 3.71 3.10 77.79
N LEU J 379 3.86 2.57 76.58
CA LEU J 379 4.51 1.28 76.42
C LEU J 379 6.01 1.35 76.68
N LEU J 380 6.59 2.54 76.62
CA LEU J 380 8.03 2.71 76.78
C LEU J 380 8.42 3.50 78.02
N LEU J 381 7.47 4.13 78.71
CA LEU J 381 7.77 4.93 79.89
C LEU J 381 6.84 4.58 81.03
N GLY J 382 7.36 4.66 82.26
CA GLY J 382 6.54 4.44 83.43
C GLY J 382 5.56 5.57 83.68
N GLU J 383 4.66 5.34 84.62
CA GLU J 383 3.67 6.37 84.94
C GLU J 383 4.35 7.63 85.45
N GLU J 384 5.34 7.48 86.34
CA GLU J 384 6.03 8.66 86.86
C GLU J 384 6.74 9.40 85.73
N VAL J 385 7.44 8.67 84.87
CA VAL J 385 8.15 9.31 83.77
C VAL J 385 7.16 9.91 82.78
N THR J 386 6.05 9.20 82.52
CA THR J 386 5.05 9.71 81.60
C THR J 386 4.44 11.02 82.12
N HIS J 387 4.15 11.08 83.42
CA HIS J 387 3.58 12.31 83.97
C HIS J 387 4.64 13.39 84.09
N LYS J 388 5.89 13.03 84.40
CA LYS J 388 6.96 14.01 84.38
C LYS J 388 7.05 14.68 83.02
N MET J 389 7.11 13.88 81.96
CA MET J 389 7.23 14.46 80.63
C MET J 389 5.96 15.20 80.23
N TRP J 390 4.79 14.72 80.67
CA TRP J 390 3.56 15.44 80.38
C TRP J 390 3.53 16.80 81.05
N LEU J 391 3.86 16.86 82.34
CA LEU J 391 4.03 18.14 83.01
C LEU J 391 5.02 19.01 82.25
N LEU J 392 6.14 18.42 81.82
CA LEU J 392 7.16 19.19 81.13
C LEU J 392 6.59 19.80 79.85
N ARG J 393 5.97 18.97 79.01
CA ARG J 393 5.43 19.47 77.75
C ARG J 393 4.36 20.53 78.00
N LYS J 394 3.50 20.31 78.99
CA LYS J 394 2.49 21.32 79.31
C LYS J 394 3.15 22.66 79.63
N VAL J 395 4.18 22.63 80.47
CA VAL J 395 4.95 23.84 80.74
C VAL J 395 5.49 24.43 79.43
N LEU J 396 5.85 23.56 78.48
CA LEU J 396 6.71 23.92 77.36
C LEU J 396 5.95 24.23 76.08
N ALA J 397 4.64 23.96 76.03
CA ALA J 397 3.89 24.24 74.80
C ALA J 397 3.92 25.73 74.49
N ASP J 398 3.80 26.58 75.52
CA ASP J 398 3.63 28.01 75.31
C ASP J 398 4.91 28.72 74.93
N MET J 399 6.08 28.21 75.32
CA MET J 399 7.32 28.93 75.07
C MET J 399 7.73 28.81 73.62
N ASP J 400 8.54 29.76 73.17
CA ASP J 400 9.03 29.75 71.81
C ASP J 400 10.15 28.74 71.66
N PRO J 401 10.39 28.26 70.43
CA PRO J 401 11.40 27.21 70.23
C PRO J 401 12.75 27.51 70.88
N ALA J 402 13.39 28.59 70.43
CA ALA J 402 14.73 28.91 70.90
C ALA J 402 14.75 29.14 72.41
N GLU J 403 13.78 29.89 72.91
CA GLU J 403 13.71 30.16 74.34
C GLU J 403 13.55 28.86 75.11
N ALA J 404 12.67 27.99 74.63
CA ALA J 404 12.45 26.73 75.31
C ALA J 404 13.72 25.91 75.36
N MET J 405 14.46 25.86 74.27
CA MET J 405 15.70 25.07 74.28
C MET J 405 16.75 25.68 75.19
N GLU J 406 16.95 26.99 75.12
CA GLU J 406 17.95 27.61 75.99
C GLU J 406 17.62 27.36 77.45
N MET J 407 16.36 27.55 77.82
CA MET J 407 15.93 27.32 79.20
C MET J 407 16.05 25.84 79.58
N LEU J 408 15.72 24.94 78.65
CA LEU J 408 15.79 23.52 78.94
C LEU J 408 17.23 23.09 79.16
N LEU J 409 18.12 23.56 78.29
CA LEU J 409 19.54 23.29 78.45
C LEU J 409 20.03 23.80 79.81
N ALA J 410 19.61 25.00 80.19
CA ALA J 410 20.01 25.51 81.49
C ALA J 410 19.53 24.61 82.61
N ARG J 411 18.27 24.16 82.55
CA ARG J 411 17.73 23.35 83.63
C ARG J 411 18.38 21.97 83.67
N LEU J 412 18.70 21.41 82.52
CA LEU J 412 19.25 20.07 82.41
C LEU J 412 20.76 20.04 82.59
N ALA J 413 21.45 21.14 82.33
CA ALA J 413 22.89 21.19 82.54
C ALA J 413 23.25 21.02 84.01
N ARG J 414 22.28 21.20 84.91
CA ARG J 414 22.57 21.12 86.34
C ARG J 414 22.81 19.68 86.78
N THR J 415 21.84 18.79 86.54
CA THR J 415 21.86 17.49 87.21
C THR J 415 21.37 16.43 86.25
N LYS J 416 21.54 15.18 86.69
CA LYS J 416 20.95 14.04 86.00
C LYS J 416 19.44 14.29 85.84
N ASN J 417 18.82 13.59 84.90
CA ASN J 417 17.42 13.86 84.60
C ASN J 417 16.53 13.43 85.74
N ASN J 418 16.86 12.31 86.38
CA ASN J 418 16.14 11.90 87.58
C ASN J 418 16.32 12.95 88.68
N LYS J 419 17.54 13.45 88.85
CA LYS J 419 17.77 14.52 89.82
C LYS J 419 17.14 15.83 89.35
N GLU J 420 17.04 16.03 88.03
CA GLU J 420 16.28 17.16 87.52
C GLU J 420 14.82 17.10 87.93
N PHE J 421 14.22 15.91 87.83
CA PHE J 421 12.86 15.75 88.33
C PHE J 421 12.80 16.01 89.83
N LEU J 422 13.80 15.53 90.56
CA LEU J 422 13.89 15.80 91.99
C LEU J 422 14.31 17.25 92.23
N ARG K 62 61.37 18.51 16.76
CA ARG K 62 60.19 19.36 16.94
C ARG K 62 59.43 18.95 18.19
N LEU K 63 59.07 19.93 19.00
CA LEU K 63 58.39 19.70 20.27
C LEU K 63 56.97 20.24 20.21
N VAL K 64 56.05 19.51 20.84
CA VAL K 64 54.66 19.93 20.99
C VAL K 64 54.25 19.69 22.43
N LYS K 65 53.15 20.33 22.82
CA LYS K 65 52.61 20.18 24.16
C LYS K 65 51.12 20.38 24.10
N GLY K 66 50.43 19.87 25.12
CA GLY K 66 49.00 19.99 25.18
C GLY K 66 48.47 19.24 26.38
N TYR K 67 47.14 19.11 26.40
CA TYR K 67 46.48 18.35 27.45
C TYR K 67 45.80 17.15 26.81
N LEU K 68 46.04 15.97 27.37
CA LEU K 68 45.57 14.74 26.75
C LEU K 68 44.05 14.66 26.78
N GLU K 69 43.48 14.28 25.64
CA GLU K 69 42.06 14.00 25.50
C GLU K 69 41.94 12.66 24.78
N ILE K 70 41.51 11.63 25.50
CA ILE K 70 41.44 10.29 24.94
C ILE K 70 40.10 10.15 24.22
N SER K 71 40.14 9.74 22.96
CA SER K 71 38.93 9.52 22.18
C SER K 71 38.35 8.16 22.52
N GLN K 72 37.12 7.92 22.05
CA GLN K 72 36.48 6.63 22.29
C GLN K 72 37.26 5.49 21.68
N ASP K 73 38.13 5.79 20.71
CA ASP K 73 38.84 4.78 19.95
C ASP K 73 40.12 4.32 20.62
N GLY K 74 40.44 4.84 21.81
CA GLY K 74 41.65 4.47 22.50
C GLY K 74 42.85 5.34 22.21
N TYR K 75 42.81 6.14 21.14
CA TYR K 75 43.83 7.12 20.87
C TYR K 75 43.33 8.50 21.29
N GLY K 76 44.26 9.42 21.48
CA GLY K 76 43.94 10.73 22.01
C GLY K 76 44.59 11.84 21.22
N PHE K 77 44.34 13.06 21.68
CA PHE K 77 44.91 14.25 21.09
C PHE K 77 45.44 15.17 22.19
N LEU K 78 46.41 16.00 21.82
CA LEU K 78 46.95 17.01 22.72
C LEU K 78 46.35 18.35 22.34
N THR K 79 45.71 18.99 23.30
CA THR K 79 44.87 20.15 23.03
C THR K 79 45.60 21.46 23.35
N GLU K 80 44.98 22.56 22.97
CA GLU K 80 45.48 23.90 23.25
C GLU K 80 44.71 24.51 24.44
N ASN K 81 44.96 25.79 24.69
CA ASN K 81 44.29 26.50 25.77
C ASN K 81 42.82 26.78 25.49
N LEU K 82 42.40 26.78 24.23
CA LEU K 82 40.99 26.97 23.89
C LEU K 82 40.12 25.79 24.30
N HIS K 83 40.72 24.64 24.60
CA HIS K 83 40.00 23.48 25.12
C HIS K 83 38.97 22.97 24.11
N ASN K 84 39.45 22.73 22.89
CA ASN K 84 38.61 22.19 21.82
C ASN K 84 39.52 21.56 20.78
N LEU K 85 38.91 20.79 19.88
CA LEU K 85 39.66 20.23 18.77
C LEU K 85 40.29 21.36 17.96
N GLU K 86 41.56 21.20 17.63
CA GLU K 86 42.30 22.21 16.88
C GLU K 86 43.07 21.51 15.77
N SER K 87 43.43 22.26 14.73
CA SER K 87 44.16 21.67 13.62
C SER K 87 45.53 21.15 14.04
N ARG K 88 46.20 21.81 14.99
CA ARG K 88 47.57 21.50 15.34
C ARG K 88 47.67 20.53 16.52
N VAL K 89 46.55 19.98 16.97
CA VAL K 89 46.59 18.97 18.01
C VAL K 89 47.49 17.82 17.59
N ALA K 90 48.18 17.24 18.57
CA ALA K 90 49.12 16.16 18.33
C ALA K 90 48.44 14.82 18.62
N ILE K 91 48.51 13.90 17.65
CA ILE K 91 47.95 12.57 17.82
C ILE K 91 48.74 11.83 18.88
N VAL K 92 48.06 11.01 19.67
CA VAL K 92 48.69 10.16 20.67
C VAL K 92 48.11 8.77 20.49
N SER K 93 48.96 7.81 20.12
CA SER K 93 48.50 6.44 19.90
C SER K 93 47.99 5.85 21.20
N ALA K 94 47.01 4.95 21.08
CA ALA K 94 46.53 4.23 22.25
C ALA K 94 47.67 3.51 22.95
N GLY K 95 48.66 3.06 22.18
CA GLY K 95 49.82 2.43 22.80
C GLY K 95 50.44 3.29 23.87
N LEU K 96 51.01 4.43 23.48
CA LEU K 96 51.61 5.35 24.45
C LEU K 96 50.75 5.47 25.69
N ILE K 97 49.44 5.61 25.51
CA ILE K 97 48.52 5.72 26.63
C ILE K 97 48.62 4.48 27.51
N LYS K 98 48.70 3.30 26.88
CA LYS K 98 48.74 2.07 27.65
C LYS K 98 50.05 1.90 28.40
N GLN K 99 51.19 2.17 27.74
CA GLN K 99 52.46 2.04 28.44
C GLN K 99 52.54 3.02 29.61
N TYR K 100 52.13 4.27 29.40
CA TYR K 100 52.33 5.31 30.39
C TYR K 100 51.10 5.54 31.26
N ALA K 101 50.04 4.74 31.08
CA ALA K 101 48.84 4.85 31.91
C ALA K 101 48.29 6.28 31.91
N LEU K 102 48.40 6.95 30.77
CA LEU K 102 47.93 8.32 30.66
C LEU K 102 46.42 8.38 30.79
N ARG K 103 45.92 9.53 31.21
CA ARG K 103 44.53 9.70 31.55
C ARG K 103 44.05 11.07 31.08
N ALA K 104 42.75 11.18 30.84
CA ALA K 104 42.18 12.40 30.27
C ALA K 104 42.51 13.61 31.13
N GLY K 105 42.88 14.70 30.47
CA GLY K 105 43.31 15.91 31.15
C GLY K 105 44.78 15.95 31.48
N ASP K 106 45.49 14.84 31.33
CA ASP K 106 46.92 14.84 31.63
C ASP K 106 47.66 15.75 30.66
N TYR K 107 48.55 16.56 31.20
CA TYR K 107 49.34 17.48 30.40
C TYR K 107 50.55 16.73 29.85
N VAL K 108 50.69 16.71 28.53
CA VAL K 108 51.71 15.95 27.84
C VAL K 108 52.57 16.90 27.04
N VAL K 109 53.88 16.79 27.20
CA VAL K 109 54.86 17.53 26.42
C VAL K 109 55.85 16.53 25.85
N GLY K 110 56.27 16.73 24.60
CA GLY K 110 57.24 15.83 24.02
C GLY K 110 57.53 16.18 22.57
N GLN K 111 58.59 15.57 22.06
CA GLN K 111 58.96 15.73 20.66
C GLN K 111 57.88 15.17 19.75
N ALA K 112 57.67 15.84 18.62
CA ALA K 112 56.71 15.40 17.61
C ALA K 112 57.35 15.54 16.24
N ARG K 113 56.71 14.95 15.24
CA ARG K 113 57.15 15.03 13.86
C ARG K 113 56.04 15.57 12.98
N PRO K 114 56.37 16.22 11.87
CA PRO K 114 55.35 16.62 10.92
C PRO K 114 54.58 15.41 10.41
N PRO K 115 53.27 15.53 10.19
CA PRO K 115 52.50 14.36 9.77
C PRO K 115 52.96 13.86 8.41
N ARG K 116 52.97 12.55 8.25
CA ARG K 116 53.34 11.96 6.96
C ARG K 116 52.29 12.32 5.92
N GLU K 117 52.57 11.94 4.67
CA GLU K 117 51.57 12.05 3.62
C GLU K 117 50.34 11.24 4.02
N ASN K 118 49.16 11.80 3.78
CA ASN K 118 47.86 11.24 4.11
C ASN K 118 47.52 11.46 5.58
N GLU K 119 48.41 12.06 6.37
CA GLU K 119 48.16 12.35 7.78
C GLU K 119 47.81 13.82 7.92
N ARG K 120 46.76 14.11 8.70
CA ARG K 120 46.29 15.48 8.86
C ARG K 120 46.76 16.15 10.14
N TYR K 121 47.22 15.39 11.13
CA TYR K 121 47.66 15.95 12.38
C TYR K 121 49.02 15.41 12.77
N ALA K 122 49.83 16.26 13.38
CA ALA K 122 51.16 15.85 13.81
C ALA K 122 51.06 14.72 14.82
N THR K 123 52.04 13.82 14.76
CA THR K 123 52.07 12.66 15.63
C THR K 123 53.18 12.83 16.65
N LEU K 124 52.90 12.39 17.88
CA LEU K 124 53.88 12.47 18.96
C LEU K 124 54.91 11.37 18.79
N LEU K 125 56.12 11.74 18.39
CA LEU K 125 57.17 10.75 18.21
C LEU K 125 57.60 10.14 19.53
N LYS K 126 57.75 10.96 20.56
CA LYS K 126 58.20 10.49 21.87
C LYS K 126 57.62 11.38 22.96
N VAL K 127 57.29 10.76 24.09
CA VAL K 127 56.84 11.50 25.26
C VAL K 127 58.04 11.81 26.14
N GLU K 128 58.08 13.02 26.68
CA GLU K 128 59.16 13.47 27.53
C GLU K 128 58.72 13.66 28.98
N ALA K 129 57.67 14.42 29.21
CA ALA K 129 57.16 14.68 30.55
C ALA K 129 55.65 14.74 30.52
N VAL K 130 55.02 14.14 31.52
CA VAL K 130 53.58 14.17 31.70
C VAL K 130 53.28 14.98 32.95
N ASN K 131 52.44 16.01 32.80
CA ASN K 131 52.12 16.89 33.92
C ASN K 131 53.37 17.54 34.49
N ASN K 132 54.36 17.82 33.63
CA ASN K 132 55.62 18.47 33.97
C ASN K 132 56.58 17.54 34.70
N LEU K 133 56.28 16.24 34.78
CA LEU K 133 57.15 15.29 35.47
C LEU K 133 57.35 14.05 34.61
N ASP K 134 58.41 13.31 34.94
CA ASP K 134 58.81 12.18 34.12
C ASP K 134 57.69 11.14 34.04
N PRO K 135 57.52 10.49 32.89
CA PRO K 135 56.34 9.62 32.72
C PRO K 135 56.29 8.43 33.67
N GLU K 136 57.42 7.99 34.23
CA GLU K 136 57.43 6.74 34.99
C GLU K 136 56.44 6.80 36.14
N ALA K 137 56.38 7.93 36.85
CA ALA K 137 55.49 8.03 38.00
C ALA K 137 54.03 7.85 37.60
N ALA K 138 53.69 8.18 36.35
CA ALA K 138 52.32 7.99 35.89
C ALA K 138 51.93 6.53 35.92
N LYS K 139 52.88 5.62 35.63
CA LYS K 139 52.58 4.20 35.67
C LYS K 139 52.14 3.77 37.07
N ASN K 140 52.83 4.25 38.10
CA ASN K 140 52.56 3.88 39.48
C ASN K 140 52.22 5.15 40.25
N ARG K 141 50.92 5.35 40.49
CA ARG K 141 50.44 6.49 41.25
C ARG K 141 49.04 6.18 41.73
N PRO K 142 48.62 6.74 42.87
CA PRO K 142 47.24 6.52 43.31
C PRO K 142 46.27 7.31 42.46
N ARG K 143 45.22 6.64 42.01
CA ARG K 143 44.24 7.28 41.16
C ARG K 143 43.44 8.30 41.94
N PHE K 144 43.06 9.38 41.25
CA PHE K 144 42.35 10.47 41.91
C PHE K 144 41.10 9.96 42.61
N ASP K 145 40.33 9.11 41.94
CA ASP K 145 39.14 8.54 42.56
C ASP K 145 39.49 7.75 43.82
N GLU K 146 40.68 7.19 43.88
CA GLU K 146 41.13 6.43 45.04
C GLU K 146 41.69 7.30 46.14
N LEU K 147 41.87 8.59 45.88
CA LEU K 147 42.41 9.49 46.90
C LEU K 147 41.38 9.71 48.00
N THR K 148 41.86 9.77 49.24
CA THR K 148 40.96 9.91 50.38
C THR K 148 40.41 11.33 50.45
N PRO K 149 39.10 11.52 50.36
CA PRO K 149 38.55 12.86 50.56
C PRO K 149 38.36 13.18 52.03
N GLN K 150 38.86 14.33 52.42
CA GLN K 150 38.71 14.83 53.78
C GLN K 150 38.45 16.33 53.73
N PHE K 151 38.40 16.94 54.90
CA PHE K 151 38.29 18.39 54.98
C PHE K 151 39.58 19.10 54.60
N PRO K 152 39.45 20.33 54.13
CA PRO K 152 40.63 21.18 53.94
C PRO K 152 41.19 21.59 55.29
N ASP K 153 42.38 21.08 55.59
CA ASP K 153 43.04 21.35 56.86
C ASP K 153 44.05 22.47 56.77
N ARG K 154 44.14 23.15 55.63
CA ARG K 154 45.17 24.15 55.38
C ARG K 154 44.47 25.43 54.96
N GLN K 155 44.23 26.32 55.90
CA GLN K 155 43.53 27.56 55.63
C GLN K 155 44.38 28.43 54.72
N ILE K 156 43.72 29.24 53.91
CA ILE K 156 44.37 30.21 53.04
C ILE K 156 43.91 31.60 53.45
N ARG K 157 44.84 32.39 53.97
CA ARG K 157 44.54 33.78 54.27
C ARG K 157 44.37 34.56 52.97
N LEU K 158 43.43 35.50 52.98
CA LEU K 158 43.12 36.31 51.82
C LEU K 158 43.58 37.73 52.09
N GLU K 159 44.25 38.33 51.10
CA GLU K 159 44.48 39.76 51.12
C GLU K 159 44.83 40.22 49.71
N THR K 160 44.09 41.22 49.23
CA THR K 160 44.32 41.81 47.93
C THR K 160 44.40 43.32 48.12
N THR K 161 45.47 43.92 47.62
CA THR K 161 45.74 45.32 47.90
C THR K 161 44.64 46.27 47.46
N PRO K 162 44.13 46.23 46.23
CA PRO K 162 43.16 47.24 45.79
C PRO K 162 41.85 47.25 46.57
N ASP K 163 41.39 46.11 47.07
CA ASP K 163 40.26 46.07 47.99
C ASP K 163 40.46 44.94 48.99
N GLU K 164 41.11 45.25 50.11
CA GLU K 164 41.33 44.24 51.13
C GLU K 164 40.17 44.19 52.13
N LEU K 165 39.25 45.15 52.07
CA LEU K 165 37.99 45.01 52.79
C LEU K 165 37.33 43.69 52.45
N SER K 166 37.24 43.38 51.15
CA SER K 166 36.60 42.14 50.74
C SER K 166 37.32 40.94 51.33
N THR K 167 38.65 40.93 51.26
CA THR K 167 39.40 39.77 51.75
C THR K 167 39.22 39.60 53.25
N ARG K 168 39.33 40.69 54.01
CA ARG K 168 39.18 40.56 55.47
C ARG K 168 37.75 40.17 55.83
N VAL K 169 36.75 40.71 55.13
CA VAL K 169 35.38 40.34 55.44
C VAL K 169 35.13 38.87 55.12
N ILE K 170 35.72 38.38 54.02
CA ILE K 170 35.62 36.95 53.72
C ILE K 170 36.26 36.13 54.82
N ASP K 171 37.45 36.53 55.27
CA ASP K 171 38.12 35.78 56.33
C ASP K 171 37.29 35.78 57.61
N LEU K 172 36.64 36.89 57.93
CA LEU K 172 35.78 36.98 59.11
C LEU K 172 34.41 36.36 58.91
N LEU K 173 34.06 36.01 57.68
CA LEU K 173 32.78 35.40 57.39
C LEU K 173 32.92 33.94 56.98
N ALA K 174 33.92 33.63 56.15
CA ALA K 174 34.01 32.31 55.54
C ALA K 174 35.44 31.99 55.16
N PRO K 175 36.21 31.39 56.09
CA PRO K 175 37.61 31.05 55.81
C PRO K 175 37.76 30.00 54.70
N ILE K 176 38.96 29.97 54.13
CA ILE K 176 39.28 29.16 52.97
C ILE K 176 40.36 28.16 53.33
N GLY K 177 40.24 26.94 52.80
CA GLY K 177 41.23 25.92 52.96
C GLY K 177 41.60 25.30 51.61
N ARG K 178 42.49 24.32 51.67
CA ARG K 178 42.92 23.60 50.49
C ARG K 178 42.08 22.34 50.31
N GLY K 179 41.48 22.19 49.13
CA GLY K 179 40.46 21.20 48.90
C GLY K 179 39.05 21.72 49.07
N GLN K 180 38.85 23.03 49.04
CA GLN K 180 37.61 23.65 49.48
C GLN K 180 36.52 23.38 48.45
N ARG K 181 35.32 23.05 48.91
CA ARG K 181 34.14 23.03 48.05
C ARG K 181 33.22 24.20 48.43
N GLY K 182 33.54 25.38 47.88
CA GLY K 182 32.79 26.57 48.23
C GLY K 182 31.85 27.10 47.17
N LEU K 183 30.97 28.03 47.56
CA LEU K 183 30.06 28.70 46.63
C LEU K 183 29.72 30.10 47.14
N ILE K 184 29.68 31.06 46.22
CA ILE K 184 29.18 32.41 46.52
C ILE K 184 27.86 32.58 45.80
N VAL K 185 26.87 33.09 46.53
CA VAL K 185 25.48 33.16 46.09
C VAL K 185 25.05 34.60 46.13
N ALA K 186 24.56 35.10 45.00
CA ALA K 186 24.18 36.51 44.88
C ALA K 186 23.26 36.67 43.69
N PRO K 187 22.31 37.59 43.75
CA PRO K 187 21.51 37.90 42.55
C PRO K 187 22.36 38.62 41.51
N PRO K 188 21.81 38.88 40.33
CA PRO K 188 22.59 39.58 39.30
C PRO K 188 23.02 40.95 39.79
N LYS K 189 24.23 41.35 39.40
CA LYS K 189 24.75 42.67 39.75
C LYS K 189 24.87 42.83 41.26
N ALA K 190 25.68 41.96 41.87
CA ALA K 190 25.83 41.97 43.33
C ALA K 190 27.28 41.78 43.76
N GLY K 191 28.25 42.07 42.88
CA GLY K 191 29.64 41.93 43.25
C GLY K 191 30.17 40.52 43.22
N LYS K 192 29.33 39.54 42.89
CA LYS K 192 29.80 38.18 42.75
C LYS K 192 30.97 38.09 41.77
N THR K 193 30.84 38.75 40.61
CA THR K 193 31.94 38.73 39.65
C THR K 193 33.13 39.52 40.17
N THR K 194 32.90 40.73 40.66
CA THR K 194 33.98 41.51 41.24
C THR K 194 34.59 40.80 42.44
N LEU K 195 33.74 40.16 43.25
CA LEU K 195 34.25 39.38 44.37
C LEU K 195 35.18 38.27 43.89
N LEU K 196 34.77 37.56 42.84
CA LEU K 196 35.63 36.51 42.31
C LEU K 196 36.96 37.08 41.83
N LYS K 197 36.92 38.26 41.20
CA LYS K 197 38.16 38.91 40.79
C LYS K 197 39.04 39.21 42.00
N LYS K 198 38.44 39.73 43.07
CA LYS K 198 39.21 40.03 44.27
C LYS K 198 39.85 38.78 44.85
N ILE K 199 39.09 37.69 44.91
CA ILE K 199 39.63 36.44 45.44
C ILE K 199 40.76 35.94 44.54
N ALA K 200 40.59 36.07 43.23
CA ALA K 200 41.66 35.64 42.32
C ALA K 200 42.93 36.42 42.58
N ASN K 201 42.82 37.75 42.67
CA ASN K 201 44.01 38.56 42.93
C ASN K 201 44.61 38.24 44.29
N ALA K 202 43.76 38.02 45.30
CA ALA K 202 44.25 37.69 46.63
C ALA K 202 45.00 36.37 46.63
N VAL K 203 44.47 35.36 45.93
CA VAL K 203 45.15 34.06 45.89
C VAL K 203 46.45 34.17 45.12
N LEU K 204 46.46 34.93 44.03
CA LEU K 204 47.69 35.10 43.26
C LEU K 204 48.70 35.97 43.98
N LYS K 205 48.41 36.36 45.22
CA LYS K 205 49.35 37.08 46.07
C LYS K 205 49.66 36.27 47.31
N ASN K 206 48.70 35.43 47.73
CA ASN K 206 48.83 34.67 48.96
C ASN K 206 49.26 33.23 48.72
N GLU K 207 48.80 32.59 47.65
CA GLU K 207 49.16 31.20 47.34
C GLU K 207 49.56 31.09 45.88
N PRO K 208 50.73 31.62 45.52
CA PRO K 208 51.26 31.37 44.17
C PRO K 208 51.52 29.90 43.89
N ASP K 209 51.87 29.12 44.92
CA ASP K 209 52.11 27.70 44.75
C ASP K 209 50.90 26.96 44.23
N ILE K 210 49.71 27.47 44.51
CA ILE K 210 48.48 26.81 44.11
C ILE K 210 48.20 27.15 42.66
N LYS K 211 48.00 26.12 41.83
CA LYS K 211 47.70 26.32 40.43
C LYS K 211 46.32 26.98 40.33
N VAL K 212 46.30 28.23 39.88
CA VAL K 212 45.07 29.02 39.81
C VAL K 212 44.55 28.95 38.38
N ILE K 213 43.38 28.33 38.21
CA ILE K 213 42.69 28.27 36.93
C ILE K 213 41.38 29.02 37.07
N VAL K 214 41.14 29.97 36.17
CA VAL K 214 39.93 30.78 36.16
C VAL K 214 39.07 30.29 35.01
N LEU K 215 37.89 29.77 35.33
CA LEU K 215 36.97 29.23 34.33
C LEU K 215 35.74 30.13 34.28
N LEU K 216 35.41 30.61 33.08
CA LEU K 216 34.31 31.54 32.88
C LEU K 216 33.36 30.95 31.84
N ILE K 217 32.16 30.58 32.29
CA ILE K 217 31.19 29.87 31.46
C ILE K 217 29.98 30.77 31.24
N ASP K 218 29.63 30.98 29.97
CA ASP K 218 28.36 31.59 29.59
C ASP K 218 28.23 33.03 30.09
N GLU K 219 29.35 33.74 30.21
CA GLU K 219 29.39 35.06 30.84
C GLU K 219 29.86 36.12 29.85
N ARG K 220 30.02 37.33 30.39
CA ARG K 220 30.19 38.51 29.56
C ARG K 220 31.59 38.53 28.95
N PRO K 221 31.73 38.71 27.63
CA PRO K 221 33.08 38.70 27.04
C PRO K 221 34.01 39.76 27.59
N GLU K 222 33.53 40.99 27.78
CA GLU K 222 34.39 42.03 28.33
C GLU K 222 34.90 41.65 29.70
N GLU K 223 34.10 40.95 30.50
CA GLU K 223 34.58 40.44 31.77
C GLU K 223 35.70 39.42 31.56
N VAL K 224 35.56 38.58 30.52
CA VAL K 224 36.62 37.63 30.19
C VAL K 224 37.91 38.38 29.90
N THR K 225 37.84 39.42 29.07
CA THR K 225 39.04 40.19 28.77
C THR K 225 39.61 40.83 30.03
N ASP K 226 38.75 41.39 30.86
CA ASP K 226 39.21 42.06 32.07
C ASP K 226 39.93 41.09 33.00
N PHE K 227 39.38 39.88 33.15
CA PHE K 227 40.00 38.91 34.04
C PHE K 227 41.29 38.36 33.46
N ARG K 228 41.26 38.02 32.16
CA ARG K 228 42.49 37.61 31.48
C ARG K 228 43.60 38.62 31.72
N GLU K 229 43.28 39.91 31.58
CA GLU K 229 44.28 40.95 31.78
C GLU K 229 44.61 41.13 33.26
N SER K 230 43.68 40.80 34.15
CA SER K 230 43.85 41.04 35.58
C SER K 230 44.18 39.78 36.35
N VAL K 231 44.44 38.66 35.67
CA VAL K 231 44.77 37.41 36.35
C VAL K 231 46.27 37.17 36.42
N GLN K 232 47.07 38.13 35.97
CA GLN K 232 48.54 38.01 35.93
C GLN K 232 48.97 36.59 35.55
N GLY K 233 48.45 36.12 34.41
CA GLY K 233 48.98 34.95 33.76
C GLY K 233 48.42 33.61 34.21
N ALA K 234 47.61 33.57 35.27
CA ALA K 234 47.02 32.30 35.65
C ALA K 234 46.05 31.85 34.58
N GLU K 235 45.92 30.54 34.42
CA GLU K 235 45.16 29.96 33.30
C GLU K 235 43.72 30.45 33.38
N VAL K 236 43.33 31.30 32.44
CA VAL K 236 41.95 31.75 32.30
C VAL K 236 41.35 31.01 31.12
N ILE K 237 40.38 30.15 31.40
CA ILE K 237 39.61 29.44 30.39
C ILE K 237 38.21 30.02 30.41
N ALA K 238 37.72 30.42 29.24
CA ALA K 238 36.42 31.07 29.17
C ALA K 238 35.65 30.53 27.99
N SER K 239 34.32 30.57 28.12
CA SER K 239 33.43 30.17 27.05
C SER K 239 32.17 31.02 27.22
N THR K 240 32.12 32.13 26.47
CA THR K 240 31.11 33.16 26.68
C THR K 240 29.72 32.63 26.35
N PHE K 241 28.70 33.45 26.59
CA PHE K 241 27.34 33.05 26.24
C PHE K 241 27.10 32.99 24.74
N ASP K 242 28.03 33.51 23.92
CA ASP K 242 27.93 33.32 22.49
C ASP K 242 28.13 31.87 22.10
N GLU K 243 28.83 31.11 22.93
CA GLU K 243 29.02 29.69 22.68
C GLU K 243 27.74 28.92 23.01
N PRO K 244 27.47 27.82 22.32
CA PRO K 244 26.33 26.97 22.70
C PRO K 244 26.63 26.25 24.00
N PRO K 245 25.62 25.64 24.64
CA PRO K 245 25.90 24.90 25.87
C PRO K 245 26.94 23.82 25.69
N GLN K 246 27.02 23.24 24.49
CA GLN K 246 27.95 22.15 24.24
C GLN K 246 29.40 22.60 24.39
N ASN K 247 29.76 23.75 23.82
CA ASN K 247 31.12 24.25 24.01
C ASN K 247 31.42 24.46 25.49
N HIS K 248 30.48 25.06 26.20
CA HIS K 248 30.65 25.25 27.63
C HIS K 248 30.97 23.93 28.32
N ILE K 249 30.16 22.89 28.07
CA ILE K 249 30.34 21.62 28.76
C ILE K 249 31.67 21.00 28.37
N ARG K 250 32.02 21.07 27.08
CA ARG K 250 33.22 20.41 26.62
C ARG K 250 34.45 21.01 27.29
N VAL K 251 34.52 22.34 27.31
CA VAL K 251 35.58 23.01 28.04
C VAL K 251 35.51 22.62 29.51
N ALA K 252 34.29 22.45 30.03
CA ALA K 252 34.12 22.02 31.42
C ALA K 252 34.85 20.71 31.73
N GLU K 253 34.48 19.61 31.06
CA GLU K 253 35.20 18.35 31.35
C GLU K 253 36.70 18.49 31.06
N PHE K 254 37.08 19.22 30.02
CA PHE K 254 38.52 19.29 29.73
C PHE K 254 39.29 19.94 30.87
N VAL K 255 38.85 21.13 31.31
CA VAL K 255 39.52 21.80 32.41
C VAL K 255 39.47 20.94 33.66
N HIS K 256 38.31 20.34 33.93
CA HIS K 256 38.15 19.58 35.16
C HIS K 256 39.12 18.40 35.19
N GLU K 257 39.21 17.66 34.08
CA GLU K 257 40.11 16.52 34.04
C GLU K 257 41.55 16.96 34.17
N ARG K 258 41.92 18.06 33.54
CA ARG K 258 43.25 18.60 33.76
C ARG K 258 43.51 18.79 35.25
N ALA K 259 42.55 19.41 35.94
CA ALA K 259 42.73 19.68 37.37
C ALA K 259 42.88 18.40 38.17
N LYS K 260 42.03 17.41 37.90
CA LYS K 260 42.11 16.18 38.68
C LYS K 260 43.40 15.44 38.40
N ARG K 261 43.89 15.51 37.16
CA ARG K 261 45.18 14.89 36.84
C ARG K 261 46.31 15.58 37.58
N ILE K 262 46.26 16.91 37.67
CA ILE K 262 47.27 17.62 38.45
C ILE K 262 47.21 17.21 39.91
N VAL K 263 46.00 17.17 40.48
CA VAL K 263 45.86 16.80 41.89
C VAL K 263 46.29 15.35 42.12
N GLU K 264 46.14 14.50 41.09
CA GLU K 264 46.61 13.14 41.19
C GLU K 264 48.08 13.09 41.56
N GLU K 265 48.83 14.10 41.17
CA GLU K 265 50.25 14.20 41.46
C GLU K 265 50.51 14.99 42.75
N GLY K 266 49.51 15.07 43.63
CA GLY K 266 49.68 15.74 44.90
C GLY K 266 49.73 17.25 44.81
N GLY K 267 49.23 17.84 43.72
CA GLY K 267 49.24 19.28 43.57
C GLY K 267 48.01 19.94 44.14
N HIS K 268 48.17 21.23 44.45
CA HIS K 268 47.05 22.06 44.92
C HIS K 268 46.55 22.88 43.75
N VAL K 269 45.28 22.69 43.40
CA VAL K 269 44.66 23.34 42.26
C VAL K 269 43.52 24.22 42.77
N MET K 270 43.47 25.44 42.25
CA MET K 270 42.46 26.43 42.62
C MET K 270 41.61 26.72 41.39
N ILE K 271 40.30 26.55 41.52
CA ILE K 271 39.35 26.79 40.44
C ILE K 271 38.45 27.93 40.87
N LEU K 272 38.36 28.94 40.02
CA LEU K 272 37.44 30.07 40.21
C LEU K 272 36.47 30.06 39.05
N LEU K 273 35.27 29.54 39.29
CA LEU K 273 34.29 29.31 38.22
C LEU K 273 33.14 30.29 38.35
N ASP K 274 33.10 31.26 37.45
CA ASP K 274 31.91 32.10 37.34
C ASP K 274 30.79 31.29 36.67
N SER K 275 29.56 31.51 37.12
CA SER K 275 28.40 30.92 36.48
C SER K 275 28.37 29.40 36.53
N ILE K 276 28.39 28.84 37.74
CA ILE K 276 28.10 27.41 37.88
C ILE K 276 26.66 27.13 37.47
N THR K 277 25.75 28.05 37.77
CA THR K 277 24.35 27.85 37.39
C THR K 277 24.20 27.78 35.89
N ARG K 278 24.94 28.60 35.15
CA ARG K 278 24.88 28.53 33.70
C ARG K 278 25.42 27.19 33.20
N LEU K 279 26.44 26.66 33.88
CA LEU K 279 26.93 25.32 33.54
C LEU K 279 25.84 24.28 33.76
N ALA K 280 25.12 24.38 34.88
CA ALA K 280 24.01 23.46 35.12
C ALA K 280 22.94 23.61 34.04
N ARG K 281 22.70 24.84 33.60
CA ARG K 281 21.74 25.07 32.52
C ARG K 281 22.20 24.38 31.24
N ALA K 282 23.49 24.48 30.93
CA ALA K 282 24.01 23.79 29.75
C ALA K 282 23.85 22.28 29.88
N ASN K 283 24.14 21.73 31.06
CA ASN K 283 23.95 20.29 31.27
C ASN K 283 22.49 19.90 31.07
N ASN K 284 21.57 20.70 31.61
CA ASN K 284 20.15 20.43 31.41
C ASN K 284 19.78 20.47 29.94
N LEU K 285 20.29 21.48 29.22
CA LEU K 285 20.05 21.55 27.78
C LEU K 285 20.66 20.36 27.07
N VAL K 286 21.61 19.67 27.71
CA VAL K 286 22.29 18.58 27.06
C VAL K 286 21.67 17.23 27.42
N THR K 287 21.02 17.12 28.59
CA THR K 287 20.50 15.82 29.01
C THR K 287 19.41 15.37 28.04
N PRO K 288 19.53 14.20 27.43
CA PRO K 288 18.76 13.92 26.19
C PRO K 288 17.28 13.71 26.45
N PRO K 289 16.87 12.88 27.43
CA PRO K 289 15.52 13.09 27.99
C PRO K 289 15.46 13.03 29.50
N THR K 290 15.92 11.91 30.09
CA THR K 290 15.71 11.58 31.50
C THR K 290 14.25 11.27 31.78
N GLY K 291 13.39 11.45 30.78
CA GLY K 291 11.95 11.35 30.98
C GLY K 291 11.37 12.60 31.63
N ARG K 292 10.96 12.47 32.89
CA ARG K 292 10.25 13.53 33.60
C ARG K 292 11.14 14.76 33.81
N THR K 293 10.53 15.88 34.24
CA THR K 293 11.24 17.13 34.54
C THR K 293 11.09 17.48 36.02
N LEU K 294 12.19 17.90 36.66
CA LEU K 294 12.17 18.25 38.08
C LEU K 294 11.36 19.53 38.31
N SER K 295 11.06 19.80 39.58
CA SER K 295 10.30 21.01 39.91
C SER K 295 11.03 22.24 39.40
N GLY K 296 10.29 23.11 38.74
CA GLY K 296 10.84 24.32 38.16
C GLY K 296 11.25 24.21 36.71
N GLY K 297 11.23 23.02 36.12
CA GLY K 297 11.68 22.84 34.76
C GLY K 297 13.10 22.33 34.63
N LEU K 298 13.73 21.95 35.74
CA LEU K 298 15.04 21.30 35.71
C LEU K 298 14.87 19.81 35.43
N ASP K 299 15.91 19.21 34.86
CA ASP K 299 15.85 17.78 34.56
C ASP K 299 16.37 16.96 35.74
N SER K 300 15.77 15.79 35.93
CA SER K 300 16.08 14.98 37.11
C SER K 300 17.54 14.54 37.12
N ALA K 301 18.09 14.19 35.95
CA ALA K 301 19.42 13.60 35.87
C ALA K 301 20.48 14.57 35.39
N ALA K 302 20.10 15.76 34.93
CA ALA K 302 21.09 16.72 34.47
C ALA K 302 22.05 17.13 35.58
N LEU K 303 21.55 17.36 36.78
CA LEU K 303 22.36 17.86 37.87
C LEU K 303 23.36 16.85 38.39
N TYR K 304 23.26 15.58 37.98
CA TYR K 304 24.26 14.60 38.39
C TYR K 304 25.65 15.04 37.97
N PHE K 305 25.79 15.47 36.72
CA PHE K 305 27.12 15.86 36.26
C PHE K 305 27.62 17.06 37.06
N PRO K 306 26.92 18.19 37.13
CA PRO K 306 27.44 19.31 37.95
C PRO K 306 27.71 18.91 39.39
N LYS K 307 26.87 18.06 39.97
CA LYS K 307 27.14 17.60 41.34
C LYS K 307 28.47 16.89 41.41
N ARG K 308 28.75 16.02 40.43
CA ARG K 308 29.98 15.27 40.43
C ARG K 308 31.16 16.22 40.26
N PHE K 309 31.02 17.17 39.34
CA PHE K 309 32.02 18.23 39.19
C PHE K 309 32.33 18.88 40.53
N LEU K 310 31.32 19.43 41.19
CA LEU K 310 31.56 20.17 42.43
C LEU K 310 32.12 19.27 43.52
N GLY K 311 31.55 18.08 43.70
CA GLY K 311 32.02 17.14 44.70
C GLY K 311 33.40 16.59 44.44
N ALA K 312 33.92 16.75 43.22
CA ALA K 312 35.31 16.40 42.97
C ALA K 312 36.24 17.19 43.89
N ALA K 313 35.93 18.45 44.16
CA ALA K 313 36.71 19.25 45.10
C ALA K 313 36.77 18.55 46.45
N ARG K 314 37.98 18.48 47.01
CA ARG K 314 38.21 17.68 48.20
C ARG K 314 39.63 17.91 48.68
N ASN K 315 39.88 17.56 49.93
CA ASN K 315 41.21 17.57 50.49
C ASN K 315 41.77 16.17 50.51
N ILE K 316 43.06 16.04 50.23
CA ILE K 316 43.72 14.76 50.09
C ILE K 316 44.74 14.62 51.21
N ARG K 317 44.64 13.52 51.96
CA ARG K 317 45.60 13.17 52.99
C ARG K 317 46.92 12.66 52.42
N GLY K 318 46.98 12.44 51.10
CA GLY K 318 48.20 12.00 50.47
C GLY K 318 48.92 13.13 49.77
N GLY K 319 48.49 14.36 50.05
CA GLY K 319 49.10 15.52 49.43
C GLY K 319 48.22 16.13 48.37
N GLY K 320 48.39 17.41 48.12
CA GLY K 320 47.60 18.09 47.10
C GLY K 320 46.20 18.36 47.57
N SER K 321 45.47 19.18 46.82
CA SER K 321 44.09 19.48 47.15
C SER K 321 43.43 20.07 45.92
N LEU K 322 42.10 19.97 45.88
CA LEU K 322 41.30 20.59 44.83
C LEU K 322 40.30 21.54 45.47
N THR K 323 40.49 22.84 45.26
CA THR K 323 39.63 23.84 45.85
C THR K 323 38.87 24.55 44.74
N ILE K 324 37.56 24.36 44.70
CA ILE K 324 36.69 24.96 43.70
C ILE K 324 35.79 25.98 44.40
N LEU K 325 35.81 27.21 43.91
CA LEU K 325 34.90 28.25 44.34
C LEU K 325 34.16 28.74 43.12
N ALA K 326 32.83 28.77 43.19
CA ALA K 326 32.01 29.10 42.03
C ALA K 326 30.95 30.12 42.42
N THR K 327 30.45 30.82 41.41
CA THR K 327 29.46 31.89 41.60
C THR K 327 28.06 31.35 41.32
N ALA K 328 27.13 31.60 42.23
CA ALA K 328 25.75 31.16 42.12
C ALA K 328 24.82 32.35 42.04
N LEU K 329 23.77 32.22 41.23
CA LEU K 329 22.77 33.26 41.04
C LEU K 329 21.47 32.86 41.73
N VAL K 330 20.85 33.82 42.42
CA VAL K 330 19.60 33.60 43.14
C VAL K 330 18.72 34.84 43.03
N GLU K 331 17.50 34.71 43.54
CA GLU K 331 16.52 35.79 43.52
C GLU K 331 16.31 36.29 42.09
N THR K 332 16.37 35.37 41.15
CA THR K 332 16.22 35.67 39.73
C THR K 332 14.78 35.53 39.25
N GLY K 333 13.85 35.15 40.12
CA GLY K 333 12.49 34.94 39.71
C GLY K 333 12.28 33.68 38.90
N SER K 334 13.28 32.82 38.79
CA SER K 334 13.20 31.58 38.04
C SER K 334 13.50 30.41 38.97
N ARG K 335 12.65 29.40 38.94
CA ARG K 335 12.77 28.28 39.87
C ARG K 335 14.01 27.44 39.59
N MET K 336 14.49 27.43 38.34
CA MET K 336 15.69 26.68 38.01
C MET K 336 16.85 27.08 38.91
N ASP K 337 17.10 28.39 39.01
CA ASP K 337 18.25 28.87 39.78
C ASP K 337 18.14 28.46 41.24
N ASP K 338 16.96 28.64 41.85
CA ASP K 338 16.80 28.34 43.26
C ASP K 338 16.98 26.84 43.53
N VAL K 339 16.41 26.00 42.67
CA VAL K 339 16.59 24.56 42.87
C VAL K 339 18.05 24.17 42.71
N ILE K 340 18.74 24.76 41.73
CA ILE K 340 20.16 24.48 41.55
C ILE K 340 20.94 24.88 42.80
N PHE K 341 20.66 26.07 43.34
CA PHE K 341 21.38 26.54 44.52
C PHE K 341 21.15 25.61 45.70
N GLU K 342 19.89 25.29 46.00
CA GLU K 342 19.61 24.42 47.13
C GLU K 342 20.24 23.04 46.91
N GLU K 343 20.29 22.60 45.66
CA GLU K 343 20.93 21.32 45.35
C GLU K 343 22.42 21.34 45.62
N PHE K 344 23.08 22.45 45.31
CA PHE K 344 24.53 22.53 45.47
C PHE K 344 24.93 22.82 46.91
N LYS K 345 24.06 23.48 47.67
CA LYS K 345 24.39 23.81 49.05
C LYS K 345 24.67 22.56 49.87
N GLY K 346 23.84 21.53 49.68
CA GLY K 346 24.06 20.28 50.39
C GLY K 346 25.30 19.53 49.96
N THR K 347 25.96 19.97 48.88
CA THR K 347 27.22 19.40 48.45
C THR K 347 28.42 20.26 48.81
N GLY K 348 28.26 21.58 48.94
CA GLY K 348 29.38 22.46 49.22
C GLY K 348 29.59 22.73 50.69
N ASN K 349 30.84 23.00 51.05
CA ASN K 349 31.20 23.34 52.42
C ASN K 349 31.17 24.83 52.71
N MET K 350 30.96 25.68 51.70
CA MET K 350 30.84 27.08 52.01
C MET K 350 29.67 27.69 51.27
N GLU K 351 28.94 28.55 51.97
CA GLU K 351 28.07 29.50 51.29
C GLU K 351 28.49 30.89 51.74
N LEU K 352 28.57 31.82 50.77
CA LEU K 352 28.79 33.23 51.06
C LEU K 352 27.75 34.03 50.31
N HIS K 353 26.88 34.73 51.04
CA HIS K 353 25.71 35.37 50.45
C HIS K 353 25.94 36.87 50.28
N LEU K 354 25.59 37.39 49.11
CA LEU K 354 25.63 38.82 48.83
C LEU K 354 24.22 39.33 48.63
N SER K 355 23.92 40.51 49.18
CA SER K 355 22.57 41.05 49.18
C SER K 355 22.39 42.09 48.09
N ARG K 356 21.31 41.95 47.32
CA ARG K 356 21.02 42.90 46.26
C ARG K 356 20.72 44.29 46.81
N ARG K 357 20.09 44.36 47.98
CA ARG K 357 19.79 45.64 48.60
C ARG K 357 21.04 46.39 49.01
N LEU K 358 22.05 45.67 49.51
CA LEU K 358 23.33 46.30 49.83
C LEU K 358 23.98 46.88 48.58
N GLU K 359 23.93 46.16 47.46
CA GLU K 359 24.41 46.71 46.20
C GLU K 359 23.63 47.94 45.80
N GLU K 360 22.30 47.90 45.96
CA GLU K 360 21.48 49.04 45.57
C GLU K 360 21.92 50.30 46.29
N ARG K 361 22.30 50.18 47.56
CA ARG K 361 22.83 51.30 48.31
C ARG K 361 24.29 51.58 47.99
N ARG K 362 24.92 50.74 47.16
CA ARG K 362 26.29 50.93 46.73
C ARG K 362 27.27 50.67 47.87
N ILE K 363 26.98 49.66 48.68
CA ILE K 363 27.83 49.27 49.81
C ILE K 363 28.55 47.99 49.41
N PHE K 364 29.88 48.04 49.44
CA PHE K 364 30.66 46.89 49.03
C PHE K 364 31.76 46.58 50.04
N PRO K 365 32.06 45.29 50.28
CA PRO K 365 31.37 44.15 49.69
C PRO K 365 29.96 43.93 50.26
N ALA K 366 28.97 43.80 49.38
CA ALA K 366 27.57 43.69 49.79
C ALA K 366 27.22 42.31 50.34
N ILE K 367 27.90 41.87 51.40
CA ILE K 367 27.79 40.50 51.87
C ILE K 367 26.66 40.38 52.88
N ASP K 368 25.90 39.29 52.77
CA ASP K 368 24.90 38.92 53.78
C ASP K 368 25.60 38.06 54.83
N ILE K 369 26.04 38.71 55.91
CA ILE K 369 26.93 38.07 56.87
C ILE K 369 26.25 36.88 57.55
N LEU K 370 25.00 37.05 57.98
CA LEU K 370 24.36 36.03 58.81
C LEU K 370 24.22 34.71 58.07
N LYS K 371 23.81 34.75 56.80
CA LYS K 371 23.68 33.53 56.02
C LYS K 371 25.03 32.92 55.65
N SER K 372 26.08 33.74 55.60
CA SER K 372 27.39 33.27 55.15
C SER K 372 28.12 32.52 56.26
N GLY K 373 29.00 31.64 55.84
CA GLY K 373 29.81 30.85 56.75
C GLY K 373 30.29 29.61 56.08
N THR K 374 31.25 28.96 56.73
CA THR K 374 31.76 27.69 56.26
C THR K 374 31.27 26.59 57.20
N ARG K 375 31.80 25.41 56.98
CA ARG K 375 31.56 24.28 57.86
C ARG K 375 32.91 23.73 58.31
N ARG K 376 33.05 23.49 59.61
CA ARG K 376 34.32 23.07 60.21
C ARG K 376 35.33 24.21 60.23
N GLU K 377 34.86 25.41 60.58
CA GLU K 377 35.76 26.54 60.74
C GLU K 377 36.89 26.22 61.73
N GLU K 378 36.61 25.37 62.71
CA GLU K 378 37.64 25.00 63.68
C GLU K 378 38.86 24.41 62.99
N LEU K 379 38.68 23.72 61.85
CA LEU K 379 39.80 23.11 61.16
C LEU K 379 40.61 24.11 60.34
N LEU K 380 40.09 25.31 60.11
CA LEU K 380 40.82 26.34 59.37
C LEU K 380 41.25 27.52 60.24
N LEU K 381 40.76 27.63 61.47
CA LEU K 381 41.08 28.76 62.35
C LEU K 381 41.42 28.27 63.75
N GLY K 382 42.28 29.02 64.42
CA GLY K 382 42.64 28.70 65.79
C GLY K 382 41.52 29.01 66.76
N GLU K 383 41.75 28.65 68.03
CA GLU K 383 40.76 28.90 69.05
C GLU K 383 40.50 30.40 69.20
N GLU K 384 41.56 31.21 69.21
CA GLU K 384 41.35 32.65 69.32
C GLU K 384 40.50 33.17 68.18
N VAL K 385 40.83 32.79 66.95
CA VAL K 385 40.09 33.29 65.80
C VAL K 385 38.68 32.71 65.80
N THR K 386 38.53 31.46 66.23
CA THR K 386 37.20 30.86 66.30
C THR K 386 36.31 31.61 67.28
N HIS K 387 36.83 31.88 68.48
CA HIS K 387 36.01 32.61 69.45
C HIS K 387 35.79 34.05 69.03
N LYS K 388 36.79 34.66 68.38
CA LYS K 388 36.62 36.02 67.89
C LYS K 388 35.51 36.09 66.85
N MET K 389 35.50 35.16 65.91
CA MET K 389 34.46 35.14 64.90
C MET K 389 33.10 34.83 65.52
N TRP K 390 33.07 33.96 66.53
CA TRP K 390 31.82 33.70 67.25
C TRP K 390 31.30 34.97 67.93
N LEU K 391 32.18 35.71 68.59
CA LEU K 391 31.78 36.98 69.21
C LEU K 391 31.27 37.96 68.15
N LEU K 392 31.99 38.04 67.03
CA LEU K 392 31.63 39.00 65.99
C LEU K 392 30.26 38.67 65.40
N ARG K 393 29.97 37.38 65.18
CA ARG K 393 28.66 37.00 64.68
C ARG K 393 27.57 37.21 65.72
N LYS K 394 27.84 36.86 66.98
CA LYS K 394 26.88 37.13 68.04
C LYS K 394 26.49 38.60 68.07
N VAL K 395 27.49 39.48 68.00
CA VAL K 395 27.22 40.92 67.96
C VAL K 395 26.43 41.26 66.70
N LEU K 396 26.85 40.73 65.56
CA LEU K 396 26.26 41.08 64.28
C LEU K 396 25.01 40.27 63.95
N ALA K 397 24.75 39.19 64.70
CA ALA K 397 23.65 38.30 64.34
C ALA K 397 22.32 39.03 64.32
N ASP K 398 22.14 40.01 65.21
CA ASP K 398 20.85 40.65 65.39
C ASP K 398 20.64 41.87 64.50
N MET K 399 21.66 42.29 63.74
CA MET K 399 21.61 43.58 63.05
C MET K 399 21.06 43.43 61.63
N ASP K 400 20.49 44.52 61.12
CA ASP K 400 19.96 44.51 59.77
C ASP K 400 21.08 44.35 58.74
N PRO K 401 20.80 43.68 57.62
CA PRO K 401 21.88 43.35 56.68
C PRO K 401 22.73 44.54 56.27
N ALA K 402 22.07 45.56 55.69
CA ALA K 402 22.83 46.69 55.16
C ALA K 402 23.57 47.42 56.26
N GLU K 403 22.88 47.73 57.36
CA GLU K 403 23.50 48.50 58.43
C GLU K 403 24.57 47.68 59.14
N ALA K 404 24.34 46.38 59.28
CA ALA K 404 25.37 45.51 59.83
C ALA K 404 26.62 45.55 58.96
N MET K 405 26.45 45.43 57.65
CA MET K 405 27.60 45.51 56.75
C MET K 405 28.28 46.87 56.84
N GLU K 406 27.50 47.93 57.03
CA GLU K 406 28.08 49.26 57.18
C GLU K 406 28.96 49.34 58.42
N MET K 407 28.46 48.87 59.55
CA MET K 407 29.28 48.93 60.76
C MET K 407 30.50 48.04 60.61
N LEU K 408 30.35 46.88 59.97
CA LEU K 408 31.50 46.01 59.78
C LEU K 408 32.56 46.69 58.91
N LEU K 409 32.14 47.36 57.85
CA LEU K 409 33.09 48.06 56.99
C LEU K 409 33.77 49.20 57.75
N ALA K 410 32.98 49.97 58.50
CA ALA K 410 33.56 51.07 59.27
C ALA K 410 34.56 50.55 60.29
N ARG K 411 34.29 49.36 60.85
CA ARG K 411 35.19 48.80 61.84
C ARG K 411 36.44 48.19 61.20
N LEU K 412 36.31 47.64 60.00
CA LEU K 412 37.44 47.08 59.28
C LEU K 412 38.16 48.11 58.43
N ALA K 413 37.49 49.22 58.10
CA ALA K 413 38.15 50.28 57.35
C ALA K 413 39.29 50.91 58.15
N ARG K 414 39.12 51.04 59.46
CA ARG K 414 40.13 51.73 60.25
C ARG K 414 41.48 51.03 60.14
N THR K 415 41.48 49.71 60.27
CA THR K 415 42.73 48.96 60.40
C THR K 415 42.53 47.55 59.85
N LYS K 416 43.63 46.80 59.85
CA LYS K 416 43.60 45.41 59.41
C LYS K 416 42.90 44.53 60.43
N ASN K 417 42.40 43.38 59.97
CA ASN K 417 41.55 42.52 60.79
C ASN K 417 42.20 42.04 62.08
N ASN K 418 43.46 41.59 62.01
CA ASN K 418 44.09 41.07 63.22
C ASN K 418 44.22 42.15 64.28
N LYS K 419 44.61 43.36 63.86
CA LYS K 419 44.64 44.48 64.79
C LYS K 419 43.25 45.06 65.02
N GLU K 420 42.30 44.73 64.13
CA GLU K 420 40.89 44.98 64.44
C GLU K 420 40.43 44.17 65.66
N PHE K 421 40.98 42.97 65.81
CA PHE K 421 40.68 42.18 67.00
C PHE K 421 41.10 42.91 68.26
N LEU K 422 42.31 43.46 68.27
CA LEU K 422 42.85 44.14 69.43
C LEU K 422 42.19 45.49 69.61
#